data_2WGG
#
_entry.id   2WGG
#
_cell.length_a   151.276
_cell.length_b   151.276
_cell.length_c   147.960
_cell.angle_alpha   90.00
_cell.angle_beta   90.00
_cell.angle_gamma   120.00
#
_symmetry.space_group_name_H-M   'P 31'
#
loop_
_entity.id
_entity.type
_entity.pdbx_description
1 polymer '3-OXOACYL-[ACYL-CARRIER-PROTEIN] SYNTHASE 1'
2 non-polymer THIOLACTOMYCIN
3 non-polymer 'SODIUM ION'
4 non-polymer 'NONAETHYLENE GLYCOL'
5 non-polymer DI(HYDROXYETHYL)ETHER
6 water water
#
_entity_poly.entity_id   1
_entity_poly.type   'polypeptide(L)'
_entity_poly.pdbx_seq_one_letter_code
;MSQPSTANGGFPSVVVTAVTATTSISPDIESTWKGLLAGESGIHALEDEFVTKWDLAVKIGGHLKDPVDSHMGRLDMRRM
SYVQRMGKLLGGQLWESAGSPEVDPDRFAVVVGTGLGGAERIVESYDLMNAGGPRKVSPLAVQMIMPNGAAAVIGLQLGA
RAGVMTPVSAQSSGSEAIAHAWRQIVMGDADVAVCGGVEGPIEALPIAAFSMMRAMSTRNDEPERASRPFDKDRDGFVFG
EAGALMLIETEEHAKARGAKPLARLLGAGITSDAFHMVAPAADGVRAGRAMTRSLELAGLSPADIDHVNAHGTATPIGDA
AEANAIRVAGCDQAAVYAPKSALGHSIGAVGALESVLTVLTLRDGVIPPTLNYETPDPEIDLDVVAGEPRYGDYRYAVNN
SFGFGGHNVALAFGRY
;
_entity_poly.pdbx_strand_id   A,B,C,D,E,F,G,H
#
# COMPACT_ATOMS: atom_id res chain seq x y z
N SER A 2 -40.91 48.92 23.34
CA SER A 2 -39.58 48.91 23.98
C SER A 2 -38.62 47.89 23.35
N GLN A 3 -37.34 48.28 23.24
CA GLN A 3 -36.30 47.50 22.59
C GLN A 3 -36.10 46.14 23.26
N PRO A 4 -35.95 45.07 22.46
CA PRO A 4 -35.68 43.72 22.98
C PRO A 4 -34.29 43.64 23.63
N SER A 5 -34.22 42.90 24.73
CA SER A 5 -32.93 42.52 25.32
C SER A 5 -33.05 41.07 25.75
N THR A 6 -31.96 40.49 26.23
CA THR A 6 -32.00 39.10 26.67
C THR A 6 -32.72 39.06 28.02
N ALA A 7 -32.37 40.02 28.89
CA ALA A 7 -32.97 40.10 30.22
C ALA A 7 -34.49 40.24 30.21
N ASN A 8 -35.02 41.10 29.35
CA ASN A 8 -36.48 41.25 29.24
C ASN A 8 -37.18 40.18 28.39
N GLY A 9 -36.40 39.28 27.79
CA GLY A 9 -36.98 38.18 27.03
C GLY A 9 -37.43 38.55 25.62
N GLY A 10 -37.02 39.73 25.16
CA GLY A 10 -37.24 40.11 23.77
C GLY A 10 -36.55 39.12 22.87
N PHE A 11 -35.30 38.76 23.21
CA PHE A 11 -34.52 37.73 22.48
C PHE A 11 -34.61 36.41 23.22
N PRO A 12 -34.64 35.30 22.46
CA PRO A 12 -34.52 34.03 23.16
C PRO A 12 -33.18 33.88 23.87
N SER A 13 -33.22 33.13 24.96
CA SER A 13 -32.04 32.83 25.72
C SER A 13 -31.13 31.84 24.94
N VAL A 14 -29.85 32.19 24.87
CA VAL A 14 -28.85 31.42 24.11
C VAL A 14 -27.76 30.90 25.06
N VAL A 15 -27.43 29.61 24.94
CA VAL A 15 -26.54 28.97 25.88
C VAL A 15 -25.41 28.33 25.10
N VAL A 16 -24.22 28.38 25.71
CA VAL A 16 -23.02 27.65 25.24
C VAL A 16 -23.05 26.24 25.83
N THR A 17 -22.95 25.22 24.98
CA THR A 17 -23.17 23.85 25.44
C THR A 17 -22.00 22.91 25.16
N ALA A 18 -21.04 23.37 24.34
CA ALA A 18 -19.82 22.62 24.11
C ALA A 18 -18.78 23.59 23.62
N VAL A 19 -17.53 23.34 24.01
CA VAL A 19 -16.39 24.12 23.55
C VAL A 19 -15.27 23.16 23.08
N THR A 20 -14.49 23.58 22.08
CA THR A 20 -13.26 22.85 21.68
C THR A 20 -12.20 23.87 21.27
N ALA A 21 -10.95 23.62 21.62
CA ALA A 21 -9.86 24.48 21.18
C ALA A 21 -8.54 23.74 21.16
N THR A 22 -7.76 23.97 20.11
CA THR A 22 -6.38 23.50 20.05
C THR A 22 -5.42 24.69 20.31
N THR A 23 -4.44 24.52 21.22
CA THR A 23 -3.54 25.62 21.60
C THR A 23 -2.09 25.19 21.67
N SER A 24 -1.22 26.15 21.99
CA SER A 24 0.22 25.93 22.20
C SER A 24 0.52 25.19 23.52
N ILE A 25 -0.46 25.18 24.42
CA ILE A 25 -0.38 24.43 25.69
C ILE A 25 -0.84 22.97 25.54
N SER A 26 -1.97 22.76 24.86
CA SER A 26 -2.63 21.45 24.74
C SER A 26 -3.64 21.41 23.58
N PRO A 27 -3.90 20.21 23.02
CA PRO A 27 -5.07 20.00 22.14
C PRO A 27 -6.40 19.87 22.88
N ASP A 28 -6.38 19.66 24.20
CA ASP A 28 -7.60 19.59 24.98
CA ASP A 28 -7.64 19.63 24.96
C ASP A 28 -7.84 20.89 25.76
N ILE A 29 -9.00 21.50 25.54
CA ILE A 29 -9.34 22.76 26.20
C ILE A 29 -9.32 22.67 27.75
N GLU A 30 -9.64 21.51 28.30
CA GLU A 30 -9.69 21.44 29.76
C GLU A 30 -8.30 21.45 30.35
N SER A 31 -7.36 20.86 29.60
CA SER A 31 -5.93 20.87 29.93
C SER A 31 -5.21 22.20 29.71
N THR A 32 -5.57 22.90 28.63
CA THR A 32 -5.14 24.29 28.43
C THR A 32 -5.53 25.14 29.66
N TRP A 33 -6.79 25.00 30.07
CA TRP A 33 -7.39 25.75 31.17
C TRP A 33 -6.68 25.51 32.51
N LYS A 34 -6.47 24.23 32.84
CA LYS A 34 -5.71 23.84 34.02
C LYS A 34 -4.28 24.39 33.94
N GLY A 35 -3.64 24.22 32.79
CA GLY A 35 -2.32 24.78 32.56
C GLY A 35 -2.32 26.27 32.84
N LEU A 36 -3.27 26.99 32.24
CA LEU A 36 -3.33 28.43 32.42
C LEU A 36 -3.41 28.78 33.88
N LEU A 37 -4.26 28.07 34.60
CA LEU A 37 -4.48 28.31 36.02
C LEU A 37 -3.21 28.04 36.86
N ALA A 38 -2.37 27.12 36.38
CA ALA A 38 -1.06 26.80 36.97
C ALA A 38 0.02 27.79 36.56
N GLY A 39 -0.35 28.80 35.77
CA GLY A 39 0.60 29.79 35.30
C GLY A 39 1.55 29.35 34.21
N GLU A 40 1.16 28.33 33.43
CA GLU A 40 1.99 27.84 32.32
C GLU A 40 1.89 28.72 31.08
N SER A 41 2.97 28.76 30.31
CA SER A 41 3.02 29.50 29.05
C SER A 41 3.13 28.51 27.91
N GLY A 42 2.55 28.87 26.78
CA GLY A 42 2.66 28.06 25.57
C GLY A 42 3.78 28.55 24.65
N ILE A 43 4.43 29.64 25.04
CA ILE A 43 5.45 30.30 24.22
C ILE A 43 6.88 29.73 24.38
N HIS A 44 7.55 29.53 23.25
CA HIS A 44 8.84 28.88 23.22
C HIS A 44 9.71 29.54 22.18
N ALA A 45 10.95 29.08 22.04
CA ALA A 45 11.82 29.58 20.98
C ALA A 45 11.42 28.89 19.71
N LEU A 46 11.40 29.65 18.63
CA LEU A 46 11.20 29.11 17.29
C LEU A 46 12.46 28.37 16.91
N GLU A 47 12.27 27.14 16.50
CA GLU A 47 13.42 26.34 16.25
C GLU A 47 13.80 26.28 14.80
N ASP A 48 14.35 27.45 14.44
CA ASP A 48 15.82 27.70 14.43
C ASP A 48 16.70 27.85 13.20
N GLU A 49 16.67 26.87 12.30
CA GLU A 49 17.27 27.12 11.00
C GLU A 49 16.27 27.91 10.12
N PHE A 50 14.98 27.73 10.38
CA PHE A 50 13.91 28.58 9.87
C PHE A 50 14.15 30.06 10.13
N VAL A 51 14.61 30.33 11.34
CA VAL A 51 14.84 31.67 11.76
C VAL A 51 16.14 32.14 11.10
N THR A 52 17.14 31.26 11.11
CA THR A 52 18.41 31.53 10.43
C THR A 52 18.23 31.69 8.91
N LYS A 53 17.44 30.82 8.29
CA LYS A 53 17.21 30.92 6.86
C LYS A 53 16.79 32.33 6.44
N TRP A 54 16.01 32.99 7.29
CA TRP A 54 15.56 34.34 6.99
C TRP A 54 16.14 35.43 7.90
N ASP A 55 17.07 35.08 8.78
CA ASP A 55 17.35 35.95 9.93
C ASP A 55 16.16 36.87 10.17
N LEU A 56 15.20 36.30 10.88
CA LEU A 56 14.01 37.00 11.28
C LEU A 56 14.35 37.70 12.59
N ALA A 57 13.83 38.90 12.78
CA ALA A 57 13.99 39.59 14.05
C ALA A 57 13.27 38.84 15.16
N VAL A 58 12.08 38.32 14.86
CA VAL A 58 11.27 37.58 15.84
C VAL A 58 11.69 36.08 15.85
N LYS A 59 12.04 35.58 17.03
CA LYS A 59 12.57 34.20 17.13
C LYS A 59 11.78 33.33 18.13
N ILE A 60 10.54 33.73 18.39
CA ILE A 60 9.73 33.13 19.45
C ILE A 60 8.29 33.03 18.97
N GLY A 61 7.53 32.11 19.58
CA GLY A 61 6.13 31.90 19.25
C GLY A 61 5.68 30.58 19.85
N GLY A 62 4.38 30.30 19.77
CA GLY A 62 3.85 29.04 20.24
C GLY A 62 3.21 28.23 19.11
N HIS A 63 3.85 27.13 18.73
CA HIS A 63 3.24 26.18 17.83
C HIS A 63 2.22 25.35 18.59
N LEU A 64 1.24 24.80 17.88
CA LEU A 64 0.28 23.91 18.52
C LEU A 64 1.03 22.76 19.21
N LYS A 65 0.64 22.41 20.45
CA LYS A 65 1.29 21.30 21.14
C LYS A 65 1.10 20.04 20.34
N ASP A 66 -0.10 19.90 19.77
CA ASP A 66 -0.43 18.77 18.89
C ASP A 66 -0.75 19.29 17.48
N PRO A 67 0.15 19.00 16.52
CA PRO A 67 0.01 19.51 15.15
C PRO A 67 -1.26 18.97 14.49
N VAL A 68 -2.01 19.86 13.82
CA VAL A 68 -3.21 19.48 13.10
C VAL A 68 -2.95 18.32 12.13
N ASP A 69 -1.85 18.40 11.37
CA ASP A 69 -1.64 17.46 10.27
C ASP A 69 -1.28 16.06 10.70
N SER A 70 -1.06 15.87 12.01
CA SER A 70 -0.79 14.54 12.52
C SER A 70 -2.10 13.75 12.62
N HIS A 71 -3.22 14.44 12.42
CA HIS A 71 -4.53 13.79 12.34
C HIS A 71 -5.11 13.76 10.94
N MET A 72 -4.27 14.07 9.95
CA MET A 72 -4.70 14.25 8.55
C MET A 72 -4.03 13.27 7.63
N GLY A 73 -4.84 12.65 6.77
CA GLY A 73 -4.37 11.62 5.85
C GLY A 73 -3.90 12.21 4.54
N ARG A 74 -3.43 11.35 3.63
CA ARG A 74 -2.86 11.79 2.37
C ARG A 74 -3.86 12.59 1.53
N LEU A 75 -5.10 12.12 1.45
CA LEU A 75 -6.18 12.75 0.68
C LEU A 75 -6.42 14.18 1.19
N ASP A 76 -6.73 14.31 2.49
CA ASP A 76 -7.02 15.61 3.09
C ASP A 76 -5.88 16.63 2.93
N MET A 77 -4.63 16.15 2.96
CA MET A 77 -3.44 16.98 2.75
C MET A 77 -3.36 17.52 1.33
N ARG A 78 -3.95 16.80 0.40
CA ARG A 78 -3.90 17.16 -1.01
C ARG A 78 -5.15 18.01 -1.37
N ARG A 79 -6.23 17.81 -0.61
CA ARG A 79 -7.57 18.32 -0.99
C ARG A 79 -8.13 19.45 -0.12
N MET A 80 -7.48 19.77 0.99
CA MET A 80 -7.89 20.89 1.84
C MET A 80 -6.75 21.84 2.13
N SER A 81 -7.08 23.11 2.37
CA SER A 81 -6.11 24.08 2.85
C SER A 81 -5.88 23.81 4.35
N TYR A 82 -4.84 24.40 4.93
CA TYR A 82 -4.58 24.18 6.34
C TYR A 82 -5.77 24.55 7.25
N VAL A 83 -6.39 25.71 7.03
CA VAL A 83 -7.49 26.16 7.88
C VAL A 83 -8.70 25.22 7.75
N GLN A 84 -8.85 24.62 6.57
CA GLN A 84 -9.89 23.64 6.35
C GLN A 84 -9.63 22.35 7.15
N ARG A 85 -8.39 21.87 7.16
CA ARG A 85 -7.97 20.74 8.00
C ARG A 85 -8.14 21.04 9.49
N MET A 86 -7.75 22.24 9.93
CA MET A 86 -8.02 22.59 11.30
C MET A 86 -9.52 22.61 11.58
N GLY A 87 -10.30 23.17 10.68
CA GLY A 87 -11.73 23.29 10.88
C GLY A 87 -12.41 21.94 11.00
N LYS A 88 -12.07 21.03 10.10
CA LYS A 88 -12.62 19.67 10.10
C LYS A 88 -12.27 18.90 11.39
N LEU A 89 -10.99 18.94 11.77
CA LEU A 89 -10.52 18.43 13.06
C LEU A 89 -11.31 18.95 14.28
N LEU A 90 -11.43 20.26 14.44
CA LEU A 90 -12.15 20.82 15.59
C LEU A 90 -13.67 20.60 15.53
N GLY A 91 -14.23 20.59 14.31
CA GLY A 91 -15.68 20.49 14.16
C GLY A 91 -16.18 19.16 14.68
N GLY A 92 -15.43 18.10 14.37
CA GLY A 92 -15.78 16.76 14.81
C GLY A 92 -15.52 16.52 16.29
N GLN A 93 -14.42 17.08 16.79
CA GLN A 93 -14.15 17.05 18.22
C GLN A 93 -15.27 17.76 18.98
N LEU A 94 -15.68 18.93 18.49
CA LEU A 94 -16.78 19.68 19.08
C LEU A 94 -18.08 18.89 19.07
N TRP A 95 -18.40 18.27 17.93
CA TRP A 95 -19.63 17.49 17.79
C TRP A 95 -19.63 16.28 18.74
N GLU A 96 -18.53 15.54 18.77
CA GLU A 96 -18.29 14.51 19.79
C GLU A 96 -18.55 15.01 21.24
N SER A 97 -17.90 16.10 21.62
CA SER A 97 -18.08 16.66 22.96
C SER A 97 -19.52 17.03 23.28
N ALA A 98 -20.30 17.31 22.24
CA ALA A 98 -21.70 17.69 22.41
C ALA A 98 -22.60 16.45 22.44
N GLY A 99 -21.99 15.28 22.28
CA GLY A 99 -22.67 14.00 22.34
C GLY A 99 -23.21 13.59 20.98
N SER A 100 -22.56 14.09 19.92
CA SER A 100 -22.99 13.88 18.53
C SER A 100 -24.51 14.04 18.31
N PRO A 101 -25.07 15.23 18.62
CA PRO A 101 -26.53 15.36 18.59
C PRO A 101 -27.09 15.28 17.18
N GLU A 102 -28.34 14.81 17.04
CA GLU A 102 -29.07 14.86 15.77
C GLU A 102 -29.95 16.09 15.84
N VAL A 103 -29.56 17.09 15.07
CA VAL A 103 -30.27 18.34 15.09
C VAL A 103 -30.97 18.48 13.76
N ASP A 104 -31.94 19.38 13.71
CA ASP A 104 -32.60 19.70 12.45
C ASP A 104 -31.63 20.51 11.61
N PRO A 105 -31.17 19.94 10.48
CA PRO A 105 -30.14 20.59 9.67
C PRO A 105 -30.59 21.98 9.19
N ASP A 106 -31.91 22.15 9.06
CA ASP A 106 -32.49 23.35 8.52
C ASP A 106 -32.54 24.45 9.55
N ARG A 107 -32.24 24.11 10.81
CA ARG A 107 -32.18 25.11 11.88
C ARG A 107 -30.76 25.18 12.47
N PHE A 108 -29.80 24.60 11.75
CA PHE A 108 -28.42 24.45 12.19
C PHE A 108 -27.46 25.29 11.31
N ALA A 109 -26.85 26.31 11.90
CA ALA A 109 -25.93 27.21 11.20
C ALA A 109 -24.48 27.01 11.62
N VAL A 110 -23.60 27.49 10.75
CA VAL A 110 -22.17 27.55 11.01
C VAL A 110 -21.67 28.99 10.78
N VAL A 111 -20.91 29.52 11.73
CA VAL A 111 -20.24 30.81 11.56
C VAL A 111 -18.81 30.72 12.05
N VAL A 112 -17.85 30.73 11.12
CA VAL A 112 -16.44 30.63 11.47
C VAL A 112 -15.61 31.70 10.75
N GLY A 113 -14.93 32.55 11.51
CA GLY A 113 -14.03 33.54 10.95
C GLY A 113 -12.61 33.04 10.76
N THR A 114 -11.84 33.71 9.90
CA THR A 114 -10.38 33.59 9.81
C THR A 114 -9.88 34.92 9.39
N GLY A 115 -8.56 35.09 9.46
CA GLY A 115 -7.93 36.31 9.00
C GLY A 115 -7.75 36.35 7.49
N LEU A 116 -7.48 35.20 6.86
CA LEU A 116 -7.05 35.16 5.44
C LEU A 116 -7.66 34.03 4.60
N GLY A 117 -7.55 32.79 5.10
CA GLY A 117 -8.01 31.65 4.33
C GLY A 117 -6.85 30.78 3.91
N GLY A 118 -7.04 30.01 2.84
CA GLY A 118 -6.03 29.08 2.36
C GLY A 118 -4.92 29.74 1.58
N ALA A 119 -4.28 30.73 2.19
CA ALA A 119 -3.31 31.54 1.47
C ALA A 119 -2.11 30.76 0.94
N GLU A 120 -1.74 29.70 1.63
CA GLU A 120 -0.62 28.88 1.18
C GLU A 120 -0.91 28.33 -0.22
N ARG A 121 -2.18 28.14 -0.53
CA ARG A 121 -2.56 27.55 -1.81
C ARG A 121 -2.52 28.62 -2.89
N ILE A 122 -2.59 29.88 -2.46
CA ILE A 122 -2.41 30.99 -3.40
C ILE A 122 -0.98 30.95 -3.90
N VAL A 123 -0.03 30.93 -2.98
CA VAL A 123 1.38 30.93 -3.40
C VAL A 123 1.78 29.63 -4.15
N GLU A 124 1.28 28.49 -3.69
CA GLU A 124 1.55 27.22 -4.36
C GLU A 124 1.06 27.26 -5.80
N SER A 125 -0.18 27.76 -6.00
CA SER A 125 -0.79 27.79 -7.34
C SER A 125 -0.06 28.77 -8.27
N TYR A 126 0.39 29.88 -7.70
CA TYR A 126 1.20 30.90 -8.39
C TYR A 126 2.50 30.26 -8.91
N ASP A 127 3.21 29.59 -8.01
CA ASP A 127 4.47 28.93 -8.36
C ASP A 127 4.28 27.90 -9.45
N LEU A 128 3.22 27.10 -9.32
CA LEU A 128 2.87 26.01 -10.25
C LEU A 128 2.60 26.53 -11.66
N MET A 129 1.78 27.57 -11.77
CA MET A 129 1.53 28.18 -13.08
C MET A 129 2.75 28.87 -13.71
N ASN A 130 3.50 29.63 -12.91
CA ASN A 130 4.70 30.29 -13.40
C ASN A 130 5.69 29.27 -14.00
N ALA A 131 5.74 28.09 -13.39
CA ALA A 131 6.62 27.02 -13.86
C ALA A 131 6.05 26.16 -15.02
N GLY A 132 4.79 25.72 -14.90
CA GLY A 132 4.22 24.81 -15.88
C GLY A 132 2.94 25.20 -16.61
N GLY A 133 2.48 26.43 -16.40
CA GLY A 133 1.29 26.92 -17.06
C GLY A 133 0.02 26.61 -16.27
N PRO A 134 -1.14 27.02 -16.82
CA PRO A 134 -2.46 26.90 -16.17
C PRO A 134 -2.92 25.46 -15.92
N ARG A 135 -2.46 24.50 -16.72
CA ARG A 135 -2.81 23.11 -16.48
C ARG A 135 -2.19 22.53 -15.19
N LYS A 136 -1.23 23.22 -14.60
CA LYS A 136 -0.62 22.79 -13.34
C LYS A 136 -1.43 23.22 -12.11
N VAL A 137 -2.38 24.14 -12.29
CA VAL A 137 -3.22 24.59 -11.20
C VAL A 137 -4.28 23.51 -10.93
N SER A 138 -4.49 23.17 -9.67
CA SER A 138 -5.48 22.17 -9.27
C SER A 138 -6.91 22.67 -9.41
N PRO A 139 -7.80 21.80 -9.91
CA PRO A 139 -9.26 21.98 -9.91
C PRO A 139 -9.80 22.31 -8.53
N LEU A 140 -8.99 22.05 -7.50
CA LEU A 140 -9.41 22.25 -6.13
C LEU A 140 -8.91 23.59 -5.56
N ALA A 141 -8.08 24.30 -6.31
CA ALA A 141 -7.47 25.51 -5.78
C ALA A 141 -8.49 26.53 -5.29
N VAL A 142 -9.49 26.87 -6.10
CA VAL A 142 -10.38 27.94 -5.62
C VAL A 142 -11.14 27.57 -4.35
N GLN A 143 -11.60 26.32 -4.22
CA GLN A 143 -12.32 25.94 -3.00
C GLN A 143 -11.40 25.89 -1.77
N MET A 144 -10.11 25.71 -2.00
CA MET A 144 -9.16 25.66 -0.89
C MET A 144 -8.71 27.05 -0.48
N ILE A 145 -8.70 27.97 -1.43
CA ILE A 145 -8.21 29.33 -1.23
C ILE A 145 -9.27 30.25 -0.62
N MET A 146 -10.50 30.11 -1.10
CA MET A 146 -11.58 31.03 -0.70
C MET A 146 -11.66 31.11 0.84
N PRO A 147 -11.73 32.34 1.40
CA PRO A 147 -11.67 32.51 2.86
C PRO A 147 -12.85 31.85 3.59
N ASN A 148 -13.97 31.65 2.90
CA ASN A 148 -15.12 30.93 3.47
C ASN A 148 -14.94 29.42 3.48
N GLY A 149 -13.78 28.95 2.98
CA GLY A 149 -13.46 27.53 2.85
C GLY A 149 -13.59 26.71 4.12
N ALA A 150 -13.03 27.21 5.23
CA ALA A 150 -13.08 26.51 6.51
C ALA A 150 -14.53 26.40 7.04
N ALA A 151 -15.28 27.50 7.09
CA ALA A 151 -16.69 27.41 7.51
C ALA A 151 -17.48 26.41 6.67
N ALA A 152 -17.22 26.42 5.36
CA ALA A 152 -17.92 25.59 4.41
C ALA A 152 -17.61 24.08 4.60
N VAL A 153 -16.36 23.76 4.90
CA VAL A 153 -16.00 22.38 5.21
C VAL A 153 -16.71 21.92 6.48
N ILE A 154 -16.76 22.77 7.50
CA ILE A 154 -17.47 22.43 8.74
C ILE A 154 -18.99 22.27 8.51
N GLY A 155 -19.61 23.18 7.75
CA GLY A 155 -21.02 23.05 7.43
C GLY A 155 -21.35 21.78 6.66
N LEU A 156 -20.51 21.45 5.70
CA LEU A 156 -20.60 20.21 4.95
C LEU A 156 -20.38 18.96 5.83
N GLN A 157 -19.38 19.01 6.71
CA GLN A 157 -19.08 17.91 7.64
C GLN A 157 -20.19 17.65 8.64
N LEU A 158 -20.79 18.71 9.17
CA LEU A 158 -21.79 18.57 10.23
C LEU A 158 -23.23 18.66 9.75
N GLY A 159 -23.41 19.05 8.48
CA GLY A 159 -24.72 19.16 7.84
C GLY A 159 -25.55 20.39 8.15
N ALA A 160 -24.91 21.55 8.21
CA ALA A 160 -25.60 22.80 8.53
C ALA A 160 -26.29 23.38 7.30
N ARG A 161 -27.61 23.55 7.39
CA ARG A 161 -28.40 24.06 6.28
C ARG A 161 -29.14 25.37 6.62
N ALA A 162 -28.84 25.94 7.79
CA ALA A 162 -29.43 27.23 8.14
C ALA A 162 -28.47 28.41 7.95
N GLY A 163 -27.47 28.23 7.10
CA GLY A 163 -26.53 29.29 6.79
C GLY A 163 -25.12 28.95 7.19
N VAL A 164 -24.15 29.23 6.30
CA VAL A 164 -22.73 29.08 6.64
C VAL A 164 -22.07 30.44 6.39
N MET A 165 -21.53 31.10 7.41
CA MET A 165 -21.05 32.46 7.24
CA MET A 165 -21.06 32.47 7.25
C MET A 165 -19.61 32.61 7.74
N THR A 166 -18.85 33.49 7.09
CA THR A 166 -17.45 33.76 7.45
C THR A 166 -17.24 35.28 7.50
N PRO A 167 -17.34 35.86 8.70
CA PRO A 167 -17.05 37.29 8.79
C PRO A 167 -15.53 37.45 8.89
N VAL A 168 -14.93 38.34 8.11
CA VAL A 168 -13.50 38.60 8.25
C VAL A 168 -13.32 40.01 8.81
N SER A 169 -12.67 40.07 9.96
CA SER A 169 -12.33 41.35 10.57
C SER A 169 -10.94 41.32 11.23
N ALA A 170 -10.01 40.65 10.56
CA ALA A 170 -8.63 40.56 11.00
C ALA A 170 -8.63 39.91 12.39
N GLN A 171 -8.03 40.54 13.39
CA GLN A 171 -7.88 39.92 14.71
C GLN A 171 -9.17 39.81 15.58
N SER A 172 -10.27 40.40 15.11
CA SER A 172 -11.56 40.20 15.79
C SER A 172 -12.47 39.17 15.13
N SER A 173 -11.97 38.45 14.12
CA SER A 173 -12.82 37.56 13.30
C SER A 173 -13.46 36.45 14.12
N GLY A 174 -12.74 35.89 15.09
CA GLY A 174 -13.24 34.75 15.84
C GLY A 174 -14.36 35.11 16.81
N SER A 175 -14.29 36.32 17.35
CA SER A 175 -15.36 36.84 18.19
C SER A 175 -16.52 37.27 17.31
N GLU A 176 -16.22 37.94 16.21
CA GLU A 176 -17.26 38.37 15.30
C GLU A 176 -18.09 37.17 14.78
N ALA A 177 -17.46 36.02 14.58
CA ALA A 177 -18.22 34.85 14.15
C ALA A 177 -19.25 34.47 15.22
N ILE A 178 -18.87 34.55 16.49
CA ILE A 178 -19.78 34.19 17.57
C ILE A 178 -20.92 35.22 17.72
N ALA A 179 -20.60 36.49 17.47
CA ALA A 179 -21.60 37.57 17.42
C ALA A 179 -22.66 37.32 16.36
N HIS A 180 -22.22 36.91 15.18
CA HIS A 180 -23.18 36.66 14.10
C HIS A 180 -23.96 35.37 14.29
N ALA A 181 -23.37 34.37 14.91
CA ALA A 181 -24.10 33.14 15.23
C ALA A 181 -25.22 33.43 16.21
N TRP A 182 -24.97 34.33 17.16
CA TRP A 182 -25.97 34.73 18.15
C TRP A 182 -27.10 35.50 17.49
N ARG A 183 -26.71 36.47 16.65
CA ARG A 183 -27.65 37.23 15.83
C ARG A 183 -28.58 36.34 15.02
N GLN A 184 -27.99 35.34 14.38
CA GLN A 184 -28.69 34.37 13.54
C GLN A 184 -29.70 33.53 14.35
N ILE A 185 -29.37 33.19 15.60
CA ILE A 185 -30.30 32.50 16.50
C ILE A 185 -31.40 33.43 17.02
N VAL A 186 -31.01 34.58 17.59
CA VAL A 186 -32.03 35.49 18.14
C VAL A 186 -32.96 36.11 17.07
N MET A 187 -32.50 36.20 15.83
CA MET A 187 -33.37 36.69 14.79
C MET A 187 -34.36 35.62 14.30
N GLY A 188 -34.15 34.37 14.70
CA GLY A 188 -35.03 33.29 14.31
C GLY A 188 -34.63 32.43 13.11
N ASP A 189 -33.39 32.55 12.63
CA ASP A 189 -32.98 31.85 11.41
C ASP A 189 -32.31 30.49 11.71
N ALA A 190 -32.03 30.25 12.99
CA ALA A 190 -31.48 28.98 13.47
C ALA A 190 -31.76 28.83 14.95
N ASP A 191 -31.73 27.59 15.43
CA ASP A 191 -31.84 27.32 16.86
CA ASP A 191 -31.83 27.39 16.87
C ASP A 191 -30.52 26.84 17.45
N VAL A 192 -29.59 26.47 16.57
CA VAL A 192 -28.30 25.93 17.02
C VAL A 192 -27.22 26.35 16.01
N ALA A 193 -26.03 26.70 16.52
CA ALA A 193 -24.90 27.19 15.72
C ALA A 193 -23.52 26.77 16.23
N VAL A 194 -22.72 26.18 15.34
CA VAL A 194 -21.31 25.99 15.59
C VAL A 194 -20.56 27.27 15.16
N CYS A 195 -19.81 27.89 16.08
CA CYS A 195 -19.14 29.15 15.78
C CYS A 195 -17.75 29.28 16.41
N GLY A 196 -16.92 30.12 15.82
CA GLY A 196 -15.58 30.38 16.37
C GLY A 196 -14.63 30.83 15.29
N GLY A 197 -13.38 30.36 15.35
CA GLY A 197 -12.36 30.88 14.47
C GLY A 197 -11.22 29.92 14.26
N VAL A 198 -10.66 29.96 13.06
CA VAL A 198 -9.48 29.16 12.74
C VAL A 198 -8.41 30.06 12.14
N GLU A 199 -7.16 29.63 12.18
CA GLU A 199 -6.05 30.43 11.66
C GLU A 199 -4.89 29.53 11.23
N GLY A 200 -4.08 30.00 10.30
CA GLY A 200 -2.96 29.21 9.84
C GLY A 200 -1.81 29.20 10.86
N PRO A 201 -0.75 28.42 10.59
CA PRO A 201 0.34 28.26 11.55
C PRO A 201 1.39 29.37 11.44
N ILE A 202 2.30 29.42 12.40
CA ILE A 202 3.40 30.36 12.34
C ILE A 202 4.19 30.03 11.09
N GLU A 203 4.45 31.05 10.27
CA GLU A 203 5.27 30.92 9.07
C GLU A 203 6.05 32.21 8.84
N ALA A 204 7.04 32.17 7.96
CA ALA A 204 8.02 33.27 7.78
C ALA A 204 7.43 34.54 7.17
N LEU A 205 6.63 34.43 6.11
CA LEU A 205 6.01 35.62 5.52
C LEU A 205 5.00 36.30 6.45
N PRO A 206 4.15 35.53 7.17
CA PRO A 206 3.38 36.25 8.20
C PRO A 206 4.25 36.91 9.30
N ILE A 207 5.29 36.24 9.82
CA ILE A 207 6.18 36.94 10.78
C ILE A 207 6.77 38.23 10.18
N ALA A 208 7.37 38.13 9.00
CA ALA A 208 7.91 39.30 8.32
C ALA A 208 6.89 40.45 8.11
N ALA A 209 5.67 40.14 7.68
CA ALA A 209 4.64 41.15 7.44
C ALA A 209 4.25 41.92 8.72
N PHE A 210 3.96 41.20 9.80
CA PHE A 210 3.60 41.83 11.08
C PHE A 210 4.81 42.48 11.78
N SER A 211 5.97 41.86 11.62
CA SER A 211 7.24 42.36 12.13
C SER A 211 7.57 43.72 11.56
N MET A 212 7.35 43.86 10.26
CA MET A 212 7.72 45.08 9.57
C MET A 212 6.85 46.26 9.98
N MET A 213 5.76 45.97 10.70
CA MET A 213 4.89 47.00 11.27
C MET A 213 5.33 47.37 12.67
N ARG A 214 6.31 46.63 13.20
CA ARG A 214 6.83 46.85 14.58
C ARG A 214 5.79 46.40 15.60
N ALA A 215 4.96 45.43 15.26
CA ALA A 215 3.84 45.06 16.12
C ALA A 215 4.21 43.96 17.09
N MET A 216 5.36 43.33 16.85
CA MET A 216 5.69 42.07 17.48
C MET A 216 6.81 42.21 18.51
N SER A 217 6.71 41.41 19.58
CA SER A 217 7.79 41.27 20.56
C SER A 217 9.06 40.67 19.93
N THR A 218 10.21 41.20 20.35
CA THR A 218 11.54 40.69 19.98
C THR A 218 12.36 40.27 21.22
N ARG A 219 11.67 40.03 22.35
CA ARG A 219 12.35 39.60 23.58
C ARG A 219 12.68 38.12 23.48
N ASN A 220 13.64 37.79 22.62
CA ASN A 220 13.90 36.42 22.16
C ASN A 220 14.65 35.51 23.16
N ASP A 221 15.29 36.13 24.15
CA ASP A 221 16.15 35.44 25.14
C ASP A 221 15.32 34.75 26.23
N GLU A 222 14.14 35.31 26.49
CA GLU A 222 13.18 34.73 27.44
C GLU A 222 11.80 34.63 26.78
N PRO A 223 11.54 33.55 26.02
CA PRO A 223 10.30 33.48 25.23
C PRO A 223 9.03 33.58 26.07
N GLU A 224 9.02 32.91 27.22
CA GLU A 224 7.86 32.89 28.11
C GLU A 224 7.61 34.28 28.75
N ARG A 225 8.66 35.09 28.84
CA ARG A 225 8.54 36.44 29.41
C ARG A 225 8.20 37.53 28.35
N ALA A 226 8.04 37.14 27.09
CA ALA A 226 7.95 38.12 26.00
C ALA A 226 6.59 38.82 25.83
N SER A 227 5.49 38.06 25.96
CA SER A 227 4.15 38.64 25.83
C SER A 227 3.67 39.24 27.15
N ARG A 228 3.60 40.58 27.20
CA ARG A 228 3.43 41.33 28.44
C ARG A 228 2.29 42.33 28.39
N PRO A 229 1.05 41.86 28.16
CA PRO A 229 -0.05 42.82 28.04
C PRO A 229 -0.25 43.63 29.31
N PHE A 230 -0.47 44.93 29.10
CA PHE A 230 -0.69 45.92 30.13
C PHE A 230 0.52 46.23 31.03
N ASP A 231 1.58 45.44 30.88
CA ASP A 231 2.86 45.68 31.59
C ASP A 231 3.64 46.85 30.98
N LYS A 232 4.20 47.72 31.83
CA LYS A 232 5.01 48.86 31.39
C LYS A 232 6.14 48.52 30.40
N ASP A 233 6.70 47.32 30.50
CA ASP A 233 7.80 46.90 29.63
C ASP A 233 7.37 46.03 28.41
N ARG A 234 6.10 46.06 28.05
CA ARG A 234 5.62 45.36 26.84
C ARG A 234 6.23 45.91 25.55
N ASP A 235 6.48 45.03 24.58
CA ASP A 235 7.03 45.47 23.30
C ASP A 235 6.39 44.85 22.06
N GLY A 236 5.09 44.58 22.11
CA GLY A 236 4.36 44.02 21.00
C GLY A 236 3.89 42.60 21.24
N PHE A 237 3.16 42.05 20.27
CA PHE A 237 2.49 40.76 20.42
C PHE A 237 3.40 39.56 20.13
N VAL A 238 3.02 38.40 20.65
CA VAL A 238 3.69 37.14 20.32
C VAL A 238 2.71 36.18 19.62
N PHE A 239 3.09 35.59 18.49
CA PHE A 239 2.28 34.57 17.83
C PHE A 239 2.14 33.30 18.68
N GLY A 240 0.91 32.83 18.81
CA GLY A 240 0.67 31.60 19.52
C GLY A 240 -0.46 30.97 18.77
N GLU A 241 -0.19 29.82 18.17
CA GLU A 241 -1.16 29.11 17.35
C GLU A 241 -2.40 28.63 18.13
N ALA A 242 -3.56 28.74 17.48
CA ALA A 242 -4.82 28.23 17.99
C ALA A 242 -5.93 28.13 16.93
N GLY A 243 -6.99 27.41 17.30
CA GLY A 243 -8.28 27.40 16.63
C GLY A 243 -9.28 27.04 17.71
N ALA A 244 -10.51 27.53 17.64
CA ALA A 244 -11.46 27.25 18.72
C ALA A 244 -12.89 27.38 18.21
N LEU A 245 -13.77 26.49 18.66
CA LEU A 245 -15.17 26.49 18.22
C LEU A 245 -16.01 26.30 19.45
N MET A 246 -17.22 26.85 19.46
CA MET A 246 -18.19 26.54 20.50
C MET A 246 -19.50 26.16 19.84
N LEU A 247 -20.31 25.43 20.59
CA LEU A 247 -21.65 25.10 20.14
C LEU A 247 -22.54 26.01 20.97
N ILE A 248 -23.36 26.81 20.30
CA ILE A 248 -24.39 27.58 20.97
C ILE A 248 -25.80 27.15 20.49
N GLU A 249 -26.80 27.26 21.37
CA GLU A 249 -28.19 26.94 21.01
C GLU A 249 -29.20 27.67 21.93
N THR A 250 -30.45 27.76 21.49
CA THR A 250 -31.46 28.28 22.39
C THR A 250 -31.47 27.39 23.65
N GLU A 251 -31.83 27.97 24.80
CA GLU A 251 -31.93 27.21 26.05
C GLU A 251 -32.98 26.09 25.95
N GLU A 252 -34.08 26.40 25.27
CA GLU A 252 -35.13 25.45 24.94
C GLU A 252 -34.56 24.25 24.19
N HIS A 253 -33.77 24.50 23.15
CA HIS A 253 -33.14 23.44 22.35
C HIS A 253 -32.19 22.57 23.18
N ALA A 254 -31.41 23.21 24.04
CA ALA A 254 -30.48 22.50 24.90
C ALA A 254 -31.24 21.59 25.88
N LYS A 255 -32.25 22.16 26.53
CA LYS A 255 -33.17 21.45 27.43
C LYS A 255 -33.79 20.20 26.78
N ALA A 256 -34.26 20.32 25.55
CA ALA A 256 -34.95 19.22 24.88
C ALA A 256 -34.06 18.01 24.60
N ARG A 257 -32.75 18.23 24.50
CA ARG A 257 -31.81 17.12 24.23
C ARG A 257 -30.92 16.77 25.42
N GLY A 258 -31.18 17.40 26.55
CA GLY A 258 -30.45 17.12 27.78
C GLY A 258 -29.01 17.61 27.82
N ALA A 259 -28.70 18.66 27.05
CA ALA A 259 -27.38 19.32 27.13
C ALA A 259 -27.29 20.26 28.32
N LYS A 260 -26.19 20.15 29.06
CA LYS A 260 -25.94 21.00 30.21
C LYS A 260 -25.09 22.20 29.78
N PRO A 261 -25.65 23.43 29.88
CA PRO A 261 -24.97 24.66 29.46
C PRO A 261 -23.71 24.97 30.28
N LEU A 262 -22.72 25.56 29.62
CA LEU A 262 -21.47 25.98 30.25
C LEU A 262 -21.57 27.45 30.62
N ALA A 263 -22.39 28.19 29.87
CA ALA A 263 -22.54 29.63 30.06
C ALA A 263 -23.71 30.13 29.22
N ARG A 264 -24.04 31.41 29.39
CA ARG A 264 -25.04 32.05 28.57
C ARG A 264 -24.35 33.06 27.65
N LEU A 265 -24.74 33.05 26.38
CA LEU A 265 -24.32 34.11 25.47
C LEU A 265 -25.46 35.09 25.44
N LEU A 266 -25.26 36.25 26.05
CA LEU A 266 -26.31 37.25 26.27
C LEU A 266 -26.44 38.38 25.25
N GLY A 267 -25.38 38.70 24.52
CA GLY A 267 -25.47 39.86 23.65
C GLY A 267 -24.12 40.14 23.04
N ALA A 268 -24.12 41.02 22.04
CA ALA A 268 -22.93 41.25 21.22
C ALA A 268 -22.98 42.66 20.63
N GLY A 269 -21.83 43.32 20.60
CA GLY A 269 -21.75 44.66 20.07
C GLY A 269 -20.63 44.78 19.05
N ILE A 270 -20.90 45.44 17.94
CA ILE A 270 -19.93 45.60 16.86
C ILE A 270 -19.96 47.06 16.43
N THR A 271 -18.83 47.73 16.54
CA THR A 271 -18.70 49.12 16.12
C THR A 271 -17.39 49.22 15.34
N SER A 272 -17.05 50.41 14.88
CA SER A 272 -15.79 50.65 14.17
C SER A 272 -15.24 52.02 14.56
N ASP A 273 -13.94 52.20 14.43
CA ASP A 273 -13.23 53.41 14.85
C ASP A 273 -13.27 54.60 13.85
N ALA A 274 -13.31 54.32 12.55
CA ALA A 274 -12.92 55.29 11.50
C ALA A 274 -11.78 56.17 11.97
N PHE A 275 -10.64 55.55 12.29
CA PHE A 275 -9.50 56.28 12.83
C PHE A 275 -8.23 56.05 12.01
N HIS A 276 -7.79 54.79 11.96
CA HIS A 276 -6.61 54.41 11.21
C HIS A 276 -6.76 52.91 10.85
N MET A 277 -6.04 52.47 9.83
CA MET A 277 -6.12 51.08 9.37
C MET A 277 -5.45 50.11 10.35
N VAL A 278 -4.35 50.52 10.97
CA VAL A 278 -3.59 49.59 11.84
C VAL A 278 -3.32 50.10 13.28
N ALA A 279 -3.86 51.27 13.63
CA ALA A 279 -3.73 51.77 14.99
C ALA A 279 -5.12 52.02 15.55
N PRO A 280 -5.38 51.58 16.81
CA PRO A 280 -6.72 51.80 17.37
C PRO A 280 -6.91 53.25 17.79
N ALA A 281 -8.13 53.76 17.76
CA ALA A 281 -8.38 55.09 18.27
C ALA A 281 -7.89 55.16 19.72
N ALA A 282 -7.00 56.11 20.00
CA ALA A 282 -6.37 56.26 21.31
C ALA A 282 -7.39 56.52 22.41
N ASP A 283 -8.50 57.17 22.06
CA ASP A 283 -9.54 57.51 23.03
C ASP A 283 -10.41 56.36 23.50
N GLY A 284 -10.33 55.21 22.81
CA GLY A 284 -11.13 54.04 23.10
C GLY A 284 -12.64 54.24 23.04
N VAL A 285 -13.12 55.33 22.46
CA VAL A 285 -14.56 55.63 22.51
C VAL A 285 -15.47 54.65 21.72
N ARG A 286 -15.16 54.41 20.46
CA ARG A 286 -15.96 53.46 19.69
C ARG A 286 -15.77 52.04 20.23
N ALA A 287 -14.56 51.69 20.65
CA ALA A 287 -14.32 50.38 21.24
C ALA A 287 -15.13 50.16 22.51
N GLY A 288 -15.23 51.18 23.37
CA GLY A 288 -16.06 51.08 24.57
C GLY A 288 -17.56 51.01 24.28
N ARG A 289 -18.00 51.72 23.24
CA ARG A 289 -19.37 51.57 22.78
C ARG A 289 -19.74 50.16 22.26
N ALA A 290 -18.78 49.38 21.76
CA ALA A 290 -19.07 47.99 21.39
C ALA A 290 -19.39 47.16 22.64
N MET A 291 -18.63 47.40 23.72
CA MET A 291 -18.93 46.82 25.03
C MET A 291 -20.32 47.26 25.52
N THR A 292 -20.57 48.56 25.48
CA THR A 292 -21.87 49.11 25.87
C THR A 292 -23.04 48.49 25.11
N ARG A 293 -22.88 48.32 23.79
CA ARG A 293 -23.95 47.76 22.94
C ARG A 293 -24.23 46.33 23.34
N SER A 294 -23.18 45.60 23.74
CA SER A 294 -23.37 44.21 24.15
C SER A 294 -24.22 44.15 25.42
N LEU A 295 -24.04 45.14 26.29
CA LEU A 295 -24.77 45.27 27.55
C LEU A 295 -26.21 45.66 27.27
N GLU A 296 -26.41 46.55 26.31
CA GLU A 296 -27.76 47.00 25.98
C GLU A 296 -28.57 45.81 25.48
N LEU A 297 -27.95 44.96 24.66
CA LEU A 297 -28.62 43.79 24.12
C LEU A 297 -28.82 42.71 25.17
N ALA A 298 -27.87 42.60 26.10
CA ALA A 298 -27.92 41.59 27.15
C ALA A 298 -28.92 42.01 28.24
N GLY A 299 -29.14 43.32 28.37
CA GLY A 299 -30.02 43.84 29.40
C GLY A 299 -29.23 44.06 30.68
N LEU A 300 -27.93 44.35 30.54
CA LEU A 300 -27.08 44.59 31.69
C LEU A 300 -26.68 46.05 31.81
N SER A 301 -26.11 46.38 32.96
CA SER A 301 -25.51 47.68 33.19
C SER A 301 -24.01 47.44 33.33
N PRO A 302 -23.20 48.49 33.10
CA PRO A 302 -21.75 48.34 33.28
C PRO A 302 -21.39 47.79 34.67
N ALA A 303 -22.12 48.25 35.69
CA ALA A 303 -21.89 47.86 37.08
C ALA A 303 -22.04 46.35 37.31
N ASP A 304 -22.77 45.69 36.41
CA ASP A 304 -23.01 44.23 36.42
C ASP A 304 -21.80 43.42 35.96
N ILE A 305 -20.85 44.07 35.29
CA ILE A 305 -19.73 43.34 34.72
C ILE A 305 -18.67 43.05 35.80
N ASP A 306 -18.43 41.76 36.05
CA ASP A 306 -17.50 41.31 37.06
C ASP A 306 -16.11 41.02 36.49
N HIS A 307 -16.04 40.87 35.17
CA HIS A 307 -14.82 40.37 34.52
C HIS A 307 -14.77 40.85 33.07
N VAL A 308 -13.60 41.29 32.62
CA VAL A 308 -13.37 41.60 31.22
C VAL A 308 -12.20 40.74 30.75
N ASN A 309 -12.43 39.96 29.71
CA ASN A 309 -11.36 39.21 29.07
C ASN A 309 -10.86 40.11 27.94
N ALA A 310 -9.70 40.72 28.18
CA ALA A 310 -9.14 41.75 27.34
C ALA A 310 -8.52 41.18 26.06
N HIS A 311 -8.64 41.93 24.96
CA HIS A 311 -7.89 41.62 23.75
C HIS A 311 -6.39 41.65 24.04
N GLY A 312 -5.97 42.67 24.77
CA GLY A 312 -4.61 42.79 25.30
C GLY A 312 -3.53 42.13 24.46
N THR A 313 -3.08 42.81 23.42
CA THR A 313 -2.07 42.24 22.52
C THR A 313 -0.63 42.43 23.03
N ALA A 314 -0.43 43.39 23.92
CA ALA A 314 0.89 43.77 24.46
C ALA A 314 1.64 44.77 23.58
N THR A 315 0.94 45.42 22.66
CA THR A 315 1.55 46.49 21.89
C THR A 315 1.37 47.75 22.73
N PRO A 316 2.34 48.68 22.65
CA PRO A 316 2.22 49.91 23.43
C PRO A 316 0.86 50.63 23.20
N ILE A 317 0.53 51.02 21.98
CA ILE A 317 -0.67 51.82 21.80
C ILE A 317 -1.95 50.99 21.93
N GLY A 318 -1.82 49.67 21.70
CA GLY A 318 -2.95 48.76 21.67
C GLY A 318 -3.56 48.60 23.05
N ASP A 319 -2.73 48.26 24.04
CA ASP A 319 -3.24 48.05 25.40
C ASP A 319 -3.76 49.31 26.04
N ALA A 320 -3.18 50.44 25.63
CA ALA A 320 -3.56 51.76 26.14
C ALA A 320 -4.93 52.21 25.62
N ALA A 321 -5.17 52.02 24.33
CA ALA A 321 -6.50 52.34 23.78
C ALA A 321 -7.56 51.45 24.41
N GLU A 322 -7.26 50.17 24.58
CA GLU A 322 -8.19 49.28 25.27
C GLU A 322 -8.50 49.64 26.73
N ALA A 323 -7.50 50.11 27.48
CA ALA A 323 -7.73 50.60 28.84
C ALA A 323 -8.70 51.76 28.81
N ASN A 324 -8.50 52.70 27.89
CA ASN A 324 -9.46 53.78 27.68
C ASN A 324 -10.85 53.28 27.28
N ALA A 325 -10.91 52.24 26.45
CA ALA A 325 -12.19 51.65 26.04
C ALA A 325 -12.98 51.11 27.25
N ILE A 326 -12.27 50.41 28.13
CA ILE A 326 -12.89 49.80 29.29
C ILE A 326 -13.43 50.88 30.25
N ARG A 327 -12.67 51.97 30.44
CA ARG A 327 -13.15 53.13 31.20
C ARG A 327 -14.38 53.74 30.55
N VAL A 328 -14.33 53.93 29.22
CA VAL A 328 -15.47 54.49 28.50
C VAL A 328 -16.72 53.68 28.75
N ALA A 329 -16.56 52.35 28.76
CA ALA A 329 -17.66 51.40 28.95
C ALA A 329 -18.22 51.30 30.39
N GLY A 330 -17.59 51.98 31.35
CA GLY A 330 -17.99 51.90 32.74
C GLY A 330 -17.56 50.57 33.35
N CYS A 331 -16.60 49.93 32.71
CA CYS A 331 -16.25 48.56 33.08
C CYS A 331 -14.89 48.40 33.75
N ASP A 332 -14.24 49.52 34.08
CA ASP A 332 -12.86 49.52 34.58
C ASP A 332 -12.67 49.07 36.03
N GLN A 333 -13.74 48.64 36.68
CA GLN A 333 -13.61 48.08 38.02
C GLN A 333 -13.73 46.55 38.02
N ALA A 334 -13.91 45.97 36.83
CA ALA A 334 -13.95 44.52 36.65
C ALA A 334 -12.56 43.95 36.71
N ALA A 335 -12.46 42.69 37.11
CA ALA A 335 -11.19 41.95 37.07
C ALA A 335 -10.84 41.66 35.59
N VAL A 336 -9.64 42.04 35.18
CA VAL A 336 -9.25 41.91 33.77
C VAL A 336 -8.23 40.76 33.58
N TYR A 337 -8.47 39.93 32.57
CA TYR A 337 -7.52 38.91 32.19
C TYR A 337 -7.09 39.13 30.73
N ALA A 338 -5.79 39.01 30.46
CA ALA A 338 -5.23 39.11 29.11
C ALA A 338 -4.49 37.82 28.79
N PRO A 339 -5.20 36.86 28.14
CA PRO A 339 -4.73 35.50 27.85
C PRO A 339 -3.55 35.43 26.88
N LYS A 340 -3.36 36.47 26.06
CA LYS A 340 -2.27 36.45 25.09
C LYS A 340 -0.88 36.45 25.79
N SER A 341 -0.85 36.91 27.04
CA SER A 341 0.30 36.75 27.96
C SER A 341 0.85 35.30 28.04
N ALA A 342 -0.06 34.32 27.94
CA ALA A 342 0.28 32.90 28.05
C ALA A 342 0.10 32.10 26.74
N LEU A 343 -0.94 32.46 25.96
CA LEU A 343 -1.27 31.72 24.74
C LEU A 343 -0.84 32.40 23.44
N GLY A 344 -0.35 33.64 23.54
CA GLY A 344 -0.05 34.42 22.36
C GLY A 344 -1.27 34.75 21.49
N HIS A 345 -0.99 35.20 20.27
CA HIS A 345 -1.97 35.80 19.36
C HIS A 345 -2.18 34.89 18.17
N SER A 346 -3.42 34.47 17.96
CA SER A 346 -3.75 33.57 16.85
C SER A 346 -4.58 34.28 15.78
N ILE A 347 -4.50 35.62 15.78
CA ILE A 347 -5.12 36.45 14.77
C ILE A 347 -6.63 36.14 14.56
N GLY A 348 -7.01 35.45 13.48
CA GLY A 348 -8.42 35.22 13.18
C GLY A 348 -9.14 34.27 14.14
N ALA A 349 -8.36 33.45 14.83
CA ALA A 349 -8.90 32.47 15.77
C ALA A 349 -8.99 32.99 17.19
N VAL A 350 -8.23 34.05 17.50
CA VAL A 350 -7.98 34.41 18.89
C VAL A 350 -9.24 34.85 19.66
N GLY A 351 -10.13 35.58 19.00
CA GLY A 351 -11.37 35.98 19.63
C GLY A 351 -12.24 34.81 20.03
N ALA A 352 -12.21 33.76 19.23
CA ALA A 352 -13.02 32.59 19.52
C ALA A 352 -12.43 31.91 20.74
N LEU A 353 -11.11 31.72 20.70
CA LEU A 353 -10.36 31.13 21.83
C LEU A 353 -10.66 31.83 23.15
N GLU A 354 -10.52 33.15 23.16
CA GLU A 354 -10.76 33.93 24.37
C GLU A 354 -12.24 33.92 24.81
N SER A 355 -13.17 33.74 23.87
CA SER A 355 -14.59 33.57 24.22
C SER A 355 -14.82 32.30 25.06
N VAL A 356 -14.17 31.22 24.63
CA VAL A 356 -14.16 29.94 25.34
C VAL A 356 -13.58 30.14 26.74
N LEU A 357 -12.43 30.81 26.82
CA LEU A 357 -11.82 31.13 28.10
C LEU A 357 -12.78 31.92 29.00
N THR A 358 -13.50 32.88 28.41
CA THR A 358 -14.46 33.68 29.16
C THR A 358 -15.57 32.79 29.76
N VAL A 359 -16.06 31.85 28.95
CA VAL A 359 -17.02 30.82 29.37
C VAL A 359 -16.49 29.96 30.52
N LEU A 360 -15.24 29.54 30.42
CA LEU A 360 -14.65 28.70 31.48
C LEU A 360 -14.47 29.49 32.77
N THR A 361 -14.17 30.78 32.65
CA THR A 361 -14.10 31.65 33.82
C THR A 361 -15.44 31.70 34.52
N LEU A 362 -16.51 31.86 33.74
CA LEU A 362 -17.84 31.98 34.33
C LEU A 362 -18.25 30.63 34.93
N ARG A 363 -18.00 29.55 34.18
CA ARG A 363 -18.30 28.19 34.65
C ARG A 363 -17.60 27.85 35.96
N ASP A 364 -16.33 28.25 36.09
CA ASP A 364 -15.49 27.77 37.18
C ASP A 364 -15.24 28.79 38.29
N GLY A 365 -15.69 30.03 38.11
CA GLY A 365 -15.50 31.08 39.09
C GLY A 365 -14.04 31.47 39.35
N VAL A 366 -13.21 31.35 38.31
CA VAL A 366 -11.77 31.61 38.46
C VAL A 366 -11.17 32.25 37.21
N ILE A 367 -10.27 33.21 37.43
CA ILE A 367 -9.54 33.88 36.36
C ILE A 367 -8.04 33.57 36.51
N PRO A 368 -7.41 32.96 35.48
CA PRO A 368 -5.96 32.68 35.60
C PRO A 368 -5.13 33.96 35.71
N PRO A 369 -3.86 33.82 36.16
CA PRO A 369 -3.03 35.03 36.20
C PRO A 369 -2.66 35.52 34.79
N THR A 370 -2.66 36.82 34.58
CA THR A 370 -2.03 37.38 33.38
C THR A 370 -0.52 37.26 33.58
N LEU A 371 0.16 36.41 32.80
CA LEU A 371 1.61 36.27 32.91
C LEU A 371 2.35 37.56 32.58
N ASN A 372 3.52 37.71 33.20
CA ASN A 372 4.46 38.78 32.88
C ASN A 372 4.04 40.19 33.30
N TYR A 373 2.97 40.28 34.09
CA TYR A 373 2.49 41.55 34.59
C TYR A 373 3.23 41.88 35.88
N GLU A 374 4.23 42.77 35.79
CA GLU A 374 5.16 43.00 36.91
C GLU A 374 5.31 44.47 37.30
N THR A 375 5.19 45.34 36.30
CA THR A 375 5.32 46.78 36.47
C THR A 375 4.07 47.51 35.95
N PRO A 376 3.11 47.76 36.84
CA PRO A 376 1.92 48.54 36.45
C PRO A 376 2.25 49.82 35.63
N ASP A 377 1.39 50.11 34.66
CA ASP A 377 1.57 51.25 33.76
C ASP A 377 0.51 52.29 34.11
N PRO A 378 0.94 53.49 34.59
CA PRO A 378 -0.02 54.47 35.11
C PRO A 378 -1.05 54.90 34.09
N GLU A 379 -0.74 54.72 32.80
CA GLU A 379 -1.74 54.98 31.77
C GLU A 379 -2.69 53.79 31.61
N ILE A 380 -2.35 52.64 32.19
CA ILE A 380 -3.26 51.50 32.25
C ILE A 380 -3.77 51.30 33.65
N ASP A 381 -4.85 51.99 33.99
CA ASP A 381 -5.29 51.90 35.35
C ASP A 381 -6.36 50.82 35.46
N LEU A 382 -5.95 49.55 35.34
CA LEU A 382 -6.90 48.43 35.32
C LEU A 382 -6.60 47.40 36.41
N ASP A 383 -7.63 46.70 36.87
CA ASP A 383 -7.47 45.62 37.84
C ASP A 383 -7.04 44.36 37.10
N VAL A 384 -5.77 44.31 36.72
CA VAL A 384 -5.26 43.20 35.94
C VAL A 384 -4.92 42.04 36.87
N VAL A 385 -5.56 40.89 36.64
CA VAL A 385 -5.33 39.69 37.44
C VAL A 385 -3.92 39.16 37.18
N ALA A 386 -3.11 39.11 38.23
CA ALA A 386 -1.73 38.67 38.13
C ALA A 386 -1.30 37.91 39.36
N GLY A 387 -0.24 37.12 39.22
CA GLY A 387 0.41 36.46 40.33
C GLY A 387 -0.15 35.07 40.53
N GLU A 388 -1.38 35.05 41.02
CA GLU A 388 -2.14 33.83 41.30
C GLU A 388 -3.54 33.99 40.70
N PRO A 389 -4.26 32.87 40.45
CA PRO A 389 -5.60 33.09 39.91
C PRO A 389 -6.47 33.91 40.85
N ARG A 390 -7.46 34.57 40.27
CA ARG A 390 -8.46 35.19 41.09
C ARG A 390 -9.82 34.49 41.09
N TYR A 391 -10.21 34.03 42.28
CA TYR A 391 -11.47 33.33 42.50
C TYR A 391 -12.53 34.32 42.89
N GLY A 392 -13.76 34.07 42.44
CA GLY A 392 -14.86 34.99 42.65
C GLY A 392 -16.14 34.46 42.04
N ASP A 393 -17.25 35.05 42.43
CA ASP A 393 -18.56 34.65 41.94
C ASP A 393 -18.87 35.47 40.69
N TYR A 394 -18.19 35.14 39.59
CA TYR A 394 -18.32 35.88 38.34
C TYR A 394 -19.63 35.49 37.71
N ARG A 395 -20.50 36.49 37.59
CA ARG A 395 -21.82 36.29 37.04
C ARG A 395 -21.93 36.81 35.60
N TYR A 396 -21.31 37.96 35.32
CA TYR A 396 -21.32 38.58 33.98
C TYR A 396 -19.92 39.02 33.55
N ALA A 397 -19.64 38.86 32.26
CA ALA A 397 -18.32 39.04 31.67
C ALA A 397 -18.40 39.54 30.21
N VAL A 398 -17.46 40.40 29.84
CA VAL A 398 -17.34 40.84 28.45
C VAL A 398 -16.02 40.36 27.86
N ASN A 399 -16.09 39.65 26.74
CA ASN A 399 -14.91 39.32 25.96
C ASN A 399 -14.77 40.34 24.83
N ASN A 400 -13.65 41.07 24.86
CA ASN A 400 -13.28 42.06 23.83
C ASN A 400 -12.38 41.49 22.74
N SER A 401 -12.57 41.95 21.50
CA SER A 401 -11.66 41.64 20.39
C SER A 401 -11.62 42.82 19.44
N PHE A 402 -10.44 43.15 18.92
CA PHE A 402 -10.31 44.27 17.99
C PHE A 402 -9.50 43.83 16.77
N GLY A 403 -9.65 44.53 15.64
CA GLY A 403 -8.96 44.11 14.45
C GLY A 403 -8.52 45.25 13.58
N PHE A 404 -7.35 45.10 12.95
CA PHE A 404 -6.90 45.99 11.86
C PHE A 404 -8.10 46.28 10.93
N GLY A 405 -8.25 47.55 10.56
CA GLY A 405 -9.43 48.05 9.86
C GLY A 405 -10.30 48.84 10.81
N GLY A 406 -10.04 48.73 12.11
CA GLY A 406 -10.74 49.50 13.13
C GLY A 406 -11.96 48.80 13.69
N HIS A 407 -11.90 47.48 13.74
CA HIS A 407 -13.07 46.66 14.09
C HIS A 407 -13.10 46.40 15.59
N ASN A 408 -14.27 46.60 16.19
CA ASN A 408 -14.46 46.43 17.62
C ASN A 408 -15.58 45.46 17.88
N VAL A 409 -15.27 44.32 18.51
CA VAL A 409 -16.29 43.31 18.87
C VAL A 409 -16.28 43.03 20.38
N ALA A 410 -17.45 43.14 21.01
CA ALA A 410 -17.58 42.71 22.41
C ALA A 410 -18.68 41.68 22.59
N LEU A 411 -18.40 40.64 23.37
CA LEU A 411 -19.38 39.58 23.64
C LEU A 411 -19.70 39.53 25.14
N ALA A 412 -20.96 39.77 25.49
CA ALA A 412 -21.45 39.68 26.85
C ALA A 412 -21.89 38.25 27.18
N PHE A 413 -21.18 37.61 28.10
CA PHE A 413 -21.49 36.25 28.54
C PHE A 413 -22.06 36.28 29.98
N GLY A 414 -22.80 35.24 30.34
CA GLY A 414 -23.32 35.09 31.70
C GLY A 414 -23.14 33.68 32.26
N ARG A 415 -22.87 33.62 33.54
CA ARG A 415 -22.80 32.33 34.19
C ARG A 415 -24.17 31.66 34.04
N TYR A 416 -24.18 30.36 33.82
CA TYR A 416 -25.46 29.66 33.71
C TYR A 416 -26.10 29.29 35.06
N SER B 2 -46.74 36.94 17.14
CA SER B 2 -46.16 37.22 15.83
C SER B 2 -44.67 37.61 15.91
N GLN B 3 -43.88 37.09 14.97
CA GLN B 3 -42.50 37.56 14.78
C GLN B 3 -42.57 38.82 13.92
N PRO B 4 -41.57 39.71 14.04
CA PRO B 4 -41.59 40.92 13.21
C PRO B 4 -41.44 40.64 11.69
N SER B 5 -42.10 41.48 10.89
CA SER B 5 -41.78 41.60 9.48
C SER B 5 -41.73 43.08 9.17
N THR B 6 -41.24 43.43 7.98
CA THR B 6 -41.32 44.80 7.48
C THR B 6 -42.81 45.21 7.37
N ALA B 7 -43.65 44.35 6.76
CA ALA B 7 -45.05 44.67 6.46
C ALA B 7 -45.94 44.96 7.68
N ASN B 8 -45.65 44.33 8.81
CA ASN B 8 -46.41 44.56 10.03
C ASN B 8 -45.77 45.63 10.94
N GLY B 9 -44.68 46.24 10.46
CA GLY B 9 -44.03 47.34 11.14
C GLY B 9 -43.10 46.89 12.26
N GLY B 10 -42.89 45.57 12.33
CA GLY B 10 -41.99 44.94 13.28
C GLY B 10 -40.53 45.30 13.05
N PHE B 11 -40.14 45.41 11.78
CA PHE B 11 -38.84 45.97 11.39
C PHE B 11 -39.01 47.40 10.87
N PRO B 12 -38.09 48.31 11.24
CA PRO B 12 -38.17 49.63 10.60
C PRO B 12 -38.08 49.53 9.06
N SER B 13 -38.70 50.48 8.39
CA SER B 13 -38.64 50.56 6.94
C SER B 13 -37.26 51.02 6.48
N VAL B 14 -36.69 50.34 5.49
CA VAL B 14 -35.34 50.61 4.99
C VAL B 14 -35.44 50.85 3.50
N VAL B 15 -34.86 51.94 3.03
CA VAL B 15 -34.93 52.30 1.62
C VAL B 15 -33.54 52.40 1.05
N VAL B 16 -33.46 52.28 -0.28
CA VAL B 16 -32.22 52.44 -1.01
C VAL B 16 -32.24 53.85 -1.58
N THR B 17 -31.29 54.69 -1.16
CA THR B 17 -31.28 56.10 -1.55
C THR B 17 -30.21 56.52 -2.59
N ALA B 18 -29.22 55.68 -2.86
CA ALA B 18 -28.20 55.97 -3.87
C ALA B 18 -27.59 54.65 -4.30
N VAL B 19 -27.10 54.59 -5.54
CA VAL B 19 -26.43 53.40 -6.06
C VAL B 19 -25.26 53.85 -6.90
N THR B 20 -24.22 53.03 -6.93
CA THR B 20 -23.07 53.26 -7.81
C THR B 20 -22.56 51.92 -8.31
N ALA B 21 -22.06 51.90 -9.55
CA ALA B 21 -21.42 50.69 -10.08
C ALA B 21 -20.47 51.01 -11.23
N THR B 22 -19.40 50.22 -11.30
CA THR B 22 -18.52 50.22 -12.46
C THR B 22 -18.56 48.83 -13.13
N THR B 23 -18.59 48.83 -14.45
CA THR B 23 -19.09 47.72 -15.25
C THR B 23 -18.29 47.59 -16.57
N SER B 24 -18.36 46.44 -17.25
CA SER B 24 -17.71 46.26 -18.56
C SER B 24 -18.37 47.09 -19.67
N ILE B 25 -19.56 47.60 -19.39
CA ILE B 25 -20.31 48.47 -20.30
C ILE B 25 -20.04 49.96 -20.08
N SER B 26 -19.99 50.39 -18.82
CA SER B 26 -19.80 51.79 -18.48
C SER B 26 -19.30 51.97 -17.04
N PRO B 27 -18.61 53.10 -16.78
CA PRO B 27 -18.23 53.52 -15.43
C PRO B 27 -19.40 54.05 -14.61
N ASP B 28 -20.50 54.40 -15.28
CA ASP B 28 -21.64 55.09 -14.67
C ASP B 28 -22.81 54.10 -14.67
N ILE B 29 -23.41 53.83 -13.50
CA ILE B 29 -24.58 52.93 -13.40
C ILE B 29 -25.78 53.29 -14.31
N GLU B 30 -26.14 54.57 -14.39
CA GLU B 30 -27.27 54.93 -15.24
C GLU B 30 -26.99 54.65 -16.74
N SER B 31 -25.71 54.79 -17.12
CA SER B 31 -25.28 54.50 -18.49
C SER B 31 -25.25 53.01 -18.76
N THR B 32 -24.75 52.25 -17.78
CA THR B 32 -24.78 50.81 -17.86
C THR B 32 -26.22 50.32 -18.07
N TRP B 33 -27.13 50.87 -17.26
CA TRP B 33 -28.55 50.54 -17.31
C TRP B 33 -29.19 50.78 -18.71
N LYS B 34 -29.02 51.99 -19.25
CA LYS B 34 -29.38 52.27 -20.64
C LYS B 34 -28.78 51.29 -21.64
N GLY B 35 -27.50 50.94 -21.45
CA GLY B 35 -26.82 49.92 -22.25
C GLY B 35 -27.45 48.52 -22.26
N LEU B 36 -27.75 48.02 -21.07
CA LEU B 36 -28.47 46.76 -20.87
C LEU B 36 -29.83 46.80 -21.57
N LEU B 37 -30.59 47.87 -21.35
CA LEU B 37 -31.89 48.00 -21.99
C LEU B 37 -31.76 48.05 -23.52
N ALA B 38 -30.64 48.56 -24.04
CA ALA B 38 -30.35 48.58 -25.48
C ALA B 38 -29.84 47.22 -26.02
N GLY B 39 -29.69 46.24 -25.14
CA GLY B 39 -29.33 44.90 -25.56
C GLY B 39 -27.83 44.74 -25.72
N GLU B 40 -27.08 45.67 -25.13
CA GLU B 40 -25.62 45.66 -25.16
C GLU B 40 -24.97 44.64 -24.22
N SER B 41 -23.88 44.06 -24.70
CA SER B 41 -23.05 43.14 -23.93
C SER B 41 -21.74 43.82 -23.59
N GLY B 42 -21.19 43.49 -22.42
CA GLY B 42 -19.91 44.03 -21.99
C GLY B 42 -18.76 43.13 -22.38
N ILE B 43 -19.08 41.96 -22.92
CA ILE B 43 -18.11 40.89 -23.08
C ILE B 43 -17.34 41.01 -24.42
N HIS B 44 -16.01 40.85 -24.39
CA HIS B 44 -15.14 41.02 -25.57
C HIS B 44 -14.04 39.97 -25.63
N ALA B 45 -13.16 40.05 -26.64
CA ALA B 45 -11.99 39.16 -26.75
C ALA B 45 -10.96 39.66 -25.79
N LEU B 46 -10.31 38.75 -25.07
CA LEU B 46 -9.14 39.11 -24.27
C LEU B 46 -7.95 39.45 -25.18
N GLU B 47 -7.33 40.57 -24.88
CA GLU B 47 -6.33 41.18 -25.74
C GLU B 47 -5.08 41.30 -24.90
N ASP B 48 -5.25 41.09 -23.60
CA ASP B 48 -4.11 40.96 -22.70
C ASP B 48 -3.15 39.96 -23.30
N GLU B 49 -1.89 40.33 -23.44
CA GLU B 49 -0.99 39.43 -24.14
C GLU B 49 -0.66 38.18 -23.35
N PHE B 50 -1.24 38.09 -22.14
CA PHE B 50 -1.14 36.90 -21.32
C PHE B 50 -1.96 35.74 -21.89
N VAL B 51 -2.83 36.03 -22.84
CA VAL B 51 -3.69 34.97 -23.32
C VAL B 51 -2.83 34.03 -24.10
N THR B 52 -1.96 34.59 -24.93
CA THR B 52 -1.06 33.73 -25.68
C THR B 52 0.19 33.44 -24.86
N LYS B 53 0.61 34.40 -24.04
CA LYS B 53 1.65 34.15 -23.05
C LYS B 53 1.33 32.88 -22.25
N TRP B 54 0.04 32.67 -21.96
CA TRP B 54 -0.38 31.55 -21.12
C TRP B 54 -1.14 30.46 -21.88
N ASP B 55 -1.39 30.69 -23.15
CA ASP B 55 -2.37 29.88 -23.88
C ASP B 55 -3.48 29.39 -22.93
N LEU B 56 -4.29 30.35 -22.50
CA LEU B 56 -5.48 30.09 -21.71
C LEU B 56 -6.57 29.46 -22.59
N ALA B 57 -7.32 28.53 -22.01
CA ALA B 57 -8.45 27.90 -22.72
C ALA B 57 -9.60 28.89 -22.86
N VAL B 58 -9.59 29.92 -22.01
CA VAL B 58 -10.56 31.01 -22.02
C VAL B 58 -9.92 32.30 -22.54
N LYS B 59 -10.51 32.85 -23.59
CA LYS B 59 -9.92 34.01 -24.26
C LYS B 59 -10.95 35.14 -24.39
N ILE B 60 -11.97 35.11 -23.54
CA ILE B 60 -13.02 36.13 -23.55
C ILE B 60 -13.31 36.59 -22.11
N GLY B 61 -13.89 37.78 -21.98
CA GLY B 61 -14.29 38.35 -20.70
C GLY B 61 -14.63 39.81 -20.92
N GLY B 62 -15.16 40.50 -19.92
CA GLY B 62 -15.30 41.94 -20.00
C GLY B 62 -14.46 42.71 -18.98
N HIS B 63 -13.44 43.43 -19.45
CA HIS B 63 -12.73 44.36 -18.56
C HIS B 63 -13.66 45.53 -18.30
N LEU B 64 -13.42 46.26 -17.23
CA LEU B 64 -14.14 47.50 -16.95
C LEU B 64 -13.95 48.45 -18.12
N LYS B 65 -15.03 49.10 -18.55
CA LYS B 65 -14.92 50.09 -19.60
C LYS B 65 -13.90 51.19 -19.21
N ASP B 66 -13.98 51.64 -17.95
CA ASP B 66 -13.09 52.67 -17.39
C ASP B 66 -12.28 52.06 -16.23
N PRO B 67 -10.99 51.74 -16.47
CA PRO B 67 -10.15 51.03 -15.50
C PRO B 67 -10.11 51.82 -14.22
N VAL B 68 -10.21 51.12 -13.08
CA VAL B 68 -10.09 51.74 -11.77
C VAL B 68 -8.81 52.58 -11.65
N ASP B 69 -7.69 52.07 -12.16
CA ASP B 69 -6.41 52.71 -11.88
C ASP B 69 -6.11 53.98 -12.67
N SER B 70 -6.97 54.33 -13.62
CA SER B 70 -6.81 55.60 -14.29
C SER B 70 -7.22 56.74 -13.36
N HIS B 71 -7.79 56.41 -12.20
CA HIS B 71 -8.26 57.38 -11.22
C HIS B 71 -7.37 57.37 -10.01
N MET B 72 -6.28 56.62 -10.09
CA MET B 72 -5.42 56.41 -8.94
C MET B 72 -4.02 57.00 -9.13
N GLY B 73 -3.58 57.79 -8.16
CA GLY B 73 -2.26 58.39 -8.18
C GLY B 73 -1.21 57.48 -7.56
N ARG B 74 0.02 57.97 -7.50
CA ARG B 74 1.14 57.19 -6.98
C ARG B 74 0.88 56.66 -5.59
N LEU B 75 0.29 57.52 -4.74
CA LEU B 75 0.11 57.23 -3.32
C LEU B 75 -0.87 56.07 -3.17
N ASP B 76 -1.98 56.16 -3.87
CA ASP B 76 -2.99 55.14 -3.80
C ASP B 76 -2.51 53.83 -4.40
N MET B 77 -1.71 53.93 -5.45
CA MET B 77 -1.06 52.76 -6.04
C MET B 77 -0.12 52.05 -5.07
N ARG B 78 0.44 52.80 -4.12
CA ARG B 78 1.41 52.29 -3.15
C ARG B 78 0.83 51.66 -1.87
N ARG B 79 -0.27 52.22 -1.36
CA ARG B 79 -0.82 51.86 -0.05
C ARG B 79 -2.11 51.02 -0.08
N MET B 80 -2.64 50.78 -1.27
CA MET B 80 -3.88 50.04 -1.39
C MET B 80 -3.74 48.88 -2.35
N SER B 81 -4.41 47.78 -2.03
CA SER B 81 -4.60 46.71 -2.98
C SER B 81 -5.69 47.13 -3.97
N TYR B 82 -5.88 46.32 -5.01
CA TYR B 82 -6.77 46.70 -6.09
C TYR B 82 -8.19 46.87 -5.61
N VAL B 83 -8.67 45.94 -4.79
CA VAL B 83 -10.06 46.00 -4.31
C VAL B 83 -10.30 47.21 -3.37
N GLN B 84 -9.25 47.59 -2.64
CA GLN B 84 -9.27 48.81 -1.85
C GLN B 84 -9.35 50.03 -2.73
N ARG B 85 -8.55 50.08 -3.80
CA ARG B 85 -8.66 51.18 -4.76
C ARG B 85 -10.04 51.27 -5.39
N MET B 86 -10.58 50.14 -5.86
CA MET B 86 -11.98 50.09 -6.32
C MET B 86 -13.00 50.61 -5.29
N GLY B 87 -12.84 50.24 -4.04
CA GLY B 87 -13.79 50.59 -3.00
C GLY B 87 -13.76 52.08 -2.73
N LYS B 88 -12.54 52.63 -2.65
CA LYS B 88 -12.34 54.05 -2.41
C LYS B 88 -13.01 54.81 -3.54
N LEU B 89 -12.70 54.42 -4.78
CA LEU B 89 -13.33 54.99 -5.95
C LEU B 89 -14.88 55.00 -5.85
N LEU B 90 -15.49 53.82 -5.74
CA LEU B 90 -16.96 53.70 -5.64
C LEU B 90 -17.55 54.36 -4.40
N GLY B 91 -16.81 54.28 -3.28
CA GLY B 91 -17.21 54.92 -2.03
C GLY B 91 -17.41 56.42 -2.20
N GLY B 92 -16.44 57.09 -2.82
CA GLY B 92 -16.52 58.53 -3.03
C GLY B 92 -17.58 58.91 -4.05
N GLN B 93 -17.72 58.07 -5.07
CA GLN B 93 -18.73 58.30 -6.08
C GLN B 93 -20.12 58.17 -5.49
N LEU B 94 -20.33 57.17 -4.64
CA LEU B 94 -21.65 56.93 -4.05
C LEU B 94 -22.01 58.10 -3.15
N TRP B 95 -21.09 58.48 -2.27
CA TRP B 95 -21.37 59.56 -1.34
C TRP B 95 -21.75 60.87 -2.05
N GLU B 96 -21.00 61.20 -3.10
CA GLU B 96 -21.28 62.35 -3.94
C GLU B 96 -22.67 62.24 -4.58
N SER B 97 -23.04 61.05 -5.07
CA SER B 97 -24.38 60.80 -5.61
C SER B 97 -25.48 60.97 -4.58
N ALA B 98 -25.17 60.66 -3.33
CA ALA B 98 -26.11 60.77 -2.24
C ALA B 98 -26.22 62.22 -1.73
N GLY B 99 -25.45 63.11 -2.33
CA GLY B 99 -25.46 64.52 -1.97
C GLY B 99 -24.56 64.80 -0.78
N SER B 100 -23.54 63.97 -0.61
CA SER B 100 -22.53 64.12 0.45
C SER B 100 -23.16 64.42 1.80
N PRO B 101 -24.10 63.56 2.24
CA PRO B 101 -24.85 63.85 3.47
C PRO B 101 -23.94 63.88 4.70
N GLU B 102 -24.28 64.74 5.66
CA GLU B 102 -23.67 64.76 6.98
C GLU B 102 -24.49 63.82 7.82
N VAL B 103 -24.00 62.61 8.04
CA VAL B 103 -24.73 61.66 8.89
C VAL B 103 -24.02 61.50 10.24
N ASP B 104 -24.70 60.86 11.18
CA ASP B 104 -24.09 60.56 12.45
C ASP B 104 -23.13 59.36 12.30
N PRO B 105 -21.82 59.57 12.53
CA PRO B 105 -20.87 58.49 12.25
C PRO B 105 -21.10 57.29 13.17
N ASP B 106 -21.69 57.54 14.34
CA ASP B 106 -21.97 56.52 15.33
C ASP B 106 -23.23 55.72 15.00
N ARG B 107 -23.95 56.17 13.97
CA ARG B 107 -25.09 55.41 13.45
C ARG B 107 -24.88 55.02 11.97
N PHE B 108 -23.63 55.07 11.50
CA PHE B 108 -23.30 54.79 10.09
C PHE B 108 -22.40 53.58 9.95
N ALA B 109 -22.89 52.56 9.24
CA ALA B 109 -22.16 51.30 9.07
C ALA B 109 -21.73 51.06 7.61
N VAL B 110 -20.73 50.20 7.41
CA VAL B 110 -20.29 49.76 6.09
C VAL B 110 -20.27 48.23 6.04
N VAL B 111 -20.90 47.62 5.04
CA VAL B 111 -20.76 46.18 4.85
C VAL B 111 -20.45 45.93 3.39
N VAL B 112 -19.20 45.57 3.11
CA VAL B 112 -18.75 45.32 1.75
C VAL B 112 -18.09 43.94 1.63
N GLY B 113 -18.67 43.05 0.84
CA GLY B 113 -18.05 41.76 0.58
C GLY B 113 -17.07 41.77 -0.58
N THR B 114 -16.26 40.71 -0.65
CA THR B 114 -15.37 40.46 -1.78
C THR B 114 -15.06 38.97 -1.74
N GLY B 115 -14.56 38.41 -2.84
CA GLY B 115 -14.24 36.98 -2.90
C GLY B 115 -12.97 36.56 -2.18
N LEU B 116 -11.94 37.38 -2.28
CA LEU B 116 -10.61 37.03 -1.76
C LEU B 116 -9.86 38.13 -0.95
N GLY B 117 -9.84 39.37 -1.45
CA GLY B 117 -9.02 40.42 -0.85
C GLY B 117 -7.85 40.85 -1.74
N GLY B 118 -6.82 41.42 -1.14
CA GLY B 118 -5.72 42.01 -1.90
C GLY B 118 -4.69 40.94 -2.20
N ALA B 119 -5.11 39.88 -2.89
CA ALA B 119 -4.30 38.69 -3.03
C ALA B 119 -3.07 38.92 -3.88
N GLU B 120 -3.11 39.98 -4.68
CA GLU B 120 -1.95 40.33 -5.51
C GLU B 120 -0.78 40.86 -4.67
N ARG B 121 -1.07 41.37 -3.47
CA ARG B 121 -0.04 41.79 -2.52
C ARG B 121 0.51 40.59 -1.74
N ILE B 122 -0.24 39.48 -1.69
CA ILE B 122 0.30 38.22 -1.14
C ILE B 122 1.45 37.69 -2.01
N VAL B 123 1.18 37.54 -3.30
CA VAL B 123 2.19 37.11 -4.27
C VAL B 123 3.33 38.13 -4.45
N GLU B 124 2.99 39.41 -4.48
CA GLU B 124 4.02 40.45 -4.45
C GLU B 124 4.98 40.32 -3.25
N SER B 125 4.43 40.19 -2.04
CA SER B 125 5.23 40.12 -0.81
C SER B 125 6.08 38.86 -0.72
N TYR B 126 5.53 37.76 -1.26
CA TYR B 126 6.18 36.45 -1.32
C TYR B 126 7.43 36.51 -2.20
N ASP B 127 7.25 37.06 -3.41
CA ASP B 127 8.34 37.28 -4.37
C ASP B 127 9.41 38.18 -3.78
N LEU B 128 8.97 39.29 -3.19
CA LEU B 128 9.85 40.24 -2.54
C LEU B 128 10.71 39.56 -1.47
N MET B 129 10.08 38.76 -0.63
CA MET B 129 10.80 38.19 0.50
C MET B 129 11.75 37.12 0.02
N ASN B 130 11.30 36.34 -0.97
CA ASN B 130 12.13 35.29 -1.56
C ASN B 130 13.44 35.85 -2.16
N ALA B 131 13.32 36.98 -2.84
CA ALA B 131 14.44 37.66 -3.50
C ALA B 131 15.33 38.54 -2.62
N GLY B 132 14.80 39.11 -1.53
CA GLY B 132 15.54 40.08 -0.75
C GLY B 132 15.43 40.02 0.76
N GLY B 133 14.74 39.01 1.28
CA GLY B 133 14.57 38.83 2.72
C GLY B 133 13.35 39.52 3.32
N PRO B 134 13.11 39.31 4.63
CA PRO B 134 11.91 39.78 5.34
C PRO B 134 11.72 41.30 5.31
N ARG B 135 12.80 42.05 5.13
CA ARG B 135 12.74 43.50 5.21
C ARG B 135 12.30 44.14 3.89
N LYS B 136 12.14 43.33 2.85
CA LYS B 136 11.53 43.75 1.58
C LYS B 136 9.99 43.71 1.63
N VAL B 137 9.43 43.16 2.70
CA VAL B 137 7.99 43.17 2.89
C VAL B 137 7.56 44.52 3.46
N SER B 138 6.63 45.16 2.78
CA SER B 138 6.14 46.46 3.20
C SER B 138 5.41 46.43 4.55
N PRO B 139 5.55 47.50 5.34
CA PRO B 139 4.76 47.73 6.56
C PRO B 139 3.27 47.83 6.25
N LEU B 140 2.97 48.08 4.98
CA LEU B 140 1.60 48.24 4.51
C LEU B 140 0.98 46.92 4.01
N ALA B 141 1.76 45.85 3.94
CA ALA B 141 1.25 44.64 3.31
C ALA B 141 0.08 43.98 4.03
N VAL B 142 0.13 43.86 5.35
CA VAL B 142 -0.98 43.21 6.06
C VAL B 142 -2.31 43.92 5.77
N GLN B 143 -2.37 45.24 5.98
CA GLN B 143 -3.61 46.00 5.72
C GLN B 143 -4.09 46.02 4.25
N MET B 144 -3.18 45.78 3.31
CA MET B 144 -3.60 45.64 1.93
C MET B 144 -4.15 44.25 1.63
N ILE B 145 -3.59 43.26 2.31
CA ILE B 145 -3.87 41.84 2.00
C ILE B 145 -5.19 41.40 2.62
N MET B 146 -5.41 41.79 3.87
CA MET B 146 -6.58 41.34 4.65
C MET B 146 -7.89 41.56 3.89
N PRO B 147 -8.72 40.51 3.83
CA PRO B 147 -9.93 40.52 3.03
C PRO B 147 -10.93 41.60 3.45
N ASN B 148 -10.88 42.01 4.72
CA ASN B 148 -11.61 43.17 5.22
C ASN B 148 -11.03 44.54 4.77
N GLY B 149 -9.93 44.55 4.04
CA GLY B 149 -9.29 45.77 3.59
C GLY B 149 -10.17 46.78 2.86
N ALA B 150 -10.97 46.32 1.91
CA ALA B 150 -11.77 47.23 1.11
C ALA B 150 -12.85 47.87 1.94
N ALA B 151 -13.56 47.09 2.75
CA ALA B 151 -14.61 47.63 3.63
C ALA B 151 -14.02 48.65 4.59
N ALA B 152 -12.85 48.32 5.16
CA ALA B 152 -12.14 49.22 6.08
C ALA B 152 -11.70 50.54 5.43
N VAL B 153 -11.20 50.50 4.19
CA VAL B 153 -10.86 51.71 3.45
C VAL B 153 -12.09 52.64 3.28
N ILE B 154 -13.24 52.07 2.90
CA ILE B 154 -14.48 52.81 2.72
C ILE B 154 -15.00 53.33 4.05
N GLY B 155 -14.94 52.50 5.08
CA GLY B 155 -15.35 52.94 6.41
C GLY B 155 -14.50 54.09 6.93
N LEU B 156 -13.18 54.03 6.71
CA LEU B 156 -12.27 55.10 7.08
C LEU B 156 -12.47 56.36 6.21
N GLN B 157 -12.67 56.15 4.91
CA GLN B 157 -12.95 57.23 3.96
C GLN B 157 -14.22 58.00 4.31
N LEU B 158 -15.28 57.29 4.67
CA LEU B 158 -16.61 57.90 4.79
C LEU B 158 -16.98 58.27 6.21
N GLY B 159 -16.29 57.66 7.17
CA GLY B 159 -16.43 58.01 8.55
C GLY B 159 -17.42 57.14 9.27
N ALA B 160 -17.43 55.84 8.96
CA ALA B 160 -18.42 54.91 9.51
C ALA B 160 -17.95 54.35 10.85
N ARG B 161 -18.73 54.56 11.90
CA ARG B 161 -18.30 54.15 13.24
C ARG B 161 -19.29 53.20 13.94
N ALA B 162 -20.33 52.81 13.21
CA ALA B 162 -21.31 51.83 13.70
C ALA B 162 -21.06 50.40 13.16
N GLY B 163 -19.83 50.11 12.75
CA GLY B 163 -19.49 48.79 12.29
C GLY B 163 -19.09 48.77 10.83
N VAL B 164 -18.02 48.02 10.56
CA VAL B 164 -17.50 47.77 9.22
C VAL B 164 -17.34 46.26 9.07
N MET B 165 -18.15 45.64 8.20
CA MET B 165 -18.17 44.18 8.06
C MET B 165 -17.86 43.73 6.65
N THR B 166 -17.27 42.54 6.56
CA THR B 166 -16.95 41.87 5.31
C THR B 166 -17.40 40.42 5.48
N PRO B 167 -18.62 40.08 4.97
CA PRO B 167 -19.00 38.66 4.85
C PRO B 167 -18.34 38.08 3.61
N VAL B 168 -17.71 36.91 3.73
CA VAL B 168 -17.14 36.26 2.56
C VAL B 168 -17.92 34.97 2.31
N SER B 169 -18.52 34.88 1.12
CA SER B 169 -19.30 33.71 0.71
C SER B 169 -19.13 33.48 -0.78
N ALA B 170 -17.91 33.76 -1.25
CA ALA B 170 -17.56 33.51 -2.64
C ALA B 170 -18.49 34.35 -3.56
N GLN B 171 -19.13 33.71 -4.54
CA GLN B 171 -19.95 34.43 -5.51
C GLN B 171 -21.26 35.06 -4.98
N SER B 172 -21.64 34.77 -3.74
CA SER B 172 -22.75 35.49 -3.11
C SER B 172 -22.35 36.61 -2.14
N SER B 173 -21.05 36.91 -2.04
CA SER B 173 -20.54 37.86 -1.05
C SER B 173 -21.19 39.26 -1.13
N GLY B 174 -21.38 39.75 -2.36
CA GLY B 174 -21.92 41.07 -2.62
C GLY B 174 -23.35 41.24 -2.16
N SER B 175 -24.17 40.20 -2.35
CA SER B 175 -25.54 40.15 -1.84
C SER B 175 -25.59 39.96 -0.33
N GLU B 176 -24.69 39.12 0.20
CA GLU B 176 -24.68 38.85 1.64
C GLU B 176 -24.36 40.15 2.38
N ALA B 177 -23.43 40.92 1.84
CA ALA B 177 -23.06 42.20 2.43
C ALA B 177 -24.31 43.07 2.63
N ILE B 178 -25.19 43.09 1.63
CA ILE B 178 -26.41 43.90 1.69
C ILE B 178 -27.38 43.32 2.73
N ALA B 179 -27.47 41.99 2.78
CA ALA B 179 -28.27 41.29 3.80
C ALA B 179 -27.86 41.70 5.21
N HIS B 180 -26.56 41.66 5.47
CA HIS B 180 -26.05 42.03 6.80
C HIS B 180 -26.22 43.52 7.15
N ALA B 181 -26.13 44.41 6.16
CA ALA B 181 -26.36 45.84 6.37
C ALA B 181 -27.82 46.10 6.70
N TRP B 182 -28.73 45.44 5.99
CA TRP B 182 -30.12 45.43 6.40
C TRP B 182 -30.28 44.97 7.85
N ARG B 183 -29.68 43.83 8.23
CA ARG B 183 -29.77 43.31 9.60
C ARG B 183 -29.29 44.35 10.64
N GLN B 184 -28.16 44.99 10.36
CA GLN B 184 -27.57 46.00 11.26
C GLN B 184 -28.49 47.23 11.46
N ILE B 185 -29.19 47.66 10.41
CA ILE B 185 -30.17 48.73 10.55
C ILE B 185 -31.46 48.28 11.28
N VAL B 186 -32.06 47.16 10.85
CA VAL B 186 -33.28 46.67 11.51
C VAL B 186 -33.09 46.19 12.97
N MET B 187 -31.91 45.68 13.32
CA MET B 187 -31.60 45.35 14.71
C MET B 187 -31.33 46.58 15.60
N GLY B 188 -31.21 47.77 14.99
CA GLY B 188 -30.97 49.00 15.73
C GLY B 188 -29.52 49.45 15.95
N ASP B 189 -28.59 48.89 15.20
CA ASP B 189 -27.17 49.23 15.38
C ASP B 189 -26.72 50.40 14.49
N ALA B 190 -27.48 50.69 13.44
CA ALA B 190 -27.14 51.74 12.48
C ALA B 190 -28.43 52.28 11.86
N ASP B 191 -28.39 53.51 11.35
CA ASP B 191 -29.56 54.11 10.66
C ASP B 191 -29.28 54.24 9.19
N VAL B 192 -28.01 54.11 8.85
CA VAL B 192 -27.59 54.29 7.48
C VAL B 192 -26.36 53.37 7.23
N ALA B 193 -26.28 52.79 6.03
CA ALA B 193 -25.20 51.87 5.65
C ALA B 193 -24.83 51.92 4.16
N VAL B 194 -23.54 52.03 3.92
CA VAL B 194 -22.96 51.77 2.60
C VAL B 194 -22.65 50.26 2.50
N CYS B 195 -23.17 49.59 1.46
CA CYS B 195 -23.05 48.14 1.30
C CYS B 195 -22.98 47.65 -0.17
N GLY B 196 -22.31 46.53 -0.40
CA GLY B 196 -22.19 46.05 -1.76
C GLY B 196 -21.00 45.14 -1.79
N GLY B 197 -20.27 45.14 -2.92
CA GLY B 197 -19.18 44.21 -3.13
C GLY B 197 -18.21 44.74 -4.16
N VAL B 198 -16.94 44.37 -3.99
CA VAL B 198 -15.88 44.73 -4.91
C VAL B 198 -15.13 43.46 -5.29
N GLU B 199 -14.43 43.46 -6.42
CA GLU B 199 -13.66 42.29 -6.86
C GLU B 199 -12.51 42.72 -7.75
N GLY B 200 -11.50 41.86 -7.84
CA GLY B 200 -10.32 42.12 -8.66
C GLY B 200 -10.59 41.99 -10.15
N PRO B 201 -9.60 42.35 -10.98
CA PRO B 201 -9.80 42.38 -12.43
C PRO B 201 -9.58 40.98 -13.00
N ILE B 202 -9.89 40.77 -14.27
CA ILE B 202 -9.56 39.52 -14.91
C ILE B 202 -8.03 39.36 -15.00
N GLU B 203 -7.50 38.27 -14.44
CA GLU B 203 -6.07 37.98 -14.53
CA GLU B 203 -6.07 37.98 -14.45
C GLU B 203 -5.82 36.52 -14.83
N ALA B 204 -4.61 36.20 -15.27
CA ALA B 204 -4.24 34.85 -15.74
C ALA B 204 -4.50 33.71 -14.73
N LEU B 205 -4.08 33.91 -13.49
CA LEU B 205 -4.20 32.88 -12.45
C LEU B 205 -5.66 32.52 -12.02
N PRO B 206 -6.52 33.54 -11.74
CA PRO B 206 -7.96 33.29 -11.62
C PRO B 206 -8.61 32.56 -12.82
N ILE B 207 -8.32 32.96 -14.07
CA ILE B 207 -8.79 32.17 -15.23
C ILE B 207 -8.34 30.69 -15.15
N ALA B 208 -7.05 30.47 -14.90
CA ALA B 208 -6.49 29.10 -14.79
C ALA B 208 -7.20 28.24 -13.76
N ALA B 209 -7.38 28.80 -12.56
CA ALA B 209 -8.04 28.12 -11.43
C ALA B 209 -9.52 27.78 -11.72
N PHE B 210 -10.25 28.73 -12.28
CA PHE B 210 -11.66 28.52 -12.59
C PHE B 210 -11.82 27.71 -13.84
N SER B 211 -10.93 27.89 -14.82
CA SER B 211 -11.03 27.09 -16.03
C SER B 211 -10.61 25.61 -15.83
N MET B 212 -9.74 25.33 -14.85
CA MET B 212 -9.45 23.94 -14.48
C MET B 212 -10.60 23.22 -13.76
N MET B 213 -11.60 23.97 -13.36
CA MET B 213 -12.84 23.40 -12.80
C MET B 213 -13.86 23.15 -13.92
N ARG B 214 -13.49 23.51 -15.15
CA ARG B 214 -14.36 23.41 -16.33
CA ARG B 214 -14.38 23.39 -16.31
C ARG B 214 -15.67 24.17 -16.14
N ALA B 215 -15.61 25.24 -15.34
CA ALA B 215 -16.79 26.00 -14.94
C ALA B 215 -17.10 27.11 -15.94
N MET B 216 -16.09 27.45 -16.75
CA MET B 216 -16.12 28.62 -17.61
C MET B 216 -16.48 28.28 -19.06
N SER B 217 -17.22 29.18 -19.71
CA SER B 217 -17.42 29.07 -21.15
C SER B 217 -16.13 29.15 -21.96
N THR B 218 -16.04 28.32 -22.99
CA THR B 218 -14.92 28.41 -23.94
C THR B 218 -15.43 28.69 -25.35
N ARG B 219 -16.57 29.39 -25.46
CA ARG B 219 -17.09 29.83 -26.76
C ARG B 219 -16.35 31.10 -27.23
N ASN B 220 -15.09 30.91 -27.61
CA ASN B 220 -14.12 31.99 -27.85
C ASN B 220 -14.31 32.81 -29.13
N ASP B 221 -14.94 32.21 -30.14
CA ASP B 221 -15.15 32.83 -31.45
C ASP B 221 -16.12 34.02 -31.40
N GLU B 222 -17.08 33.95 -30.48
CA GLU B 222 -18.15 34.94 -30.40
C GLU B 222 -18.39 35.35 -28.97
N PRO B 223 -17.56 36.29 -28.48
CA PRO B 223 -17.55 36.68 -27.07
C PRO B 223 -18.92 37.07 -26.53
N GLU B 224 -19.63 37.93 -27.26
CA GLU B 224 -20.96 38.40 -26.85
C GLU B 224 -22.03 37.30 -26.75
N ARG B 225 -21.77 36.13 -27.36
CA ARG B 225 -22.74 35.03 -27.37
C ARG B 225 -22.36 33.89 -26.41
N ALA B 226 -21.25 34.04 -25.70
CA ALA B 226 -20.78 32.98 -24.82
C ALA B 226 -21.64 32.78 -23.55
N SER B 227 -22.02 33.88 -22.90
CA SER B 227 -22.77 33.79 -21.63
C SER B 227 -24.28 33.55 -21.88
N ARG B 228 -24.73 32.32 -21.70
CA ARG B 228 -26.06 31.91 -22.13
C ARG B 228 -26.93 31.34 -21.00
N PRO B 229 -27.27 32.16 -19.97
CA PRO B 229 -28.03 31.59 -18.85
C PRO B 229 -29.43 31.07 -19.27
N PHE B 230 -29.75 29.87 -18.82
CA PHE B 230 -31.04 29.21 -19.06
C PHE B 230 -31.22 28.71 -20.50
N ASP B 231 -30.26 29.05 -21.35
CA ASP B 231 -30.23 28.58 -22.72
C ASP B 231 -29.77 27.11 -22.79
N LYS B 232 -30.33 26.38 -23.76
CA LYS B 232 -29.99 24.98 -23.94
C LYS B 232 -28.52 24.77 -24.28
N ASP B 233 -27.88 25.75 -24.92
CA ASP B 233 -26.48 25.60 -25.37
C ASP B 233 -25.41 26.24 -24.44
N ARG B 234 -25.79 26.58 -23.21
CA ARG B 234 -24.83 27.15 -22.27
C ARG B 234 -23.68 26.21 -21.96
N ASP B 235 -22.49 26.75 -21.74
CA ASP B 235 -21.33 25.92 -21.42
C ASP B 235 -20.48 26.54 -20.32
N GLY B 236 -21.13 27.27 -19.43
CA GLY B 236 -20.42 27.83 -18.31
C GLY B 236 -20.43 29.33 -18.30
N PHE B 237 -19.79 29.88 -17.28
CA PHE B 237 -19.80 31.32 -17.05
C PHE B 237 -18.67 32.11 -17.76
N VAL B 238 -18.88 33.42 -17.82
CA VAL B 238 -17.90 34.31 -18.41
C VAL B 238 -17.55 35.37 -17.36
N PHE B 239 -16.26 35.63 -17.15
CA PHE B 239 -15.89 36.77 -16.29
C PHE B 239 -16.28 38.13 -16.91
N GLY B 240 -16.95 38.98 -16.14
CA GLY B 240 -17.11 40.38 -16.51
C GLY B 240 -16.87 41.18 -15.25
N GLU B 241 -15.86 42.02 -15.27
CA GLU B 241 -15.48 42.84 -14.10
C GLU B 241 -16.54 43.83 -13.63
N ALA B 242 -16.58 44.08 -12.33
CA ALA B 242 -17.53 45.04 -11.77
C ALA B 242 -17.22 45.27 -10.30
N GLY B 243 -17.83 46.33 -9.78
CA GLY B 243 -17.92 46.61 -8.36
C GLY B 243 -19.17 47.46 -8.20
N ALA B 244 -19.84 47.37 -7.07
CA ALA B 244 -21.11 48.07 -6.89
C ALA B 244 -21.42 48.32 -5.43
N LEU B 245 -21.87 49.53 -5.10
CA LEU B 245 -22.30 49.85 -3.75
C LEU B 245 -23.70 50.46 -3.82
N MET B 246 -24.42 50.40 -2.70
CA MET B 246 -25.65 51.14 -2.54
C MET B 246 -25.68 51.77 -1.16
N LEU B 247 -26.41 52.87 -1.03
CA LEU B 247 -26.70 53.49 0.27
C LEU B 247 -28.11 53.10 0.71
N ILE B 248 -28.24 52.57 1.92
CA ILE B 248 -29.54 52.23 2.44
C ILE B 248 -29.64 52.95 3.77
N GLU B 249 -30.84 53.32 4.19
CA GLU B 249 -31.05 54.01 5.46
C GLU B 249 -32.51 53.80 5.84
N THR B 250 -32.84 54.06 7.10
CA THR B 250 -34.23 53.99 7.52
C THR B 250 -35.04 55.00 6.72
N GLU B 251 -36.31 54.71 6.50
CA GLU B 251 -37.15 55.65 5.78
C GLU B 251 -37.19 56.99 6.51
N GLU B 252 -37.19 56.96 7.84
CA GLU B 252 -37.14 58.17 8.70
C GLU B 252 -35.87 59.00 8.47
N HIS B 253 -34.72 58.34 8.43
CA HIS B 253 -33.46 59.01 8.15
C HIS B 253 -33.46 59.66 6.74
N ALA B 254 -33.86 58.90 5.74
CA ALA B 254 -34.00 59.45 4.39
C ALA B 254 -34.93 60.68 4.37
N LYS B 255 -36.10 60.60 5.01
CA LYS B 255 -37.07 61.71 5.00
C LYS B 255 -36.45 62.98 5.56
N ALA B 256 -35.80 62.84 6.71
CA ALA B 256 -35.13 63.92 7.43
C ALA B 256 -34.15 64.77 6.60
N ARG B 257 -33.43 64.13 5.68
CA ARG B 257 -32.46 64.82 4.85
C ARG B 257 -32.94 65.09 3.42
N GLY B 258 -34.19 64.76 3.12
CA GLY B 258 -34.74 65.02 1.80
C GLY B 258 -34.27 64.08 0.69
N ALA B 259 -33.88 62.86 1.06
CA ALA B 259 -33.43 61.87 0.09
C ALA B 259 -34.58 61.03 -0.48
N LYS B 260 -34.74 61.07 -1.80
CA LYS B 260 -35.76 60.29 -2.51
C LYS B 260 -35.34 58.82 -2.73
N PRO B 261 -36.07 57.87 -2.11
CA PRO B 261 -35.74 56.44 -2.22
C PRO B 261 -35.85 55.95 -3.64
N LEU B 262 -34.98 55.03 -4.03
CA LEU B 262 -35.02 54.39 -5.35
C LEU B 262 -35.80 53.08 -5.28
N ALA B 263 -35.89 52.52 -4.07
CA ALA B 263 -36.63 51.30 -3.80
C ALA B 263 -36.62 51.06 -2.32
N ARG B 264 -37.26 49.97 -1.89
CA ARG B 264 -37.27 49.55 -0.50
C ARG B 264 -36.47 48.25 -0.37
N LEU B 265 -35.71 48.09 0.71
CA LEU B 265 -35.05 46.81 0.98
C LEU B 265 -35.84 46.19 2.12
N LEU B 266 -36.61 45.13 1.83
CA LEU B 266 -37.62 44.62 2.73
C LEU B 266 -37.22 43.40 3.57
N GLY B 267 -36.25 42.63 3.12
CA GLY B 267 -35.99 41.37 3.79
C GLY B 267 -34.85 40.63 3.15
N ALA B 268 -34.24 39.72 3.90
CA ALA B 268 -33.08 38.97 3.42
C ALA B 268 -33.06 37.56 4.03
N GLY B 269 -32.76 36.57 3.20
CA GLY B 269 -32.66 35.19 3.66
C GLY B 269 -31.31 34.58 3.36
N ILE B 270 -30.69 33.96 4.37
CA ILE B 270 -29.40 33.28 4.18
C ILE B 270 -29.57 31.83 4.63
N THR B 271 -29.30 30.89 3.72
CA THR B 271 -29.33 29.47 4.05
C THR B 271 -28.09 28.78 3.45
N SER B 272 -27.97 27.47 3.67
CA SER B 272 -26.87 26.67 3.12
C SER B 272 -27.38 25.31 2.61
N ASP B 273 -26.66 24.70 1.67
CA ASP B 273 -27.04 23.41 1.04
C ASP B 273 -26.60 22.18 1.83
N ALA B 274 -25.50 22.29 2.56
CA ALA B 274 -24.72 21.12 2.97
C ALA B 274 -24.80 20.01 1.90
N PHE B 275 -24.43 20.35 0.67
CA PHE B 275 -24.34 19.34 -0.38
C PHE B 275 -22.93 19.18 -0.98
N HIS B 276 -22.38 20.23 -1.56
CA HIS B 276 -21.08 20.11 -2.16
C HIS B 276 -20.35 21.46 -2.07
N MET B 277 -19.03 21.43 -2.13
CA MET B 277 -18.23 22.64 -2.05
C MET B 277 -18.39 23.53 -3.29
N VAL B 278 -18.61 22.93 -4.46
CA VAL B 278 -18.54 23.70 -5.70
C VAL B 278 -19.65 23.37 -6.70
N ALA B 279 -20.70 22.75 -6.18
CA ALA B 279 -21.88 22.40 -6.96
C ALA B 279 -23.13 22.64 -6.10
N PRO B 280 -24.17 23.21 -6.69
CA PRO B 280 -25.42 23.46 -5.96
C PRO B 280 -26.23 22.18 -5.83
N ALA B 281 -27.00 22.05 -4.75
CA ALA B 281 -27.92 20.93 -4.60
C ALA B 281 -28.91 21.00 -5.75
N ALA B 282 -29.09 19.88 -6.44
CA ALA B 282 -29.93 19.85 -7.62
C ALA B 282 -31.37 20.22 -7.28
N ASP B 283 -31.83 19.83 -6.10
CA ASP B 283 -33.24 20.02 -5.72
C ASP B 283 -33.69 21.45 -5.50
N GLY B 284 -32.73 22.38 -5.39
CA GLY B 284 -33.03 23.80 -5.21
C GLY B 284 -33.78 24.08 -3.92
N VAL B 285 -33.85 23.10 -3.02
CA VAL B 285 -34.66 23.24 -1.79
C VAL B 285 -34.15 24.28 -0.79
N ARG B 286 -32.84 24.25 -0.48
CA ARG B 286 -32.30 25.21 0.47
C ARG B 286 -32.20 26.63 -0.12
N ALA B 287 -31.84 26.71 -1.41
CA ALA B 287 -31.86 27.97 -2.15
C ALA B 287 -33.25 28.60 -2.19
N GLY B 288 -34.26 27.78 -2.47
CA GLY B 288 -35.64 28.22 -2.41
C GLY B 288 -36.04 28.73 -1.03
N ARG B 289 -35.56 28.05 0.02
CA ARG B 289 -35.85 28.49 1.38
C ARG B 289 -35.24 29.86 1.69
N ALA B 290 -34.07 30.17 1.12
CA ALA B 290 -33.52 31.52 1.32
C ALA B 290 -34.44 32.56 0.69
N MET B 291 -34.97 32.29 -0.52
CA MET B 291 -36.01 33.17 -1.10
C MET B 291 -37.21 33.27 -0.15
N THR B 292 -37.72 32.13 0.30
CA THR B 292 -38.90 32.11 1.17
C THR B 292 -38.67 32.92 2.44
N ARG B 293 -37.53 32.70 3.09
CA ARG B 293 -37.12 33.50 4.27
C ARG B 293 -37.14 35.01 4.02
N SER B 294 -36.57 35.48 2.92
CA SER B 294 -36.64 36.91 2.62
C SER B 294 -38.09 37.41 2.51
N LEU B 295 -38.98 36.58 1.97
CA LEU B 295 -40.40 36.91 1.90
C LEU B 295 -41.07 36.97 3.27
N GLU B 296 -40.77 35.99 4.11
CA GLU B 296 -41.29 35.97 5.47
C GLU B 296 -40.97 37.26 6.17
N LEU B 297 -39.68 37.65 6.11
CA LEU B 297 -39.19 38.84 6.81
C LEU B 297 -39.72 40.12 6.18
N ALA B 298 -39.98 40.10 4.87
CA ALA B 298 -40.56 41.24 4.18
C ALA B 298 -42.06 41.38 4.51
N GLY B 299 -42.70 40.25 4.82
CA GLY B 299 -44.14 40.18 5.02
C GLY B 299 -44.90 39.96 3.73
N LEU B 300 -44.25 39.26 2.79
CA LEU B 300 -44.81 39.02 1.47
C LEU B 300 -45.17 37.55 1.27
N SER B 301 -45.96 37.26 0.24
CA SER B 301 -46.15 35.89 -0.22
C SER B 301 -45.56 35.69 -1.63
N PRO B 302 -45.33 34.44 -2.04
CA PRO B 302 -44.79 34.17 -3.38
C PRO B 302 -45.54 34.89 -4.52
N ALA B 303 -46.85 35.04 -4.36
CA ALA B 303 -47.66 35.71 -5.39
C ALA B 303 -47.31 37.18 -5.59
N ASP B 304 -46.71 37.80 -4.56
CA ASP B 304 -46.34 39.23 -4.56
C ASP B 304 -45.09 39.47 -5.39
N ILE B 305 -44.31 38.41 -5.63
CA ILE B 305 -43.05 38.52 -6.34
C ILE B 305 -43.27 38.57 -7.86
N ASP B 306 -43.04 39.77 -8.40
CA ASP B 306 -43.24 40.08 -9.81
C ASP B 306 -41.99 39.81 -10.63
N HIS B 307 -40.84 39.84 -10.00
CA HIS B 307 -39.58 39.72 -10.72
C HIS B 307 -38.58 38.95 -9.86
N VAL B 308 -37.83 38.03 -10.50
CA VAL B 308 -36.65 37.42 -9.90
C VAL B 308 -35.39 37.80 -10.70
N ASN B 309 -34.43 38.45 -10.04
CA ASN B 309 -33.13 38.66 -10.65
C ASN B 309 -32.26 37.42 -10.34
N ALA B 310 -32.06 36.59 -11.36
CA ALA B 310 -31.45 35.26 -11.20
C ALA B 310 -29.91 35.30 -11.11
N HIS B 311 -29.36 34.46 -10.25
CA HIS B 311 -27.91 34.35 -10.17
C HIS B 311 -27.43 33.96 -11.58
N GLY B 312 -28.12 33.00 -12.19
CA GLY B 312 -27.97 32.67 -13.62
C GLY B 312 -26.57 32.76 -14.18
N THR B 313 -25.70 31.84 -13.76
CA THR B 313 -24.30 31.82 -14.17
C THR B 313 -24.04 31.29 -15.58
N ALA B 314 -24.98 30.53 -16.13
CA ALA B 314 -24.89 29.87 -17.44
C ALA B 314 -24.12 28.56 -17.40
N THR B 315 -23.85 28.06 -16.20
CA THR B 315 -23.38 26.68 -16.06
C THR B 315 -24.59 25.78 -16.24
N PRO B 316 -24.36 24.60 -16.82
CA PRO B 316 -25.43 23.60 -16.91
C PRO B 316 -26.07 23.25 -15.55
N ILE B 317 -25.32 22.88 -14.52
CA ILE B 317 -26.01 22.42 -13.31
C ILE B 317 -26.53 23.57 -12.44
N GLY B 318 -25.85 24.71 -12.49
CA GLY B 318 -26.27 25.88 -11.73
C GLY B 318 -27.63 26.47 -12.14
N ASP B 319 -27.86 26.66 -13.43
CA ASP B 319 -29.16 27.20 -13.86
C ASP B 319 -30.30 26.22 -13.55
N ALA B 320 -30.03 24.92 -13.73
CA ALA B 320 -31.01 23.87 -13.45
C ALA B 320 -31.40 23.87 -11.98
N ALA B 321 -30.40 23.98 -11.09
CA ALA B 321 -30.64 24.05 -9.66
C ALA B 321 -31.46 25.30 -9.28
N GLU B 322 -31.10 26.45 -9.84
CA GLU B 322 -31.84 27.68 -9.55
C GLU B 322 -33.28 27.67 -10.04
N ALA B 323 -33.51 27.07 -11.21
CA ALA B 323 -34.86 26.92 -11.74
C ALA B 323 -35.68 26.07 -10.76
N ASN B 324 -35.08 25.02 -10.18
CA ASN B 324 -35.76 24.28 -9.11
C ASN B 324 -35.99 25.18 -7.88
N ALA B 325 -34.99 25.96 -7.50
CA ALA B 325 -35.13 26.82 -6.33
C ALA B 325 -36.29 27.78 -6.46
N ILE B 326 -36.38 28.43 -7.62
CA ILE B 326 -37.46 29.38 -7.91
C ILE B 326 -38.83 28.73 -7.82
N ARG B 327 -38.95 27.51 -8.33
CA ARG B 327 -40.21 26.78 -8.25
C ARG B 327 -40.53 26.42 -6.81
N VAL B 328 -39.55 25.86 -6.10
CA VAL B 328 -39.71 25.53 -4.69
C VAL B 328 -40.26 26.70 -3.90
N ALA B 329 -39.77 27.90 -4.23
CA ALA B 329 -40.12 29.12 -3.52
C ALA B 329 -41.48 29.64 -3.96
N GLY B 330 -42.03 29.04 -5.01
CA GLY B 330 -43.37 29.35 -5.49
C GLY B 330 -43.34 30.60 -6.33
N CYS B 331 -42.16 30.91 -6.87
CA CYS B 331 -41.95 32.17 -7.57
C CYS B 331 -41.75 31.95 -9.07
N ASP B 332 -42.15 30.79 -9.57
CA ASP B 332 -41.89 30.48 -10.98
C ASP B 332 -42.77 31.21 -12.02
N GLN B 333 -43.72 32.01 -11.55
CA GLN B 333 -44.55 32.77 -12.47
C GLN B 333 -43.97 34.16 -12.61
N ALA B 334 -42.98 34.50 -11.79
CA ALA B 334 -42.32 35.81 -11.91
C ALA B 334 -41.52 35.94 -13.22
N ALA B 335 -41.37 37.17 -13.71
CA ALA B 335 -40.50 37.51 -14.85
C ALA B 335 -39.03 37.49 -14.43
N VAL B 336 -38.24 36.70 -15.14
CA VAL B 336 -36.86 36.42 -14.76
C VAL B 336 -35.84 37.13 -15.68
N TYR B 337 -34.84 37.73 -15.05
CA TYR B 337 -33.70 38.32 -15.72
C TYR B 337 -32.43 37.60 -15.25
N ALA B 338 -31.55 37.29 -16.18
CA ALA B 338 -30.20 36.85 -15.85
C ALA B 338 -29.14 37.81 -16.43
N PRO B 339 -28.70 38.81 -15.62
CA PRO B 339 -27.78 39.89 -16.03
C PRO B 339 -26.39 39.43 -16.46
N LYS B 340 -25.92 38.29 -15.96
CA LYS B 340 -24.62 37.76 -16.36
C LYS B 340 -24.54 37.42 -17.85
N SER B 341 -25.70 37.32 -18.51
CA SER B 341 -25.73 37.18 -19.96
C SER B 341 -25.06 38.37 -20.70
N ALA B 342 -25.11 39.55 -20.08
CA ALA B 342 -24.60 40.78 -20.69
C ALA B 342 -23.38 41.30 -19.95
N LEU B 343 -23.39 41.15 -18.62
CA LEU B 343 -22.32 41.71 -17.77
C LEU B 343 -21.27 40.71 -17.30
N GLY B 344 -21.52 39.42 -17.52
CA GLY B 344 -20.63 38.38 -17.05
C GLY B 344 -20.65 38.29 -15.53
N HIS B 345 -19.70 37.52 -14.99
CA HIS B 345 -19.64 37.19 -13.56
C HIS B 345 -18.50 37.93 -12.87
N SER B 346 -18.82 38.80 -11.92
CA SER B 346 -17.79 39.47 -11.14
C SER B 346 -17.59 38.88 -9.73
N ILE B 347 -17.97 37.60 -9.56
CA ILE B 347 -17.65 36.82 -8.37
C ILE B 347 -18.13 37.54 -7.07
N GLY B 348 -17.20 38.05 -6.25
CA GLY B 348 -17.53 38.71 -4.99
C GLY B 348 -18.32 40.02 -5.11
N ALA B 349 -18.22 40.69 -6.25
CA ALA B 349 -18.99 41.92 -6.46
C ALA B 349 -20.39 41.66 -7.03
N VAL B 350 -20.56 40.52 -7.69
CA VAL B 350 -21.71 40.34 -8.60
C VAL B 350 -23.08 40.45 -7.93
N GLY B 351 -23.23 39.95 -6.70
CA GLY B 351 -24.53 39.96 -6.08
C GLY B 351 -24.93 41.38 -5.74
N ALA B 352 -23.94 42.23 -5.51
CA ALA B 352 -24.19 43.63 -5.22
C ALA B 352 -24.59 44.39 -6.48
N LEU B 353 -23.93 44.09 -7.60
CA LEU B 353 -24.27 44.67 -8.89
C LEU B 353 -25.71 44.31 -9.24
N GLU B 354 -26.04 43.04 -9.08
CA GLU B 354 -27.35 42.56 -9.45
C GLU B 354 -28.47 43.07 -8.51
N SER B 355 -28.11 43.39 -7.27
CA SER B 355 -29.04 44.03 -6.32
C SER B 355 -29.30 45.46 -6.77
N VAL B 356 -28.27 46.12 -7.27
CA VAL B 356 -28.46 47.44 -7.86
C VAL B 356 -29.43 47.39 -9.07
N LEU B 357 -29.23 46.40 -9.93
CA LEU B 357 -30.05 46.25 -11.13
C LEU B 357 -31.50 45.91 -10.76
N THR B 358 -31.69 45.15 -9.69
CA THR B 358 -33.03 44.89 -9.14
C THR B 358 -33.75 46.16 -8.68
N VAL B 359 -33.04 46.97 -7.89
CA VAL B 359 -33.52 48.30 -7.51
C VAL B 359 -33.99 49.15 -8.72
N LEU B 360 -33.16 49.24 -9.76
CA LEU B 360 -33.49 50.00 -10.96
C LEU B 360 -34.68 49.38 -11.70
N THR B 361 -34.81 48.05 -11.69
CA THR B 361 -35.96 47.43 -12.34
C THR B 361 -37.25 47.93 -11.70
N LEU B 362 -37.24 48.02 -10.36
CA LEU B 362 -38.40 48.48 -9.62
C LEU B 362 -38.67 49.98 -9.82
N ARG B 363 -37.59 50.75 -9.82
CA ARG B 363 -37.66 52.19 -10.06
C ARG B 363 -38.28 52.48 -11.42
N ASP B 364 -37.71 51.90 -12.47
CA ASP B 364 -38.08 52.23 -13.85
C ASP B 364 -39.14 51.35 -14.47
N GLY B 365 -39.59 50.33 -13.72
CA GLY B 365 -40.62 49.41 -14.20
C GLY B 365 -40.23 48.71 -15.48
N VAL B 366 -38.99 48.26 -15.57
CA VAL B 366 -38.53 47.56 -16.76
C VAL B 366 -37.44 46.52 -16.39
N ILE B 367 -37.44 45.41 -17.11
CA ILE B 367 -36.41 44.39 -17.01
C ILE B 367 -35.67 44.28 -18.34
N PRO B 368 -34.32 44.40 -18.33
CA PRO B 368 -33.61 44.28 -19.61
C PRO B 368 -33.75 42.89 -20.24
N PRO B 369 -33.36 42.72 -21.52
CA PRO B 369 -33.46 41.35 -22.03
C PRO B 369 -32.28 40.50 -21.58
N THR B 370 -32.55 39.24 -21.26
CA THR B 370 -31.49 38.25 -21.06
C THR B 370 -30.89 37.92 -22.43
N LEU B 371 -29.64 38.30 -22.64
CA LEU B 371 -28.95 38.03 -23.89
C LEU B 371 -28.75 36.53 -24.15
N ASN B 372 -28.76 36.17 -25.43
CA ASN B 372 -28.34 34.84 -25.87
C ASN B 372 -29.35 33.76 -25.61
N TYR B 373 -30.54 34.15 -25.18
CA TYR B 373 -31.57 33.18 -24.83
C TYR B 373 -32.32 32.73 -26.09
N GLU B 374 -31.71 31.83 -26.86
CA GLU B 374 -32.20 31.52 -28.19
C GLU B 374 -32.90 30.18 -28.32
N THR B 375 -32.59 29.25 -27.42
CA THR B 375 -33.18 27.93 -27.41
C THR B 375 -33.54 27.58 -25.96
N PRO B 376 -34.72 28.01 -25.50
CA PRO B 376 -35.04 27.68 -24.10
C PRO B 376 -34.73 26.22 -23.81
N ASP B 377 -34.01 26.00 -22.72
CA ASP B 377 -33.73 24.66 -22.21
C ASP B 377 -35.07 24.02 -21.89
N PRO B 378 -35.37 22.90 -22.56
CA PRO B 378 -36.63 22.18 -22.43
C PRO B 378 -36.93 21.84 -20.97
N GLU B 379 -35.86 21.60 -20.23
CA GLU B 379 -35.97 21.15 -18.85
C GLU B 379 -35.99 22.32 -17.88
N ILE B 380 -36.04 23.53 -18.40
CA ILE B 380 -36.18 24.72 -17.57
C ILE B 380 -37.33 25.55 -18.10
N ASP B 381 -38.36 25.69 -17.27
CA ASP B 381 -39.58 26.36 -17.66
C ASP B 381 -39.76 27.60 -16.81
N LEU B 382 -39.04 28.66 -17.18
CA LEU B 382 -39.12 29.91 -16.47
C LEU B 382 -39.51 30.99 -17.47
N ASP B 383 -40.05 32.09 -16.96
CA ASP B 383 -40.40 33.20 -17.84
C ASP B 383 -39.20 34.12 -17.91
N VAL B 384 -38.20 33.70 -18.68
CA VAL B 384 -36.99 34.51 -18.87
C VAL B 384 -37.26 35.63 -19.87
N VAL B 385 -37.04 36.86 -19.41
CA VAL B 385 -37.21 38.04 -20.24
C VAL B 385 -36.13 38.04 -21.32
N ALA B 386 -36.54 38.14 -22.59
CA ALA B 386 -35.58 38.10 -23.69
C ALA B 386 -36.05 38.90 -24.91
N GLY B 387 -35.13 39.17 -25.84
CA GLY B 387 -35.47 39.89 -27.05
C GLY B 387 -35.36 41.38 -26.84
N GLU B 388 -36.33 41.95 -26.12
CA GLU B 388 -36.35 43.39 -25.87
C GLU B 388 -36.66 43.60 -24.37
N PRO B 389 -36.34 44.80 -23.78
CA PRO B 389 -36.77 44.93 -22.39
C PRO B 389 -38.29 44.76 -22.21
N ARG B 390 -38.70 44.31 -21.03
CA ARG B 390 -40.13 44.20 -20.72
C ARG B 390 -40.58 45.26 -19.69
N TYR B 391 -41.36 46.23 -20.16
CA TYR B 391 -42.04 47.19 -19.31
C TYR B 391 -43.20 46.50 -18.62
N GLY B 392 -43.19 46.56 -17.29
CA GLY B 392 -44.14 45.84 -16.46
C GLY B 392 -44.31 46.48 -15.09
N ASP B 393 -45.43 46.17 -14.45
CA ASP B 393 -45.72 46.67 -13.11
C ASP B 393 -45.01 45.82 -12.04
N TYR B 394 -43.68 45.94 -11.91
CA TYR B 394 -42.95 45.18 -10.88
C TYR B 394 -42.99 45.89 -9.53
N ARG B 395 -43.81 45.34 -8.62
CA ARG B 395 -44.04 45.86 -7.28
C ARG B 395 -42.94 45.41 -6.35
N TYR B 396 -42.64 44.11 -6.44
CA TYR B 396 -41.68 43.44 -5.57
C TYR B 396 -40.79 42.47 -6.36
N ALA B 397 -39.56 42.33 -5.91
CA ALA B 397 -38.58 41.53 -6.63
C ALA B 397 -37.70 40.77 -5.65
N VAL B 398 -37.21 39.62 -6.07
CA VAL B 398 -36.19 38.92 -5.29
C VAL B 398 -34.92 38.84 -6.12
N ASN B 399 -33.81 39.31 -5.57
CA ASN B 399 -32.48 39.05 -6.13
C ASN B 399 -31.80 37.83 -5.49
N ASN B 400 -31.51 36.80 -6.29
CA ASN B 400 -30.77 35.61 -5.84
C ASN B 400 -29.29 35.71 -6.07
N SER B 401 -28.49 35.23 -5.11
CA SER B 401 -27.04 35.02 -5.30
C SER B 401 -26.64 33.72 -4.63
N PHE B 402 -25.68 33.01 -5.20
CA PHE B 402 -25.25 31.72 -4.67
C PHE B 402 -23.72 31.67 -4.72
N GLY B 403 -23.11 30.90 -3.84
CA GLY B 403 -21.65 30.84 -3.81
C GLY B 403 -21.07 29.49 -3.45
N PHE B 404 -19.90 29.19 -4.03
CA PHE B 404 -19.12 28.01 -3.66
C PHE B 404 -19.08 27.93 -2.15
N GLY B 405 -19.33 26.74 -1.62
CA GLY B 405 -19.41 26.56 -0.20
C GLY B 405 -20.82 26.12 0.13
N GLY B 406 -21.73 26.32 -0.82
CA GLY B 406 -23.14 26.05 -0.63
C GLY B 406 -23.98 27.17 -0.04
N HIS B 407 -23.58 28.42 -0.30
CA HIS B 407 -24.27 29.59 0.21
C HIS B 407 -25.45 30.07 -0.65
N ASN B 408 -26.57 30.36 0.02
CA ASN B 408 -27.78 30.88 -0.62
C ASN B 408 -28.20 32.18 0.05
N VAL B 409 -28.21 33.26 -0.72
CA VAL B 409 -28.66 34.58 -0.25
C VAL B 409 -29.77 35.09 -1.18
N ALA B 410 -30.90 35.48 -0.61
CA ALA B 410 -31.98 36.11 -1.37
C ALA B 410 -32.31 37.44 -0.73
N LEU B 411 -32.40 38.49 -1.56
CA LEU B 411 -32.78 39.82 -1.09
C LEU B 411 -34.17 40.13 -1.65
N ALA B 412 -35.08 40.53 -0.78
CA ALA B 412 -36.42 40.93 -1.20
C ALA B 412 -36.50 42.49 -1.33
N PHE B 413 -36.76 42.98 -2.55
CA PHE B 413 -36.84 44.42 -2.81
C PHE B 413 -38.26 44.84 -3.16
N GLY B 414 -38.59 46.09 -2.83
CA GLY B 414 -39.90 46.63 -3.17
C GLY B 414 -39.76 47.98 -3.87
N ARG B 415 -40.67 48.24 -4.81
CA ARG B 415 -40.81 49.57 -5.41
C ARG B 415 -41.15 50.62 -4.35
N TYR B 416 -40.58 51.81 -4.45
CA TYR B 416 -40.95 52.86 -3.52
C TYR B 416 -42.12 53.64 -4.09
N SER C 2 -11.18 -6.73 -47.09
CA SER C 2 -12.34 -7.60 -46.98
C SER C 2 -12.56 -8.08 -45.54
N GLN C 3 -13.79 -8.50 -45.26
CA GLN C 3 -14.16 -9.03 -43.95
C GLN C 3 -13.38 -10.33 -43.67
N PRO C 4 -12.76 -10.44 -42.47
CA PRO C 4 -11.96 -11.62 -42.14
C PRO C 4 -12.76 -12.92 -42.19
N SER C 5 -12.15 -14.00 -42.67
CA SER C 5 -12.76 -15.31 -42.64
C SER C 5 -11.71 -16.35 -42.28
N THR C 6 -12.12 -17.60 -42.11
CA THR C 6 -11.19 -18.66 -41.72
C THR C 6 -10.35 -18.98 -42.96
N ALA C 7 -11.02 -19.05 -44.11
CA ALA C 7 -10.41 -19.33 -45.39
C ALA C 7 -9.37 -18.29 -45.81
N ASN C 8 -9.68 -17.00 -45.65
CA ASN C 8 -8.72 -15.93 -45.94
C ASN C 8 -7.63 -15.73 -44.87
N GLY C 9 -7.63 -16.60 -43.86
CA GLY C 9 -6.64 -16.56 -42.82
C GLY C 9 -6.90 -15.49 -41.78
N GLY C 10 -7.91 -14.66 -42.02
CA GLY C 10 -8.30 -13.61 -41.09
C GLY C 10 -8.54 -14.11 -39.66
N PHE C 11 -9.19 -15.27 -39.51
CA PHE C 11 -9.32 -15.91 -38.21
C PHE C 11 -8.27 -17.01 -38.09
N PRO C 12 -7.79 -17.29 -36.86
CA PRO C 12 -6.92 -18.45 -36.65
C PRO C 12 -7.68 -19.75 -36.88
N SER C 13 -7.00 -20.72 -37.47
CA SER C 13 -7.53 -22.05 -37.69
C SER C 13 -7.75 -22.78 -36.36
N VAL C 14 -8.97 -23.28 -36.17
CA VAL C 14 -9.39 -23.92 -34.93
C VAL C 14 -9.81 -25.36 -35.23
N VAL C 15 -9.33 -26.29 -34.40
CA VAL C 15 -9.51 -27.72 -34.61
C VAL C 15 -10.12 -28.37 -33.38
N VAL C 16 -10.84 -29.47 -33.62
CA VAL C 16 -11.44 -30.31 -32.58
C VAL C 16 -10.47 -31.45 -32.34
N THR C 17 -10.01 -31.61 -31.11
CA THR C 17 -8.97 -32.58 -30.83
C THR C 17 -9.47 -33.74 -29.95
N ALA C 18 -10.65 -33.57 -29.37
CA ALA C 18 -11.22 -34.61 -28.52
C ALA C 18 -12.74 -34.42 -28.40
N VAL C 19 -13.46 -35.53 -28.26
CA VAL C 19 -14.91 -35.54 -28.05
C VAL C 19 -15.26 -36.53 -26.95
N THR C 20 -16.31 -36.22 -26.22
CA THR C 20 -16.86 -37.17 -25.26
C THR C 20 -18.35 -36.99 -25.25
N ALA C 21 -19.08 -38.10 -25.09
CA ALA C 21 -20.52 -38.02 -24.93
C ALA C 21 -21.05 -39.23 -24.15
N THR C 22 -22.13 -39.02 -23.38
CA THR C 22 -22.87 -40.11 -22.75
C THR C 22 -24.29 -40.09 -23.36
N THR C 23 -24.76 -41.25 -23.82
CA THR C 23 -26.04 -41.30 -24.54
C THR C 23 -26.88 -42.47 -24.07
N SER C 24 -28.07 -42.55 -24.65
CA SER C 24 -29.00 -43.64 -24.38
C SER C 24 -28.51 -44.94 -25.02
N ILE C 25 -27.65 -44.82 -26.03
CA ILE C 25 -27.03 -45.98 -26.67
C ILE C 25 -25.79 -46.49 -25.89
N SER C 26 -24.95 -45.57 -25.40
CA SER C 26 -23.67 -45.93 -24.78
C SER C 26 -23.03 -44.76 -24.05
N PRO C 27 -22.32 -45.04 -22.94
CA PRO C 27 -21.51 -44.01 -22.29
C PRO C 27 -20.22 -43.71 -23.05
N ASP C 28 -19.94 -44.48 -24.09
CA ASP C 28 -18.74 -44.28 -24.89
C ASP C 28 -19.15 -43.80 -26.28
N ILE C 29 -18.68 -42.61 -26.66
CA ILE C 29 -19.07 -41.96 -27.92
C ILE C 29 -18.75 -42.85 -29.13
N GLU C 30 -17.62 -43.55 -29.09
CA GLU C 30 -17.27 -44.40 -30.23
C GLU C 30 -18.24 -45.57 -30.41
N SER C 31 -18.70 -46.15 -29.31
CA SER C 31 -19.74 -47.19 -29.35
C SER C 31 -21.10 -46.65 -29.79
N THR C 32 -21.44 -45.45 -29.30
CA THR C 32 -22.63 -44.77 -29.77
C THR C 32 -22.63 -44.64 -31.29
N TRP C 33 -21.50 -44.21 -31.85
CA TRP C 33 -21.36 -43.97 -33.30
C TRP C 33 -21.52 -45.29 -34.02
N LYS C 34 -20.81 -46.31 -33.53
CA LYS C 34 -20.96 -47.66 -34.06
C LYS C 34 -22.42 -48.12 -34.06
N GLY C 35 -23.07 -48.09 -32.90
CA GLY C 35 -24.50 -48.34 -32.81
C GLY C 35 -25.35 -47.60 -33.83
N LEU C 36 -25.11 -46.30 -33.99
CA LEU C 36 -25.86 -45.46 -34.94
C LEU C 36 -25.70 -45.93 -36.38
N LEU C 37 -24.46 -46.22 -36.77
CA LEU C 37 -24.18 -46.68 -38.13
C LEU C 37 -24.88 -48.01 -38.42
N ALA C 38 -25.01 -48.82 -37.36
CA ALA C 38 -25.68 -50.12 -37.39
C ALA C 38 -27.20 -50.00 -37.30
N GLY C 39 -27.72 -48.77 -37.22
CA GLY C 39 -29.15 -48.52 -37.16
C GLY C 39 -29.81 -48.72 -35.82
N GLU C 40 -29.02 -48.74 -34.73
CA GLU C 40 -29.54 -48.91 -33.37
C GLU C 40 -30.27 -47.67 -32.84
N SER C 41 -31.23 -47.90 -31.96
CA SER C 41 -31.99 -46.83 -31.31
C SER C 41 -31.74 -46.87 -29.81
N GLY C 42 -31.70 -45.69 -29.18
CA GLY C 42 -31.55 -45.63 -27.74
C GLY C 42 -32.90 -45.52 -27.01
N ILE C 43 -33.99 -45.46 -27.79
CA ILE C 43 -35.32 -45.24 -27.23
C ILE C 43 -36.03 -46.53 -26.77
N HIS C 44 -36.61 -46.48 -25.56
CA HIS C 44 -37.26 -47.63 -24.91
C HIS C 44 -38.54 -47.19 -24.19
N ALA C 45 -39.19 -48.14 -23.53
CA ALA C 45 -40.39 -47.87 -22.76
C ALA C 45 -39.99 -47.34 -21.38
N LEU C 46 -40.64 -46.25 -20.96
CA LEU C 46 -40.46 -45.75 -19.61
C LEU C 46 -41.07 -46.72 -18.59
N GLU C 47 -40.30 -47.04 -17.56
CA GLU C 47 -40.74 -47.99 -16.56
C GLU C 47 -40.55 -47.35 -15.20
N ASP C 48 -40.13 -46.09 -15.21
CA ASP C 48 -40.07 -45.24 -14.01
C ASP C 48 -41.44 -45.24 -13.38
N GLU C 49 -41.53 -45.70 -12.14
CA GLU C 49 -42.85 -46.00 -11.60
C GLU C 49 -43.85 -44.87 -11.87
N PHE C 50 -43.32 -43.66 -11.97
CA PHE C 50 -44.11 -42.46 -12.21
C PHE C 50 -44.91 -42.48 -13.50
N VAL C 51 -44.71 -43.49 -14.35
CA VAL C 51 -45.43 -43.42 -15.61
C VAL C 51 -46.91 -43.61 -15.37
N THR C 52 -47.26 -44.66 -14.64
CA THR C 52 -48.66 -44.85 -14.23
C THR C 52 -48.98 -43.98 -13.02
N LYS C 53 -47.96 -43.70 -12.20
CA LYS C 53 -48.10 -42.83 -11.02
C LYS C 53 -48.67 -41.47 -11.39
N TRP C 54 -48.16 -40.89 -12.48
CA TRP C 54 -48.74 -39.67 -13.04
C TRP C 54 -49.66 -39.88 -14.27
N ASP C 55 -49.88 -41.13 -14.66
CA ASP C 55 -50.46 -41.46 -15.97
C ASP C 55 -50.09 -40.36 -16.96
N LEU C 56 -48.81 -40.38 -17.28
CA LEU C 56 -48.27 -39.54 -18.32
C LEU C 56 -48.76 -40.08 -19.66
N ALA C 57 -49.06 -39.17 -20.57
CA ALA C 57 -49.47 -39.53 -21.90
C ALA C 57 -48.27 -40.03 -22.70
N VAL C 58 -47.08 -39.53 -22.35
CA VAL C 58 -45.82 -39.99 -22.93
C VAL C 58 -45.22 -41.10 -22.06
N LYS C 59 -44.88 -42.25 -22.64
CA LYS C 59 -44.44 -43.43 -21.89
C LYS C 59 -43.19 -44.03 -22.55
N ILE C 60 -42.51 -43.21 -23.33
CA ILE C 60 -41.28 -43.64 -24.00
C ILE C 60 -40.15 -42.64 -23.76
N GLY C 61 -38.93 -43.11 -23.97
CA GLY C 61 -37.78 -42.23 -23.93
C GLY C 61 -36.49 -43.01 -23.83
N GLY C 62 -35.37 -42.31 -23.82
CA GLY C 62 -34.09 -42.97 -23.64
C GLY C 62 -33.33 -42.44 -22.43
N HIS C 63 -33.25 -43.24 -21.37
CA HIS C 63 -32.30 -42.98 -20.29
C HIS C 63 -30.88 -43.28 -20.79
N LEU C 64 -29.90 -42.62 -20.19
CA LEU C 64 -28.50 -42.97 -20.39
C LEU C 64 -28.30 -44.48 -20.14
N LYS C 65 -27.55 -45.13 -21.04
CA LYS C 65 -27.20 -46.55 -20.92
C LYS C 65 -26.45 -46.75 -19.60
N ASP C 66 -25.58 -45.79 -19.30
CA ASP C 66 -24.77 -45.81 -18.09
C ASP C 66 -25.08 -44.55 -17.31
N PRO C 67 -25.81 -44.67 -16.18
CA PRO C 67 -26.24 -43.49 -15.44
C PRO C 67 -25.08 -42.77 -14.74
N VAL C 68 -25.13 -41.44 -14.77
CA VAL C 68 -24.07 -40.59 -14.24
C VAL C 68 -23.83 -40.89 -12.76
N ASP C 69 -24.91 -41.05 -12.01
CA ASP C 69 -24.82 -41.18 -10.55
C ASP C 69 -24.16 -42.51 -10.11
N SER C 70 -24.05 -43.45 -11.04
CA SER C 70 -23.32 -44.69 -10.80
C SER C 70 -21.80 -44.46 -10.68
N HIS C 71 -21.35 -43.25 -10.99
CA HIS C 71 -19.93 -42.92 -10.88
C HIS C 71 -19.72 -41.90 -9.79
N MET C 72 -20.75 -41.65 -8.99
CA MET C 72 -20.72 -40.52 -8.04
C MET C 72 -20.69 -40.94 -6.57
N GLY C 73 -19.77 -40.33 -5.82
CA GLY C 73 -19.59 -40.65 -4.41
C GLY C 73 -20.37 -39.73 -3.50
N ARG C 74 -20.30 -39.97 -2.20
CA ARG C 74 -21.16 -39.26 -1.25
C ARG C 74 -21.09 -37.73 -1.33
N LEU C 75 -19.88 -37.19 -1.52
CA LEU C 75 -19.69 -35.74 -1.57
C LEU C 75 -20.25 -35.10 -2.84
N ASP C 76 -20.03 -35.75 -3.98
CA ASP C 76 -20.60 -35.28 -5.25
C ASP C 76 -22.13 -35.24 -5.19
N MET C 77 -22.74 -36.30 -4.65
CA MET C 77 -24.19 -36.41 -4.58
C MET C 77 -24.77 -35.34 -3.68
N ARG C 78 -24.00 -34.96 -2.66
CA ARG C 78 -24.42 -33.93 -1.70
C ARG C 78 -24.17 -32.48 -2.12
N ARG C 79 -23.06 -32.25 -2.81
CA ARG C 79 -22.61 -30.89 -3.07
C ARG C 79 -22.78 -30.41 -4.50
N MET C 80 -23.27 -31.30 -5.38
CA MET C 80 -23.47 -30.95 -6.79
C MET C 80 -24.90 -31.24 -7.25
N SER C 81 -25.39 -30.44 -8.20
CA SER C 81 -26.63 -30.77 -8.88
C SER C 81 -26.29 -31.83 -9.93
N TYR C 82 -27.31 -32.49 -10.47
CA TYR C 82 -27.11 -33.47 -11.51
C TYR C 82 -26.34 -32.91 -12.70
N VAL C 83 -26.69 -31.72 -13.19
CA VAL C 83 -25.95 -31.22 -14.35
C VAL C 83 -24.45 -30.99 -14.04
N GLN C 84 -24.13 -30.62 -12.80
CA GLN C 84 -22.74 -30.49 -12.39
C GLN C 84 -22.01 -31.86 -12.27
N ARG C 85 -22.69 -32.86 -11.72
CA ARG C 85 -22.13 -34.22 -11.68
C ARG C 85 -21.82 -34.72 -13.09
N MET C 86 -22.81 -34.60 -13.98
CA MET C 86 -22.64 -34.93 -15.39
C MET C 86 -21.50 -34.14 -16.01
N GLY C 87 -21.44 -32.85 -15.70
CA GLY C 87 -20.35 -32.03 -16.21
C GLY C 87 -18.96 -32.49 -15.80
N LYS C 88 -18.76 -32.72 -14.49
CA LYS C 88 -17.54 -33.32 -13.94
C LYS C 88 -17.16 -34.67 -14.59
N LEU C 89 -18.12 -35.60 -14.66
CA LEU C 89 -17.86 -36.90 -15.32
C LEU C 89 -17.32 -36.71 -16.74
N LEU C 90 -18.04 -35.95 -17.56
CA LEU C 90 -17.66 -35.72 -18.96
C LEU C 90 -16.35 -34.93 -19.08
N GLY C 91 -16.16 -33.97 -18.18
CA GLY C 91 -14.96 -33.14 -18.20
C GLY C 91 -13.70 -33.98 -17.99
N GLY C 92 -13.73 -34.85 -16.99
CA GLY C 92 -12.62 -35.75 -16.74
C GLY C 92 -12.36 -36.73 -17.87
N GLN C 93 -13.42 -37.28 -18.43
CA GLN C 93 -13.30 -38.23 -19.55
C GLN C 93 -12.74 -37.54 -20.76
N LEU C 94 -13.23 -36.33 -21.04
CA LEU C 94 -12.71 -35.54 -22.15
C LEU C 94 -11.22 -35.25 -22.01
N TRP C 95 -10.81 -34.75 -20.84
CA TRP C 95 -9.42 -34.42 -20.61
C TRP C 95 -8.51 -35.64 -20.80
N GLU C 96 -8.87 -36.76 -20.18
CA GLU C 96 -8.14 -38.03 -20.34
C GLU C 96 -8.03 -38.45 -21.82
N SER C 97 -9.14 -38.42 -22.55
CA SER C 97 -9.15 -38.68 -24.01
C SER C 97 -8.20 -37.77 -24.79
N ALA C 98 -8.00 -36.56 -24.30
CA ALA C 98 -7.13 -35.63 -25.01
C ALA C 98 -5.65 -35.81 -24.63
N GLY C 99 -5.40 -36.71 -23.66
CA GLY C 99 -4.06 -37.06 -23.23
C GLY C 99 -3.63 -36.31 -21.98
N SER C 100 -4.61 -35.79 -21.25
CA SER C 100 -4.43 -34.91 -20.09
C SER C 100 -3.41 -33.77 -20.30
N PRO C 101 -3.63 -32.93 -21.33
CA PRO C 101 -2.64 -31.92 -21.70
C PRO C 101 -2.34 -30.94 -20.56
N GLU C 102 -1.10 -30.49 -20.45
CA GLU C 102 -0.77 -29.37 -19.56
C GLU C 102 -0.85 -28.13 -20.44
N VAL C 103 -1.92 -27.37 -20.28
CA VAL C 103 -2.11 -26.18 -21.09
C VAL C 103 -1.85 -24.97 -20.21
N ASP C 104 -1.75 -23.81 -20.85
CA ASP C 104 -1.72 -22.53 -20.15
C ASP C 104 -3.12 -22.21 -19.64
N PRO C 105 -3.35 -22.32 -18.33
CA PRO C 105 -4.68 -22.07 -17.76
C PRO C 105 -5.20 -20.71 -18.21
N ASP C 106 -4.30 -19.74 -18.35
CA ASP C 106 -4.67 -18.38 -18.72
C ASP C 106 -5.07 -18.23 -20.19
N ARG C 107 -4.94 -19.31 -20.97
CA ARG C 107 -5.41 -19.29 -22.36
C ARG C 107 -6.45 -20.39 -22.57
N PHE C 108 -7.07 -20.80 -21.47
CA PHE C 108 -7.91 -21.98 -21.45
C PHE C 108 -9.29 -21.56 -20.98
N ALA C 109 -10.27 -21.68 -21.87
CA ALA C 109 -11.63 -21.28 -21.56
C ALA C 109 -12.58 -22.47 -21.50
N VAL C 110 -13.69 -22.32 -20.77
CA VAL C 110 -14.75 -23.34 -20.74
C VAL C 110 -16.06 -22.71 -21.20
N VAL C 111 -16.78 -23.33 -22.13
CA VAL C 111 -18.11 -22.82 -22.52
C VAL C 111 -19.12 -23.97 -22.56
N VAL C 112 -20.02 -24.03 -21.58
CA VAL C 112 -20.97 -25.14 -21.51
C VAL C 112 -22.40 -24.66 -21.28
N GLY C 113 -23.29 -24.96 -22.23
CA GLY C 113 -24.69 -24.57 -22.11
C GLY C 113 -25.53 -25.62 -21.42
N THR C 114 -26.70 -25.21 -20.94
CA THR C 114 -27.70 -26.13 -20.41
C THR C 114 -29.04 -25.45 -20.58
N GLY C 115 -30.13 -26.19 -20.44
CA GLY C 115 -31.46 -25.63 -20.57
C GLY C 115 -31.95 -24.91 -19.32
N LEU C 116 -31.67 -25.46 -18.14
CA LEU C 116 -32.21 -24.90 -16.91
C LEU C 116 -31.19 -24.69 -15.78
N GLY C 117 -30.40 -25.72 -15.48
CA GLY C 117 -29.53 -25.70 -14.32
C GLY C 117 -29.84 -26.82 -13.35
N GLY C 118 -29.50 -26.66 -12.07
CA GLY C 118 -29.77 -27.69 -11.08
C GLY C 118 -31.15 -27.44 -10.50
N ALA C 119 -32.19 -27.57 -11.34
CA ALA C 119 -33.55 -27.22 -10.91
C ALA C 119 -34.16 -28.17 -9.88
N GLU C 120 -33.69 -29.42 -9.84
CA GLU C 120 -34.04 -30.33 -8.75
C GLU C 120 -33.72 -29.74 -7.35
N ARG C 121 -32.67 -28.91 -7.28
CA ARG C 121 -32.30 -28.29 -6.00
C ARG C 121 -33.19 -27.12 -5.66
N ILE C 122 -33.83 -26.55 -6.69
CA ILE C 122 -34.83 -25.51 -6.43
C ILE C 122 -36.00 -26.14 -5.70
N VAL C 123 -36.59 -27.19 -6.26
CA VAL C 123 -37.72 -27.83 -5.60
C VAL C 123 -37.35 -28.50 -4.27
N GLU C 124 -36.14 -29.05 -4.19
CA GLU C 124 -35.68 -29.58 -2.91
C GLU C 124 -35.64 -28.49 -1.82
N SER C 125 -35.00 -27.36 -2.12
CA SER C 125 -34.85 -26.25 -1.16
C SER C 125 -36.21 -25.61 -0.79
N TYR C 126 -37.06 -25.50 -1.80
CA TYR C 126 -38.44 -25.08 -1.62
C TYR C 126 -39.18 -25.99 -0.62
N ASP C 127 -39.19 -27.30 -0.88
CA ASP C 127 -39.80 -28.24 0.06
C ASP C 127 -39.23 -28.18 1.47
N LEU C 128 -37.91 -28.18 1.60
CA LEU C 128 -37.24 -28.10 2.91
C LEU C 128 -37.61 -26.85 3.68
N MET C 129 -37.61 -25.70 3.02
CA MET C 129 -37.91 -24.50 3.76
C MET C 129 -39.36 -24.48 4.20
N ASN C 130 -40.23 -25.00 3.34
CA ASN C 130 -41.65 -25.05 3.65
C ASN C 130 -41.94 -25.92 4.87
N ALA C 131 -41.17 -27.01 4.99
CA ALA C 131 -41.35 -27.96 6.06
C ALA C 131 -40.67 -27.52 7.37
N GLY C 132 -39.47 -26.94 7.28
CA GLY C 132 -38.70 -26.65 8.47
C GLY C 132 -38.03 -25.29 8.58
N GLY C 133 -38.29 -24.41 7.62
CA GLY C 133 -37.79 -23.05 7.68
C GLY C 133 -36.47 -22.84 6.98
N PRO C 134 -35.98 -21.59 6.99
CA PRO C 134 -34.77 -21.17 6.24
C PRO C 134 -33.47 -21.87 6.68
N ARG C 135 -33.43 -22.37 7.92
CA ARG C 135 -32.25 -23.07 8.42
C ARG C 135 -32.11 -24.46 7.77
N LYS C 136 -33.15 -24.89 7.06
CA LYS C 136 -33.17 -26.21 6.44
C LYS C 136 -32.64 -26.16 5.01
N VAL C 137 -32.43 -24.94 4.50
CA VAL C 137 -31.88 -24.74 3.16
C VAL C 137 -30.34 -24.89 3.17
N SER C 138 -29.81 -25.68 2.25
CA SER C 138 -28.38 -25.91 2.25
C SER C 138 -27.64 -24.64 1.89
N PRO C 139 -26.50 -24.40 2.54
CA PRO C 139 -25.60 -23.30 2.19
C PRO C 139 -24.99 -23.54 0.81
N LEU C 140 -25.11 -24.78 0.34
CA LEU C 140 -24.66 -25.13 -1.01
C LEU C 140 -25.73 -24.89 -2.08
N ALA C 141 -26.96 -24.56 -1.67
CA ALA C 141 -28.06 -24.46 -2.61
C ALA C 141 -27.78 -23.51 -3.79
N VAL C 142 -27.34 -22.27 -3.53
CA VAL C 142 -27.19 -21.36 -4.68
C VAL C 142 -26.18 -21.80 -5.76
N GLN C 143 -25.01 -22.29 -5.37
CA GLN C 143 -23.99 -22.74 -6.32
C GLN C 143 -24.36 -24.03 -7.06
N MET C 144 -25.29 -24.81 -6.51
CA MET C 144 -25.84 -25.97 -7.20
C MET C 144 -26.97 -25.57 -8.15
N ILE C 145 -27.70 -24.53 -7.78
CA ILE C 145 -28.87 -24.09 -8.54
C ILE C 145 -28.52 -23.21 -9.73
N MET C 146 -27.52 -22.33 -9.56
CA MET C 146 -27.15 -21.40 -10.64
C MET C 146 -26.87 -22.10 -11.98
N PRO C 147 -27.47 -21.61 -13.07
CA PRO C 147 -27.34 -22.28 -14.38
C PRO C 147 -25.90 -22.38 -14.91
N ASN C 148 -25.06 -21.42 -14.51
CA ASN C 148 -23.64 -21.46 -14.85
C ASN C 148 -22.85 -22.49 -14.02
N GLY C 149 -23.54 -23.27 -13.19
CA GLY C 149 -22.89 -24.11 -12.20
C GLY C 149 -22.13 -25.25 -12.83
N ALA C 150 -22.69 -25.85 -13.89
CA ALA C 150 -21.99 -26.95 -14.59
C ALA C 150 -20.68 -26.48 -15.25
N ALA C 151 -20.74 -25.41 -16.05
CA ALA C 151 -19.52 -24.79 -16.60
C ALA C 151 -18.48 -24.40 -15.54
N ALA C 152 -18.91 -23.89 -14.39
CA ALA C 152 -17.98 -23.51 -13.32
C ALA C 152 -17.27 -24.74 -12.67
N VAL C 153 -18.00 -25.83 -12.43
CA VAL C 153 -17.40 -27.06 -11.92
C VAL C 153 -16.32 -27.53 -12.93
N ILE C 154 -16.65 -27.56 -14.21
CA ILE C 154 -15.70 -27.95 -15.26
C ILE C 154 -14.48 -27.01 -15.38
N GLY C 155 -14.71 -25.70 -15.26
CA GLY C 155 -13.60 -24.77 -15.25
C GLY C 155 -12.76 -24.92 -13.99
N LEU C 156 -13.39 -25.21 -12.86
CA LEU C 156 -12.64 -25.37 -11.63
C LEU C 156 -11.92 -26.73 -11.63
N GLN C 157 -12.61 -27.77 -12.09
CA GLN C 157 -12.03 -29.11 -12.25
C GLN C 157 -10.78 -29.13 -13.15
N LEU C 158 -10.86 -28.49 -14.31
CA LEU C 158 -9.79 -28.56 -15.31
C LEU C 158 -8.81 -27.38 -15.29
N GLY C 159 -9.16 -26.33 -14.57
CA GLY C 159 -8.25 -25.21 -14.39
C GLY C 159 -8.33 -24.08 -15.40
N ALA C 160 -9.53 -23.76 -15.88
CA ALA C 160 -9.71 -22.72 -16.91
C ALA C 160 -9.78 -21.32 -16.31
N ARG C 161 -8.84 -20.45 -16.74
CA ARG C 161 -8.76 -19.04 -16.33
C ARG C 161 -8.96 -17.99 -17.48
N ALA C 162 -9.30 -18.43 -18.69
CA ALA C 162 -9.57 -17.51 -19.81
C ALA C 162 -11.06 -17.30 -20.06
N GLY C 163 -11.88 -17.55 -19.04
CA GLY C 163 -13.30 -17.35 -19.15
C GLY C 163 -14.08 -18.64 -18.99
N VAL C 164 -15.14 -18.59 -18.21
CA VAL C 164 -16.05 -19.73 -18.11
C VAL C 164 -17.42 -19.18 -18.46
N MET C 165 -18.06 -19.74 -19.49
CA MET C 165 -19.29 -19.16 -20.00
CA MET C 165 -19.28 -19.16 -20.05
C MET C 165 -20.43 -20.15 -20.15
N THR C 166 -21.64 -19.67 -19.89
CA THR C 166 -22.88 -20.45 -20.07
C THR C 166 -23.91 -19.68 -20.91
N PRO C 167 -23.99 -19.95 -22.24
CA PRO C 167 -25.08 -19.37 -23.01
C PRO C 167 -26.36 -20.23 -22.85
N VAL C 168 -27.49 -19.60 -22.53
CA VAL C 168 -28.75 -20.34 -22.43
C VAL C 168 -29.66 -19.90 -23.58
N SER C 169 -30.01 -20.88 -24.41
CA SER C 169 -30.88 -20.67 -25.54
C SER C 169 -31.74 -21.90 -25.73
N ALA C 170 -32.17 -22.46 -24.61
CA ALA C 170 -33.07 -23.59 -24.63
C ALA C 170 -32.44 -24.70 -25.47
N GLN C 171 -33.13 -25.21 -26.49
CA GLN C 171 -32.66 -26.39 -27.23
C GLN C 171 -31.45 -26.19 -28.14
N SER C 172 -31.00 -24.94 -28.25
CA SER C 172 -29.78 -24.66 -29.01
C SER C 172 -28.55 -24.37 -28.14
N SER C 173 -28.68 -24.54 -26.82
CA SER C 173 -27.67 -24.09 -25.85
C SER C 173 -26.34 -24.81 -26.04
N GLY C 174 -26.41 -26.11 -26.32
CA GLY C 174 -25.24 -26.95 -26.55
C GLY C 174 -24.42 -26.53 -27.75
N SER C 175 -25.10 -26.12 -28.81
CA SER C 175 -24.45 -25.61 -30.00
C SER C 175 -23.95 -24.19 -29.81
N GLU C 176 -24.76 -23.36 -29.14
CA GLU C 176 -24.36 -21.99 -28.92
C GLU C 176 -23.09 -21.92 -28.09
N ALA C 177 -22.94 -22.86 -27.15
CA ALA C 177 -21.77 -22.92 -26.29
C ALA C 177 -20.50 -23.09 -27.12
N ILE C 178 -20.54 -24.01 -28.06
CA ILE C 178 -19.43 -24.22 -29.01
C ILE C 178 -19.16 -22.99 -29.90
N ALA C 179 -20.22 -22.32 -30.34
CA ALA C 179 -20.09 -21.08 -31.10
C ALA C 179 -19.32 -20.00 -30.34
N HIS C 180 -19.64 -19.85 -29.05
CA HIS C 180 -18.97 -18.83 -28.24
C HIS C 180 -17.55 -19.22 -27.86
N ALA C 181 -17.31 -20.52 -27.73
CA ALA C 181 -15.96 -21.05 -27.55
C ALA C 181 -15.08 -20.71 -28.76
N TRP C 182 -15.59 -20.95 -29.95
CA TRP C 182 -14.94 -20.53 -31.18
C TRP C 182 -14.68 -19.01 -31.18
N ARG C 183 -15.67 -18.20 -30.78
CA ARG C 183 -15.48 -16.74 -30.78
C ARG C 183 -14.39 -16.32 -29.82
N GLN C 184 -14.39 -16.90 -28.63
CA GLN C 184 -13.40 -16.62 -27.59
C GLN C 184 -11.98 -16.89 -28.15
N ILE C 185 -11.83 -17.96 -28.92
CA ILE C 185 -10.55 -18.31 -29.55
C ILE C 185 -10.17 -17.39 -30.71
N VAL C 186 -11.07 -17.19 -31.67
CA VAL C 186 -10.74 -16.35 -32.84
C VAL C 186 -10.53 -14.88 -32.50
N MET C 187 -11.17 -14.39 -31.43
CA MET C 187 -11.01 -12.99 -31.00
C MET C 187 -9.71 -12.79 -30.23
N GLY C 188 -9.02 -13.89 -29.96
CA GLY C 188 -7.71 -13.87 -29.31
C GLY C 188 -7.72 -14.00 -27.80
N ASP C 189 -8.86 -14.42 -27.21
CA ASP C 189 -8.99 -14.47 -25.75
C ASP C 189 -8.55 -15.83 -25.14
N ALA C 190 -8.51 -16.87 -25.95
CA ALA C 190 -8.04 -18.18 -25.51
C ALA C 190 -7.41 -18.96 -26.66
N ASP C 191 -6.64 -20.00 -26.33
CA ASP C 191 -6.09 -20.86 -27.38
C ASP C 191 -6.75 -22.22 -27.37
N VAL C 192 -7.49 -22.50 -26.30
CA VAL C 192 -8.03 -23.82 -26.08
C VAL C 192 -9.34 -23.68 -25.31
N ALA C 193 -10.35 -24.47 -25.69
CA ALA C 193 -11.62 -24.42 -24.98
C ALA C 193 -12.27 -25.79 -24.82
N VAL C 194 -12.79 -26.04 -23.64
CA VAL C 194 -13.70 -27.16 -23.47
C VAL C 194 -15.12 -26.61 -23.65
N CYS C 195 -15.92 -27.20 -24.52
CA CYS C 195 -17.26 -26.65 -24.79
C CYS C 195 -18.32 -27.72 -25.12
N GLY C 196 -19.57 -27.42 -24.79
CA GLY C 196 -20.66 -28.33 -25.12
C GLY C 196 -21.87 -28.05 -24.28
N GLY C 197 -22.54 -29.10 -23.85
CA GLY C 197 -23.82 -28.93 -23.20
C GLY C 197 -24.13 -30.15 -22.38
N VAL C 198 -24.83 -29.92 -21.27
CA VAL C 198 -25.25 -30.96 -20.34
C VAL C 198 -26.72 -30.70 -20.13
N GLU C 199 -27.46 -31.71 -19.65
CA GLU C 199 -28.89 -31.58 -19.40
C GLU C 199 -29.31 -32.59 -18.32
N GLY C 200 -30.41 -32.33 -17.60
CA GLY C 200 -30.89 -33.28 -16.61
C GLY C 200 -31.51 -34.52 -17.25
N PRO C 201 -31.87 -35.51 -16.43
CA PRO C 201 -32.48 -36.75 -16.92
C PRO C 201 -33.98 -36.60 -17.14
N ILE C 202 -34.59 -37.61 -17.76
CA ILE C 202 -36.02 -37.59 -17.96
C ILE C 202 -36.72 -37.59 -16.60
N GLU C 203 -37.66 -36.68 -16.39
CA GLU C 203 -38.43 -36.68 -15.16
C GLU C 203 -39.88 -36.29 -15.47
N ALA C 204 -40.77 -36.47 -14.49
CA ALA C 204 -42.21 -36.28 -14.69
C ALA C 204 -42.61 -34.86 -15.06
N LEU C 205 -42.07 -33.87 -14.34
CA LEU C 205 -42.49 -32.48 -14.57
C LEU C 205 -42.09 -31.97 -15.96
N PRO C 206 -40.83 -32.21 -16.39
CA PRO C 206 -40.38 -31.93 -17.77
C PRO C 206 -41.27 -32.61 -18.84
N ILE C 207 -41.61 -33.88 -18.62
CA ILE C 207 -42.51 -34.57 -19.53
C ILE C 207 -43.85 -33.86 -19.57
N ALA C 208 -44.43 -33.62 -18.38
CA ALA C 208 -45.70 -32.90 -18.28
C ALA C 208 -45.65 -31.54 -18.97
N ALA C 209 -44.62 -30.75 -18.66
CA ALA C 209 -44.47 -29.42 -19.26
C ALA C 209 -44.38 -29.40 -20.80
N PHE C 210 -43.54 -30.24 -21.40
CA PHE C 210 -43.49 -30.31 -22.88
C PHE C 210 -44.69 -31.05 -23.49
N SER C 211 -45.15 -32.09 -22.81
CA SER C 211 -46.33 -32.83 -23.22
C SER C 211 -47.56 -31.91 -23.35
N MET C 212 -47.70 -30.98 -22.40
CA MET C 212 -48.81 -30.00 -22.37
C MET C 212 -48.81 -29.00 -23.55
N MET C 213 -47.66 -28.90 -24.23
CA MET C 213 -47.53 -28.10 -25.45
C MET C 213 -47.93 -28.90 -26.68
N ARG C 214 -48.21 -30.18 -26.48
CA ARG C 214 -48.37 -31.12 -27.57
C ARG C 214 -47.07 -31.28 -28.40
N ALA C 215 -45.91 -31.09 -27.80
CA ALA C 215 -44.65 -31.11 -28.57
C ALA C 215 -44.01 -32.50 -28.70
N MET C 216 -44.58 -33.47 -27.98
CA MET C 216 -43.99 -34.79 -27.77
C MET C 216 -44.76 -35.89 -28.50
N SER C 217 -44.03 -36.85 -29.09
CA SER C 217 -44.64 -38.09 -29.60
C SER C 217 -45.32 -38.91 -28.49
N THR C 218 -46.43 -39.55 -28.84
CA THR C 218 -47.11 -40.48 -27.95
C THR C 218 -47.22 -41.88 -28.60
N ARG C 219 -46.30 -42.20 -29.51
CA ARG C 219 -46.28 -43.51 -30.15
C ARG C 219 -45.72 -44.52 -29.17
N ASN C 220 -46.44 -44.72 -28.09
CA ASN C 220 -45.98 -45.52 -26.98
C ASN C 220 -45.78 -47.01 -27.26
N ASP C 221 -46.56 -47.55 -28.19
CA ASP C 221 -46.58 -48.97 -28.50
CA ASP C 221 -46.57 -48.98 -28.47
C ASP C 221 -45.29 -49.48 -29.17
N GLU C 222 -44.63 -48.62 -29.92
CA GLU C 222 -43.35 -48.97 -30.55
C GLU C 222 -42.37 -47.85 -30.31
N PRO C 223 -41.66 -47.90 -29.17
CA PRO C 223 -40.75 -46.84 -28.75
C PRO C 223 -39.71 -46.49 -29.81
N GLU C 224 -39.10 -47.47 -30.47
CA GLU C 224 -38.03 -47.20 -31.42
C GLU C 224 -38.52 -46.52 -32.71
N ARG C 225 -39.83 -46.60 -32.96
CA ARG C 225 -40.45 -46.08 -34.18
C ARG C 225 -41.06 -44.68 -33.97
N ALA C 226 -40.97 -44.18 -32.74
CA ALA C 226 -41.65 -42.95 -32.37
C ALA C 226 -41.00 -41.65 -32.89
N SER C 227 -39.67 -41.54 -32.80
CA SER C 227 -38.98 -40.37 -33.31
C SER C 227 -38.81 -40.46 -34.83
N ARG C 228 -39.55 -39.65 -35.58
CA ARG C 228 -39.59 -39.77 -37.06
C ARG C 228 -39.34 -38.42 -37.74
N PRO C 229 -38.16 -37.82 -37.49
CA PRO C 229 -37.88 -36.53 -38.11
C PRO C 229 -38.05 -36.58 -39.63
N PHE C 230 -38.66 -35.53 -40.17
CA PHE C 230 -38.94 -35.34 -41.60
C PHE C 230 -39.90 -36.36 -42.27
N ASP C 231 -40.36 -37.35 -41.51
CA ASP C 231 -41.29 -38.36 -42.03
C ASP C 231 -42.72 -37.82 -42.03
N LYS C 232 -43.56 -38.25 -42.96
CA LYS C 232 -44.95 -37.77 -43.01
C LYS C 232 -45.76 -38.08 -41.76
N ASP C 233 -45.45 -39.18 -41.08
CA ASP C 233 -46.24 -39.60 -39.92
C ASP C 233 -45.71 -39.10 -38.55
N ARG C 234 -44.74 -38.20 -38.55
CA ARG C 234 -44.13 -37.71 -37.28
C ARG C 234 -45.17 -37.08 -36.36
N ASP C 235 -44.97 -37.22 -35.05
CA ASP C 235 -45.92 -36.63 -34.11
C ASP C 235 -45.28 -35.95 -32.90
N GLY C 236 -44.10 -35.36 -33.08
CA GLY C 236 -43.43 -34.62 -32.01
C GLY C 236 -42.15 -35.29 -31.55
N PHE C 237 -41.44 -34.67 -30.62
CA PHE C 237 -40.14 -35.20 -30.20
C PHE C 237 -40.19 -36.33 -29.15
N VAL C 238 -39.08 -37.06 -29.05
CA VAL C 238 -38.90 -38.08 -28.00
C VAL C 238 -37.70 -37.63 -27.14
N PHE C 239 -37.82 -37.68 -25.80
CA PHE C 239 -36.71 -37.39 -24.89
C PHE C 239 -35.68 -38.51 -24.99
N GLY C 240 -34.42 -38.12 -25.14
CA GLY C 240 -33.30 -39.05 -25.04
C GLY C 240 -32.16 -38.35 -24.30
N GLU C 241 -31.76 -38.92 -23.17
CA GLU C 241 -30.73 -38.31 -22.33
C GLU C 241 -29.37 -38.25 -23.01
N ALA C 242 -28.65 -37.16 -22.79
CA ALA C 242 -27.31 -36.98 -23.32
C ALA C 242 -26.57 -35.85 -22.60
N GLY C 243 -25.24 -35.90 -22.70
CA GLY C 243 -24.38 -34.76 -22.47
C GLY C 243 -23.16 -34.97 -23.37
N ALA C 244 -22.49 -33.89 -23.74
CA ALA C 244 -21.46 -33.98 -24.72
C ALA C 244 -20.51 -32.80 -24.61
N LEU C 245 -19.22 -33.07 -24.67
CA LEU C 245 -18.23 -32.00 -24.71
C LEU C 245 -17.24 -32.25 -25.83
N MET C 246 -16.64 -31.18 -26.32
CA MET C 246 -15.50 -31.30 -27.19
C MET C 246 -14.36 -30.40 -26.73
N LEU C 247 -13.15 -30.76 -27.10
CA LEU C 247 -11.98 -29.92 -26.89
C LEU C 247 -11.65 -29.26 -28.23
N ILE C 248 -11.62 -27.94 -28.25
CA ILE C 248 -11.19 -27.21 -29.45
C ILE C 248 -9.96 -26.35 -29.10
N GLU C 249 -9.15 -26.05 -30.11
CA GLU C 249 -7.91 -25.32 -29.88
C GLU C 249 -7.35 -24.86 -31.24
N THR C 250 -6.50 -23.87 -31.23
CA THR C 250 -5.92 -23.38 -32.47
C THR C 250 -5.14 -24.56 -33.06
N GLU C 251 -5.00 -24.58 -34.38
CA GLU C 251 -4.21 -25.61 -35.05
C GLU C 251 -2.76 -25.59 -34.57
N GLU C 252 -2.20 -24.40 -34.39
CA GLU C 252 -0.88 -24.19 -33.82
C GLU C 252 -0.73 -24.81 -32.41
N HIS C 253 -1.71 -24.56 -31.53
CA HIS C 253 -1.69 -25.15 -30.19
C HIS C 253 -1.69 -26.68 -30.26
N ALA C 254 -2.51 -27.22 -31.14
CA ALA C 254 -2.70 -28.66 -31.21
C ALA C 254 -1.44 -29.32 -31.73
N LYS C 255 -0.81 -28.71 -32.73
CA LYS C 255 0.37 -29.35 -33.32
C LYS C 255 1.59 -29.21 -32.41
N ALA C 256 1.76 -28.05 -31.80
CA ALA C 256 2.82 -27.90 -30.82
C ALA C 256 2.76 -29.04 -29.80
N ARG C 257 1.56 -29.51 -29.45
CA ARG C 257 1.41 -30.49 -28.38
C ARG C 257 1.19 -31.93 -28.89
N GLY C 258 1.33 -32.11 -30.20
CA GLY C 258 1.15 -33.41 -30.83
C GLY C 258 -0.25 -34.00 -30.89
N ALA C 259 -1.28 -33.16 -30.79
CA ALA C 259 -2.68 -33.60 -30.80
C ALA C 259 -3.22 -33.82 -32.22
N LYS C 260 -3.81 -34.98 -32.48
CA LYS C 260 -4.40 -35.28 -33.79
C LYS C 260 -5.86 -34.80 -33.90
N PRO C 261 -6.11 -33.78 -34.72
CA PRO C 261 -7.46 -33.20 -34.88
C PRO C 261 -8.45 -34.13 -35.58
N LEU C 262 -9.70 -34.16 -35.08
CA LEU C 262 -10.74 -34.99 -35.68
C LEU C 262 -11.53 -34.24 -36.78
N ALA C 263 -11.58 -32.92 -36.65
CA ALA C 263 -12.18 -32.03 -37.64
C ALA C 263 -11.72 -30.58 -37.39
N ARG C 264 -12.19 -29.69 -38.25
CA ARG C 264 -12.01 -28.24 -38.11
C ARG C 264 -13.35 -27.57 -37.74
N LEU C 265 -13.30 -26.56 -36.89
CA LEU C 265 -14.48 -25.76 -36.63
C LEU C 265 -14.23 -24.38 -37.25
N LEU C 266 -14.96 -24.10 -38.34
CA LEU C 266 -14.62 -23.05 -39.27
C LEU C 266 -15.43 -21.75 -39.13
N GLY C 267 -16.63 -21.85 -38.58
CA GLY C 267 -17.45 -20.65 -38.43
C GLY C 267 -18.75 -20.94 -37.70
N ALA C 268 -19.39 -19.89 -37.20
CA ALA C 268 -20.63 -20.00 -36.43
C ALA C 268 -21.55 -18.84 -36.79
N GLY C 269 -22.83 -19.12 -36.96
CA GLY C 269 -23.82 -18.06 -37.15
C GLY C 269 -24.87 -18.14 -36.06
N ILE C 270 -25.19 -16.98 -35.50
CA ILE C 270 -26.27 -16.87 -34.52
C ILE C 270 -27.28 -15.76 -34.89
N THR C 271 -28.54 -16.18 -35.08
CA THR C 271 -29.62 -15.26 -35.39
C THR C 271 -30.84 -15.55 -34.52
N SER C 272 -31.92 -14.81 -34.76
CA SER C 272 -33.18 -15.01 -34.03
C SER C 272 -34.36 -14.72 -34.96
N ASP C 273 -35.51 -15.31 -34.66
CA ASP C 273 -36.71 -15.23 -35.52
C ASP C 273 -37.55 -13.96 -35.27
N ALA C 274 -37.57 -13.48 -34.03
CA ALA C 274 -38.64 -12.56 -33.53
C ALA C 274 -40.02 -12.89 -34.14
N PHE C 275 -40.48 -14.12 -33.93
CA PHE C 275 -41.70 -14.64 -34.53
C PHE C 275 -42.69 -15.13 -33.49
N HIS C 276 -42.28 -16.13 -32.71
CA HIS C 276 -43.12 -16.71 -31.63
C HIS C 276 -42.18 -17.29 -30.58
N MET C 277 -42.63 -17.36 -29.33
CA MET C 277 -41.79 -17.89 -28.25
C MET C 277 -41.50 -19.38 -28.38
N VAL C 278 -42.43 -20.15 -28.96
CA VAL C 278 -42.26 -21.61 -29.03
C VAL C 278 -42.55 -22.23 -30.42
N ALA C 279 -42.77 -21.41 -31.44
CA ALA C 279 -42.95 -21.95 -32.79
C ALA C 279 -41.89 -21.33 -33.66
N PRO C 280 -41.20 -22.15 -34.47
CA PRO C 280 -40.21 -21.55 -35.38
C PRO C 280 -40.90 -20.76 -36.50
N ALA C 281 -40.24 -19.74 -37.03
CA ALA C 281 -40.80 -19.06 -38.20
C ALA C 281 -40.90 -20.03 -39.36
N ALA C 282 -42.11 -20.11 -39.92
CA ALA C 282 -42.39 -21.02 -41.02
C ALA C 282 -41.48 -20.81 -42.23
N ASP C 283 -41.08 -19.56 -42.50
CA ASP C 283 -40.36 -19.28 -43.74
C ASP C 283 -38.90 -19.74 -43.74
N GLY C 284 -38.43 -20.11 -42.55
CA GLY C 284 -37.08 -20.58 -42.34
C GLY C 284 -36.02 -19.56 -42.66
N VAL C 285 -36.41 -18.29 -42.85
CA VAL C 285 -35.49 -17.26 -43.32
C VAL C 285 -34.35 -16.90 -42.32
N ARG C 286 -34.70 -16.57 -41.09
CA ARG C 286 -33.67 -16.21 -40.10
C ARG C 286 -32.82 -17.42 -39.73
N ALA C 287 -33.44 -18.59 -39.65
CA ALA C 287 -32.69 -19.82 -39.45
C ALA C 287 -31.65 -20.02 -40.59
N GLY C 288 -32.09 -19.86 -41.84
CA GLY C 288 -31.23 -19.96 -43.00
C GLY C 288 -30.06 -18.98 -43.00
N ARG C 289 -30.32 -17.77 -42.54
CA ARG C 289 -29.31 -16.74 -42.35
C ARG C 289 -28.24 -17.16 -41.33
N ALA C 290 -28.64 -17.92 -40.31
CA ALA C 290 -27.66 -18.44 -39.35
C ALA C 290 -26.69 -19.32 -40.13
N MET C 291 -27.22 -20.24 -40.93
CA MET C 291 -26.39 -21.14 -41.75
C MET C 291 -25.48 -20.30 -42.65
N THR C 292 -26.08 -19.36 -43.39
CA THR C 292 -25.35 -18.45 -44.28
C THR C 292 -24.20 -17.72 -43.56
N ARG C 293 -24.45 -17.24 -42.34
CA ARG C 293 -23.43 -16.55 -41.55
C ARG C 293 -22.29 -17.46 -41.07
N SER C 294 -22.58 -18.73 -40.78
CA SER C 294 -21.48 -19.65 -40.47
C SER C 294 -20.59 -19.85 -41.69
N LEU C 295 -21.21 -19.96 -42.87
CA LEU C 295 -20.49 -20.06 -44.14
C LEU C 295 -19.66 -18.81 -44.45
N GLU C 296 -20.23 -17.62 -44.27
CA GLU C 296 -19.48 -16.38 -44.42
C GLU C 296 -18.19 -16.35 -43.59
N LEU C 297 -18.33 -16.64 -42.30
CA LEU C 297 -17.18 -16.60 -41.39
C LEU C 297 -16.20 -17.72 -41.72
N ALA C 298 -16.72 -18.81 -42.29
CA ALA C 298 -15.88 -19.92 -42.65
C ALA C 298 -15.14 -19.64 -43.96
N GLY C 299 -15.72 -18.76 -44.77
CA GLY C 299 -15.22 -18.46 -46.10
C GLY C 299 -15.68 -19.50 -47.09
N LEU C 300 -16.91 -19.99 -46.93
CA LEU C 300 -17.50 -21.01 -47.81
C LEU C 300 -18.71 -20.50 -48.60
N SER C 301 -19.04 -21.20 -49.68
CA SER C 301 -20.27 -20.97 -50.41
C SER C 301 -21.19 -22.14 -50.07
N PRO C 302 -22.50 -21.99 -50.33
CA PRO C 302 -23.45 -23.07 -50.06
C PRO C 302 -23.15 -24.38 -50.83
N ALA C 303 -22.60 -24.28 -52.04
CA ALA C 303 -22.28 -25.46 -52.83
C ALA C 303 -21.18 -26.32 -52.19
N ASP C 304 -20.42 -25.70 -51.28
CA ASP C 304 -19.38 -26.39 -50.53
C ASP C 304 -19.94 -27.33 -49.47
N ILE C 305 -21.22 -27.19 -49.15
CA ILE C 305 -21.80 -27.98 -48.07
C ILE C 305 -22.30 -29.34 -48.56
N ASP C 306 -21.65 -30.36 -48.04
CA ASP C 306 -21.89 -31.75 -48.40
C ASP C 306 -22.92 -32.39 -47.46
N HIS C 307 -22.99 -31.86 -46.24
CA HIS C 307 -23.76 -32.49 -45.18
C HIS C 307 -24.44 -31.45 -44.28
N VAL C 308 -25.69 -31.71 -43.93
CA VAL C 308 -26.35 -30.99 -42.85
C VAL C 308 -26.82 -31.97 -41.77
N ASN C 309 -26.41 -31.71 -40.53
CA ASN C 309 -26.92 -32.47 -39.42
C ASN C 309 -28.07 -31.62 -38.87
N ALA C 310 -29.28 -32.10 -39.12
CA ALA C 310 -30.51 -31.38 -38.82
C ALA C 310 -30.87 -31.39 -37.33
N HIS C 311 -31.33 -30.26 -36.84
CA HIS C 311 -31.95 -30.22 -35.53
C HIS C 311 -33.09 -31.24 -35.50
N GLY C 312 -33.88 -31.28 -36.58
CA GLY C 312 -34.91 -32.28 -36.83
C GLY C 312 -35.53 -32.96 -35.61
N THR C 313 -36.45 -32.23 -34.97
CA THR C 313 -37.07 -32.66 -33.73
C THR C 313 -38.17 -33.71 -33.91
N ALA C 314 -38.74 -33.76 -35.12
CA ALA C 314 -39.88 -34.63 -35.46
C ALA C 314 -41.23 -34.02 -35.09
N THR C 315 -41.26 -32.72 -34.82
CA THR C 315 -42.51 -31.99 -34.70
C THR C 315 -42.94 -31.63 -36.12
N PRO C 316 -44.26 -31.64 -36.40
CA PRO C 316 -44.70 -31.27 -37.75
C PRO C 316 -44.20 -29.88 -38.18
N ILE C 317 -44.34 -28.84 -37.34
CA ILE C 317 -43.93 -27.50 -37.78
C ILE C 317 -42.43 -27.28 -37.75
N GLY C 318 -41.75 -27.93 -36.81
CA GLY C 318 -40.32 -27.73 -36.66
C GLY C 318 -39.53 -28.25 -37.85
N ASP C 319 -39.84 -29.47 -38.29
CA ASP C 319 -39.15 -30.04 -39.46
C ASP C 319 -39.45 -29.25 -40.74
N ALA C 320 -40.70 -28.83 -40.93
CA ALA C 320 -41.05 -28.04 -42.12
C ALA C 320 -40.27 -26.74 -42.16
N ALA C 321 -40.23 -26.06 -41.02
CA ALA C 321 -39.52 -24.80 -40.93
C ALA C 321 -38.04 -24.98 -41.24
N GLU C 322 -37.46 -26.08 -40.77
CA GLU C 322 -36.03 -26.34 -41.01
C GLU C 322 -35.72 -26.66 -42.46
N ALA C 323 -36.57 -27.46 -43.10
CA ALA C 323 -36.42 -27.72 -44.52
C ALA C 323 -36.46 -26.41 -45.29
N ASN C 324 -37.37 -25.51 -44.93
CA ASN C 324 -37.39 -24.19 -45.57
C ASN C 324 -36.08 -23.43 -45.35
N ALA C 325 -35.55 -23.53 -44.13
CA ALA C 325 -34.30 -22.88 -43.72
C ALA C 325 -33.12 -23.38 -44.56
N ILE C 326 -33.05 -24.69 -44.74
CA ILE C 326 -31.97 -25.29 -45.53
C ILE C 326 -32.04 -24.80 -47.00
N ARG C 327 -33.25 -24.76 -47.57
CA ARG C 327 -33.44 -24.14 -48.89
C ARG C 327 -33.06 -22.64 -48.94
N VAL C 328 -33.43 -21.86 -47.91
CA VAL C 328 -33.04 -20.46 -47.86
C VAL C 328 -31.50 -20.32 -47.93
N ALA C 329 -30.80 -21.22 -47.23
CA ALA C 329 -29.34 -21.20 -47.13
C ALA C 329 -28.69 -21.67 -48.44
N GLY C 330 -29.50 -22.27 -49.29
CA GLY C 330 -29.04 -22.87 -50.54
C GLY C 330 -28.27 -24.15 -50.29
N CYS C 331 -28.62 -24.86 -49.21
CA CYS C 331 -27.85 -26.04 -48.79
C CYS C 331 -28.64 -27.30 -49.01
N ASP C 332 -29.68 -27.24 -49.85
CA ASP C 332 -30.67 -28.32 -49.90
C ASP C 332 -30.26 -29.48 -50.81
N GLN C 333 -29.07 -29.33 -51.37
CA GLN C 333 -28.46 -30.43 -52.10
C GLN C 333 -27.55 -31.24 -51.19
N ALA C 334 -27.45 -30.85 -49.91
CA ALA C 334 -26.65 -31.58 -48.93
C ALA C 334 -27.34 -32.89 -48.47
N ALA C 335 -26.55 -33.92 -48.18
CA ALA C 335 -27.08 -35.11 -47.52
C ALA C 335 -27.43 -34.80 -46.06
N VAL C 336 -28.68 -35.10 -45.68
CA VAL C 336 -29.26 -34.71 -44.38
C VAL C 336 -29.41 -35.90 -43.41
N TYR C 337 -28.93 -35.72 -42.19
CA TYR C 337 -29.11 -36.66 -41.10
C TYR C 337 -29.91 -35.98 -39.96
N ALA C 338 -30.88 -36.67 -39.37
CA ALA C 338 -31.56 -36.19 -38.16
C ALA C 338 -31.34 -37.16 -37.01
N PRO C 339 -30.28 -36.94 -36.20
CA PRO C 339 -29.89 -37.88 -35.14
C PRO C 339 -30.91 -38.12 -34.03
N LYS C 340 -31.85 -37.20 -33.85
CA LYS C 340 -32.92 -37.35 -32.87
C LYS C 340 -33.81 -38.56 -33.18
N SER C 341 -33.87 -38.97 -34.45
CA SER C 341 -34.50 -40.24 -34.84
C SER C 341 -34.03 -41.45 -33.99
N ALA C 342 -32.74 -41.47 -33.62
CA ALA C 342 -32.17 -42.58 -32.87
C ALA C 342 -31.81 -42.26 -31.38
N LEU C 343 -31.41 -41.02 -31.13
CA LEU C 343 -30.95 -40.66 -29.78
C LEU C 343 -31.90 -39.76 -29.00
N GLY C 344 -33.01 -39.37 -29.62
CA GLY C 344 -33.91 -38.39 -29.06
C GLY C 344 -33.34 -36.99 -28.81
N HIS C 345 -34.10 -36.25 -28.03
CA HIS C 345 -33.89 -34.85 -27.77
C HIS C 345 -33.41 -34.67 -26.34
N SER C 346 -32.17 -34.16 -26.20
CA SER C 346 -31.57 -33.90 -24.89
C SER C 346 -31.50 -32.41 -24.55
N ILE C 347 -32.39 -31.61 -25.17
CA ILE C 347 -32.59 -30.19 -24.86
C ILE C 347 -31.27 -29.38 -24.89
N GLY C 348 -30.79 -28.91 -23.73
CA GLY C 348 -29.62 -28.05 -23.66
C GLY C 348 -28.32 -28.70 -24.12
N ALA C 349 -28.27 -30.03 -24.05
CA ALA C 349 -27.09 -30.79 -24.45
C ALA C 349 -27.06 -31.16 -25.93
N VAL C 350 -28.23 -31.14 -26.56
CA VAL C 350 -28.41 -31.82 -27.85
C VAL C 350 -27.56 -31.26 -28.99
N GLY C 351 -27.38 -29.95 -29.03
CA GLY C 351 -26.61 -29.37 -30.11
C GLY C 351 -25.14 -29.70 -29.99
N ALA C 352 -24.67 -29.93 -28.76
CA ALA C 352 -23.27 -30.28 -28.55
C ALA C 352 -23.05 -31.73 -28.96
N LEU C 353 -24.02 -32.57 -28.61
CA LEU C 353 -24.05 -33.98 -29.03
C LEU C 353 -24.00 -34.11 -30.54
N GLU C 354 -24.93 -33.41 -31.19
CA GLU C 354 -25.00 -33.40 -32.65
C GLU C 354 -23.78 -32.73 -33.30
N SER C 355 -23.15 -31.78 -32.62
CA SER C 355 -21.88 -31.22 -33.09
C SER C 355 -20.77 -32.27 -33.11
N VAL C 356 -20.71 -33.10 -32.06
CA VAL C 356 -19.80 -34.25 -32.01
C VAL C 356 -20.10 -35.25 -33.16
N LEU C 357 -21.37 -35.59 -33.37
CA LEU C 357 -21.79 -36.46 -34.48
C LEU C 357 -21.34 -35.96 -35.86
N THR C 358 -21.48 -34.65 -36.08
CA THR C 358 -21.03 -33.95 -37.29
C THR C 358 -19.52 -34.11 -37.52
N VAL C 359 -18.75 -33.99 -36.44
CA VAL C 359 -17.30 -34.20 -36.44
C VAL C 359 -16.97 -35.64 -36.87
N LEU C 360 -17.67 -36.60 -36.26
CA LEU C 360 -17.44 -37.99 -36.59
C LEU C 360 -17.81 -38.30 -38.05
N THR C 361 -18.80 -37.59 -38.59
CA THR C 361 -19.18 -37.76 -40.01
C THR C 361 -18.05 -37.31 -40.95
N LEU C 362 -17.45 -36.16 -40.64
CA LEU C 362 -16.29 -35.66 -41.37
C LEU C 362 -15.04 -36.54 -41.15
N ARG C 363 -14.77 -36.93 -39.91
CA ARG C 363 -13.69 -37.87 -39.64
C ARG C 363 -13.80 -39.19 -40.43
N ASP C 364 -14.96 -39.85 -40.32
CA ASP C 364 -15.14 -41.22 -40.82
C ASP C 364 -15.78 -41.35 -42.20
N GLY C 365 -16.16 -40.23 -42.81
CA GLY C 365 -16.65 -40.22 -44.17
C GLY C 365 -17.99 -40.89 -44.35
N VAL C 366 -18.86 -40.81 -43.32
CA VAL C 366 -20.16 -41.50 -43.34
C VAL C 366 -21.28 -40.83 -42.52
N ILE C 367 -22.52 -41.03 -42.95
CA ILE C 367 -23.67 -40.50 -42.23
C ILE C 367 -24.54 -41.70 -41.84
N PRO C 368 -24.90 -41.83 -40.55
CA PRO C 368 -25.80 -42.94 -40.23
C PRO C 368 -27.18 -42.75 -40.86
N PRO C 369 -27.99 -43.81 -40.84
CA PRO C 369 -29.33 -43.61 -41.40
C PRO C 369 -30.23 -42.84 -40.44
N THR C 370 -30.98 -41.87 -40.94
CA THR C 370 -32.09 -41.32 -40.17
C THR C 370 -33.13 -42.43 -39.96
N LEU C 371 -33.27 -42.89 -38.72
CA LEU C 371 -34.27 -43.91 -38.41
C LEU C 371 -35.71 -43.42 -38.63
N ASN C 372 -36.59 -44.39 -38.92
CA ASN C 372 -38.03 -44.20 -38.98
C ASN C 372 -38.48 -43.33 -40.15
N TYR C 373 -37.60 -43.16 -41.12
CA TYR C 373 -37.92 -42.35 -42.28
C TYR C 373 -38.51 -43.28 -43.34
N GLU C 374 -39.84 -43.31 -43.46
CA GLU C 374 -40.56 -44.35 -44.20
C GLU C 374 -41.48 -43.79 -45.28
N THR C 375 -42.05 -42.63 -45.00
CA THR C 375 -42.95 -41.97 -45.93
C THR C 375 -42.46 -40.53 -46.06
N PRO C 376 -41.89 -40.20 -47.21
CA PRO C 376 -41.49 -38.83 -47.53
C PRO C 376 -42.65 -37.82 -47.42
N ASP C 377 -42.32 -36.62 -46.94
CA ASP C 377 -43.26 -35.51 -46.80
C ASP C 377 -43.01 -34.52 -47.93
N PRO C 378 -44.04 -34.23 -48.76
CA PRO C 378 -43.84 -33.36 -49.92
C PRO C 378 -43.36 -31.96 -49.61
N GLU C 379 -43.63 -31.50 -48.38
CA GLU C 379 -43.23 -30.15 -47.98
C GLU C 379 -41.77 -30.11 -47.54
N ILE C 380 -41.21 -31.29 -47.27
CA ILE C 380 -39.83 -31.38 -46.80
C ILE C 380 -38.84 -31.28 -47.99
N ASP C 381 -38.99 -32.15 -48.98
CA ASP C 381 -38.11 -32.17 -50.16
C ASP C 381 -36.60 -32.05 -49.88
N LEU C 382 -36.07 -32.94 -49.03
CA LEU C 382 -34.64 -32.95 -48.71
C LEU C 382 -34.02 -34.32 -49.00
N ASP C 383 -32.70 -34.36 -49.18
CA ASP C 383 -32.01 -35.63 -49.35
C ASP C 383 -31.73 -36.26 -47.99
N VAL C 384 -32.76 -36.86 -47.39
CA VAL C 384 -32.63 -37.46 -46.06
C VAL C 384 -31.96 -38.84 -46.18
N VAL C 385 -30.81 -38.97 -45.53
CA VAL C 385 -30.09 -40.24 -45.45
C VAL C 385 -30.93 -41.22 -44.64
N ALA C 386 -31.21 -42.39 -45.19
CA ALA C 386 -32.04 -43.37 -44.49
C ALA C 386 -31.77 -44.74 -45.07
N GLY C 387 -32.15 -45.76 -44.30
CA GLY C 387 -32.06 -47.14 -44.76
C GLY C 387 -30.72 -47.78 -44.43
N GLU C 388 -29.67 -47.24 -45.03
CA GLU C 388 -28.31 -47.70 -44.80
C GLU C 388 -27.45 -46.48 -44.52
N PRO C 389 -26.32 -46.67 -43.84
CA PRO C 389 -25.40 -45.53 -43.76
C PRO C 389 -25.05 -45.03 -45.17
N ARG C 390 -24.81 -43.73 -45.31
CA ARG C 390 -24.30 -43.23 -46.57
C ARG C 390 -22.83 -42.76 -46.48
N TYR C 391 -21.99 -43.39 -47.29
CA TYR C 391 -20.56 -43.05 -47.35
C TYR C 391 -20.30 -42.02 -48.45
N GLY C 392 -19.27 -41.22 -48.25
CA GLY C 392 -18.90 -40.18 -49.17
C GLY C 392 -17.76 -39.35 -48.62
N ASP C 393 -17.11 -38.58 -49.50
CA ASP C 393 -16.05 -37.70 -49.07
C ASP C 393 -16.66 -36.35 -48.63
N TYR C 394 -17.20 -36.36 -47.42
CA TYR C 394 -17.78 -35.16 -46.86
C TYR C 394 -16.66 -34.23 -46.45
N ARG C 395 -16.63 -33.03 -47.04
CA ARG C 395 -15.57 -32.07 -46.75
C ARG C 395 -15.99 -30.95 -45.81
N TYR C 396 -17.27 -30.56 -45.89
CA TYR C 396 -17.82 -29.48 -45.06
C TYR C 396 -19.26 -29.82 -44.68
N ALA C 397 -19.61 -29.60 -43.41
CA ALA C 397 -20.94 -29.91 -42.88
C ALA C 397 -21.47 -28.72 -42.10
N VAL C 398 -22.79 -28.57 -42.00
CA VAL C 398 -23.35 -27.63 -41.06
C VAL C 398 -24.23 -28.37 -40.06
N ASN C 399 -23.97 -28.17 -38.76
CA ASN C 399 -24.84 -28.66 -37.70
C ASN C 399 -25.83 -27.56 -37.26
N ASN C 400 -27.13 -27.80 -37.38
CA ASN C 400 -28.13 -26.81 -36.94
C ASN C 400 -28.70 -27.13 -35.58
N SER C 401 -28.99 -26.07 -34.82
CA SER C 401 -29.77 -26.19 -33.60
C SER C 401 -30.63 -24.94 -33.50
N PHE C 402 -31.84 -25.13 -32.97
CA PHE C 402 -32.83 -24.09 -32.76
C PHE C 402 -33.41 -24.23 -31.35
N GLY C 403 -33.90 -23.15 -30.77
CA GLY C 403 -34.44 -23.29 -29.44
C GLY C 403 -35.64 -22.39 -29.23
N PHE C 404 -36.56 -22.81 -28.34
CA PHE C 404 -37.67 -21.97 -27.88
C PHE C 404 -37.13 -20.57 -27.54
N GLY C 405 -37.81 -19.54 -28.00
CA GLY C 405 -37.32 -18.18 -27.88
C GLY C 405 -36.98 -17.61 -29.24
N GLY C 406 -36.88 -18.47 -30.25
CA GLY C 406 -36.58 -18.04 -31.61
C GLY C 406 -35.10 -18.04 -31.97
N HIS C 407 -34.32 -18.89 -31.31
CA HIS C 407 -32.86 -18.89 -31.44
C HIS C 407 -32.37 -19.82 -32.54
N ASN C 408 -31.54 -19.29 -33.45
CA ASN C 408 -30.96 -20.08 -34.53
C ASN C 408 -29.42 -20.17 -34.44
N VAL C 409 -28.88 -21.38 -34.31
CA VAL C 409 -27.44 -21.55 -34.24
C VAL C 409 -26.95 -22.53 -35.31
N ALA C 410 -26.04 -22.07 -36.17
CA ALA C 410 -25.43 -22.95 -37.16
C ALA C 410 -23.91 -22.96 -36.96
N LEU C 411 -23.33 -24.16 -36.93
CA LEU C 411 -21.88 -24.37 -36.82
C LEU C 411 -21.37 -24.99 -38.11
N ALA C 412 -20.34 -24.39 -38.70
CA ALA C 412 -19.72 -24.91 -39.92
C ALA C 412 -18.47 -25.68 -39.56
N PHE C 413 -18.41 -26.95 -39.96
CA PHE C 413 -17.29 -27.83 -39.63
C PHE C 413 -16.63 -28.25 -40.94
N GLY C 414 -15.35 -28.58 -40.88
CA GLY C 414 -14.65 -29.10 -42.04
C GLY C 414 -13.88 -30.34 -41.68
N ARG C 415 -13.66 -31.19 -42.66
CA ARG C 415 -12.76 -32.31 -42.50
C ARG C 415 -11.36 -31.76 -42.28
N TYR C 416 -10.59 -32.42 -41.44
CA TYR C 416 -9.23 -31.99 -41.24
C TYR C 416 -8.29 -32.69 -42.22
N SER D 2 -0.37 -6.30 -36.10
CA SER D 2 -0.80 -5.77 -34.80
C SER D 2 -2.28 -5.99 -34.53
N GLN D 3 -2.62 -6.16 -33.26
CA GLN D 3 -3.99 -6.45 -32.82
C GLN D 3 -4.97 -5.28 -33.06
N PRO D 4 -6.21 -5.61 -33.47
CA PRO D 4 -7.26 -4.58 -33.55
C PRO D 4 -7.61 -4.00 -32.16
N SER D 5 -7.92 -2.71 -32.16
CA SER D 5 -8.45 -2.06 -30.97
C SER D 5 -9.46 -1.04 -31.44
N THR D 6 -10.27 -0.52 -30.53
CA THR D 6 -11.26 0.50 -30.89
C THR D 6 -10.48 1.74 -31.31
N ALA D 7 -9.49 2.08 -30.49
CA ALA D 7 -8.63 3.24 -30.68
C ALA D 7 -7.98 3.30 -32.06
N ASN D 8 -7.37 2.18 -32.46
CA ASN D 8 -6.62 2.12 -33.70
C ASN D 8 -7.49 1.80 -34.92
N GLY D 9 -8.80 1.81 -34.74
CA GLY D 9 -9.73 1.62 -35.84
C GLY D 9 -10.07 0.18 -36.19
N GLY D 10 -9.43 -0.77 -35.51
CA GLY D 10 -9.60 -2.20 -35.81
C GLY D 10 -10.99 -2.72 -35.51
N PHE D 11 -11.62 -2.16 -34.48
CA PHE D 11 -13.02 -2.44 -34.18
C PHE D 11 -13.85 -1.22 -34.54
N PRO D 12 -15.08 -1.43 -35.04
CA PRO D 12 -15.95 -0.26 -35.22
C PRO D 12 -16.23 0.45 -33.88
N SER D 13 -16.46 1.75 -33.97
CA SER D 13 -16.81 2.55 -32.82
C SER D 13 -18.24 2.26 -32.41
N VAL D 14 -18.43 1.97 -31.11
CA VAL D 14 -19.72 1.64 -30.54
C VAL D 14 -20.11 2.67 -29.46
N VAL D 15 -21.35 3.19 -29.53
CA VAL D 15 -21.83 4.23 -28.58
C VAL D 15 -23.10 3.83 -27.79
N VAL D 16 -23.17 4.30 -26.55
CA VAL D 16 -24.40 4.16 -25.75
C VAL D 16 -25.39 5.31 -26.07
N THR D 17 -26.56 4.97 -26.59
CA THR D 17 -27.49 6.00 -27.02
C THR D 17 -28.75 6.11 -26.14
N ALA D 18 -28.98 5.14 -25.25
CA ALA D 18 -30.14 5.18 -24.37
C ALA D 18 -29.90 4.26 -23.18
N VAL D 19 -30.49 4.59 -22.04
CA VAL D 19 -30.39 3.75 -20.85
C VAL D 19 -31.75 3.74 -20.15
N THR D 20 -32.02 2.66 -19.43
CA THR D 20 -33.20 2.61 -18.59
C THR D 20 -32.88 1.73 -17.38
N ALA D 21 -33.45 2.05 -16.23
CA ALA D 21 -33.31 1.16 -15.08
C ALA D 21 -34.45 1.39 -14.09
N THR D 22 -34.82 0.34 -13.36
CA THR D 22 -35.73 0.49 -12.24
C THR D 22 -34.96 0.05 -10.99
N THR D 23 -35.19 0.73 -9.90
CA THR D 23 -34.24 0.70 -8.81
C THR D 23 -34.99 0.86 -7.48
N SER D 24 -34.32 0.60 -6.36
CA SER D 24 -34.95 0.83 -5.07
C SER D 24 -35.15 2.32 -4.73
N ILE D 25 -34.49 3.21 -5.46
CA ILE D 25 -34.60 4.67 -5.25
C ILE D 25 -35.70 5.23 -6.14
N SER D 26 -35.75 4.80 -7.39
CA SER D 26 -36.73 5.30 -8.35
C SER D 26 -36.89 4.39 -9.56
N PRO D 27 -38.08 4.43 -10.21
CA PRO D 27 -38.21 3.77 -11.52
C PRO D 27 -37.63 4.56 -12.71
N ASP D 28 -37.18 5.81 -12.47
CA ASP D 28 -36.62 6.65 -13.51
CA ASP D 28 -36.61 6.67 -13.53
C ASP D 28 -35.12 6.74 -13.30
N ILE D 29 -34.33 6.26 -14.26
CA ILE D 29 -32.87 6.28 -14.09
C ILE D 29 -32.25 7.66 -13.76
N GLU D 30 -32.78 8.74 -14.34
CA GLU D 30 -32.27 10.09 -14.05
C GLU D 30 -32.56 10.55 -12.61
N SER D 31 -33.72 10.14 -12.07
CA SER D 31 -34.07 10.38 -10.66
C SER D 31 -33.28 9.48 -9.70
N THR D 32 -33.03 8.23 -10.10
CA THR D 32 -32.07 7.41 -9.35
C THR D 32 -30.71 8.13 -9.25
N TRP D 33 -30.21 8.58 -10.39
CA TRP D 33 -28.90 9.23 -10.50
C TRP D 33 -28.78 10.49 -9.63
N LYS D 34 -29.81 11.32 -9.67
CA LYS D 34 -29.84 12.52 -8.84
C LYS D 34 -29.89 12.13 -7.36
N GLY D 35 -30.74 11.15 -7.03
CA GLY D 35 -30.78 10.60 -5.69
C GLY D 35 -29.43 10.10 -5.15
N LEU D 36 -28.69 9.39 -5.98
CA LEU D 36 -27.37 8.89 -5.59
C LEU D 36 -26.38 9.99 -5.30
N LEU D 37 -26.34 11.00 -6.17
CA LEU D 37 -25.46 12.16 -6.03
C LEU D 37 -25.77 12.90 -4.73
N ALA D 38 -27.05 12.97 -4.40
CA ALA D 38 -27.58 13.55 -3.17
C ALA D 38 -27.36 12.67 -1.91
N GLY D 39 -26.80 11.48 -2.08
CA GLY D 39 -26.50 10.63 -0.94
C GLY D 39 -27.69 9.81 -0.46
N GLU D 40 -28.65 9.53 -1.35
CA GLU D 40 -29.82 8.71 -0.98
C GLU D 40 -29.49 7.22 -0.98
N SER D 41 -30.20 6.48 -0.12
CA SER D 41 -30.08 5.03 -0.03
C SER D 41 -31.44 4.43 -0.36
N GLY D 42 -31.44 3.33 -1.12
CA GLY D 42 -32.67 2.62 -1.40
C GLY D 42 -32.95 1.51 -0.41
N ILE D 43 -32.10 1.36 0.62
CA ILE D 43 -32.22 0.22 1.55
C ILE D 43 -33.10 0.56 2.76
N HIS D 44 -34.08 -0.31 3.04
CA HIS D 44 -35.02 -0.09 4.12
C HIS D 44 -35.20 -1.37 4.94
N ALA D 45 -36.13 -1.32 5.90
CA ALA D 45 -36.52 -2.51 6.65
C ALA D 45 -37.54 -3.32 5.84
N LEU D 46 -37.37 -4.64 5.82
CA LEU D 46 -38.34 -5.51 5.19
C LEU D 46 -39.64 -5.60 6.02
N GLU D 47 -40.79 -5.47 5.36
CA GLU D 47 -42.08 -5.38 6.05
C GLU D 47 -42.98 -6.50 5.53
N ASP D 48 -42.46 -7.26 4.56
CA ASP D 48 -43.21 -8.38 4.01
C ASP D 48 -43.46 -9.38 5.14
N GLU D 49 -44.72 -9.51 5.55
CA GLU D 49 -45.14 -10.45 6.61
C GLU D 49 -44.18 -11.60 6.83
N PHE D 50 -43.65 -12.11 5.71
CA PHE D 50 -42.77 -13.29 5.69
C PHE D 50 -41.51 -13.21 6.55
N VAL D 51 -41.19 -12.01 7.05
CA VAL D 51 -39.98 -11.81 7.84
C VAL D 51 -40.13 -12.43 9.22
N THR D 52 -41.30 -12.18 9.82
CA THR D 52 -41.77 -12.88 11.02
C THR D 52 -42.22 -14.32 10.69
N LYS D 53 -42.98 -14.48 9.60
CA LYS D 53 -43.33 -15.81 9.10
C LYS D 53 -42.15 -16.80 9.12
N TRP D 54 -41.01 -16.40 8.58
CA TRP D 54 -39.85 -17.31 8.45
C TRP D 54 -38.76 -17.03 9.48
N ASP D 55 -38.94 -15.99 10.28
CA ASP D 55 -37.86 -15.43 11.10
C ASP D 55 -36.54 -15.55 10.35
N LEU D 56 -36.37 -14.65 9.40
CA LEU D 56 -35.14 -14.59 8.64
C LEU D 56 -34.15 -13.73 9.44
N ALA D 57 -32.89 -14.15 9.45
CA ALA D 57 -31.82 -13.39 10.12
C ALA D 57 -31.45 -12.09 9.38
N VAL D 58 -31.78 -12.03 8.10
CA VAL D 58 -31.65 -10.81 7.30
C VAL D 58 -33.03 -10.14 7.21
N LYS D 59 -33.17 -8.96 7.81
CA LYS D 59 -34.46 -8.27 7.82
C LYS D 59 -34.42 -6.93 7.10
N ILE D 60 -33.44 -6.77 6.21
CA ILE D 60 -33.27 -5.54 5.44
C ILE D 60 -33.03 -5.75 3.95
N GLY D 61 -33.38 -4.74 3.16
CA GLY D 61 -33.13 -4.77 1.73
C GLY D 61 -33.87 -3.67 1.02
N GLY D 62 -33.68 -3.57 -0.29
CA GLY D 62 -34.38 -2.55 -1.07
C GLY D 62 -35.29 -3.12 -2.14
N HIS D 63 -36.61 -3.09 -1.89
CA HIS D 63 -37.58 -3.41 -2.93
C HIS D 63 -37.55 -2.26 -3.94
N LEU D 64 -37.97 -2.54 -5.17
CA LEU D 64 -38.11 -1.49 -6.18
C LEU D 64 -39.01 -0.37 -5.69
N LYS D 65 -38.64 0.88 -5.97
CA LYS D 65 -39.48 2.00 -5.52
C LYS D 65 -40.89 1.84 -6.09
N ASP D 66 -40.94 1.47 -7.36
CA ASP D 66 -42.19 1.26 -8.09
C ASP D 66 -42.18 -0.21 -8.57
N PRO D 67 -43.02 -1.06 -7.96
CA PRO D 67 -43.06 -2.48 -8.33
C PRO D 67 -43.39 -2.72 -9.81
N VAL D 68 -42.69 -3.66 -10.42
CA VAL D 68 -42.92 -4.00 -11.81
C VAL D 68 -44.39 -4.29 -12.07
N ASP D 69 -45.03 -5.06 -11.18
CA ASP D 69 -46.38 -5.55 -11.44
C ASP D 69 -47.48 -4.49 -11.29
N SER D 70 -47.08 -3.28 -10.96
CA SER D 70 -48.02 -2.20 -10.88
C SER D 70 -48.27 -1.69 -12.29
N HIS D 71 -47.48 -2.18 -13.25
CA HIS D 71 -47.61 -1.85 -14.69
C HIS D 71 -48.04 -3.06 -15.52
N MET D 72 -48.48 -4.11 -14.83
CA MET D 72 -48.76 -5.38 -15.50
C MET D 72 -50.21 -5.79 -15.37
N GLY D 73 -50.84 -6.07 -16.51
CA GLY D 73 -52.25 -6.39 -16.55
C GLY D 73 -52.45 -7.85 -16.35
N ARG D 74 -53.70 -8.31 -16.36
CA ARG D 74 -54.00 -9.72 -16.13
C ARG D 74 -53.28 -10.66 -17.13
N LEU D 75 -53.21 -10.25 -18.40
CA LEU D 75 -52.63 -11.10 -19.43
C LEU D 75 -51.15 -11.40 -19.14
N ASP D 76 -50.39 -10.35 -18.89
CA ASP D 76 -48.96 -10.49 -18.66
C ASP D 76 -48.71 -11.22 -17.37
N MET D 77 -49.60 -11.01 -16.38
CA MET D 77 -49.45 -11.70 -15.10
C MET D 77 -49.64 -13.20 -15.25
N ARG D 78 -50.34 -13.61 -16.31
CA ARG D 78 -50.66 -15.01 -16.61
C ARG D 78 -49.60 -15.70 -17.52
N ARG D 79 -49.02 -14.93 -18.43
CA ARG D 79 -48.30 -15.50 -19.58
C ARG D 79 -46.76 -15.36 -19.50
N MET D 80 -46.29 -14.64 -18.48
CA MET D 80 -44.88 -14.33 -18.33
C MET D 80 -44.46 -14.59 -16.88
N SER D 81 -43.20 -14.97 -16.70
CA SER D 81 -42.63 -15.03 -15.37
C SER D 81 -42.23 -13.61 -14.97
N TYR D 82 -41.78 -13.44 -13.73
CA TYR D 82 -41.46 -12.10 -13.25
C TYR D 82 -40.37 -11.39 -14.03
N VAL D 83 -39.29 -12.09 -14.39
CA VAL D 83 -38.18 -11.46 -15.11
C VAL D 83 -38.57 -11.07 -16.53
N GLN D 84 -39.48 -11.84 -17.14
CA GLN D 84 -40.00 -11.50 -18.46
C GLN D 84 -40.86 -10.23 -18.38
N ARG D 85 -41.68 -10.11 -17.34
CA ARG D 85 -42.43 -8.88 -17.07
C ARG D 85 -41.50 -7.69 -16.83
N MET D 86 -40.48 -7.85 -15.98
CA MET D 86 -39.44 -6.81 -15.88
C MET D 86 -38.84 -6.44 -17.24
N GLY D 87 -38.48 -7.46 -18.02
CA GLY D 87 -37.85 -7.25 -19.31
C GLY D 87 -38.74 -6.49 -20.29
N LYS D 88 -40.01 -6.89 -20.37
CA LYS D 88 -41.00 -6.22 -21.21
C LYS D 88 -41.11 -4.75 -20.85
N LEU D 89 -41.28 -4.47 -19.56
CA LEU D 89 -41.37 -3.11 -19.05
C LEU D 89 -40.15 -2.27 -19.43
N LEU D 90 -38.95 -2.74 -19.07
CA LEU D 90 -37.72 -2.00 -19.39
C LEU D 90 -37.48 -1.92 -20.90
N GLY D 91 -37.79 -3.00 -21.63
CA GLY D 91 -37.66 -3.00 -23.07
C GLY D 91 -38.42 -1.85 -23.72
N GLY D 92 -39.68 -1.68 -23.33
CA GLY D 92 -40.53 -0.65 -23.90
C GLY D 92 -40.11 0.74 -23.47
N GLN D 93 -39.79 0.87 -22.18
CA GLN D 93 -39.23 2.12 -21.67
C GLN D 93 -38.02 2.54 -22.44
N LEU D 94 -37.11 1.61 -22.64
CA LEU D 94 -35.86 1.96 -23.31
C LEU D 94 -36.09 2.36 -24.75
N TRP D 95 -36.96 1.64 -25.43
CA TRP D 95 -37.24 1.91 -26.82
C TRP D 95 -37.84 3.31 -26.99
N GLU D 96 -38.86 3.64 -26.21
CA GLU D 96 -39.38 5.01 -26.16
C GLU D 96 -38.27 6.05 -25.93
N SER D 97 -37.39 5.81 -24.96
CA SER D 97 -36.33 6.74 -24.64
C SER D 97 -35.44 6.98 -25.85
N ALA D 98 -35.33 5.98 -26.71
CA ALA D 98 -34.41 6.08 -27.82
C ALA D 98 -35.06 6.79 -29.02
N GLY D 99 -36.29 7.27 -28.83
CA GLY D 99 -37.06 7.79 -29.94
C GLY D 99 -37.81 6.75 -30.79
N SER D 100 -38.03 5.55 -30.25
CA SER D 100 -38.65 4.45 -30.98
C SER D 100 -38.08 4.26 -32.38
N PRO D 101 -36.77 4.07 -32.47
CA PRO D 101 -36.18 4.04 -33.82
C PRO D 101 -36.77 2.92 -34.70
N GLU D 102 -36.80 3.15 -36.01
CA GLU D 102 -37.02 2.07 -36.96
C GLU D 102 -35.65 1.54 -37.35
N VAL D 103 -35.33 0.32 -36.92
CA VAL D 103 -34.02 -0.24 -37.20
C VAL D 103 -34.23 -1.42 -38.13
N ASP D 104 -33.19 -1.83 -38.83
CA ASP D 104 -33.20 -3.09 -39.57
C ASP D 104 -33.23 -4.25 -38.56
N PRO D 105 -34.33 -5.03 -38.55
CA PRO D 105 -34.44 -6.10 -37.53
C PRO D 105 -33.30 -7.10 -37.67
N ASP D 106 -32.81 -7.25 -38.89
CA ASP D 106 -31.78 -8.23 -39.21
C ASP D 106 -30.37 -7.78 -38.77
N ARG D 107 -30.25 -6.53 -38.32
CA ARG D 107 -29.00 -6.01 -37.73
C ARG D 107 -29.19 -5.65 -36.27
N PHE D 108 -30.29 -6.11 -35.68
CA PHE D 108 -30.72 -5.73 -34.32
C PHE D 108 -30.61 -6.95 -33.39
N ALA D 109 -29.77 -6.87 -32.36
CA ALA D 109 -29.61 -7.99 -31.42
C ALA D 109 -30.09 -7.64 -30.04
N VAL D 110 -30.35 -8.66 -29.24
CA VAL D 110 -30.68 -8.50 -27.84
C VAL D 110 -29.75 -9.39 -27.02
N VAL D 111 -29.08 -8.84 -26.00
CA VAL D 111 -28.29 -9.64 -25.05
C VAL D 111 -28.66 -9.24 -23.61
N VAL D 112 -29.39 -10.14 -22.95
CA VAL D 112 -29.86 -9.88 -21.59
C VAL D 112 -29.52 -11.04 -20.62
N GLY D 113 -28.76 -10.73 -19.57
CA GLY D 113 -28.43 -11.73 -18.56
C GLY D 113 -29.42 -11.74 -17.41
N THR D 114 -29.40 -12.82 -16.63
CA THR D 114 -30.20 -12.97 -15.40
C THR D 114 -29.56 -14.11 -14.61
N GLY D 115 -29.79 -14.15 -13.30
CA GLY D 115 -29.21 -15.17 -12.43
C GLY D 115 -29.72 -16.58 -12.63
N LEU D 116 -31.05 -16.72 -12.71
CA LEU D 116 -31.73 -18.02 -12.70
C LEU D 116 -32.82 -18.16 -13.78
N GLY D 117 -33.67 -17.16 -13.91
CA GLY D 117 -34.79 -17.28 -14.85
C GLY D 117 -36.11 -17.26 -14.12
N GLY D 118 -37.13 -17.83 -14.75
CA GLY D 118 -38.48 -17.81 -14.21
C GLY D 118 -38.75 -18.90 -13.17
N ALA D 119 -37.91 -18.94 -12.14
CA ALA D 119 -37.94 -19.99 -11.14
C ALA D 119 -39.23 -20.10 -10.29
N GLU D 120 -39.95 -19.00 -10.08
CA GLU D 120 -41.22 -19.06 -9.37
C GLU D 120 -42.25 -19.93 -10.11
N ARG D 121 -42.07 -20.06 -11.43
CA ARG D 121 -42.97 -20.88 -12.27
C ARG D 121 -42.59 -22.36 -12.23
N ILE D 122 -41.32 -22.63 -11.93
CA ILE D 122 -40.89 -23.99 -11.62
C ILE D 122 -41.63 -24.47 -10.38
N VAL D 123 -41.59 -23.69 -9.30
CA VAL D 123 -42.19 -24.19 -8.06
C VAL D 123 -43.71 -24.21 -8.14
N GLU D 124 -44.27 -23.26 -8.89
CA GLU D 124 -45.72 -23.27 -9.11
C GLU D 124 -46.17 -24.51 -9.90
N SER D 125 -45.46 -24.86 -10.97
CA SER D 125 -45.78 -26.04 -11.78
C SER D 125 -45.60 -27.36 -11.00
N TYR D 126 -44.61 -27.37 -10.12
CA TYR D 126 -44.36 -28.48 -9.23
C TYR D 126 -45.56 -28.66 -8.29
N ASP D 127 -46.01 -27.58 -7.67
CA ASP D 127 -47.16 -27.62 -6.75
C ASP D 127 -48.48 -28.03 -7.45
N LEU D 128 -48.70 -27.50 -8.66
CA LEU D 128 -49.87 -27.79 -9.45
C LEU D 128 -49.94 -29.25 -9.80
N MET D 129 -48.82 -29.82 -10.25
CA MET D 129 -48.77 -31.22 -10.67
C MET D 129 -48.87 -32.17 -9.48
N ASN D 130 -48.26 -31.78 -8.35
CA ASN D 130 -48.36 -32.59 -7.15
C ASN D 130 -49.76 -32.74 -6.60
N ALA D 131 -50.53 -31.66 -6.69
CA ALA D 131 -51.89 -31.65 -6.21
C ALA D 131 -52.92 -32.18 -7.23
N GLY D 132 -52.65 -32.00 -8.53
CA GLY D 132 -53.64 -32.28 -9.57
C GLY D 132 -53.22 -33.02 -10.83
N GLY D 133 -51.97 -33.46 -10.90
CA GLY D 133 -51.50 -34.19 -12.06
C GLY D 133 -50.87 -33.36 -13.18
N PRO D 134 -50.37 -34.05 -14.23
CA PRO D 134 -49.63 -33.45 -15.35
C PRO D 134 -50.42 -32.44 -16.17
N ARG D 135 -51.73 -32.64 -16.28
CA ARG D 135 -52.56 -31.74 -17.05
C ARG D 135 -52.86 -30.41 -16.36
N LYS D 136 -52.39 -30.26 -15.12
CA LYS D 136 -52.48 -28.99 -14.37
C LYS D 136 -51.30 -28.02 -14.63
N VAL D 137 -50.22 -28.52 -15.26
CA VAL D 137 -49.08 -27.71 -15.69
C VAL D 137 -49.45 -26.95 -16.98
N SER D 138 -49.17 -25.65 -17.03
CA SER D 138 -49.59 -24.81 -18.17
C SER D 138 -48.80 -25.06 -19.46
N PRO D 139 -49.49 -25.00 -20.63
CA PRO D 139 -48.74 -25.06 -21.89
C PRO D 139 -47.71 -23.94 -21.98
N LEU D 140 -47.85 -22.93 -21.12
CA LEU D 140 -46.95 -21.78 -21.13
C LEU D 140 -45.78 -21.93 -20.14
N ALA D 141 -45.74 -23.05 -19.40
CA ALA D 141 -44.76 -23.21 -18.32
C ALA D 141 -43.32 -23.22 -18.83
N VAL D 142 -43.01 -24.04 -19.84
CA VAL D 142 -41.63 -24.07 -20.36
C VAL D 142 -41.09 -22.69 -20.76
N GLN D 143 -41.86 -21.94 -21.56
CA GLN D 143 -41.43 -20.58 -22.01
C GLN D 143 -41.30 -19.50 -20.93
N MET D 144 -41.99 -19.68 -19.82
CA MET D 144 -41.86 -18.79 -18.67
C MET D 144 -40.69 -19.19 -17.80
N ILE D 145 -40.36 -20.47 -17.83
CA ILE D 145 -39.31 -21.00 -16.96
C ILE D 145 -37.91 -20.83 -17.53
N MET D 146 -37.74 -21.12 -18.83
CA MET D 146 -36.41 -21.11 -19.46
CA MET D 146 -36.42 -21.09 -19.49
C MET D 146 -35.66 -19.79 -19.22
N PRO D 147 -34.39 -19.89 -18.79
CA PRO D 147 -33.65 -18.67 -18.37
C PRO D 147 -33.44 -17.64 -19.49
N ASN D 148 -33.52 -18.09 -20.73
CA ASN D 148 -33.49 -17.21 -21.89
C ASN D 148 -34.83 -16.47 -22.13
N GLY D 149 -35.84 -16.77 -21.31
CA GLY D 149 -37.18 -16.21 -21.44
C GLY D 149 -37.25 -14.70 -21.51
N ALA D 150 -36.59 -14.01 -20.58
CA ALA D 150 -36.64 -12.55 -20.58
C ALA D 150 -36.03 -11.91 -21.83
N ALA D 151 -34.81 -12.30 -22.21
CA ALA D 151 -34.21 -11.87 -23.48
C ALA D 151 -35.11 -12.19 -24.68
N ALA D 152 -35.65 -13.40 -24.71
CA ALA D 152 -36.56 -13.80 -25.78
C ALA D 152 -37.80 -12.89 -25.85
N VAL D 153 -38.39 -12.56 -24.69
CA VAL D 153 -39.56 -11.66 -24.65
C VAL D 153 -39.17 -10.28 -25.21
N ILE D 154 -38.00 -9.78 -24.84
CA ILE D 154 -37.51 -8.48 -25.34
C ILE D 154 -37.26 -8.50 -26.87
N GLY D 155 -36.60 -9.55 -27.36
CA GLY D 155 -36.40 -9.69 -28.79
C GLY D 155 -37.70 -9.72 -29.60
N LEU D 156 -38.69 -10.46 -29.11
CA LEU D 156 -39.98 -10.53 -29.80
C LEU D 156 -40.75 -9.20 -29.72
N GLN D 157 -40.74 -8.56 -28.56
CA GLN D 157 -41.37 -7.25 -28.35
C GLN D 157 -40.78 -6.20 -29.30
N LEU D 158 -39.46 -6.20 -29.43
CA LEU D 158 -38.78 -5.13 -30.16
C LEU D 158 -38.46 -5.45 -31.63
N GLY D 159 -38.43 -6.74 -31.98
CA GLY D 159 -38.20 -7.15 -33.36
C GLY D 159 -36.77 -7.55 -33.68
N ALA D 160 -36.03 -8.02 -32.68
CA ALA D 160 -34.61 -8.33 -32.88
C ALA D 160 -34.39 -9.67 -33.58
N ARG D 161 -33.78 -9.62 -34.76
CA ARG D 161 -33.58 -10.81 -35.58
C ARG D 161 -32.10 -11.11 -35.86
N ALA D 162 -31.20 -10.30 -35.29
CA ALA D 162 -29.75 -10.58 -35.34
C ALA D 162 -29.17 -11.34 -34.13
N GLY D 163 -30.01 -12.03 -33.37
CA GLY D 163 -29.54 -12.81 -32.23
C GLY D 163 -30.17 -12.36 -30.92
N VAL D 164 -30.63 -13.34 -30.14
CA VAL D 164 -31.12 -13.08 -28.79
C VAL D 164 -30.32 -14.01 -27.87
N MET D 165 -29.50 -13.43 -26.99
CA MET D 165 -28.59 -14.24 -26.19
CA MET D 165 -28.56 -14.21 -26.19
C MET D 165 -28.75 -13.96 -24.69
N THR D 166 -28.51 -15.01 -23.89
CA THR D 166 -28.59 -14.89 -22.43
C THR D 166 -27.35 -15.56 -21.85
N PRO D 167 -26.35 -14.74 -21.47
CA PRO D 167 -25.24 -15.33 -20.72
C PRO D 167 -25.58 -15.37 -19.24
N VAL D 168 -25.37 -16.52 -18.62
CA VAL D 168 -25.50 -16.58 -17.18
C VAL D 168 -24.11 -16.77 -16.52
N SER D 169 -23.75 -15.79 -15.69
CA SER D 169 -22.57 -15.90 -14.86
C SER D 169 -22.90 -15.36 -13.48
N ALA D 170 -24.06 -15.72 -12.95
CA ALA D 170 -24.44 -15.27 -11.62
C ALA D 170 -24.37 -13.74 -11.50
N GLN D 171 -23.61 -13.22 -10.53
CA GLN D 171 -23.53 -11.77 -10.26
C GLN D 171 -22.80 -10.88 -11.28
N SER D 172 -22.13 -11.48 -12.25
CA SER D 172 -21.60 -10.73 -13.39
C SER D 172 -22.49 -10.82 -14.67
N SER D 173 -23.64 -11.49 -14.62
CA SER D 173 -24.46 -11.72 -15.84
C SER D 173 -24.80 -10.42 -16.60
N GLY D 174 -25.21 -9.38 -15.85
CA GLY D 174 -25.66 -8.13 -16.45
C GLY D 174 -24.57 -7.38 -17.20
N SER D 175 -23.34 -7.45 -16.68
CA SER D 175 -22.17 -6.91 -17.37
C SER D 175 -21.75 -7.77 -18.53
N GLU D 176 -21.85 -9.09 -18.35
CA GLU D 176 -21.42 -10.01 -19.40
C GLU D 176 -22.33 -9.85 -20.60
N ALA D 177 -23.62 -9.60 -20.37
CA ALA D 177 -24.57 -9.28 -21.45
C ALA D 177 -24.10 -8.14 -22.37
N ILE D 178 -23.67 -7.03 -21.76
CA ILE D 178 -23.15 -5.89 -22.50
C ILE D 178 -21.81 -6.23 -23.19
N ALA D 179 -20.96 -7.03 -22.54
CA ALA D 179 -19.78 -7.57 -23.20
C ALA D 179 -20.09 -8.33 -24.50
N HIS D 180 -21.02 -9.27 -24.46
CA HIS D 180 -21.35 -10.05 -25.66
C HIS D 180 -22.09 -9.26 -26.72
N ALA D 181 -22.78 -8.20 -26.34
CA ALA D 181 -23.47 -7.32 -27.30
C ALA D 181 -22.43 -6.49 -28.03
N TRP D 182 -21.45 -5.99 -27.29
CA TRP D 182 -20.34 -5.30 -27.93
C TRP D 182 -19.64 -6.23 -28.93
N ARG D 183 -19.36 -7.47 -28.53
CA ARG D 183 -18.73 -8.44 -29.43
C ARG D 183 -19.58 -8.66 -30.68
N GLN D 184 -20.89 -8.81 -30.48
CA GLN D 184 -21.83 -9.09 -31.58
C GLN D 184 -21.74 -8.00 -32.63
N ILE D 185 -21.60 -6.77 -32.15
CA ILE D 185 -21.46 -5.59 -33.01
C ILE D 185 -20.09 -5.46 -33.68
N VAL D 186 -19.00 -5.55 -32.89
CA VAL D 186 -17.63 -5.45 -33.44
C VAL D 186 -17.27 -6.62 -34.38
N MET D 187 -17.84 -7.81 -34.14
CA MET D 187 -17.65 -8.93 -35.04
C MET D 187 -18.52 -8.81 -36.32
N GLY D 188 -19.35 -7.77 -36.39
CA GLY D 188 -20.09 -7.52 -37.62
C GLY D 188 -21.42 -8.23 -37.74
N ASP D 189 -21.88 -8.80 -36.63
CA ASP D 189 -23.12 -9.58 -36.63
C ASP D 189 -24.36 -8.71 -36.41
N ALA D 190 -24.18 -7.54 -35.81
CA ALA D 190 -25.29 -6.64 -35.53
C ALA D 190 -24.77 -5.21 -35.58
N ASP D 191 -25.68 -4.28 -35.80
CA ASP D 191 -25.32 -2.86 -35.78
CA ASP D 191 -25.41 -2.84 -35.86
C ASP D 191 -25.89 -2.13 -34.58
N VAL D 192 -26.89 -2.73 -33.95
CA VAL D 192 -27.55 -2.12 -32.81
C VAL D 192 -27.93 -3.27 -31.90
N ALA D 193 -27.84 -3.05 -30.59
CA ALA D 193 -28.21 -4.08 -29.60
C ALA D 193 -28.85 -3.51 -28.34
N VAL D 194 -29.97 -4.08 -27.94
CA VAL D 194 -30.48 -3.88 -26.58
C VAL D 194 -29.78 -4.86 -25.60
N CYS D 195 -29.28 -4.36 -24.48
CA CYS D 195 -28.50 -5.23 -23.62
C CYS D 195 -28.51 -4.81 -22.16
N GLY D 196 -28.39 -5.80 -21.29
CA GLY D 196 -28.38 -5.53 -19.86
C GLY D 196 -28.74 -6.75 -19.05
N GLY D 197 -29.40 -6.55 -17.92
CA GLY D 197 -29.75 -7.68 -17.08
C GLY D 197 -31.01 -7.40 -16.31
N VAL D 198 -31.70 -8.47 -15.93
CA VAL D 198 -32.90 -8.41 -15.12
C VAL D 198 -32.75 -9.45 -14.01
N GLU D 199 -33.57 -9.35 -12.97
CA GLU D 199 -33.49 -10.24 -11.80
C GLU D 199 -34.84 -10.20 -11.02
N GLY D 200 -35.18 -11.33 -10.40
CA GLY D 200 -36.33 -11.40 -9.52
C GLY D 200 -36.23 -10.50 -8.30
N PRO D 201 -37.35 -10.39 -7.55
CA PRO D 201 -37.45 -9.58 -6.33
C PRO D 201 -36.94 -10.32 -5.07
N ILE D 202 -36.72 -9.57 -4.01
CA ILE D 202 -36.44 -10.15 -2.70
C ILE D 202 -37.60 -11.07 -2.25
N GLU D 203 -37.28 -12.30 -1.91
CA GLU D 203 -38.28 -13.28 -1.49
C GLU D 203 -37.64 -14.21 -0.49
N ALA D 204 -38.46 -14.98 0.24
CA ALA D 204 -37.99 -15.74 1.40
C ALA D 204 -36.96 -16.79 1.06
N LEU D 205 -37.18 -17.52 -0.04
CA LEU D 205 -36.28 -18.62 -0.38
C LEU D 205 -34.90 -18.16 -0.83
N PRO D 206 -34.83 -17.12 -1.69
CA PRO D 206 -33.52 -16.51 -2.02
C PRO D 206 -32.80 -15.92 -0.81
N ILE D 207 -33.50 -15.22 0.08
CA ILE D 207 -32.85 -14.72 1.33
C ILE D 207 -32.30 -15.89 2.14
N ALA D 208 -33.08 -16.97 2.30
CA ALA D 208 -32.64 -18.15 3.06
C ALA D 208 -31.39 -18.79 2.46
N ALA D 209 -31.42 -19.05 1.15
CA ALA D 209 -30.29 -19.65 0.42
C ALA D 209 -28.99 -18.84 0.52
N PHE D 210 -29.04 -17.54 0.20
CA PHE D 210 -27.87 -16.65 0.33
C PHE D 210 -27.45 -16.38 1.79
N SER D 211 -28.42 -16.28 2.70
CA SER D 211 -28.07 -16.01 4.10
C SER D 211 -27.49 -17.25 4.78
N MET D 212 -27.84 -18.45 4.30
CA MET D 212 -27.23 -19.69 4.82
C MET D 212 -25.75 -19.75 4.53
N MET D 213 -25.33 -19.04 3.47
CA MET D 213 -23.92 -18.95 3.11
C MET D 213 -23.18 -17.99 4.04
N ARG D 214 -23.96 -17.28 4.87
CA ARG D 214 -23.42 -16.31 5.83
C ARG D 214 -22.68 -15.16 5.17
N ALA D 215 -23.17 -14.75 4.01
CA ALA D 215 -22.48 -13.76 3.20
C ALA D 215 -23.13 -12.39 3.35
N MET D 216 -24.33 -12.38 3.93
CA MET D 216 -25.14 -11.17 3.99
C MET D 216 -24.99 -10.36 5.29
N SER D 217 -25.10 -9.05 5.16
CA SER D 217 -25.18 -8.15 6.32
C SER D 217 -26.39 -8.52 7.13
N THR D 218 -26.23 -8.50 8.46
CA THR D 218 -27.36 -8.61 9.34
C THR D 218 -27.46 -7.38 10.25
N ARG D 219 -26.97 -6.24 9.77
CA ARG D 219 -27.13 -4.97 10.48
C ARG D 219 -28.57 -4.42 10.37
N ASN D 220 -29.52 -5.15 10.97
CA ASN D 220 -30.94 -4.90 10.75
C ASN D 220 -31.46 -3.67 11.45
N ASP D 221 -30.69 -3.18 12.43
CA ASP D 221 -31.02 -2.03 13.28
C ASP D 221 -31.01 -0.71 12.50
N GLU D 222 -30.11 -0.65 11.52
CA GLU D 222 -29.88 0.53 10.70
C GLU D 222 -29.72 0.11 9.24
N PRO D 223 -30.85 -0.01 8.52
CA PRO D 223 -30.86 -0.55 7.16
C PRO D 223 -29.96 0.23 6.20
N GLU D 224 -30.01 1.56 6.28
CA GLU D 224 -29.27 2.44 5.38
C GLU D 224 -27.78 2.33 5.59
N ARG D 225 -27.40 1.90 6.80
CA ARG D 225 -25.99 1.87 7.18
C ARG D 225 -25.36 0.51 6.93
N ALA D 226 -26.18 -0.47 6.53
CA ALA D 226 -25.75 -1.87 6.48
C ALA D 226 -24.76 -2.23 5.37
N SER D 227 -25.03 -1.77 4.15
CA SER D 227 -24.12 -1.97 3.03
C SER D 227 -22.87 -1.05 3.09
N ARG D 228 -21.70 -1.62 3.39
CA ARG D 228 -20.47 -0.82 3.61
C ARG D 228 -19.27 -1.24 2.78
N PRO D 229 -19.37 -1.20 1.44
CA PRO D 229 -18.22 -1.68 0.66
C PRO D 229 -16.92 -0.89 0.95
N PHE D 230 -15.83 -1.64 1.05
CA PHE D 230 -14.48 -1.12 1.32
C PHE D 230 -14.27 -0.54 2.75
N ASP D 231 -15.36 -0.42 3.50
CA ASP D 231 -15.31 0.01 4.89
C ASP D 231 -14.76 -1.07 5.86
N LYS D 232 -14.04 -0.62 6.89
CA LYS D 232 -13.44 -1.52 7.86
C LYS D 232 -14.53 -2.36 8.54
N ASP D 233 -15.69 -1.75 8.77
CA ASP D 233 -16.72 -2.44 9.50
C ASP D 233 -17.74 -3.20 8.65
N ARG D 234 -17.41 -3.44 7.39
CA ARG D 234 -18.33 -4.16 6.51
C ARG D 234 -18.63 -5.59 6.98
N ASP D 235 -19.89 -6.03 6.85
CA ASP D 235 -20.25 -7.39 7.27
C ASP D 235 -21.11 -8.17 6.29
N GLY D 236 -20.88 -8.00 5.00
CA GLY D 236 -21.64 -8.74 4.00
C GLY D 236 -22.51 -7.86 3.14
N PHE D 237 -23.14 -8.47 2.13
CA PHE D 237 -23.95 -7.71 1.19
C PHE D 237 -25.43 -7.51 1.58
N VAL D 238 -26.06 -6.56 0.92
CA VAL D 238 -27.46 -6.27 1.11
C VAL D 238 -28.16 -6.45 -0.25
N PHE D 239 -29.30 -7.12 -0.30
CA PHE D 239 -30.12 -7.19 -1.52
C PHE D 239 -30.75 -5.81 -1.81
N GLY D 240 -30.67 -5.38 -3.07
CA GLY D 240 -31.39 -4.22 -3.58
C GLY D 240 -31.90 -4.54 -4.97
N GLU D 241 -33.20 -4.51 -5.14
CA GLU D 241 -33.84 -4.90 -6.39
C GLU D 241 -33.46 -3.94 -7.51
N ALA D 242 -33.36 -4.48 -8.73
CA ALA D 242 -33.08 -3.65 -9.90
C ALA D 242 -33.24 -4.42 -11.21
N GLY D 243 -33.41 -3.66 -12.29
CA GLY D 243 -33.23 -4.17 -13.63
C GLY D 243 -32.69 -3.02 -14.44
N ALA D 244 -31.92 -3.30 -15.48
CA ALA D 244 -31.42 -2.21 -16.32
C ALA D 244 -31.12 -2.66 -17.73
N LEU D 245 -31.42 -1.81 -18.70
CA LEU D 245 -31.02 -2.03 -20.09
C LEU D 245 -30.30 -0.83 -20.67
N MET D 246 -29.45 -1.07 -21.66
CA MET D 246 -28.92 0.02 -22.44
C MET D 246 -29.05 -0.28 -23.91
N LEU D 247 -29.02 0.77 -24.72
CA LEU D 247 -29.07 0.62 -26.17
C LEU D 247 -27.72 1.03 -26.70
N ILE D 248 -27.10 0.15 -27.46
CA ILE D 248 -25.76 0.38 -28.00
C ILE D 248 -25.84 0.21 -29.53
N GLU D 249 -24.97 0.90 -30.28
CA GLU D 249 -25.07 1.04 -31.73
C GLU D 249 -23.69 1.41 -32.24
N THR D 250 -23.39 1.17 -33.51
CA THR D 250 -22.19 1.76 -34.05
C THR D 250 -22.43 3.27 -34.09
N GLU D 251 -21.36 4.07 -34.00
CA GLU D 251 -21.47 5.54 -34.09
C GLU D 251 -22.02 5.98 -35.46
N GLU D 252 -21.67 5.23 -36.50
CA GLU D 252 -22.26 5.36 -37.82
C GLU D 252 -23.78 5.23 -37.76
N HIS D 253 -24.26 4.21 -37.04
CA HIS D 253 -25.69 3.96 -36.93
C HIS D 253 -26.41 5.09 -36.15
N ALA D 254 -25.79 5.55 -35.06
CA ALA D 254 -26.36 6.62 -34.23
C ALA D 254 -26.43 7.96 -34.97
N LYS D 255 -25.33 8.36 -35.63
CA LYS D 255 -25.28 9.56 -36.48
C LYS D 255 -26.43 9.60 -37.51
N ALA D 256 -26.58 8.53 -38.27
CA ALA D 256 -27.63 8.48 -39.29
C ALA D 256 -29.05 8.69 -38.78
N ARG D 257 -29.34 8.29 -37.55
CA ARG D 257 -30.67 8.55 -37.01
C ARG D 257 -30.69 9.76 -36.05
N GLY D 258 -29.56 10.46 -35.95
CA GLY D 258 -29.51 11.62 -35.08
C GLY D 258 -29.60 11.37 -33.58
N ALA D 259 -29.27 10.16 -33.14
CA ALA D 259 -29.22 9.87 -31.70
C ALA D 259 -27.94 10.47 -31.11
N LYS D 260 -28.05 11.20 -29.98
CA LYS D 260 -26.85 11.67 -29.28
C LYS D 260 -26.36 10.69 -28.21
N PRO D 261 -25.10 10.24 -28.32
CA PRO D 261 -24.49 9.24 -27.43
C PRO D 261 -24.24 9.73 -26.01
N LEU D 262 -24.45 8.89 -25.01
CA LEU D 262 -24.21 9.27 -23.62
C LEU D 262 -22.79 8.89 -23.24
N ALA D 263 -22.24 7.96 -24.01
CA ALA D 263 -20.87 7.49 -23.81
C ALA D 263 -20.43 6.53 -24.93
N ARG D 264 -19.19 6.06 -24.82
CA ARG D 264 -18.65 5.07 -25.74
C ARG D 264 -18.43 3.75 -25.00
N LEU D 265 -18.70 2.63 -25.66
CA LEU D 265 -18.33 1.34 -25.11
C LEU D 265 -17.12 0.86 -25.91
N LEU D 266 -15.96 0.83 -25.25
CA LEU D 266 -14.69 0.68 -25.94
C LEU D 266 -14.13 -0.75 -25.96
N GLY D 267 -14.47 -1.55 -24.97
CA GLY D 267 -13.91 -2.89 -24.92
C GLY D 267 -14.43 -3.66 -23.72
N ALA D 268 -14.28 -4.99 -23.77
CA ALA D 268 -14.74 -5.91 -22.72
C ALA D 268 -13.72 -7.00 -22.43
N GLY D 269 -13.51 -7.30 -21.16
CA GLY D 269 -12.63 -8.42 -20.80
C GLY D 269 -13.40 -9.46 -20.03
N ILE D 270 -13.25 -10.73 -20.39
CA ILE D 270 -13.85 -11.85 -19.66
C ILE D 270 -12.79 -12.89 -19.31
N THR D 271 -12.66 -13.20 -18.01
CA THR D 271 -11.74 -14.22 -17.51
C THR D 271 -12.43 -15.06 -16.41
N SER D 272 -11.69 -16.00 -15.82
CA SER D 272 -12.20 -16.87 -14.75
C SER D 272 -11.09 -17.14 -13.73
N ASP D 273 -11.45 -17.38 -12.47
CA ASP D 273 -10.46 -17.57 -11.39
C ASP D 273 -9.90 -18.98 -11.27
N ALA D 274 -10.74 -19.97 -11.60
CA ALA D 274 -10.48 -21.35 -11.24
C ALA D 274 -9.88 -21.41 -9.83
N PHE D 275 -10.56 -20.77 -8.89
CA PHE D 275 -10.17 -20.85 -7.48
C PHE D 275 -11.20 -21.59 -6.59
N HIS D 276 -12.42 -21.06 -6.56
CA HIS D 276 -13.43 -21.55 -5.66
C HIS D 276 -14.76 -21.22 -6.29
N MET D 277 -15.78 -22.01 -5.97
CA MET D 277 -17.13 -21.82 -6.52
C MET D 277 -17.78 -20.52 -6.04
N VAL D 278 -17.61 -20.21 -4.75
CA VAL D 278 -18.30 -19.07 -4.17
C VAL D 278 -17.41 -18.06 -3.41
N ALA D 279 -16.12 -18.02 -3.73
CA ALA D 279 -15.22 -17.02 -3.19
C ALA D 279 -14.21 -16.65 -4.25
N PRO D 280 -13.88 -15.36 -4.34
CA PRO D 280 -12.93 -14.85 -5.34
C PRO D 280 -11.51 -15.22 -4.98
N ALA D 281 -10.66 -15.39 -5.98
CA ALA D 281 -9.23 -15.53 -5.75
C ALA D 281 -8.72 -14.33 -4.96
N ALA D 282 -8.08 -14.59 -3.83
CA ALA D 282 -7.61 -13.50 -2.96
C ALA D 282 -6.62 -12.55 -3.65
N ASP D 283 -5.77 -13.07 -4.53
CA ASP D 283 -4.76 -12.26 -5.25
C ASP D 283 -5.31 -11.26 -6.28
N GLY D 284 -6.56 -11.43 -6.69
CA GLY D 284 -7.17 -10.55 -7.66
C GLY D 284 -6.52 -10.56 -9.02
N VAL D 285 -5.72 -11.60 -9.31
CA VAL D 285 -4.94 -11.62 -10.56
C VAL D 285 -5.74 -11.83 -11.86
N ARG D 286 -6.65 -12.80 -11.87
CA ARG D 286 -7.49 -13.03 -13.05
C ARG D 286 -8.55 -11.95 -13.19
N ALA D 287 -9.07 -11.46 -12.06
CA ALA D 287 -9.97 -10.32 -12.07
C ALA D 287 -9.29 -9.08 -12.65
N GLY D 288 -8.05 -8.82 -12.26
CA GLY D 288 -7.29 -7.72 -12.82
C GLY D 288 -7.06 -7.90 -14.30
N ARG D 289 -6.85 -9.14 -14.72
CA ARG D 289 -6.63 -9.49 -16.13
C ARG D 289 -7.84 -9.18 -17.03
N ALA D 290 -9.03 -9.38 -16.50
CA ALA D 290 -10.25 -8.98 -17.18
C ALA D 290 -10.23 -7.47 -17.44
N MET D 291 -9.83 -6.68 -16.45
CA MET D 291 -9.72 -5.22 -16.59
C MET D 291 -8.68 -4.89 -17.63
N THR D 292 -7.50 -5.52 -17.51
CA THR D 292 -6.41 -5.35 -18.47
C THR D 292 -6.86 -5.64 -19.93
N ARG D 293 -7.50 -6.79 -20.16
CA ARG D 293 -8.09 -7.15 -21.47
C ARG D 293 -9.05 -6.09 -22.05
N SER D 294 -9.97 -5.56 -21.24
CA SER D 294 -10.84 -4.47 -21.70
C SER D 294 -10.07 -3.25 -22.18
N LEU D 295 -8.99 -2.90 -21.48
CA LEU D 295 -8.12 -1.79 -21.88
C LEU D 295 -7.34 -2.17 -23.14
N GLU D 296 -6.90 -3.42 -23.24
CA GLU D 296 -6.26 -3.88 -24.48
C GLU D 296 -7.12 -3.68 -25.71
N LEU D 297 -8.35 -4.18 -25.63
CA LEU D 297 -9.32 -4.10 -26.70
C LEU D 297 -9.79 -2.65 -26.92
N ALA D 298 -9.87 -1.88 -25.84
CA ALA D 298 -10.13 -0.44 -25.98
C ALA D 298 -9.00 0.32 -26.70
N GLY D 299 -7.75 -0.04 -26.42
CA GLY D 299 -6.61 0.71 -26.93
C GLY D 299 -6.16 1.72 -25.89
N LEU D 300 -6.39 1.41 -24.63
CA LEU D 300 -6.04 2.31 -23.53
C LEU D 300 -4.96 1.70 -22.68
N SER D 301 -4.28 2.54 -21.90
CA SER D 301 -3.37 2.05 -20.86
C SER D 301 -3.99 2.30 -19.49
N PRO D 302 -3.49 1.62 -18.45
CA PRO D 302 -4.04 1.80 -17.10
C PRO D 302 -4.04 3.26 -16.64
N ALA D 303 -3.05 4.02 -17.08
CA ALA D 303 -2.91 5.43 -16.73
C ALA D 303 -4.10 6.29 -17.21
N ASP D 304 -4.81 5.81 -18.24
CA ASP D 304 -5.94 6.53 -18.84
C ASP D 304 -7.25 6.43 -18.04
N ILE D 305 -7.33 5.45 -17.17
CA ILE D 305 -8.56 5.15 -16.46
C ILE D 305 -8.70 6.07 -15.26
N ASP D 306 -9.75 6.89 -15.27
CA ASP D 306 -9.96 7.92 -14.26
C ASP D 306 -10.88 7.35 -13.20
N HIS D 307 -11.61 6.30 -13.55
CA HIS D 307 -12.69 5.84 -12.69
C HIS D 307 -12.89 4.34 -12.76
N VAL D 308 -13.01 3.69 -11.60
CA VAL D 308 -13.46 2.32 -11.56
C VAL D 308 -14.79 2.29 -10.82
N ASN D 309 -15.82 1.76 -11.48
CA ASN D 309 -17.08 1.43 -10.80
C ASN D 309 -16.95 0.02 -10.26
N ALA D 310 -16.76 -0.08 -8.95
CA ALA D 310 -16.34 -1.34 -8.36
C ALA D 310 -17.54 -2.25 -8.11
N HIS D 311 -17.32 -3.55 -8.29
CA HIS D 311 -18.33 -4.54 -7.95
C HIS D 311 -18.66 -4.43 -6.46
N GLY D 312 -17.63 -4.26 -5.64
CA GLY D 312 -17.80 -3.83 -4.25
C GLY D 312 -19.05 -4.31 -3.53
N THR D 313 -19.06 -5.57 -3.09
CA THR D 313 -20.26 -6.17 -2.48
C THR D 313 -20.40 -5.91 -0.98
N ALA D 314 -19.31 -5.50 -0.33
CA ALA D 314 -19.22 -5.31 1.13
C ALA D 314 -18.99 -6.60 1.92
N THR D 315 -18.62 -7.69 1.24
CA THR D 315 -18.12 -8.87 1.93
C THR D 315 -16.65 -8.59 2.21
N PRO D 316 -16.11 -9.11 3.33
CA PRO D 316 -14.69 -8.91 3.63
C PRO D 316 -13.73 -9.45 2.54
N ILE D 317 -13.89 -10.70 2.09
CA ILE D 317 -12.97 -11.23 1.06
C ILE D 317 -13.23 -10.58 -0.31
N GLY D 318 -14.49 -10.25 -0.58
CA GLY D 318 -14.86 -9.73 -1.89
C GLY D 318 -14.14 -8.42 -2.18
N ASP D 319 -14.29 -7.46 -1.29
CA ASP D 319 -13.70 -6.12 -1.48
C ASP D 319 -12.17 -6.17 -1.50
N ALA D 320 -11.62 -6.99 -0.58
CA ALA D 320 -10.19 -7.21 -0.45
C ALA D 320 -9.63 -7.71 -1.77
N ALA D 321 -10.30 -8.70 -2.37
CA ALA D 321 -9.82 -9.32 -3.62
C ALA D 321 -9.88 -8.35 -4.79
N GLU D 322 -10.97 -7.60 -4.86
CA GLU D 322 -11.13 -6.59 -5.91
C GLU D 322 -10.12 -5.44 -5.83
N ALA D 323 -9.82 -4.96 -4.62
CA ALA D 323 -8.76 -3.97 -4.45
C ALA D 323 -7.43 -4.48 -5.01
N ASN D 324 -7.14 -5.76 -4.74
CA ASN D 324 -5.96 -6.42 -5.30
C ASN D 324 -6.01 -6.47 -6.79
N ALA D 325 -7.20 -6.74 -7.34
CA ALA D 325 -7.37 -6.81 -8.80
C ALA D 325 -7.13 -5.47 -9.47
N ILE D 326 -7.61 -4.40 -8.84
CA ILE D 326 -7.40 -3.04 -9.33
C ILE D 326 -5.90 -2.68 -9.32
N ARG D 327 -5.17 -3.07 -8.28
CA ARG D 327 -3.72 -2.85 -8.31
C ARG D 327 -3.03 -3.66 -9.42
N VAL D 328 -3.40 -4.93 -9.56
CA VAL D 328 -2.88 -5.79 -10.64
C VAL D 328 -3.04 -5.15 -12.02
N ALA D 329 -4.21 -4.56 -12.27
CA ALA D 329 -4.48 -3.90 -13.55
C ALA D 329 -3.80 -2.52 -13.66
N GLY D 330 -3.20 -2.06 -12.56
CA GLY D 330 -2.53 -0.76 -12.51
C GLY D 330 -3.50 0.41 -12.46
N CYS D 331 -4.65 0.19 -11.84
CA CYS D 331 -5.72 1.18 -11.90
C CYS D 331 -5.97 1.81 -10.55
N ASP D 332 -5.02 1.65 -9.62
CA ASP D 332 -5.28 1.97 -8.22
C ASP D 332 -5.22 3.47 -7.86
N GLN D 333 -4.83 4.28 -8.82
CA GLN D 333 -4.92 5.72 -8.69
C GLN D 333 -6.31 6.24 -9.10
N ALA D 334 -7.16 5.40 -9.72
CA ALA D 334 -8.49 5.82 -10.18
C ALA D 334 -9.41 6.12 -9.02
N ALA D 335 -10.39 6.99 -9.22
CA ALA D 335 -11.41 7.27 -8.21
C ALA D 335 -12.38 6.10 -8.23
N VAL D 336 -12.71 5.57 -7.06
CA VAL D 336 -13.49 4.34 -6.97
C VAL D 336 -14.88 4.57 -6.36
N TYR D 337 -15.92 4.11 -7.07
CA TYR D 337 -17.30 4.14 -6.56
C TYR D 337 -17.81 2.73 -6.36
N ALA D 338 -18.50 2.50 -5.25
CA ALA D 338 -19.13 1.21 -4.94
C ALA D 338 -20.64 1.42 -4.74
N PRO D 339 -21.40 1.35 -5.85
CA PRO D 339 -22.84 1.71 -5.85
C PRO D 339 -23.69 0.79 -5.00
N LYS D 340 -23.20 -0.41 -4.65
CA LYS D 340 -24.02 -1.29 -3.83
C LYS D 340 -24.23 -0.70 -2.42
N SER D 341 -23.43 0.34 -2.13
CA SER D 341 -23.50 1.06 -0.87
C SER D 341 -24.85 1.78 -0.71
N ALA D 342 -25.47 2.11 -1.83
CA ALA D 342 -26.75 2.85 -1.87
C ALA D 342 -27.92 2.03 -2.46
N LEU D 343 -27.60 1.21 -3.46
CA LEU D 343 -28.60 0.46 -4.22
C LEU D 343 -28.73 -1.03 -3.83
N GLY D 344 -27.80 -1.53 -3.01
CA GLY D 344 -27.68 -2.96 -2.76
C GLY D 344 -27.28 -3.77 -3.99
N HIS D 345 -27.49 -5.08 -3.89
CA HIS D 345 -26.99 -6.10 -4.83
C HIS D 345 -28.16 -6.74 -5.55
N SER D 346 -28.21 -6.56 -6.86
CA SER D 346 -29.32 -7.15 -7.61
C SER D 346 -28.93 -8.38 -8.45
N ILE D 347 -27.83 -9.02 -8.07
CA ILE D 347 -27.43 -10.34 -8.60
C ILE D 347 -27.29 -10.30 -10.13
N GLY D 348 -28.21 -10.95 -10.87
CA GLY D 348 -28.15 -10.98 -12.34
C GLY D 348 -28.23 -9.65 -13.08
N ALA D 349 -28.92 -8.69 -12.47
CA ALA D 349 -29.14 -7.35 -13.04
C ALA D 349 -28.05 -6.34 -12.73
N VAL D 350 -27.23 -6.62 -11.71
CA VAL D 350 -26.40 -5.58 -11.07
C VAL D 350 -25.26 -5.05 -11.91
N GLY D 351 -24.65 -5.89 -12.73
CA GLY D 351 -23.58 -5.41 -13.58
C GLY D 351 -24.10 -4.48 -14.65
N ALA D 352 -25.36 -4.66 -15.05
CA ALA D 352 -25.98 -3.81 -16.08
C ALA D 352 -26.39 -2.48 -15.49
N LEU D 353 -26.93 -2.52 -14.28
CA LEU D 353 -27.21 -1.29 -13.53
C LEU D 353 -25.94 -0.45 -13.36
N GLU D 354 -24.86 -1.10 -12.93
CA GLU D 354 -23.61 -0.39 -12.66
C GLU D 354 -22.91 0.08 -13.94
N SER D 355 -23.12 -0.63 -15.05
CA SER D 355 -22.65 -0.17 -16.37
C SER D 355 -23.39 1.10 -16.78
N VAL D 356 -24.69 1.18 -16.46
CA VAL D 356 -25.48 2.40 -16.66
C VAL D 356 -24.91 3.60 -15.87
N LEU D 357 -24.67 3.39 -14.57
CA LEU D 357 -24.09 4.42 -13.71
C LEU D 357 -22.73 4.88 -14.16
N THR D 358 -21.93 3.94 -14.68
CA THR D 358 -20.61 4.26 -15.26
C THR D 358 -20.78 5.17 -16.45
N VAL D 359 -21.73 4.84 -17.33
CA VAL D 359 -22.16 5.72 -18.40
C VAL D 359 -22.58 7.14 -17.93
N LEU D 360 -23.43 7.26 -16.92
CA LEU D 360 -23.80 8.61 -16.42
C LEU D 360 -22.63 9.39 -15.75
N THR D 361 -21.77 8.70 -15.02
CA THR D 361 -20.54 9.30 -14.49
C THR D 361 -19.73 9.98 -15.60
N LEU D 362 -19.55 9.30 -16.71
CA LEU D 362 -18.82 9.86 -17.84
C LEU D 362 -19.62 10.96 -18.56
N ARG D 363 -20.92 10.73 -18.74
CA ARG D 363 -21.77 11.73 -19.37
C ARG D 363 -21.82 13.04 -18.57
N ASP D 364 -21.81 12.95 -17.23
CA ASP D 364 -22.01 14.12 -16.38
C ASP D 364 -20.75 14.56 -15.63
N GLY D 365 -19.64 13.87 -15.86
CA GLY D 365 -18.41 14.17 -15.12
C GLY D 365 -18.54 14.18 -13.60
N VAL D 366 -19.29 13.23 -13.07
CA VAL D 366 -19.47 13.13 -11.63
C VAL D 366 -19.57 11.67 -11.15
N ILE D 367 -19.10 11.42 -9.92
CA ILE D 367 -19.15 10.09 -9.30
C ILE D 367 -19.85 10.27 -7.97
N PRO D 368 -20.94 9.52 -7.74
CA PRO D 368 -21.67 9.66 -6.46
C PRO D 368 -20.79 9.25 -5.27
N PRO D 369 -21.23 9.58 -4.04
CA PRO D 369 -20.46 9.08 -2.89
C PRO D 369 -20.81 7.62 -2.53
N THR D 370 -19.79 6.83 -2.19
CA THR D 370 -20.00 5.50 -1.64
C THR D 370 -20.55 5.70 -0.23
N LEU D 371 -21.79 5.32 0.00
CA LEU D 371 -22.32 5.47 1.32
C LEU D 371 -21.58 4.58 2.34
N ASN D 372 -21.58 5.02 3.60
CA ASN D 372 -21.17 4.23 4.76
C ASN D 372 -19.67 4.02 4.86
N TYR D 373 -18.92 4.73 4.03
CA TYR D 373 -17.48 4.60 4.01
C TYR D 373 -16.89 5.53 5.07
N GLU D 374 -16.64 5.00 6.26
CA GLU D 374 -16.40 5.83 7.45
C GLU D 374 -15.09 5.54 8.15
N THR D 375 -14.64 4.30 8.05
CA THR D 375 -13.32 3.88 8.50
C THR D 375 -12.64 3.14 7.37
N PRO D 376 -11.66 3.79 6.72
CA PRO D 376 -10.82 3.13 5.71
C PRO D 376 -10.15 1.82 6.21
N ASP D 377 -9.97 0.88 5.29
CA ASP D 377 -9.38 -0.42 5.57
C ASP D 377 -8.01 -0.43 4.92
N PRO D 378 -6.96 -0.64 5.72
CA PRO D 378 -5.58 -0.50 5.23
C PRO D 378 -5.20 -1.51 4.12
N GLU D 379 -5.85 -2.66 4.10
CA GLU D 379 -5.57 -3.64 3.06
C GLU D 379 -6.37 -3.37 1.78
N ILE D 380 -7.28 -2.39 1.84
CA ILE D 380 -7.99 -1.93 0.65
C ILE D 380 -7.09 -0.93 -0.09
N ASP D 381 -6.90 0.24 0.52
CA ASP D 381 -5.94 1.22 0.03
C ASP D 381 -6.33 1.76 -1.35
N LEU D 382 -7.55 2.27 -1.46
CA LEU D 382 -8.05 2.80 -2.71
C LEU D 382 -8.59 4.20 -2.49
N ASP D 383 -8.68 4.97 -3.57
CA ASP D 383 -9.28 6.28 -3.49
C ASP D 383 -10.78 6.14 -3.65
N VAL D 384 -11.46 5.84 -2.57
CA VAL D 384 -12.88 5.61 -2.58
C VAL D 384 -13.53 6.99 -2.47
N VAL D 385 -14.38 7.32 -3.45
CA VAL D 385 -15.22 8.53 -3.43
C VAL D 385 -16.31 8.37 -2.36
N ALA D 386 -16.34 9.30 -1.43
CA ALA D 386 -17.22 9.23 -0.26
C ALA D 386 -17.50 10.65 0.21
N GLY D 387 -18.51 10.79 1.05
CA GLY D 387 -18.86 12.06 1.65
C GLY D 387 -19.81 12.85 0.79
N GLU D 388 -19.30 13.33 -0.35
CA GLU D 388 -20.03 14.15 -1.30
C GLU D 388 -19.67 13.59 -2.68
N PRO D 389 -20.50 13.88 -3.70
CA PRO D 389 -20.05 13.44 -5.03
C PRO D 389 -18.73 14.10 -5.40
N ARG D 390 -18.01 13.51 -6.34
CA ARG D 390 -16.76 14.10 -6.80
C ARG D 390 -16.83 14.39 -8.28
N TYR D 391 -16.80 15.68 -8.62
CA TYR D 391 -16.77 16.11 -10.02
C TYR D 391 -15.34 16.01 -10.55
N GLY D 392 -15.24 15.80 -11.85
CA GLY D 392 -13.93 15.68 -12.47
C GLY D 392 -14.06 15.53 -13.97
N ASP D 393 -12.93 15.63 -14.63
CA ASP D 393 -12.83 15.53 -16.07
C ASP D 393 -12.59 14.07 -16.44
N TYR D 394 -13.62 13.25 -16.29
CA TYR D 394 -13.48 11.81 -16.48
C TYR D 394 -13.64 11.43 -17.94
N ARG D 395 -12.56 10.91 -18.51
CA ARG D 395 -12.54 10.57 -19.92
C ARG D 395 -12.75 9.08 -20.15
N TYR D 396 -12.32 8.25 -19.20
CA TYR D 396 -12.39 6.78 -19.31
C TYR D 396 -12.65 6.13 -17.95
N ALA D 397 -13.42 5.05 -17.93
CA ALA D 397 -13.75 4.34 -16.69
C ALA D 397 -13.89 2.85 -16.93
N VAL D 398 -13.66 2.06 -15.89
CA VAL D 398 -13.88 0.62 -15.96
C VAL D 398 -15.00 0.26 -15.00
N ASN D 399 -15.98 -0.50 -15.50
CA ASN D 399 -16.96 -1.15 -14.66
C ASN D 399 -16.59 -2.63 -14.44
N ASN D 400 -16.45 -3.02 -13.17
CA ASN D 400 -16.20 -4.41 -12.78
C ASN D 400 -17.46 -5.15 -12.31
N SER D 401 -17.58 -6.41 -12.68
CA SER D 401 -18.59 -7.36 -12.13
C SER D 401 -17.92 -8.73 -12.02
N PHE D 402 -18.24 -9.44 -10.92
CA PHE D 402 -17.73 -10.79 -10.64
C PHE D 402 -18.92 -11.64 -10.22
N GLY D 403 -18.85 -12.96 -10.41
CA GLY D 403 -19.97 -13.81 -10.05
C GLY D 403 -19.52 -15.11 -9.48
N PHE D 404 -20.38 -15.74 -8.68
CA PHE D 404 -20.15 -17.10 -8.16
C PHE D 404 -19.84 -18.01 -9.34
N GLY D 405 -18.85 -18.88 -9.17
CA GLY D 405 -18.31 -19.64 -10.27
C GLY D 405 -16.93 -19.16 -10.70
N GLY D 406 -16.51 -18.01 -10.18
CA GLY D 406 -15.20 -17.46 -10.51
C GLY D 406 -15.15 -16.62 -11.77
N HIS D 407 -16.28 -16.01 -12.15
CA HIS D 407 -16.35 -15.15 -13.34
C HIS D 407 -15.92 -13.70 -13.06
N ASN D 408 -15.11 -13.16 -13.98
CA ASN D 408 -14.68 -11.77 -13.99
C ASN D 408 -15.07 -11.06 -15.31
N VAL D 409 -15.90 -10.03 -15.20
CA VAL D 409 -16.27 -9.20 -16.35
C VAL D 409 -15.85 -7.75 -16.10
N ALA D 410 -15.03 -7.20 -17.00
CA ALA D 410 -14.68 -5.80 -16.96
C ALA D 410 -15.10 -5.12 -18.28
N LEU D 411 -15.73 -3.95 -18.18
CA LEU D 411 -16.17 -3.18 -19.35
C LEU D 411 -15.50 -1.82 -19.36
N ALA D 412 -14.88 -1.47 -20.49
CA ALA D 412 -14.17 -0.20 -20.61
C ALA D 412 -15.06 0.82 -21.34
N PHE D 413 -15.39 1.93 -20.66
CA PHE D 413 -16.23 2.98 -21.25
C PHE D 413 -15.41 4.27 -21.42
N GLY D 414 -15.80 5.09 -22.40
CA GLY D 414 -15.20 6.40 -22.60
C GLY D 414 -16.24 7.50 -22.69
N ARG D 415 -15.91 8.73 -22.25
CA ARG D 415 -16.79 9.89 -22.48
C ARG D 415 -16.92 10.13 -23.98
N TYR D 416 -18.08 10.59 -24.43
CA TYR D 416 -18.28 10.90 -25.84
C TYR D 416 -17.94 12.36 -26.20
N SER E 2 -23.03 -18.97 40.25
CA SER E 2 -23.09 -19.31 38.83
C SER E 2 -21.67 -19.42 38.28
N GLN E 3 -21.35 -20.60 37.76
CA GLN E 3 -20.00 -20.92 37.27
C GLN E 3 -19.49 -19.86 36.28
N PRO E 4 -18.34 -19.23 36.59
CA PRO E 4 -17.73 -18.19 35.74
C PRO E 4 -17.26 -18.64 34.33
N SER E 5 -17.29 -17.72 33.37
CA SER E 5 -16.81 -17.99 32.02
C SER E 5 -16.16 -16.74 31.43
N THR E 6 -15.49 -16.88 30.27
CA THR E 6 -14.96 -15.72 29.56
C THR E 6 -16.08 -14.74 29.13
N ALA E 7 -17.19 -15.30 28.62
CA ALA E 7 -18.32 -14.52 28.08
C ALA E 7 -19.16 -13.78 29.15
N ASN E 8 -19.18 -14.31 30.38
CA ASN E 8 -19.82 -13.62 31.51
C ASN E 8 -18.89 -12.77 32.39
N GLY E 9 -17.64 -12.59 31.96
CA GLY E 9 -16.68 -11.73 32.64
C GLY E 9 -15.97 -12.34 33.84
N GLY E 10 -16.41 -13.54 34.25
CA GLY E 10 -15.82 -14.26 35.37
C GLY E 10 -14.35 -14.55 35.19
N PHE E 11 -13.97 -14.86 33.95
CA PHE E 11 -12.56 -14.95 33.56
C PHE E 11 -12.17 -13.70 32.76
N PRO E 12 -10.95 -13.18 33.01
CA PRO E 12 -10.49 -12.04 32.21
C PRO E 12 -10.32 -12.42 30.74
N SER E 13 -10.51 -11.45 29.86
CA SER E 13 -10.28 -11.66 28.44
CA SER E 13 -10.27 -11.69 28.43
C SER E 13 -8.79 -11.87 28.18
N VAL E 14 -8.48 -12.89 27.38
CA VAL E 14 -7.12 -13.27 27.03
C VAL E 14 -7.04 -13.25 25.51
N VAL E 15 -5.99 -12.63 25.00
CA VAL E 15 -5.86 -12.48 23.57
C VAL E 15 -4.51 -12.98 23.11
N VAL E 16 -4.46 -13.44 21.87
CA VAL E 16 -3.24 -13.92 21.25
C VAL E 16 -2.63 -12.75 20.46
N THR E 17 -1.35 -12.42 20.67
CA THR E 17 -0.84 -11.16 20.11
C THR E 17 0.36 -11.32 19.20
N ALA E 18 0.91 -12.54 19.16
CA ALA E 18 2.04 -12.85 18.31
C ALA E 18 2.05 -14.36 18.20
N VAL E 19 2.50 -14.86 17.05
CA VAL E 19 2.75 -16.28 16.85
C VAL E 19 4.08 -16.47 16.13
N THR E 20 4.79 -17.54 16.46
CA THR E 20 5.92 -17.98 15.63
C THR E 20 5.86 -19.53 15.42
N ALA E 21 6.44 -20.00 14.32
CA ALA E 21 6.54 -21.44 13.99
C ALA E 21 7.59 -21.71 12.89
N THR E 22 8.25 -22.85 12.97
CA THR E 22 9.18 -23.27 11.94
C THR E 22 8.65 -24.65 11.53
N THR E 23 8.53 -24.87 10.23
CA THR E 23 7.93 -26.11 9.71
C THR E 23 8.70 -26.71 8.53
N SER E 24 8.19 -27.84 8.05
CA SER E 24 8.73 -28.51 6.86
C SER E 24 8.53 -27.67 5.58
N ILE E 25 7.58 -26.74 5.63
CA ILE E 25 7.28 -25.78 4.54
C ILE E 25 8.12 -24.49 4.57
N SER E 26 8.21 -23.83 5.73
CA SER E 26 8.95 -22.56 5.84
C SER E 26 9.42 -22.36 7.27
N PRO E 27 10.46 -21.52 7.47
CA PRO E 27 10.79 -21.09 8.85
C PRO E 27 9.93 -19.91 9.29
N ASP E 28 9.20 -19.33 8.34
CA ASP E 28 8.39 -18.15 8.56
C ASP E 28 6.94 -18.61 8.62
N ILE E 29 6.27 -18.42 9.75
CA ILE E 29 4.86 -18.83 9.88
C ILE E 29 3.94 -18.22 8.81
N GLU E 30 4.17 -16.96 8.40
CA GLU E 30 3.29 -16.34 7.41
C GLU E 30 3.44 -16.98 6.03
N SER E 31 4.70 -17.31 5.69
CA SER E 31 5.03 -18.07 4.49
C SER E 31 4.47 -19.51 4.53
N THR E 32 4.56 -20.17 5.68
CA THR E 32 3.89 -21.46 5.90
C THR E 32 2.37 -21.36 5.66
N TRP E 33 1.74 -20.35 6.24
CA TRP E 33 0.30 -20.11 6.06
C TRP E 33 -0.08 -19.96 4.57
N LYS E 34 0.66 -19.11 3.83
CA LYS E 34 0.46 -18.93 2.37
C LYS E 34 0.62 -20.25 1.63
N GLY E 35 1.69 -20.99 1.95
CA GLY E 35 1.94 -22.32 1.39
C GLY E 35 0.81 -23.33 1.59
N LEU E 36 0.36 -23.47 2.83
CA LEU E 36 -0.85 -24.25 3.10
C LEU E 36 -2.04 -23.86 2.22
N LEU E 37 -2.37 -22.56 2.18
CA LEU E 37 -3.49 -22.08 1.36
C LEU E 37 -3.35 -22.44 -0.14
N ALA E 38 -2.10 -22.48 -0.60
CA ALA E 38 -1.73 -22.86 -1.95
C ALA E 38 -1.81 -24.38 -2.21
N GLY E 39 -2.05 -25.14 -1.14
CA GLY E 39 -2.10 -26.59 -1.19
C GLY E 39 -0.72 -27.24 -1.19
N GLU E 40 0.27 -26.57 -0.61
CA GLU E 40 1.62 -27.13 -0.51
C GLU E 40 1.73 -28.18 0.61
N SER E 41 2.71 -29.08 0.47
CA SER E 41 3.00 -30.13 1.44
C SER E 41 4.46 -30.01 1.85
N GLY E 42 4.72 -30.21 3.14
CA GLY E 42 6.09 -30.22 3.63
C GLY E 42 6.78 -31.56 3.51
N ILE E 43 6.02 -32.59 3.14
CA ILE E 43 6.50 -33.98 3.15
C ILE E 43 7.30 -34.40 1.90
N HIS E 44 8.42 -35.08 2.13
CA HIS E 44 9.31 -35.51 1.06
C HIS E 44 9.91 -36.90 1.32
N ALA E 45 10.77 -37.34 0.41
CA ALA E 45 11.54 -38.55 0.63
C ALA E 45 12.71 -38.25 1.59
N LEU E 46 12.97 -39.17 2.50
CA LEU E 46 14.09 -39.01 3.45
C LEU E 46 15.41 -39.30 2.79
N GLU E 47 16.31 -38.33 2.81
CA GLU E 47 17.56 -38.44 2.06
C GLU E 47 18.71 -38.58 3.04
N ASP E 48 18.37 -38.66 4.31
CA ASP E 48 19.38 -38.88 5.34
C ASP E 48 19.92 -40.27 5.14
N GLU E 49 21.24 -40.40 5.09
CA GLU E 49 21.82 -41.68 4.69
C GLU E 49 21.44 -42.83 5.62
N PHE E 50 20.89 -42.49 6.79
CA PHE E 50 20.44 -43.49 7.78
C PHE E 50 19.26 -44.35 7.27
N VAL E 51 18.65 -43.95 6.17
CA VAL E 51 17.49 -44.69 5.64
C VAL E 51 17.91 -46.01 4.99
N THR E 52 18.92 -45.97 4.15
CA THR E 52 19.59 -47.18 3.68
C THR E 52 20.42 -47.88 4.79
N LYS E 53 21.06 -47.08 5.63
CA LYS E 53 21.84 -47.54 6.79
C LYS E 53 21.02 -48.39 7.77
N TRP E 54 19.75 -48.05 7.96
CA TRP E 54 18.88 -48.79 8.89
C TRP E 54 17.81 -49.62 8.18
N ASP E 55 17.79 -49.53 6.85
CA ASP E 55 16.72 -50.11 6.03
C ASP E 55 15.38 -49.86 6.71
N LEU E 56 15.05 -48.58 6.87
CA LEU E 56 13.85 -48.20 7.60
C LEU E 56 12.63 -48.54 6.75
N ALA E 57 11.54 -48.96 7.39
CA ALA E 57 10.28 -49.17 6.67
C ALA E 57 9.64 -47.85 6.25
N VAL E 58 9.91 -46.78 7.00
CA VAL E 58 9.41 -45.46 6.66
C VAL E 58 10.52 -44.68 5.93
N LYS E 59 10.22 -44.17 4.73
CA LYS E 59 11.23 -43.48 3.92
C LYS E 59 10.76 -42.08 3.48
N ILE E 60 9.78 -41.55 4.21
CA ILE E 60 9.17 -40.25 3.94
C ILE E 60 9.09 -39.47 5.25
N GLY E 61 9.04 -38.14 5.13
CA GLY E 61 8.79 -37.24 6.24
C GLY E 61 9.05 -35.81 5.82
N GLY E 62 8.90 -34.87 6.76
CA GLY E 62 9.14 -33.46 6.50
C GLY E 62 10.19 -32.86 7.43
N HIS E 63 11.42 -32.74 6.95
CA HIS E 63 12.47 -32.03 7.65
C HIS E 63 12.12 -30.54 7.68
N LEU E 64 12.55 -29.80 8.70
CA LEU E 64 12.45 -28.34 8.66
C LEU E 64 13.04 -27.79 7.36
N LYS E 65 12.32 -26.87 6.73
CA LYS E 65 12.83 -26.17 5.55
C LYS E 65 14.16 -25.50 5.90
N ASP E 66 14.19 -24.82 7.06
CA ASP E 66 15.40 -24.16 7.54
C ASP E 66 15.84 -24.82 8.85
N PRO E 67 16.90 -25.65 8.80
CA PRO E 67 17.29 -26.34 10.05
C PRO E 67 17.57 -25.34 11.18
N VAL E 68 17.34 -25.77 12.41
CA VAL E 68 17.53 -24.93 13.59
C VAL E 68 19.01 -24.62 13.78
N ASP E 69 19.86 -25.61 13.58
CA ASP E 69 21.27 -25.49 13.92
C ASP E 69 22.06 -24.60 12.94
N SER E 70 21.43 -24.29 11.81
CA SER E 70 21.98 -23.31 10.88
C SER E 70 22.04 -21.91 11.51
N HIS E 71 21.31 -21.72 12.61
CA HIS E 71 21.25 -20.44 13.31
C HIS E 71 21.95 -20.45 14.67
N MET E 72 22.77 -21.47 14.94
CA MET E 72 23.28 -21.70 16.28
C MET E 72 24.80 -21.63 16.34
N GLY E 73 25.31 -20.89 17.34
CA GLY E 73 26.75 -20.71 17.48
C GLY E 73 27.43 -21.91 18.10
N ARG E 74 28.74 -21.83 18.26
CA ARG E 74 29.51 -22.95 18.80
C ARG E 74 29.08 -23.31 20.22
N LEU E 75 28.81 -22.29 21.03
CA LEU E 75 28.50 -22.52 22.44
C LEU E 75 27.11 -23.12 22.60
N ASP E 76 26.12 -22.60 21.88
CA ASP E 76 24.78 -23.21 21.92
C ASP E 76 24.71 -24.67 21.45
N MET E 77 25.53 -25.04 20.48
CA MET E 77 25.63 -26.41 20.00
C MET E 77 26.23 -27.37 21.05
N ARG E 78 27.00 -26.81 21.98
CA ARG E 78 27.76 -27.56 22.97
C ARG E 78 27.02 -27.62 24.33
N ARG E 79 26.17 -26.62 24.57
CA ARG E 79 25.60 -26.37 25.90
C ARG E 79 24.11 -26.63 25.97
N MET E 80 23.47 -26.78 24.83
CA MET E 80 22.02 -27.02 24.79
C MET E 80 21.64 -28.27 24.00
N SER E 81 20.52 -28.88 24.39
CA SER E 81 19.98 -30.00 23.65
C SER E 81 19.22 -29.44 22.46
N TYR E 82 18.86 -30.30 21.50
CA TYR E 82 18.21 -29.79 20.31
C TYR E 82 17.00 -28.93 20.67
N VAL E 83 16.08 -29.47 21.48
CA VAL E 83 14.82 -28.75 21.81
C VAL E 83 15.00 -27.41 22.55
N GLN E 84 16.10 -27.28 23.28
CA GLN E 84 16.48 -26.01 23.88
C GLN E 84 16.96 -25.00 22.83
N ARG E 85 17.84 -25.43 21.93
CA ARG E 85 18.25 -24.63 20.78
C ARG E 85 17.05 -24.13 19.95
N MET E 86 16.14 -25.04 19.61
CA MET E 86 14.86 -24.68 19.00
C MET E 86 14.02 -23.70 19.84
N GLY E 87 13.93 -23.94 21.15
CA GLY E 87 13.22 -23.03 22.02
C GLY E 87 13.81 -21.63 22.09
N LYS E 88 15.13 -21.54 22.18
CA LYS E 88 15.82 -20.26 22.10
C LYS E 88 15.47 -19.53 20.80
N LEU E 89 15.69 -20.20 19.67
CA LEU E 89 15.39 -19.62 18.36
C LEU E 89 13.96 -19.07 18.27
N LEU E 90 12.96 -19.89 18.59
CA LEU E 90 11.58 -19.43 18.50
C LEU E 90 11.19 -18.37 19.55
N GLY E 91 11.74 -18.48 20.76
CA GLY E 91 11.45 -17.51 21.79
C GLY E 91 11.92 -16.13 21.33
N GLY E 92 13.14 -16.10 20.78
CA GLY E 92 13.74 -14.88 20.29
C GLY E 92 13.01 -14.25 19.11
N GLN E 93 12.51 -15.09 18.21
CA GLN E 93 11.71 -14.63 17.06
C GLN E 93 10.35 -14.13 17.48
N LEU E 94 9.74 -14.77 18.47
CA LEU E 94 8.38 -14.43 18.89
C LEU E 94 8.39 -13.11 19.64
N TRP E 95 9.46 -12.88 20.40
CA TRP E 95 9.63 -11.64 21.13
C TRP E 95 9.76 -10.44 20.16
N GLU E 96 10.74 -10.53 19.26
CA GLU E 96 10.96 -9.55 18.20
C GLU E 96 9.64 -9.31 17.44
N SER E 97 8.92 -10.39 17.13
CA SER E 97 7.61 -10.28 16.48
C SER E 97 6.60 -9.48 17.28
N ALA E 98 6.62 -9.60 18.60
CA ALA E 98 5.66 -8.88 19.47
C ALA E 98 6.07 -7.42 19.79
N GLY E 99 7.21 -7.00 19.24
CA GLY E 99 7.69 -5.65 19.42
C GLY E 99 8.76 -5.53 20.50
N SER E 100 9.32 -6.66 20.92
CA SER E 100 10.20 -6.69 22.08
C SER E 100 9.62 -5.88 23.26
N PRO E 101 8.42 -6.27 23.77
CA PRO E 101 7.78 -5.47 24.82
C PRO E 101 8.50 -5.55 26.17
N GLU E 102 8.46 -4.46 26.93
CA GLU E 102 8.98 -4.46 28.29
C GLU E 102 7.82 -4.85 29.22
N VAL E 103 7.80 -6.11 29.63
CA VAL E 103 6.72 -6.59 30.48
C VAL E 103 7.26 -6.67 31.90
N ASP E 104 6.36 -6.66 32.88
CA ASP E 104 6.71 -6.92 34.27
C ASP E 104 7.09 -8.39 34.40
N PRO E 105 8.38 -8.68 34.67
CA PRO E 105 8.83 -10.08 34.68
C PRO E 105 8.03 -10.91 35.67
N ASP E 106 7.58 -10.31 36.78
CA ASP E 106 6.89 -11.01 37.85
C ASP E 106 5.42 -11.28 37.50
N ARG E 107 5.00 -10.83 36.31
CA ARG E 107 3.66 -11.14 35.79
C ARG E 107 3.73 -11.88 34.46
N PHE E 108 4.90 -12.41 34.17
CA PHE E 108 5.24 -13.02 32.89
C PHE E 108 5.64 -14.51 33.10
N ALA E 109 4.83 -15.41 32.55
CA ALA E 109 5.05 -16.86 32.65
C ALA E 109 5.39 -17.49 31.29
N VAL E 110 5.92 -18.69 31.33
CA VAL E 110 6.23 -19.47 30.12
C VAL E 110 5.72 -20.90 30.30
N VAL E 111 4.92 -21.41 29.36
CA VAL E 111 4.44 -22.80 29.39
C VAL E 111 4.73 -23.45 28.03
N VAL E 112 5.63 -24.43 28.00
CA VAL E 112 6.07 -25.04 26.75
C VAL E 112 6.18 -26.57 26.93
N GLY E 113 5.36 -27.34 26.22
CA GLY E 113 5.45 -28.80 26.24
C GLY E 113 6.46 -29.37 25.25
N THR E 114 6.85 -30.63 25.47
CA THR E 114 7.62 -31.43 24.52
C THR E 114 7.18 -32.85 24.75
N GLY E 115 7.42 -33.72 23.79
CA GLY E 115 7.14 -35.13 24.01
C GLY E 115 8.14 -35.79 24.94
N LEU E 116 9.39 -35.36 24.88
CA LEU E 116 10.46 -36.13 25.49
C LEU E 116 11.48 -35.27 26.22
N GLY E 117 12.14 -34.37 25.50
CA GLY E 117 13.19 -33.58 26.08
C GLY E 117 14.44 -33.77 25.27
N GLY E 118 15.60 -33.60 25.90
CA GLY E 118 16.86 -33.62 25.20
C GLY E 118 17.45 -35.01 25.23
N ALA E 119 16.75 -35.93 24.58
CA ALA E 119 17.03 -37.33 24.72
C ALA E 119 18.31 -37.74 24.02
N GLU E 120 18.74 -36.97 23.02
CA GLU E 120 19.99 -37.31 22.31
C GLU E 120 21.16 -37.18 23.24
N ARG E 121 21.00 -36.29 24.22
CA ARG E 121 22.03 -36.03 25.23
C ARG E 121 22.08 -37.18 26.23
N ILE E 122 20.95 -37.86 26.40
CA ILE E 122 20.89 -39.11 27.18
C ILE E 122 21.72 -40.22 26.51
N VAL E 123 21.46 -40.51 25.23
CA VAL E 123 22.22 -41.51 24.50
C VAL E 123 23.74 -41.16 24.40
N GLU E 124 24.05 -39.87 24.24
CA GLU E 124 25.43 -39.39 24.23
C GLU E 124 26.21 -39.63 25.53
N SER E 125 25.55 -39.28 26.63
CA SER E 125 26.13 -39.36 27.96
C SER E 125 26.40 -40.82 28.31
N TYR E 126 25.43 -41.63 27.93
CA TYR E 126 25.52 -43.08 28.03
C TYR E 126 26.73 -43.63 27.27
N ASP E 127 26.86 -43.29 25.99
CA ASP E 127 27.98 -43.73 25.18
C ASP E 127 29.30 -43.25 25.79
N LEU E 128 29.39 -41.95 26.07
CA LEU E 128 30.60 -41.38 26.69
C LEU E 128 31.05 -42.02 28.02
N MET E 129 30.09 -42.37 28.89
CA MET E 129 30.44 -43.05 30.15
C MET E 129 30.86 -44.51 29.96
N ASN E 130 30.17 -45.23 29.08
CA ASN E 130 30.51 -46.62 28.80
C ASN E 130 31.94 -46.75 28.27
N ALA E 131 32.34 -45.77 27.46
CA ALA E 131 33.66 -45.73 26.81
C ALA E 131 34.78 -45.24 27.71
N GLY E 132 34.56 -44.14 28.42
CA GLY E 132 35.61 -43.54 29.24
C GLY E 132 35.29 -43.26 30.71
N GLY E 133 34.16 -43.74 31.19
CA GLY E 133 33.78 -43.57 32.59
C GLY E 133 33.13 -42.22 32.90
N PRO E 134 32.79 -41.99 34.18
CA PRO E 134 32.03 -40.83 34.70
C PRO E 134 32.61 -39.45 34.35
N ARG E 135 33.93 -39.34 34.28
CA ARG E 135 34.61 -38.08 34.01
C ARG E 135 34.36 -37.58 32.58
N LYS E 136 33.77 -38.43 31.74
CA LYS E 136 33.52 -38.06 30.35
C LYS E 136 32.12 -37.49 30.18
N VAL E 137 31.31 -37.57 31.23
CA VAL E 137 29.96 -37.01 31.23
C VAL E 137 29.98 -35.51 31.54
N SER E 138 29.32 -34.73 30.69
CA SER E 138 29.28 -33.27 30.83
C SER E 138 28.58 -32.82 32.08
N PRO E 139 29.06 -31.71 32.68
CA PRO E 139 28.38 -31.02 33.79
C PRO E 139 27.11 -30.32 33.35
N LEU E 140 26.90 -30.18 32.04
CA LEU E 140 25.66 -29.60 31.55
C LEU E 140 24.67 -30.69 31.15
N ALA E 141 25.08 -31.95 31.31
CA ALA E 141 24.26 -33.09 30.92
C ALA E 141 22.87 -33.00 31.54
N VAL E 142 22.75 -32.80 32.86
CA VAL E 142 21.38 -32.76 33.39
C VAL E 142 20.51 -31.62 32.92
N GLN E 143 21.02 -30.40 32.85
CA GLN E 143 20.20 -29.28 32.36
C GLN E 143 19.76 -29.37 30.89
N MET E 144 20.56 -30.03 30.03
CA MET E 144 20.19 -30.29 28.63
C MET E 144 19.18 -31.44 28.48
N ILE E 145 19.27 -32.43 29.38
CA ILE E 145 18.44 -33.64 29.33
C ILE E 145 17.07 -33.46 29.95
N MET E 146 17.01 -32.76 31.08
CA MET E 146 15.73 -32.57 31.78
C MET E 146 14.64 -32.05 30.83
N PRO E 147 13.48 -32.71 30.85
CA PRO E 147 12.40 -32.37 29.90
C PRO E 147 11.90 -30.94 30.04
N ASN E 148 12.09 -30.32 31.21
CA ASN E 148 11.65 -28.95 31.44
C ASN E 148 12.65 -27.95 30.84
N GLY E 149 13.72 -28.49 30.27
CA GLY E 149 14.86 -27.70 29.82
C GLY E 149 14.57 -26.66 28.74
N ALA E 150 13.70 -26.98 27.78
CA ALA E 150 13.33 -26.02 26.70
C ALA E 150 12.53 -24.85 27.27
N ALA E 151 11.53 -25.12 28.10
CA ALA E 151 10.76 -24.03 28.72
C ALA E 151 11.66 -23.12 29.57
N ALA E 152 12.61 -23.75 30.27
CA ALA E 152 13.53 -23.07 31.16
C ALA E 152 14.50 -22.18 30.39
N VAL E 153 14.90 -22.61 29.18
CA VAL E 153 15.77 -21.79 28.33
C VAL E 153 15.02 -20.52 27.92
N ILE E 154 13.78 -20.68 27.45
CA ILE E 154 12.89 -19.55 27.13
C ILE E 154 12.53 -18.56 28.28
N GLY E 155 12.23 -19.08 29.48
CA GLY E 155 11.96 -18.22 30.62
C GLY E 155 13.20 -17.45 31.03
N LEU E 156 14.37 -18.09 30.94
CA LEU E 156 15.64 -17.41 31.22
C LEU E 156 15.99 -16.39 30.13
N GLN E 157 15.78 -16.79 28.87
CA GLN E 157 16.03 -15.95 27.71
C GLN E 157 15.23 -14.66 27.80
N LEU E 158 13.93 -14.79 28.05
CA LEU E 158 13.00 -13.67 27.99
C LEU E 158 12.75 -13.02 29.35
N GLY E 159 13.26 -13.62 30.42
CA GLY E 159 13.07 -13.11 31.77
C GLY E 159 11.70 -13.28 32.41
N ALA E 160 11.11 -14.49 32.32
CA ALA E 160 9.80 -14.78 32.97
C ALA E 160 9.93 -15.29 34.43
N ARG E 161 9.20 -14.64 35.34
CA ARG E 161 9.32 -14.88 36.77
C ARG E 161 8.00 -15.19 37.44
N ALA E 162 6.94 -15.29 36.64
CA ALA E 162 5.63 -15.75 37.13
C ALA E 162 5.38 -17.28 36.96
N GLY E 163 6.43 -18.06 36.72
CA GLY E 163 6.26 -19.49 36.50
C GLY E 163 6.78 -19.94 35.13
N VAL E 164 7.46 -21.09 35.11
CA VAL E 164 7.96 -21.73 33.88
C VAL E 164 7.55 -23.20 33.98
N MET E 165 6.69 -23.64 33.08
CA MET E 165 6.02 -24.92 33.25
CA MET E 165 6.06 -24.92 33.25
C MET E 165 6.12 -25.79 32.00
N THR E 166 6.27 -27.09 32.21
CA THR E 166 6.33 -28.06 31.13
C THR E 166 5.31 -29.17 31.34
N PRO E 167 4.12 -29.05 30.70
CA PRO E 167 3.21 -30.19 30.72
C PRO E 167 3.65 -31.26 29.70
N VAL E 168 3.77 -32.53 30.10
CA VAL E 168 4.07 -33.58 29.12
C VAL E 168 2.87 -34.51 29.01
N SER E 169 2.36 -34.67 27.78
CA SER E 169 1.23 -35.57 27.54
C SER E 169 1.29 -36.09 26.11
N ALA E 170 2.51 -36.46 25.74
CA ALA E 170 2.81 -37.04 24.45
C ALA E 170 2.36 -36.07 23.36
N GLN E 171 1.50 -36.53 22.44
CA GLN E 171 1.10 -35.75 21.25
C GLN E 171 0.12 -34.56 21.49
N SER E 172 -0.42 -34.44 22.70
CA SER E 172 -1.19 -33.25 23.07
C SER E 172 -0.43 -32.24 23.97
N SER E 173 0.89 -32.39 24.09
CA SER E 173 1.72 -31.53 24.97
C SER E 173 1.67 -30.06 24.56
N GLY E 174 1.84 -29.83 23.26
CA GLY E 174 1.79 -28.49 22.68
C GLY E 174 0.52 -27.70 22.98
N SER E 175 -0.62 -28.38 22.96
CA SER E 175 -1.89 -27.71 23.23
C SER E 175 -2.11 -27.62 24.71
N GLU E 176 -1.66 -28.63 25.45
CA GLU E 176 -1.84 -28.60 26.90
C GLU E 176 -1.09 -27.41 27.47
N ALA E 177 0.09 -27.13 26.89
CA ALA E 177 0.93 -26.02 27.29
C ALA E 177 0.15 -24.71 27.23
N ILE E 178 -0.52 -24.52 26.11
CA ILE E 178 -1.33 -23.33 25.89
C ILE E 178 -2.49 -23.27 26.89
N ALA E 179 -3.11 -24.41 27.19
CA ALA E 179 -4.25 -24.46 28.14
C ALA E 179 -3.85 -24.07 29.54
N HIS E 180 -2.66 -24.48 29.95
CA HIS E 180 -2.14 -24.13 31.28
C HIS E 180 -1.75 -22.68 31.39
N ALA E 181 -1.19 -22.12 30.32
CA ALA E 181 -0.86 -20.69 30.30
C ALA E 181 -2.13 -19.88 30.45
N TRP E 182 -3.16 -20.25 29.70
CA TRP E 182 -4.44 -19.60 29.85
C TRP E 182 -4.94 -19.68 31.29
N ARG E 183 -4.73 -20.83 31.96
CA ARG E 183 -5.19 -20.97 33.35
C ARG E 183 -4.38 -20.11 34.33
N GLN E 184 -3.09 -20.00 34.06
CA GLN E 184 -2.19 -19.18 34.87
C GLN E 184 -2.62 -17.73 34.81
N ILE E 185 -2.99 -17.26 33.60
CA ILE E 185 -3.51 -15.91 33.40
C ILE E 185 -4.87 -15.72 34.08
N VAL E 186 -5.78 -16.63 33.81
CA VAL E 186 -7.16 -16.51 34.29
C VAL E 186 -7.34 -16.62 35.81
N MET E 187 -6.51 -17.44 36.45
CA MET E 187 -6.50 -17.56 37.92
C MET E 187 -5.67 -16.45 38.60
N GLY E 188 -5.08 -15.58 37.77
CA GLY E 188 -4.46 -14.35 38.22
C GLY E 188 -3.00 -14.42 38.53
N ASP E 189 -2.33 -15.49 38.11
CA ASP E 189 -0.93 -15.65 38.45
C ASP E 189 0.02 -14.87 37.51
N ALA E 190 -0.49 -14.46 36.35
CA ALA E 190 0.31 -13.83 35.30
C ALA E 190 -0.62 -13.03 34.43
N ASP E 191 -0.06 -12.11 33.66
CA ASP E 191 -0.88 -11.30 32.77
C ASP E 191 -0.44 -11.52 31.36
N VAL E 192 0.70 -12.18 31.20
CA VAL E 192 1.26 -12.41 29.88
C VAL E 192 2.07 -13.70 29.92
N ALA E 193 2.01 -14.48 28.84
CA ALA E 193 2.61 -15.80 28.79
C ALA E 193 3.04 -16.18 27.38
N VAL E 194 4.25 -16.71 27.28
CA VAL E 194 4.71 -17.32 26.06
C VAL E 194 4.45 -18.82 26.21
N CYS E 195 3.76 -19.43 25.25
CA CYS E 195 3.38 -20.82 25.38
C CYS E 195 3.42 -21.57 24.05
N GLY E 196 3.62 -22.88 24.13
CA GLY E 196 3.56 -23.74 22.97
C GLY E 196 4.30 -25.04 23.15
N GLY E 197 4.95 -25.50 22.09
CA GLY E 197 5.64 -26.77 22.14
C GLY E 197 6.81 -26.82 21.21
N VAL E 198 7.78 -27.65 21.58
CA VAL E 198 8.97 -27.91 20.76
C VAL E 198 9.16 -29.42 20.64
N GLU E 199 10.00 -29.85 19.71
CA GLU E 199 10.21 -31.29 19.50
C GLU E 199 11.44 -31.56 18.66
N GLY E 200 12.05 -32.71 18.88
CA GLY E 200 13.27 -33.02 18.17
C GLY E 200 13.04 -33.30 16.70
N PRO E 201 14.12 -33.51 15.95
CA PRO E 201 14.01 -33.85 14.54
C PRO E 201 13.65 -35.32 14.29
N ILE E 202 13.25 -35.62 13.05
CA ILE E 202 13.20 -37.00 12.55
C ILE E 202 14.56 -37.70 12.70
N GLU E 203 14.54 -38.84 13.38
CA GLU E 203 15.71 -39.66 13.53
C GLU E 203 15.32 -41.13 13.38
N ALA E 204 16.31 -42.02 13.27
CA ALA E 204 16.06 -43.44 13.03
C ALA E 204 15.35 -44.15 14.19
N LEU E 205 15.79 -43.88 15.42
CA LEU E 205 15.21 -44.55 16.59
C LEU E 205 13.73 -44.19 16.85
N PRO E 206 13.37 -42.89 16.79
CA PRO E 206 11.95 -42.57 16.92
C PRO E 206 11.14 -43.18 15.77
N ILE E 207 11.71 -43.18 14.56
CA ILE E 207 11.04 -43.85 13.45
C ILE E 207 10.88 -45.34 13.74
N ALA E 208 11.93 -45.99 14.26
CA ALA E 208 11.83 -47.42 14.56
C ALA E 208 10.75 -47.69 15.61
N ALA E 209 10.74 -46.87 16.67
CA ALA E 209 9.80 -47.04 17.80
C ALA E 209 8.34 -46.82 17.40
N PHE E 210 8.07 -45.79 16.60
CA PHE E 210 6.70 -45.57 16.13
C PHE E 210 6.25 -46.54 15.00
N SER E 211 7.19 -46.95 14.14
CA SER E 211 6.91 -47.91 13.06
C SER E 211 6.54 -49.26 13.62
N MET E 212 7.21 -49.64 14.71
CA MET E 212 6.97 -50.95 15.32
C MET E 212 5.61 -51.04 16.01
N MET E 213 4.98 -49.89 16.24
CA MET E 213 3.59 -49.78 16.71
C MET E 213 2.62 -49.89 15.55
N ARG E 214 3.18 -49.90 14.34
CA ARG E 214 2.40 -49.94 13.09
C ARG E 214 1.43 -48.77 12.99
N ALA E 215 1.90 -47.58 13.37
CA ALA E 215 1.08 -46.38 13.37
C ALA E 215 1.50 -45.40 12.27
N MET E 216 2.62 -45.68 11.61
CA MET E 216 3.14 -44.77 10.61
C MET E 216 2.77 -45.21 9.17
N SER E 217 2.60 -44.22 8.27
CA SER E 217 2.40 -44.48 6.85
C SER E 217 3.67 -45.01 6.20
N THR E 218 3.49 -45.97 5.29
CA THR E 218 4.61 -46.49 4.51
C THR E 218 4.36 -46.31 3.02
N ARG E 219 3.62 -45.26 2.68
CA ARG E 219 3.39 -44.89 1.28
C ARG E 219 4.59 -44.16 0.70
N ASN E 220 5.70 -44.89 0.52
CA ASN E 220 6.98 -44.27 0.20
C ASN E 220 7.12 -43.66 -1.20
N ASP E 221 6.40 -44.23 -2.16
CA ASP E 221 6.53 -43.82 -3.56
C ASP E 221 5.94 -42.43 -3.87
N GLU E 222 4.97 -42.02 -3.06
CA GLU E 222 4.36 -40.69 -3.16
C GLU E 222 4.29 -39.97 -1.81
N PRO E 223 5.44 -39.42 -1.35
CA PRO E 223 5.50 -38.81 -0.01
C PRO E 223 4.36 -37.83 0.22
N GLU E 224 4.10 -36.94 -0.75
CA GLU E 224 3.08 -35.89 -0.58
C GLU E 224 1.66 -36.43 -0.41
N ARG E 225 1.45 -37.67 -0.82
CA ARG E 225 0.10 -38.26 -0.80
C ARG E 225 -0.09 -39.18 0.41
N ALA E 226 0.97 -39.33 1.21
CA ALA E 226 0.99 -40.29 2.32
C ALA E 226 0.03 -40.00 3.47
N SER E 227 0.05 -38.77 3.96
CA SER E 227 -0.75 -38.40 5.13
C SER E 227 -2.17 -38.05 4.69
N ARG E 228 -3.13 -38.91 5.04
CA ARG E 228 -4.48 -38.84 4.47
C ARG E 228 -5.58 -38.83 5.53
N PRO E 229 -5.52 -37.88 6.46
CA PRO E 229 -6.52 -37.85 7.52
C PRO E 229 -7.97 -37.91 6.99
N PHE E 230 -8.78 -38.81 7.56
CA PHE E 230 -10.22 -38.95 7.24
C PHE E 230 -10.53 -39.61 5.88
N ASP E 231 -9.48 -39.82 5.10
CA ASP E 231 -9.61 -40.46 3.80
C ASP E 231 -9.68 -41.98 3.98
N LYS E 232 -10.42 -42.64 3.10
CA LYS E 232 -10.62 -44.09 3.17
C LYS E 232 -9.32 -44.87 3.15
N ASP E 233 -8.33 -44.34 2.47
CA ASP E 233 -7.13 -45.09 2.16
C ASP E 233 -5.93 -44.73 3.05
N ARG E 234 -6.18 -44.13 4.20
CA ARG E 234 -5.07 -43.72 5.07
C ARG E 234 -4.37 -44.93 5.70
N ASP E 235 -3.09 -44.80 5.98
CA ASP E 235 -2.34 -45.91 6.55
C ASP E 235 -1.39 -45.47 7.66
N GLY E 236 -1.79 -44.46 8.42
CA GLY E 236 -0.98 -43.96 9.52
C GLY E 236 -0.38 -42.58 9.32
N PHE E 237 0.40 -42.14 10.31
CA PHE E 237 0.89 -40.78 10.38
C PHE E 237 2.25 -40.61 9.70
N VAL E 238 2.54 -39.36 9.35
CA VAL E 238 3.82 -39.01 8.74
C VAL E 238 4.48 -37.99 9.65
N PHE E 239 5.78 -38.13 9.87
CA PHE E 239 6.57 -37.15 10.64
C PHE E 239 6.78 -35.85 9.84
N GLY E 240 6.43 -34.72 10.46
CA GLY E 240 6.67 -33.40 9.90
C GLY E 240 7.24 -32.57 11.05
N GLU E 241 8.53 -32.27 10.97
CA GLU E 241 9.23 -31.44 11.94
C GLU E 241 8.58 -30.06 12.10
N ALA E 242 8.50 -29.61 13.35
CA ALA E 242 7.89 -28.33 13.70
C ALA E 242 8.28 -27.94 15.11
N GLY E 243 8.18 -26.64 15.35
CA GLY E 243 8.05 -26.09 16.67
C GLY E 243 7.23 -24.83 16.60
N ALA E 244 6.48 -24.53 17.66
CA ALA E 244 5.67 -23.32 17.64
C ALA E 244 5.44 -22.67 19.01
N LEU E 245 5.43 -21.34 19.03
CA LEU E 245 5.10 -20.56 20.21
C LEU E 245 4.10 -19.44 19.90
N MET E 246 3.31 -19.09 20.90
CA MET E 246 2.50 -17.91 20.76
C MET E 246 2.60 -17.05 22.03
N LEU E 247 2.40 -15.75 21.87
CA LEU E 247 2.25 -14.85 23.00
C LEU E 247 0.78 -14.62 23.27
N ILE E 248 0.36 -14.94 24.50
CA ILE E 248 -0.99 -14.58 24.96
C ILE E 248 -0.88 -13.59 26.13
N GLU E 249 -1.90 -12.77 26.31
CA GLU E 249 -1.91 -11.79 27.40
C GLU E 249 -3.36 -11.36 27.67
N THR E 250 -3.62 -10.73 28.80
CA THR E 250 -4.95 -10.18 29.06
C THR E 250 -5.21 -9.13 27.97
N GLU E 251 -6.47 -8.86 27.66
CA GLU E 251 -6.84 -7.82 26.69
C GLU E 251 -6.45 -6.42 27.20
N GLU E 252 -6.53 -6.26 28.52
CA GLU E 252 -6.06 -5.07 29.20
C GLU E 252 -4.55 -4.83 28.95
N HIS E 253 -3.75 -5.89 29.14
CA HIS E 253 -2.28 -5.81 28.99
C HIS E 253 -1.90 -5.46 27.55
N ALA E 254 -2.60 -6.08 26.60
CA ALA E 254 -2.32 -5.87 25.19
C ALA E 254 -2.72 -4.46 24.74
N LYS E 255 -3.90 -4.01 25.16
CA LYS E 255 -4.35 -2.65 24.88
C LYS E 255 -3.32 -1.58 25.35
N ALA E 256 -2.99 -1.60 26.64
CA ALA E 256 -2.01 -0.67 27.21
C ALA E 256 -0.65 -0.60 26.52
N ARG E 257 -0.22 -1.67 25.87
CA ARG E 257 1.07 -1.65 25.20
C ARG E 257 0.98 -1.45 23.67
N GLY E 258 -0.25 -1.30 23.16
CA GLY E 258 -0.48 -1.07 21.74
C GLY E 258 -0.45 -2.28 20.82
N ALA E 259 -0.64 -3.47 21.38
CA ALA E 259 -0.61 -4.70 20.58
C ALA E 259 -1.99 -4.99 19.97
N LYS E 260 -2.01 -5.42 18.71
CA LYS E 260 -3.26 -5.88 18.10
C LYS E 260 -3.37 -7.41 18.22
N PRO E 261 -4.48 -7.88 18.82
CA PRO E 261 -4.77 -9.31 18.96
C PRO E 261 -4.90 -9.98 17.61
N LEU E 262 -4.39 -11.21 17.46
CA LEU E 262 -4.66 -11.98 16.24
C LEU E 262 -5.98 -12.74 16.39
N ALA E 263 -6.40 -12.96 17.63
CA ALA E 263 -7.56 -13.78 17.96
C ALA E 263 -7.68 -13.78 19.48
N ARG E 264 -8.79 -14.32 19.98
CA ARG E 264 -9.01 -14.48 21.41
C ARG E 264 -8.82 -15.96 21.86
N LEU E 265 -8.21 -16.18 23.03
CA LEU E 265 -8.17 -17.51 23.67
C LEU E 265 -9.18 -17.60 24.84
N LEU E 266 -10.24 -18.39 24.67
CA LEU E 266 -11.47 -18.30 25.48
C LEU E 266 -11.69 -19.35 26.56
N GLY E 267 -11.05 -20.49 26.43
CA GLY E 267 -11.35 -21.62 27.28
C GLY E 267 -10.53 -22.82 26.86
N ALA E 268 -10.42 -23.79 27.75
CA ALA E 268 -9.59 -24.98 27.52
C ALA E 268 -10.16 -26.12 28.34
N GLY E 269 -10.20 -27.30 27.75
CA GLY E 269 -10.74 -28.47 28.41
C GLY E 269 -9.72 -29.57 28.35
N ILE E 270 -9.47 -30.20 29.49
CA ILE E 270 -8.53 -31.31 29.60
C ILE E 270 -9.22 -32.50 30.29
N THR E 271 -9.29 -33.64 29.58
CA THR E 271 -9.87 -34.89 30.10
C THR E 271 -8.96 -36.09 29.81
N SER E 272 -9.39 -37.28 30.21
CA SER E 272 -8.62 -38.50 29.98
C SER E 272 -9.57 -39.65 29.70
N ASP E 273 -9.12 -40.64 28.92
CA ASP E 273 -9.97 -41.78 28.51
C ASP E 273 -10.16 -42.89 29.56
N ALA E 274 -9.14 -43.15 30.39
CA ALA E 274 -9.05 -44.41 31.15
C ALA E 274 -9.53 -45.62 30.31
N PHE E 275 -8.93 -45.78 29.14
CA PHE E 275 -9.28 -46.86 28.20
C PHE E 275 -8.07 -47.71 27.78
N HIS E 276 -7.09 -47.09 27.14
CA HIS E 276 -5.91 -47.83 26.67
C HIS E 276 -4.73 -46.85 26.60
N MET E 277 -3.52 -47.37 26.75
CA MET E 277 -2.35 -46.52 26.77
C MET E 277 -2.11 -45.84 25.42
N VAL E 278 -2.42 -46.52 24.32
CA VAL E 278 -1.98 -46.08 22.99
C VAL E 278 -3.08 -46.15 21.94
N ALA E 279 -4.32 -46.35 22.39
CA ALA E 279 -5.48 -46.34 21.51
C ALA E 279 -6.57 -45.46 22.12
N PRO E 280 -7.06 -44.46 21.35
CA PRO E 280 -8.13 -43.59 21.87
C PRO E 280 -9.37 -44.41 22.08
N ALA E 281 -10.21 -44.07 23.07
CA ALA E 281 -11.51 -44.73 23.15
C ALA E 281 -12.29 -44.56 21.82
N ALA E 282 -12.82 -45.66 21.30
CA ALA E 282 -13.61 -45.60 20.07
C ALA E 282 -14.83 -44.65 20.13
N ASP E 283 -15.47 -44.53 21.30
CA ASP E 283 -16.71 -43.74 21.45
C ASP E 283 -16.58 -42.20 21.45
N GLY E 284 -15.34 -41.72 21.54
CA GLY E 284 -15.05 -40.29 21.53
C GLY E 284 -15.65 -39.48 22.67
N VAL E 285 -16.14 -40.17 23.69
CA VAL E 285 -16.92 -39.54 24.77
C VAL E 285 -16.09 -38.61 25.70
N ARG E 286 -14.95 -39.08 26.23
CA ARG E 286 -14.15 -38.17 27.06
C ARG E 286 -13.44 -37.14 26.17
N ALA E 287 -13.10 -37.53 24.94
CA ALA E 287 -12.49 -36.61 23.99
C ALA E 287 -13.48 -35.50 23.65
N GLY E 288 -14.74 -35.88 23.41
CA GLY E 288 -15.80 -34.93 23.19
C GLY E 288 -16.00 -34.03 24.40
N ARG E 289 -15.84 -34.59 25.60
CA ARG E 289 -16.01 -33.83 26.84
C ARG E 289 -14.93 -32.75 27.04
N ALA E 290 -13.71 -32.99 26.57
CA ALA E 290 -12.70 -31.93 26.59
C ALA E 290 -13.12 -30.79 25.68
N MET E 291 -13.72 -31.11 24.54
CA MET E 291 -14.27 -30.06 23.68
C MET E 291 -15.39 -29.30 24.40
N THR E 292 -16.31 -30.03 25.02
CA THR E 292 -17.45 -29.39 25.71
C THR E 292 -16.97 -28.47 26.83
N ARG E 293 -15.99 -28.93 27.59
CA ARG E 293 -15.44 -28.17 28.70
C ARG E 293 -14.82 -26.86 28.25
N SER E 294 -14.13 -26.87 27.11
CA SER E 294 -13.53 -25.63 26.57
C SER E 294 -14.59 -24.61 26.21
N LEU E 295 -15.76 -25.11 25.82
CA LEU E 295 -16.90 -24.26 25.49
C LEU E 295 -17.58 -23.76 26.76
N GLU E 296 -17.74 -24.65 27.72
CA GLU E 296 -18.30 -24.28 29.02
C GLU E 296 -17.54 -23.09 29.61
N LEU E 297 -16.22 -23.22 29.67
CA LEU E 297 -15.39 -22.16 30.21
C LEU E 297 -15.39 -20.90 29.33
N ALA E 298 -15.56 -21.08 28.02
CA ALA E 298 -15.54 -19.95 27.09
C ALA E 298 -16.88 -19.22 27.13
N GLY E 299 -17.93 -19.95 27.47
CA GLY E 299 -19.28 -19.43 27.43
C GLY E 299 -19.97 -19.60 26.07
N LEU E 300 -19.77 -20.76 25.43
CA LEU E 300 -20.22 -20.99 24.07
C LEU E 300 -21.13 -22.22 23.97
N SER E 301 -21.94 -22.26 22.91
CA SER E 301 -22.73 -23.44 22.58
C SER E 301 -22.01 -24.14 21.46
N PRO E 302 -22.27 -25.45 21.29
CA PRO E 302 -21.70 -26.16 20.13
C PRO E 302 -22.14 -25.47 18.83
N ALA E 303 -23.26 -24.75 18.90
CA ALA E 303 -23.75 -23.94 17.79
C ALA E 303 -22.79 -22.83 17.34
N ASP E 304 -21.98 -22.33 18.27
CA ASP E 304 -21.08 -21.22 17.97
C ASP E 304 -19.83 -21.66 17.20
N ILE E 305 -19.58 -22.97 17.22
CA ILE E 305 -18.37 -23.56 16.63
C ILE E 305 -18.43 -23.79 15.12
N ASP E 306 -17.78 -22.89 14.40
CA ASP E 306 -17.78 -22.85 12.96
C ASP E 306 -16.60 -23.62 12.35
N HIS E 307 -15.59 -23.92 13.16
CA HIS E 307 -14.35 -24.55 12.66
C HIS E 307 -13.79 -25.48 13.73
N VAL E 308 -13.33 -26.67 13.34
CA VAL E 308 -12.58 -27.51 14.25
C VAL E 308 -11.26 -27.81 13.56
N ASN E 309 -10.16 -27.51 14.25
CA ASN E 309 -8.85 -27.92 13.78
C ASN E 309 -8.55 -29.30 14.38
N ALA E 310 -8.70 -30.34 13.55
CA ALA E 310 -8.69 -31.73 14.01
C ALA E 310 -7.27 -32.20 14.33
N HIS E 311 -7.10 -33.01 15.38
CA HIS E 311 -5.82 -33.68 15.62
C HIS E 311 -5.43 -34.53 14.40
N GLY E 312 -6.43 -35.22 13.85
CA GLY E 312 -6.34 -35.90 12.56
C GLY E 312 -4.99 -36.42 12.17
N THR E 313 -4.56 -37.49 12.84
CA THR E 313 -3.26 -38.11 12.60
C THR E 313 -3.20 -38.93 11.29
N ALA E 314 -4.35 -39.41 10.83
CA ALA E 314 -4.47 -40.27 9.64
C ALA E 314 -4.27 -41.76 9.95
N THR E 315 -4.33 -42.11 11.25
CA THR E 315 -4.39 -43.51 11.66
C THR E 315 -5.86 -43.97 11.57
N PRO E 316 -6.07 -45.21 11.10
CA PRO E 316 -7.45 -45.71 10.99
C PRO E 316 -8.24 -45.54 12.30
N ILE E 317 -7.64 -45.92 13.42
CA ILE E 317 -8.34 -45.87 14.70
C ILE E 317 -8.48 -44.45 15.28
N GLY E 318 -7.48 -43.60 15.08
CA GLY E 318 -7.49 -42.25 15.63
C GLY E 318 -8.57 -41.37 14.99
N ASP E 319 -8.57 -41.32 13.66
CA ASP E 319 -9.50 -40.46 12.92
C ASP E 319 -10.94 -40.86 13.21
N ALA E 320 -11.17 -42.15 13.33
CA ALA E 320 -12.49 -42.66 13.69
C ALA E 320 -12.95 -42.23 15.10
N ALA E 321 -12.06 -42.32 16.09
CA ALA E 321 -12.37 -41.87 17.47
C ALA E 321 -12.69 -40.37 17.52
N GLU E 322 -11.85 -39.58 16.84
CA GLU E 322 -12.01 -38.12 16.86
C GLU E 322 -13.30 -37.66 16.18
N ALA E 323 -13.67 -38.31 15.05
CA ALA E 323 -14.98 -38.09 14.40
C ALA E 323 -16.14 -38.30 15.37
N ASN E 324 -16.09 -39.38 16.15
CA ASN E 324 -17.09 -39.61 17.18
C ASN E 324 -17.07 -38.55 18.28
N ALA E 325 -15.87 -38.11 18.68
CA ALA E 325 -15.71 -37.06 19.67
C ALA E 325 -16.32 -35.74 19.20
N ILE E 326 -15.97 -35.32 17.97
CA ILE E 326 -16.58 -34.13 17.36
C ILE E 326 -18.12 -34.21 17.35
N ARG E 327 -18.67 -35.37 16.97
CA ARG E 327 -20.12 -35.63 17.02
C ARG E 327 -20.66 -35.59 18.46
N VAL E 328 -19.95 -36.23 19.39
CA VAL E 328 -20.35 -36.23 20.80
C VAL E 328 -20.46 -34.81 21.38
N ALA E 329 -19.53 -33.93 20.96
CA ALA E 329 -19.46 -32.54 21.44
C ALA E 329 -20.49 -31.59 20.77
N GLY E 330 -21.20 -32.09 19.75
CA GLY E 330 -22.20 -31.31 19.03
C GLY E 330 -21.61 -30.43 17.92
N CYS E 331 -20.39 -30.73 17.53
CA CYS E 331 -19.65 -29.83 16.64
C CYS E 331 -19.50 -30.37 15.22
N ASP E 332 -20.31 -31.37 14.84
CA ASP E 332 -20.07 -32.03 13.54
C ASP E 332 -20.53 -31.26 12.30
N GLN E 333 -21.11 -30.08 12.53
CA GLN E 333 -21.46 -29.14 11.46
C GLN E 333 -20.36 -28.09 11.21
N ALA E 334 -19.26 -28.18 11.96
CA ALA E 334 -18.12 -27.29 11.77
C ALA E 334 -17.26 -27.67 10.57
N ALA E 335 -16.72 -26.68 9.87
CA ALA E 335 -15.74 -26.96 8.83
C ALA E 335 -14.47 -27.52 9.50
N VAL E 336 -14.06 -28.72 9.08
CA VAL E 336 -12.91 -29.38 9.68
C VAL E 336 -11.65 -29.26 8.84
N TYR E 337 -10.55 -28.93 9.51
CA TYR E 337 -9.23 -28.95 8.90
C TYR E 337 -8.30 -29.97 9.59
N ALA E 338 -7.55 -30.74 8.80
CA ALA E 338 -6.51 -31.64 9.34
C ALA E 338 -5.13 -31.25 8.82
N PRO E 339 -4.41 -30.34 9.50
CA PRO E 339 -3.11 -29.86 9.00
C PRO E 339 -1.97 -30.89 8.89
N LYS E 340 -2.09 -32.01 9.60
CA LYS E 340 -1.13 -33.13 9.49
C LYS E 340 -1.06 -33.66 8.05
N SER E 341 -2.15 -33.46 7.32
CA SER E 341 -2.21 -33.74 5.88
C SER E 341 -1.14 -33.00 5.06
N ALA E 342 -0.75 -31.80 5.51
CA ALA E 342 0.27 -31.02 4.81
C ALA E 342 1.59 -30.95 5.58
N LEU E 343 1.48 -30.86 6.90
CA LEU E 343 2.64 -30.57 7.75
C LEU E 343 3.18 -31.79 8.53
N GLY E 344 2.49 -32.94 8.44
CA GLY E 344 2.88 -34.12 9.22
C GLY E 344 2.75 -33.96 10.74
N HIS E 345 3.27 -34.92 11.49
CA HIS E 345 3.03 -35.01 12.93
C HIS E 345 4.29 -34.61 13.70
N SER E 346 4.22 -33.54 14.51
CA SER E 346 5.42 -33.13 15.28
C SER E 346 5.34 -33.47 16.77
N ILE E 347 4.48 -34.43 17.11
CA ILE E 347 4.43 -35.00 18.46
C ILE E 347 4.19 -33.91 19.52
N GLY E 348 5.21 -33.60 20.33
CA GLY E 348 5.09 -32.64 21.43
C GLY E 348 4.83 -31.21 21.03
N ALA E 349 5.26 -30.85 19.82
CA ALA E 349 5.08 -29.51 19.29
C ALA E 349 3.76 -29.31 18.54
N VAL E 350 3.14 -30.40 18.09
CA VAL E 350 2.10 -30.33 17.04
C VAL E 350 0.81 -29.61 17.45
N GLY E 351 0.39 -29.77 18.69
CA GLY E 351 -0.79 -29.05 19.17
C GLY E 351 -0.62 -27.53 19.31
N ALA E 352 0.60 -27.06 19.56
CA ALA E 352 0.94 -25.63 19.55
C ALA E 352 0.87 -25.11 18.11
N LEU E 353 1.55 -25.80 17.21
CA LEU E 353 1.53 -25.51 15.77
C LEU E 353 0.11 -25.40 15.24
N GLU E 354 -0.76 -26.31 15.64
CA GLU E 354 -2.14 -26.29 15.17
C GLU E 354 -2.97 -25.21 15.83
N SER E 355 -2.58 -24.82 17.06
CA SER E 355 -3.23 -23.72 17.78
C SER E 355 -2.95 -22.39 17.09
N VAL E 356 -1.71 -22.26 16.59
CA VAL E 356 -1.27 -21.14 15.78
C VAL E 356 -1.98 -21.11 14.43
N LEU E 357 -2.24 -22.27 13.83
CA LEU E 357 -2.98 -22.36 12.55
C LEU E 357 -4.45 -21.99 12.76
N THR E 358 -5.04 -22.44 13.87
CA THR E 358 -6.40 -22.07 14.28
C THR E 358 -6.55 -20.55 14.46
N VAL E 359 -5.59 -19.94 15.14
CA VAL E 359 -5.50 -18.48 15.23
C VAL E 359 -5.52 -17.74 13.86
N LEU E 360 -4.64 -18.12 12.95
CA LEU E 360 -4.59 -17.57 11.60
C LEU E 360 -5.87 -17.79 10.78
N THR E 361 -6.51 -18.97 10.93
CA THR E 361 -7.81 -19.23 10.32
C THR E 361 -8.76 -18.17 10.81
N LEU E 362 -8.72 -17.89 12.12
CA LEU E 362 -9.62 -16.90 12.71
C LEU E 362 -9.28 -15.46 12.29
N ARG E 363 -7.99 -15.15 12.28
CA ARG E 363 -7.49 -13.87 11.80
C ARG E 363 -7.83 -13.59 10.32
N ASP E 364 -7.66 -14.58 9.46
CA ASP E 364 -7.80 -14.34 8.03
C ASP E 364 -9.13 -14.79 7.43
N GLY E 365 -9.95 -15.44 8.25
CA GLY E 365 -11.26 -15.91 7.82
C GLY E 365 -11.18 -16.97 6.73
N VAL E 366 -10.23 -17.89 6.87
CA VAL E 366 -10.02 -18.90 5.85
C VAL E 366 -9.40 -20.18 6.42
N ILE E 367 -9.87 -21.33 5.92
CA ILE E 367 -9.36 -22.65 6.29
C ILE E 367 -8.61 -23.26 5.12
N PRO E 368 -7.34 -23.67 5.32
CA PRO E 368 -6.60 -24.31 4.22
C PRO E 368 -7.28 -25.63 3.77
N PRO E 369 -6.98 -26.11 2.55
CA PRO E 369 -7.53 -27.42 2.20
C PRO E 369 -6.85 -28.59 2.94
N THR E 370 -7.61 -29.56 3.43
CA THR E 370 -7.02 -30.82 3.92
C THR E 370 -6.48 -31.63 2.74
N LEU E 371 -5.16 -31.78 2.67
CA LEU E 371 -4.56 -32.47 1.55
C LEU E 371 -4.98 -33.96 1.50
N ASN E 372 -5.03 -34.56 0.31
CA ASN E 372 -5.16 -36.02 0.15
C ASN E 372 -6.49 -36.58 0.62
N TYR E 373 -7.50 -35.72 0.78
CA TYR E 373 -8.82 -36.20 1.12
C TYR E 373 -9.56 -36.38 -0.21
N GLU E 374 -9.61 -37.63 -0.66
CA GLU E 374 -10.06 -37.97 -2.02
C GLU E 374 -11.25 -38.93 -2.03
N THR E 375 -11.25 -39.89 -1.12
CA THR E 375 -12.38 -40.78 -0.93
C THR E 375 -12.71 -40.74 0.54
N PRO E 376 -13.83 -40.10 0.91
CA PRO E 376 -14.15 -40.04 2.34
C PRO E 376 -14.34 -41.43 2.92
N ASP E 377 -13.81 -41.66 4.11
CA ASP E 377 -14.12 -42.87 4.86
C ASP E 377 -15.64 -42.84 5.08
N PRO E 378 -16.34 -43.89 4.60
CA PRO E 378 -17.81 -43.96 4.68
C PRO E 378 -18.29 -44.10 6.12
N GLU E 379 -17.38 -44.42 7.02
CA GLU E 379 -17.76 -44.55 8.42
C GLU E 379 -17.55 -43.23 9.18
N ILE E 380 -17.04 -42.22 8.48
CA ILE E 380 -16.83 -40.90 9.08
C ILE E 380 -17.55 -39.84 8.27
N ASP E 381 -18.45 -39.10 8.90
CA ASP E 381 -19.18 -38.06 8.20
C ASP E 381 -18.95 -36.69 8.81
N LEU E 382 -17.89 -36.03 8.32
CA LEU E 382 -17.51 -34.67 8.71
C LEU E 382 -17.41 -33.77 7.48
N ASP E 383 -17.50 -32.46 7.70
CA ASP E 383 -17.30 -31.45 6.66
C ASP E 383 -15.82 -31.05 6.53
N VAL E 384 -15.00 -31.97 6.01
CA VAL E 384 -13.57 -31.74 5.84
C VAL E 384 -13.30 -30.79 4.66
N VAL E 385 -12.69 -29.65 4.96
CA VAL E 385 -12.29 -28.72 3.92
C VAL E 385 -11.21 -29.42 3.10
N ALA E 386 -11.41 -29.47 1.78
CA ALA E 386 -10.51 -30.13 0.84
C ALA E 386 -10.67 -29.49 -0.56
N GLY E 387 -9.67 -29.64 -1.42
CA GLY E 387 -9.76 -29.15 -2.80
C GLY E 387 -9.17 -27.77 -2.92
N GLU E 388 -9.82 -26.82 -2.26
CA GLU E 388 -9.28 -25.47 -2.14
C GLU E 388 -9.55 -24.87 -0.76
N PRO E 389 -8.85 -23.75 -0.45
CA PRO E 389 -9.12 -23.09 0.83
C PRO E 389 -10.58 -22.67 0.84
N ARG E 390 -11.16 -22.67 2.03
CA ARG E 390 -12.53 -22.19 2.22
C ARG E 390 -12.61 -20.92 3.07
N TYR E 391 -12.74 -19.78 2.40
CA TYR E 391 -13.11 -18.52 3.03
C TYR E 391 -14.54 -18.61 3.60
N GLY E 392 -14.76 -17.97 4.74
CA GLY E 392 -16.04 -18.11 5.43
C GLY E 392 -16.07 -17.19 6.63
N ASP E 393 -17.19 -17.18 7.33
CA ASP E 393 -17.37 -16.37 8.52
C ASP E 393 -17.08 -17.27 9.72
N TYR E 394 -15.84 -17.23 10.22
CA TYR E 394 -15.44 -18.12 11.31
C TYR E 394 -15.30 -17.32 12.61
N ARG E 395 -16.37 -17.38 13.41
CA ARG E 395 -16.54 -16.62 14.64
C ARG E 395 -15.78 -17.26 15.78
N TYR E 396 -15.91 -18.58 15.85
CA TYR E 396 -15.27 -19.39 16.88
C TYR E 396 -14.74 -20.73 16.33
N ALA E 397 -13.63 -21.19 16.90
CA ALA E 397 -12.99 -22.46 16.52
C ALA E 397 -12.54 -23.28 17.75
N VAL E 398 -12.50 -24.60 17.62
CA VAL E 398 -11.85 -25.47 18.63
C VAL E 398 -10.63 -26.17 18.01
N ASN E 399 -9.53 -26.20 18.76
CA ASN E 399 -8.34 -26.92 18.31
C ASN E 399 -8.23 -28.16 19.17
N ASN E 400 -8.24 -29.33 18.54
CA ASN E 400 -8.14 -30.61 19.23
C ASN E 400 -6.74 -31.19 19.26
N SER E 401 -6.32 -31.72 20.40
CA SER E 401 -5.09 -32.51 20.49
C SER E 401 -5.34 -33.74 21.38
N PHE E 402 -4.70 -34.85 21.02
CA PHE E 402 -4.78 -36.10 21.80
C PHE E 402 -3.40 -36.73 21.94
N GLY E 403 -3.18 -37.49 23.01
CA GLY E 403 -1.86 -38.09 23.17
C GLY E 403 -1.87 -39.48 23.78
N PHE E 404 -0.87 -40.28 23.42
CA PHE E 404 -0.69 -41.59 24.04
C PHE E 404 -0.79 -41.43 25.54
N GLY E 405 -1.58 -42.28 26.19
CA GLY E 405 -1.84 -42.13 27.61
C GLY E 405 -3.31 -41.85 27.84
N GLY E 406 -4.03 -41.47 26.80
CA GLY E 406 -5.45 -41.18 26.95
C GLY E 406 -5.78 -39.71 27.16
N HIS E 407 -4.83 -38.84 26.81
CA HIS E 407 -4.96 -37.40 27.05
C HIS E 407 -5.74 -36.68 25.95
N ASN E 408 -6.75 -35.92 26.38
CA ASN E 408 -7.61 -35.12 25.49
C ASN E 408 -7.54 -33.64 25.83
N VAL E 409 -7.16 -32.82 24.85
CA VAL E 409 -7.03 -31.39 25.07
C VAL E 409 -7.69 -30.60 23.94
N ALA E 410 -8.65 -29.76 24.32
CA ALA E 410 -9.32 -28.88 23.39
C ALA E 410 -9.17 -27.41 23.82
N LEU E 411 -8.83 -26.57 22.86
CA LEU E 411 -8.74 -25.13 23.09
C LEU E 411 -9.82 -24.42 22.27
N ALA E 412 -10.61 -23.59 22.94
CA ALA E 412 -11.61 -22.75 22.29
C ALA E 412 -10.99 -21.37 22.01
N PHE E 413 -11.08 -20.93 20.76
CA PHE E 413 -10.52 -19.66 20.30
C PHE E 413 -11.63 -18.85 19.65
N GLY E 414 -11.52 -17.52 19.70
CA GLY E 414 -12.51 -16.64 19.07
C GLY E 414 -11.90 -15.59 18.15
N ARG E 415 -12.64 -15.20 17.12
CA ARG E 415 -12.22 -14.11 16.24
C ARG E 415 -12.13 -12.80 17.05
N TYR E 416 -11.08 -12.02 16.84
CA TYR E 416 -11.01 -10.72 17.49
C TYR E 416 -11.77 -9.66 16.68
N SER F 2 -14.16 -9.49 46.08
CA SER F 2 -12.86 -9.81 46.66
C SER F 2 -12.14 -10.94 45.92
N GLN F 3 -10.82 -10.88 45.93
CA GLN F 3 -9.99 -12.01 45.45
C GLN F 3 -10.39 -13.28 46.20
N PRO F 4 -10.71 -14.36 45.45
CA PRO F 4 -11.05 -15.67 46.01
C PRO F 4 -9.92 -16.29 46.82
N SER F 5 -10.29 -16.90 47.95
CA SER F 5 -9.34 -17.62 48.78
C SER F 5 -10.04 -18.81 49.37
N THR F 6 -9.27 -19.76 49.87
CA THR F 6 -9.87 -20.92 50.49
C THR F 6 -10.62 -20.46 51.74
N ALA F 7 -9.99 -19.53 52.46
CA ALA F 7 -10.53 -18.98 53.72
C ALA F 7 -11.78 -18.09 53.58
N ASN F 8 -11.90 -17.38 52.46
CA ASN F 8 -13.12 -16.61 52.19
C ASN F 8 -14.20 -17.42 51.45
N GLY F 9 -13.97 -18.73 51.33
CA GLY F 9 -14.90 -19.64 50.70
C GLY F 9 -14.96 -19.50 49.19
N GLY F 10 -13.98 -18.81 48.62
CA GLY F 10 -13.96 -18.55 47.20
C GLY F 10 -13.50 -19.76 46.43
N PHE F 11 -12.67 -20.59 47.06
CA PHE F 11 -12.33 -21.90 46.52
C PHE F 11 -13.03 -22.99 47.32
N PRO F 12 -13.41 -24.10 46.67
CA PRO F 12 -13.85 -25.23 47.51
C PRO F 12 -12.72 -25.61 48.47
N SER F 13 -13.09 -26.03 49.68
CA SER F 13 -12.11 -26.55 50.61
C SER F 13 -11.72 -27.94 50.13
N VAL F 14 -10.42 -28.21 50.14
CA VAL F 14 -9.85 -29.45 49.65
C VAL F 14 -9.06 -30.09 50.77
N VAL F 15 -9.24 -31.40 50.95
CA VAL F 15 -8.63 -32.15 52.06
C VAL F 15 -7.71 -33.29 51.56
N VAL F 16 -6.73 -33.66 52.37
CA VAL F 16 -5.93 -34.86 52.12
C VAL F 16 -6.53 -36.01 52.90
N THR F 17 -6.98 -37.05 52.20
CA THR F 17 -7.64 -38.18 52.84
C THR F 17 -6.86 -39.51 52.85
N ALA F 18 -5.75 -39.57 52.12
CA ALA F 18 -4.89 -40.76 52.14
C ALA F 18 -3.48 -40.42 51.69
N VAL F 19 -2.48 -41.09 52.25
CA VAL F 19 -1.11 -40.93 51.77
C VAL F 19 -0.37 -42.27 51.63
N THR F 20 0.52 -42.34 50.65
CA THR F 20 1.34 -43.52 50.52
C THR F 20 2.75 -43.08 50.10
N ALA F 21 3.77 -43.78 50.61
CA ALA F 21 5.13 -43.53 50.16
C ALA F 21 6.00 -44.76 50.36
N THR F 22 7.04 -44.86 49.53
CA THR F 22 8.12 -45.82 49.70
C THR F 22 9.44 -45.08 49.78
N THR F 23 10.34 -45.56 50.63
CA THR F 23 11.40 -44.75 51.18
C THR F 23 12.62 -45.63 51.48
N SER F 24 13.78 -45.00 51.65
CA SER F 24 14.99 -45.70 52.05
C SER F 24 14.90 -46.20 53.49
N ILE F 25 13.97 -45.65 54.25
CA ILE F 25 13.73 -46.10 55.63
C ILE F 25 12.77 -47.29 55.71
N SER F 26 11.73 -47.27 54.87
CA SER F 26 10.60 -48.20 55.00
C SER F 26 9.69 -48.16 53.76
N PRO F 27 9.03 -49.29 53.42
CA PRO F 27 8.02 -49.21 52.35
C PRO F 27 6.65 -48.67 52.85
N ASP F 28 6.52 -48.52 54.17
CA ASP F 28 5.29 -48.07 54.82
CA ASP F 28 5.28 -48.06 54.80
C ASP F 28 5.43 -46.62 55.30
N ILE F 29 4.60 -45.71 54.81
CA ILE F 29 4.68 -44.31 55.23
C ILE F 29 4.64 -44.15 56.77
N GLU F 30 3.74 -44.85 57.43
CA GLU F 30 3.62 -44.68 58.88
C GLU F 30 4.86 -45.17 59.63
N SER F 31 5.47 -46.25 59.13
CA SER F 31 6.77 -46.70 59.61
C SER F 31 7.92 -45.73 59.33
N THR F 32 7.96 -45.17 58.11
CA THR F 32 8.93 -44.15 57.78
C THR F 32 8.81 -43.02 58.77
N TRP F 33 7.57 -42.59 59.01
CA TRP F 33 7.32 -41.51 59.94
C TRP F 33 7.86 -41.89 61.32
N LYS F 34 7.60 -43.11 61.76
CA LYS F 34 8.02 -43.51 63.09
C LYS F 34 9.55 -43.53 63.17
N GLY F 35 10.19 -43.99 62.10
CA GLY F 35 11.63 -43.95 62.02
C GLY F 35 12.24 -42.55 62.02
N LEU F 36 11.67 -41.62 61.25
CA LEU F 36 12.13 -40.23 61.25
C LEU F 36 12.05 -39.63 62.66
N LEU F 37 10.94 -39.88 63.35
CA LEU F 37 10.78 -39.35 64.70
C LEU F 37 11.79 -39.98 65.66
N ALA F 38 12.29 -41.15 65.30
CA ALA F 38 13.26 -41.88 66.10
C ALA F 38 14.68 -41.42 65.83
N GLY F 39 14.85 -40.51 64.87
CA GLY F 39 16.18 -40.02 64.50
C GLY F 39 16.91 -40.88 63.48
N GLU F 40 16.19 -41.79 62.81
CA GLU F 40 16.81 -42.69 61.85
C GLU F 40 17.14 -42.01 60.52
N SER F 41 18.18 -42.53 59.88
CA SER F 41 18.58 -42.18 58.52
C SER F 41 18.41 -43.34 57.53
N GLY F 42 18.08 -43.02 56.29
CA GLY F 42 17.95 -44.03 55.25
C GLY F 42 19.18 -44.17 54.36
N ILE F 43 20.18 -43.32 54.61
CA ILE F 43 21.42 -43.29 53.83
C ILE F 43 22.42 -44.36 54.32
N HIS F 44 23.06 -45.03 53.35
CA HIS F 44 23.97 -46.15 53.61
C HIS F 44 25.11 -46.08 52.60
N ALA F 45 26.00 -47.07 52.64
CA ALA F 45 27.06 -47.12 51.65
C ALA F 45 26.50 -47.83 50.45
N LEU F 46 26.86 -47.34 49.26
CA LEU F 46 26.54 -48.05 48.02
C LEU F 46 27.44 -49.28 47.88
N GLU F 47 26.83 -50.39 47.49
CA GLU F 47 27.54 -51.64 47.49
C GLU F 47 27.15 -52.33 46.21
N ASP F 48 26.37 -51.61 45.42
CA ASP F 48 26.12 -51.95 44.03
C ASP F 48 27.48 -52.13 43.40
N GLU F 49 27.75 -53.34 42.91
CA GLU F 49 29.07 -53.69 42.37
C GLU F 49 29.69 -52.51 41.62
N PHE F 50 28.80 -51.66 41.09
CA PHE F 50 29.13 -50.59 40.16
C PHE F 50 29.87 -49.36 40.71
N VAL F 51 30.18 -49.30 42.00
CA VAL F 51 30.97 -48.17 42.50
C VAL F 51 32.44 -48.25 42.05
N THR F 52 33.04 -49.43 42.19
CA THR F 52 34.40 -49.65 41.69
C THR F 52 34.37 -49.76 40.18
N LYS F 53 33.37 -50.47 39.65
CA LYS F 53 33.16 -50.62 38.21
C LYS F 53 33.17 -49.27 37.49
N TRP F 54 32.52 -48.27 38.09
CA TRP F 54 32.52 -46.92 37.53
C TRP F 54 33.42 -45.96 38.30
N ASP F 55 34.17 -46.48 39.28
CA ASP F 55 34.89 -45.63 40.25
C ASP F 55 34.25 -44.25 40.42
N LEU F 56 33.10 -44.23 41.09
CA LEU F 56 32.33 -43.02 41.28
C LEU F 56 32.95 -42.22 42.43
N ALA F 57 32.79 -40.91 42.36
CA ALA F 57 33.24 -40.05 43.42
C ALA F 57 32.26 -40.17 44.58
N VAL F 58 31.00 -40.47 44.27
CA VAL F 58 29.95 -40.62 45.28
C VAL F 58 29.69 -42.10 45.63
N LYS F 59 29.83 -42.44 46.91
CA LYS F 59 29.77 -43.85 47.31
C LYS F 59 28.70 -44.10 48.37
N ILE F 60 27.73 -43.18 48.45
CA ILE F 60 26.66 -43.24 49.43
C ILE F 60 25.29 -42.88 48.83
N GLY F 61 24.23 -43.26 49.51
CA GLY F 61 22.90 -42.96 49.05
C GLY F 61 21.96 -43.91 49.76
N GLY F 62 20.66 -43.77 49.52
CA GLY F 62 19.68 -44.66 50.13
C GLY F 62 18.77 -45.33 49.12
N HIS F 63 19.00 -46.63 48.89
CA HIS F 63 18.05 -47.45 48.13
C HIS F 63 16.76 -47.64 48.92
N LEU F 64 15.65 -47.88 48.22
CA LEU F 64 14.42 -48.23 48.92
C LEU F 64 14.66 -49.38 49.87
N LYS F 65 14.12 -49.29 51.08
CA LYS F 65 14.19 -50.40 52.04
C LYS F 65 13.63 -51.66 51.39
N ASP F 66 12.50 -51.51 50.70
CA ASP F 66 11.86 -52.59 49.93
C ASP F 66 11.78 -52.23 48.43
N PRO F 67 12.64 -52.84 47.58
CA PRO F 67 12.63 -52.51 46.15
C PRO F 67 11.23 -52.68 45.55
N VAL F 68 10.88 -51.75 44.66
CA VAL F 68 9.63 -51.86 43.93
C VAL F 68 9.45 -53.25 43.27
N ASP F 69 10.50 -53.75 42.64
CA ASP F 69 10.39 -54.99 41.86
C ASP F 69 10.15 -56.29 42.63
N SER F 70 10.22 -56.23 43.96
CA SER F 70 9.89 -57.38 44.79
C SER F 70 8.40 -57.61 44.80
N HIS F 71 7.64 -56.62 44.34
CA HIS F 71 6.18 -56.72 44.26
C HIS F 71 5.68 -56.76 42.81
N MET F 72 6.60 -56.96 41.85
CA MET F 72 6.27 -56.86 40.43
C MET F 72 6.29 -58.18 39.67
N GLY F 73 5.23 -58.41 38.89
CA GLY F 73 5.14 -59.57 38.02
C GLY F 73 6.28 -59.58 37.03
N ARG F 74 6.62 -60.74 36.50
CA ARG F 74 7.58 -60.86 35.40
C ARG F 74 7.14 -60.05 34.17
N LEU F 75 5.82 -60.06 33.94
CA LEU F 75 5.20 -59.37 32.82
C LEU F 75 5.44 -57.87 32.94
N ASP F 76 5.09 -57.31 34.10
CA ASP F 76 5.29 -55.88 34.35
C ASP F 76 6.75 -55.50 34.25
N MET F 77 7.64 -56.42 34.60
CA MET F 77 9.06 -56.13 34.55
C MET F 77 9.52 -55.87 33.13
N ARG F 78 8.82 -56.47 32.17
CA ARG F 78 9.19 -56.39 30.77
C ARG F 78 8.51 -55.23 30.09
N ARG F 79 7.29 -54.93 30.54
CA ARG F 79 6.41 -54.09 29.75
C ARG F 79 6.03 -52.77 30.41
N MET F 80 6.72 -52.44 31.49
CA MET F 80 6.63 -51.13 32.11
C MET F 80 8.04 -50.62 32.37
N SER F 81 8.23 -49.31 32.27
CA SER F 81 9.48 -48.68 32.73
C SER F 81 9.49 -48.71 34.26
N TYR F 82 10.64 -48.51 34.86
CA TYR F 82 10.70 -48.51 36.32
C TYR F 82 9.67 -47.59 36.97
N VAL F 83 9.58 -46.34 36.49
CA VAL F 83 8.69 -45.38 37.14
C VAL F 83 7.20 -45.76 37.01
N GLN F 84 6.85 -46.44 35.93
CA GLN F 84 5.49 -46.93 35.77
C GLN F 84 5.20 -48.01 36.82
N ARG F 85 6.18 -48.89 37.05
CA ARG F 85 6.03 -49.98 38.04
C ARG F 85 5.84 -49.38 39.42
N MET F 86 6.65 -48.38 39.75
CA MET F 86 6.50 -47.68 41.01
C MET F 86 5.13 -47.00 41.08
N GLY F 87 4.67 -46.46 39.96
CA GLY F 87 3.36 -45.84 39.95
C GLY F 87 2.20 -46.81 40.20
N LYS F 88 2.19 -47.92 39.48
CA LYS F 88 1.20 -48.97 39.71
C LYS F 88 1.27 -49.45 41.18
N LEU F 89 2.47 -49.67 41.72
CA LEU F 89 2.56 -50.11 43.10
C LEU F 89 1.93 -49.10 44.05
N LEU F 90 2.35 -47.84 43.96
CA LEU F 90 1.91 -46.83 44.92
C LEU F 90 0.43 -46.52 44.74
N GLY F 91 -0.03 -46.44 43.50
CA GLY F 91 -1.43 -46.14 43.24
C GLY F 91 -2.35 -47.17 43.87
N GLY F 92 -1.93 -48.43 43.81
CA GLY F 92 -2.69 -49.56 44.33
C GLY F 92 -2.76 -49.53 45.85
N GLN F 93 -1.61 -49.34 46.48
CA GLN F 93 -1.54 -49.08 47.91
C GLN F 93 -2.38 -47.89 48.37
N LEU F 94 -2.27 -46.77 47.65
CA LEU F 94 -3.04 -45.58 48.01
C LEU F 94 -4.56 -45.81 47.93
N TRP F 95 -5.02 -46.37 46.81
CA TRP F 95 -6.43 -46.64 46.63
C TRP F 95 -6.98 -47.52 47.76
N GLU F 96 -6.25 -48.56 48.10
CA GLU F 96 -6.61 -49.46 49.19
C GLU F 96 -6.65 -48.77 50.54
N SER F 97 -5.60 -48.00 50.82
CA SER F 97 -5.54 -47.17 52.01
C SER F 97 -6.78 -46.33 52.13
N ALA F 98 -7.30 -45.87 50.99
CA ALA F 98 -8.44 -44.93 50.95
C ALA F 98 -9.76 -45.65 51.11
N GLY F 99 -9.70 -46.97 51.26
CA GLY F 99 -10.89 -47.81 51.34
C GLY F 99 -11.42 -48.24 49.98
N SER F 100 -10.55 -48.20 48.97
CA SER F 100 -10.90 -48.53 47.57
C SER F 100 -12.27 -48.00 47.20
N PRO F 101 -12.47 -46.68 47.30
CA PRO F 101 -13.81 -46.13 47.10
C PRO F 101 -14.27 -46.05 45.64
N GLU F 102 -15.58 -46.16 45.43
CA GLU F 102 -16.13 -45.96 44.09
C GLU F 102 -16.38 -44.47 43.87
N VAL F 103 -15.62 -43.88 42.97
CA VAL F 103 -15.76 -42.49 42.67
C VAL F 103 -16.33 -42.32 41.25
N ASP F 104 -16.84 -41.15 40.94
CA ASP F 104 -17.23 -40.89 39.57
C ASP F 104 -15.94 -40.73 38.76
N PRO F 105 -15.67 -41.66 37.82
CA PRO F 105 -14.46 -41.59 37.00
C PRO F 105 -14.31 -40.23 36.30
N ASP F 106 -15.44 -39.62 35.97
CA ASP F 106 -15.48 -38.40 35.18
C ASP F 106 -15.14 -37.15 36.00
N ARG F 107 -15.07 -37.35 37.32
CA ARG F 107 -14.68 -36.30 38.27
C ARG F 107 -13.41 -36.68 39.01
N PHE F 108 -12.66 -37.63 38.44
CA PHE F 108 -11.46 -38.18 39.08
C PHE F 108 -10.24 -37.90 38.19
N ALA F 109 -9.28 -37.15 38.73
CA ALA F 109 -8.08 -36.79 37.99
C ALA F 109 -6.81 -37.38 38.64
N VAL F 110 -5.75 -37.51 37.84
CA VAL F 110 -4.44 -37.97 38.30
C VAL F 110 -3.38 -36.97 37.88
N VAL F 111 -2.55 -36.50 38.82
CA VAL F 111 -1.42 -35.62 38.48
C VAL F 111 -0.17 -36.10 39.19
N VAL F 112 0.80 -36.60 38.42
CA VAL F 112 2.00 -37.18 39.00
C VAL F 112 3.20 -36.65 38.21
N GLY F 113 4.14 -36.04 38.91
CA GLY F 113 5.36 -35.53 38.29
C GLY F 113 6.45 -36.57 38.34
N THR F 114 7.50 -36.34 37.55
CA THR F 114 8.70 -37.20 37.54
C THR F 114 9.80 -36.31 36.95
N GLY F 115 11.06 -36.65 37.23
CA GLY F 115 12.18 -35.90 36.67
C GLY F 115 12.41 -36.16 35.19
N LEU F 116 12.33 -37.43 34.79
CA LEU F 116 12.74 -37.87 33.44
C LEU F 116 11.73 -38.79 32.70
N GLY F 117 11.29 -39.85 33.37
CA GLY F 117 10.43 -40.84 32.74
C GLY F 117 11.18 -42.15 32.56
N GLY F 118 10.80 -42.96 31.59
CA GLY F 118 11.39 -44.28 31.40
C GLY F 118 12.66 -44.31 30.56
N ALA F 119 13.68 -43.61 31.06
CA ALA F 119 14.94 -43.38 30.36
C ALA F 119 15.80 -44.62 30.16
N GLU F 120 15.68 -45.59 31.08
CA GLU F 120 16.33 -46.88 30.88
C GLU F 120 15.81 -47.57 29.61
N ARG F 121 14.58 -47.25 29.21
CA ARG F 121 14.01 -47.87 28.01
C ARG F 121 14.52 -47.16 26.78
N ILE F 122 14.94 -45.90 26.93
CA ILE F 122 15.63 -45.19 25.86
C ILE F 122 16.98 -45.85 25.58
N VAL F 123 17.85 -45.88 26.57
CA VAL F 123 19.12 -46.58 26.36
C VAL F 123 18.98 -48.07 25.92
N GLU F 124 17.95 -48.77 26.42
CA GLU F 124 17.66 -50.17 26.01
C GLU F 124 17.31 -50.26 24.51
N SER F 125 16.46 -49.34 24.06
CA SER F 125 16.01 -49.35 22.66
C SER F 125 17.12 -48.99 21.66
N TYR F 126 17.95 -48.06 22.10
CA TYR F 126 19.14 -47.61 21.40
C TYR F 126 20.11 -48.80 21.22
N ASP F 127 20.41 -49.48 22.31
CA ASP F 127 21.30 -50.65 22.24
C ASP F 127 20.79 -51.74 21.27
N LEU F 128 19.48 -51.97 21.33
CA LEU F 128 18.78 -52.99 20.56
C LEU F 128 18.83 -52.68 19.06
N MET F 129 18.51 -51.44 18.69
CA MET F 129 18.58 -51.04 17.29
C MET F 129 20.00 -51.11 16.71
N ASN F 130 20.98 -50.67 17.48
CA ASN F 130 22.37 -50.70 17.05
C ASN F 130 22.84 -52.15 16.82
N ALA F 131 22.41 -53.03 17.71
CA ALA F 131 22.71 -54.45 17.61
C ALA F 131 21.94 -55.17 16.50
N GLY F 132 20.61 -54.98 16.46
CA GLY F 132 19.74 -55.79 15.63
C GLY F 132 18.90 -55.05 14.59
N GLY F 133 18.84 -53.73 14.70
CA GLY F 133 18.10 -52.94 13.72
C GLY F 133 16.78 -52.44 14.26
N PRO F 134 16.05 -51.65 13.47
CA PRO F 134 14.80 -51.07 13.96
C PRO F 134 13.73 -52.10 14.31
N ARG F 135 13.79 -53.29 13.74
CA ARG F 135 12.80 -54.33 14.06
C ARG F 135 13.04 -54.91 15.45
N LYS F 136 14.18 -54.61 16.07
CA LYS F 136 14.45 -55.07 17.44
C LYS F 136 13.90 -54.11 18.53
N VAL F 137 13.35 -52.97 18.11
CA VAL F 137 12.75 -52.04 19.07
C VAL F 137 11.35 -52.53 19.44
N SER F 138 11.03 -52.61 20.74
CA SER F 138 9.71 -53.10 21.17
C SER F 138 8.59 -52.15 20.74
N PRO F 139 7.43 -52.71 20.35
CA PRO F 139 6.21 -51.92 20.08
C PRO F 139 5.68 -51.22 21.32
N LEU F 140 6.23 -51.54 22.48
CA LEU F 140 5.86 -50.92 23.77
C LEU F 140 6.86 -49.85 24.23
N ALA F 141 7.94 -49.64 23.47
CA ALA F 141 9.01 -48.74 23.86
C ALA F 141 8.47 -47.33 24.07
N VAL F 142 7.66 -46.87 23.13
CA VAL F 142 7.14 -45.50 23.20
C VAL F 142 6.35 -45.29 24.49
N GLN F 143 5.38 -46.15 24.76
CA GLN F 143 4.52 -45.96 25.91
C GLN F 143 5.21 -46.16 27.27
N MET F 144 6.35 -46.85 27.27
CA MET F 144 7.17 -46.97 28.48
C MET F 144 8.07 -45.76 28.65
N ILE F 145 8.51 -45.18 27.53
CA ILE F 145 9.48 -44.08 27.55
C ILE F 145 8.84 -42.73 27.85
N MET F 146 7.67 -42.48 27.29
CA MET F 146 7.09 -41.15 27.44
C MET F 146 7.03 -40.78 28.90
N PRO F 147 7.50 -39.55 29.24
CA PRO F 147 7.53 -39.01 30.61
C PRO F 147 6.16 -39.00 31.31
N ASN F 148 5.09 -38.89 30.54
CA ASN F 148 3.74 -39.01 31.09
C ASN F 148 3.27 -40.47 31.36
N GLY F 149 4.10 -41.45 30.99
CA GLY F 149 3.87 -42.87 31.25
C GLY F 149 3.39 -43.30 32.63
N ALA F 150 4.07 -42.85 33.71
CA ALA F 150 3.68 -43.14 35.11
C ALA F 150 2.28 -42.68 35.53
N ALA F 151 1.96 -41.42 35.28
CA ALA F 151 0.62 -40.86 35.48
C ALA F 151 -0.46 -41.61 34.65
N ALA F 152 -0.13 -41.94 33.40
CA ALA F 152 -1.04 -42.69 32.52
C ALA F 152 -1.36 -44.10 33.07
N VAL F 153 -0.33 -44.83 33.49
CA VAL F 153 -0.54 -46.12 34.16
C VAL F 153 -1.52 -45.98 35.34
N ILE F 154 -1.28 -44.99 36.21
CA ILE F 154 -2.12 -44.79 37.40
C ILE F 154 -3.56 -44.41 37.05
N GLY F 155 -3.69 -43.57 36.01
CA GLY F 155 -4.99 -43.07 35.59
C GLY F 155 -5.76 -44.21 34.97
N LEU F 156 -5.06 -45.03 34.20
CA LEU F 156 -5.67 -46.21 33.61
C LEU F 156 -6.02 -47.24 34.70
N GLN F 157 -5.14 -47.39 35.70
CA GLN F 157 -5.31 -48.35 36.81
C GLN F 157 -6.50 -48.01 37.69
N LEU F 158 -6.68 -46.73 38.01
CA LEU F 158 -7.73 -46.31 38.95
C LEU F 158 -8.99 -45.82 38.25
N GLY F 159 -8.91 -45.63 36.94
CA GLY F 159 -10.04 -45.26 36.12
C GLY F 159 -10.34 -43.77 36.23
N ALA F 160 -9.31 -42.94 36.05
CA ALA F 160 -9.47 -41.50 36.18
C ALA F 160 -9.76 -40.91 34.82
N ARG F 161 -10.89 -40.23 34.71
CA ARG F 161 -11.34 -39.66 33.43
C ARG F 161 -11.43 -38.12 33.32
N ALA F 162 -11.03 -37.41 34.38
CA ALA F 162 -11.07 -35.94 34.45
C ALA F 162 -9.70 -35.29 34.26
N GLY F 163 -8.78 -35.99 33.59
CA GLY F 163 -7.45 -35.46 33.35
C GLY F 163 -6.36 -36.30 33.97
N VAL F 164 -5.30 -36.54 33.21
CA VAL F 164 -4.13 -37.19 33.70
C VAL F 164 -3.00 -36.27 33.26
N MET F 165 -2.33 -35.66 34.24
CA MET F 165 -1.33 -34.66 33.93
CA MET F 165 -1.36 -34.61 34.00
C MET F 165 0.03 -34.95 34.54
N THR F 166 1.08 -34.52 33.85
CA THR F 166 2.46 -34.72 34.30
C THR F 166 3.24 -33.40 34.17
N PRO F 167 3.29 -32.61 35.25
CA PRO F 167 4.17 -31.43 35.17
C PRO F 167 5.61 -31.87 35.38
N VAL F 168 6.54 -31.40 34.54
CA VAL F 168 7.96 -31.61 34.82
C VAL F 168 8.66 -30.29 35.18
N SER F 169 9.28 -30.25 36.35
CA SER F 169 10.10 -29.14 36.78
C SER F 169 11.27 -29.68 37.62
N ALA F 170 11.91 -30.73 37.11
CA ALA F 170 13.06 -31.34 37.76
C ALA F 170 12.71 -31.55 39.25
N GLN F 171 13.53 -31.07 40.19
CA GLN F 171 13.36 -31.38 41.62
C GLN F 171 12.13 -30.78 42.37
N SER F 172 11.33 -29.95 41.70
CA SER F 172 10.04 -29.52 42.27
C SER F 172 8.81 -30.21 41.63
N SER F 173 9.03 -31.15 40.72
CA SER F 173 7.92 -31.83 40.00
C SER F 173 6.86 -32.46 40.90
N GLY F 174 7.29 -33.06 42.01
CA GLY F 174 6.41 -33.77 42.94
C GLY F 174 5.42 -32.88 43.69
N SER F 175 5.89 -31.71 44.11
CA SER F 175 5.02 -30.71 44.71
C SER F 175 4.19 -30.00 43.64
N GLU F 176 4.80 -29.76 42.48
CA GLU F 176 4.07 -29.09 41.39
C GLU F 176 2.86 -29.90 40.96
N ALA F 177 3.01 -31.22 40.92
CA ALA F 177 1.89 -32.12 40.64
C ALA F 177 0.72 -31.92 41.62
N ILE F 178 1.06 -31.83 42.90
CA ILE F 178 0.09 -31.56 43.94
C ILE F 178 -0.60 -30.18 43.80
N ALA F 179 0.18 -29.16 43.41
CA ALA F 179 -0.36 -27.84 43.05
C ALA F 179 -1.40 -27.89 41.92
N HIS F 180 -1.03 -28.55 40.82
CA HIS F 180 -1.93 -28.64 39.68
C HIS F 180 -3.16 -29.50 39.95
N ALA F 181 -3.04 -30.49 40.83
CA ALA F 181 -4.18 -31.30 41.24
C ALA F 181 -5.12 -30.45 42.06
N TRP F 182 -4.56 -29.64 42.97
CA TRP F 182 -5.34 -28.64 43.70
C TRP F 182 -6.08 -27.66 42.78
N ARG F 183 -5.36 -27.11 41.78
CA ARG F 183 -5.96 -26.21 40.78
C ARG F 183 -7.09 -26.85 39.97
N GLN F 184 -6.84 -28.04 39.42
CA GLN F 184 -7.84 -28.81 38.70
C GLN F 184 -9.13 -28.97 39.54
N ILE F 185 -8.98 -29.15 40.85
CA ILE F 185 -10.16 -29.32 41.70
C ILE F 185 -10.86 -28.01 42.02
N VAL F 186 -10.08 -26.99 42.40
CA VAL F 186 -10.65 -25.69 42.75
C VAL F 186 -11.24 -24.97 41.51
N MET F 187 -10.73 -25.26 40.32
CA MET F 187 -11.31 -24.73 39.08
C MET F 187 -12.57 -25.47 38.60
N GLY F 188 -12.92 -26.56 39.30
CA GLY F 188 -14.13 -27.33 39.02
C GLY F 188 -13.99 -28.48 38.04
N ASP F 189 -12.76 -28.90 37.75
CA ASP F 189 -12.57 -29.92 36.72
C ASP F 189 -12.62 -31.33 37.29
N ALA F 190 -12.53 -31.42 38.61
CA ALA F 190 -12.45 -32.70 39.30
C ALA F 190 -12.85 -32.49 40.74
N ASP F 191 -13.27 -33.57 41.40
CA ASP F 191 -13.71 -33.54 42.79
C ASP F 191 -12.75 -34.34 43.67
N VAL F 192 -11.90 -35.13 43.03
CA VAL F 192 -10.98 -36.02 43.72
C VAL F 192 -9.79 -36.21 42.78
N ALA F 193 -8.60 -36.30 43.36
CA ALA F 193 -7.39 -36.44 42.57
C ALA F 193 -6.33 -37.25 43.32
N VAL F 194 -5.65 -38.13 42.58
CA VAL F 194 -4.44 -38.79 43.02
C VAL F 194 -3.24 -38.00 42.46
N CYS F 195 -2.32 -37.62 43.34
CA CYS F 195 -1.23 -36.74 42.92
C CYS F 195 0.03 -37.03 43.69
N GLY F 196 1.17 -36.69 43.08
CA GLY F 196 2.46 -36.77 43.75
C GLY F 196 3.58 -36.92 42.75
N GLY F 197 4.56 -37.76 43.07
CA GLY F 197 5.71 -37.96 42.21
C GLY F 197 6.37 -39.31 42.39
N VAL F 198 7.00 -39.79 41.33
CA VAL F 198 7.74 -41.03 41.32
C VAL F 198 9.08 -40.69 40.66
N GLU F 199 10.05 -41.58 40.78
CA GLU F 199 11.38 -41.31 40.28
C GLU F 199 12.13 -42.64 40.24
N GLY F 200 13.11 -42.74 39.36
CA GLY F 200 13.93 -43.94 39.25
C GLY F 200 14.89 -44.09 40.41
N PRO F 201 15.53 -45.27 40.49
CA PRO F 201 16.48 -45.58 41.56
C PRO F 201 17.86 -45.00 41.24
N ILE F 202 18.73 -44.97 42.26
CA ILE F 202 20.15 -44.63 42.09
C ILE F 202 20.81 -45.51 41.01
N GLU F 203 21.38 -44.87 40.00
CA GLU F 203 22.16 -45.57 38.99
C GLU F 203 23.45 -44.79 38.69
N ALA F 204 24.36 -45.42 37.95
CA ALA F 204 25.69 -44.85 37.66
C ALA F 204 25.67 -43.54 36.87
N LEU F 205 24.87 -43.48 35.82
CA LEU F 205 24.81 -42.28 34.96
C LEU F 205 24.22 -41.03 35.65
N PRO F 206 23.11 -41.19 36.39
CA PRO F 206 22.63 -40.05 37.20
C PRO F 206 23.68 -39.53 38.21
N ILE F 207 24.38 -40.44 38.88
CA ILE F 207 25.40 -40.03 39.85
C ILE F 207 26.56 -39.34 39.13
N ALA F 208 26.98 -39.92 38.01
CA ALA F 208 28.00 -39.29 37.17
C ALA F 208 27.63 -37.86 36.75
N ALA F 209 26.39 -37.66 36.29
CA ALA F 209 25.94 -36.37 35.79
C ALA F 209 25.81 -35.34 36.91
N PHE F 210 25.18 -35.74 38.01
CA PHE F 210 25.03 -34.82 39.13
C PHE F 210 26.34 -34.56 39.85
N SER F 211 27.23 -35.54 39.90
CA SER F 211 28.51 -35.34 40.58
C SER F 211 29.54 -34.57 39.73
N MET F 212 29.39 -34.59 38.40
CA MET F 212 30.22 -33.71 37.57
C MET F 212 29.89 -32.22 37.83
N MET F 213 28.65 -31.97 38.22
CA MET F 213 28.21 -30.63 38.62
C MET F 213 28.77 -30.23 40.00
N ARG F 214 29.40 -31.19 40.69
CA ARG F 214 29.86 -31.01 42.06
C ARG F 214 28.71 -30.68 43.04
N ALA F 215 27.49 -31.14 42.74
CA ALA F 215 26.30 -30.84 43.57
C ALA F 215 26.09 -31.84 44.73
N MET F 216 26.73 -32.99 44.61
CA MET F 216 26.52 -34.08 45.54
C MET F 216 27.58 -34.15 46.66
N SER F 217 27.17 -34.54 47.86
CA SER F 217 28.11 -34.74 48.95
C SER F 217 29.06 -35.88 48.59
N THR F 218 30.32 -35.74 48.99
CA THR F 218 31.29 -36.84 48.88
C THR F 218 31.85 -37.26 50.23
N ARG F 219 31.05 -37.11 51.29
CA ARG F 219 31.44 -37.59 52.63
C ARG F 219 31.17 -39.09 52.75
N ASN F 220 32.01 -39.87 52.09
CA ASN F 220 31.72 -41.28 51.87
C ASN F 220 31.94 -42.20 53.06
N ASP F 221 32.72 -41.75 54.05
CA ASP F 221 33.12 -42.62 55.16
C ASP F 221 32.13 -42.60 56.33
N GLU F 222 31.20 -41.66 56.28
CA GLU F 222 30.10 -41.58 57.24
C GLU F 222 28.79 -41.28 56.49
N PRO F 223 28.17 -42.30 55.85
CA PRO F 223 26.99 -42.08 55.01
C PRO F 223 25.85 -41.32 55.71
N GLU F 224 25.45 -41.73 56.90
CA GLU F 224 24.35 -41.07 57.60
C GLU F 224 24.67 -39.61 57.99
N ARG F 225 25.94 -39.22 57.98
CA ARG F 225 26.35 -37.86 58.36
C ARG F 225 26.55 -36.93 57.18
N ALA F 226 26.34 -37.45 55.97
CA ALA F 226 26.72 -36.73 54.76
C ALA F 226 25.77 -35.59 54.38
N SER F 227 24.47 -35.82 54.50
CA SER F 227 23.46 -34.83 54.14
C SER F 227 23.20 -33.84 55.29
N ARG F 228 23.59 -32.58 55.10
CA ARG F 228 23.66 -31.65 56.23
C ARG F 228 22.99 -30.31 55.95
N PRO F 229 21.70 -30.32 55.60
CA PRO F 229 21.03 -29.07 55.25
C PRO F 229 21.14 -27.98 56.35
N PHE F 230 21.56 -26.78 55.96
CA PHE F 230 21.70 -25.60 56.84
C PHE F 230 22.90 -25.66 57.80
N ASP F 231 23.66 -26.74 57.71
CA ASP F 231 24.81 -26.93 58.55
C ASP F 231 26.02 -26.27 57.92
N LYS F 232 26.96 -25.79 58.75
CA LYS F 232 28.13 -25.07 58.29
C LYS F 232 29.01 -25.98 57.45
N ASP F 233 28.92 -27.28 57.71
CA ASP F 233 29.79 -28.24 57.04
C ASP F 233 29.16 -28.97 55.85
N ARG F 234 27.98 -28.56 55.40
CA ARG F 234 27.35 -29.20 54.23
C ARG F 234 28.22 -29.14 52.96
N ASP F 235 27.99 -30.06 52.03
CA ASP F 235 28.80 -30.15 50.81
C ASP F 235 28.04 -30.78 49.67
N GLY F 236 26.75 -30.56 49.63
CA GLY F 236 25.95 -31.12 48.56
C GLY F 236 24.94 -32.13 49.03
N PHE F 237 24.06 -32.49 48.11
CA PHE F 237 22.96 -33.41 48.38
C PHE F 237 23.36 -34.88 48.31
N VAL F 238 22.49 -35.72 48.84
CA VAL F 238 22.64 -37.15 48.85
C VAL F 238 21.39 -37.77 48.21
N PHE F 239 21.56 -38.65 47.23
CA PHE F 239 20.42 -39.42 46.70
C PHE F 239 19.71 -40.27 47.78
N GLY F 240 18.40 -40.10 47.91
CA GLY F 240 17.60 -40.97 48.74
C GLY F 240 16.40 -41.36 47.90
N GLU F 241 16.27 -42.65 47.56
CA GLU F 241 15.17 -43.07 46.70
C GLU F 241 13.82 -42.93 47.39
N ALA F 242 12.80 -42.59 46.60
CA ALA F 242 11.44 -42.49 47.10
C ALA F 242 10.44 -42.40 45.98
N GLY F 243 9.18 -42.55 46.38
CA GLY F 243 8.04 -42.24 45.55
C GLY F 243 6.94 -42.02 46.54
N ALA F 244 6.02 -41.11 46.23
CA ALA F 244 4.94 -40.77 47.16
C ALA F 244 3.73 -40.25 46.42
N LEU F 245 2.56 -40.66 46.88
CA LEU F 245 1.30 -40.20 46.35
C LEU F 245 0.39 -39.79 47.47
N MET F 246 -0.55 -38.89 47.19
CA MET F 246 -1.66 -38.61 48.11
C MET F 246 -3.01 -38.57 47.38
N LEU F 247 -4.07 -38.84 48.14
CA LEU F 247 -5.42 -38.65 47.67
C LEU F 247 -5.98 -37.34 48.25
N ILE F 248 -6.38 -36.43 47.38
CA ILE F 248 -7.04 -35.19 47.76
C ILE F 248 -8.44 -35.16 47.11
N GLU F 249 -9.37 -34.44 47.73
CA GLU F 249 -10.74 -34.35 47.22
C GLU F 249 -11.43 -33.23 47.98
N THR F 250 -12.53 -32.73 47.45
CA THR F 250 -13.28 -31.70 48.16
C THR F 250 -13.76 -32.22 49.51
N GLU F 251 -13.91 -31.30 50.47
CA GLU F 251 -14.33 -31.67 51.81
C GLU F 251 -15.69 -32.37 51.75
N GLU F 252 -16.57 -31.88 50.87
CA GLU F 252 -17.88 -32.50 50.72
CA GLU F 252 -17.88 -32.47 50.63
C GLU F 252 -17.79 -33.91 50.13
N HIS F 253 -17.01 -34.10 49.07
CA HIS F 253 -16.73 -35.45 48.55
C HIS F 253 -16.26 -36.38 49.68
N ALA F 254 -15.30 -35.92 50.48
CA ALA F 254 -14.80 -36.68 51.63
C ALA F 254 -15.89 -37.02 52.66
N LYS F 255 -16.70 -36.02 53.03
CA LYS F 255 -17.79 -36.19 54.02
C LYS F 255 -18.80 -37.23 53.53
N ALA F 256 -19.15 -37.17 52.25
CA ALA F 256 -20.11 -38.06 51.63
C ALA F 256 -19.74 -39.54 51.69
N ARG F 257 -18.45 -39.86 51.66
CA ARG F 257 -18.02 -41.28 51.68
C ARG F 257 -17.41 -41.75 53.02
N GLY F 258 -17.53 -40.92 54.04
CA GLY F 258 -17.05 -41.26 55.39
C GLY F 258 -15.54 -41.19 55.60
N ALA F 259 -14.83 -40.50 54.69
CA ALA F 259 -13.37 -40.41 54.76
C ALA F 259 -12.93 -39.42 55.84
N LYS F 260 -12.01 -39.83 56.71
CA LYS F 260 -11.43 -38.90 57.68
C LYS F 260 -10.16 -38.26 57.09
N PRO F 261 -10.17 -36.92 56.98
CA PRO F 261 -9.05 -36.13 56.42
C PRO F 261 -7.84 -36.12 57.35
N LEU F 262 -6.63 -36.16 56.80
CA LEU F 262 -5.41 -36.06 57.61
C LEU F 262 -4.91 -34.61 57.67
N ALA F 263 -5.36 -33.79 56.71
CA ALA F 263 -4.96 -32.38 56.56
C ALA F 263 -5.85 -31.67 55.53
N ARG F 264 -5.75 -30.34 55.47
CA ARG F 264 -6.37 -29.54 54.41
C ARG F 264 -5.28 -29.09 53.45
N LEU F 265 -5.58 -29.05 52.16
CA LEU F 265 -4.65 -28.49 51.18
C LEU F 265 -5.27 -27.17 50.79
N LEU F 266 -4.65 -26.07 51.24
CA LEU F 266 -5.28 -24.75 51.20
C LEU F 266 -4.86 -23.83 50.05
N GLY F 267 -3.71 -24.09 49.43
CA GLY F 267 -3.22 -23.20 48.40
C GLY F 267 -1.86 -23.54 47.83
N ALA F 268 -1.57 -23.02 46.64
CA ALA F 268 -0.29 -23.29 45.99
C ALA F 268 0.23 -22.06 45.26
N GLY F 269 1.54 -21.83 45.33
CA GLY F 269 2.12 -20.77 44.55
C GLY F 269 3.19 -21.36 43.67
N ILE F 270 3.26 -20.89 42.42
CA ILE F 270 4.29 -21.35 41.51
C ILE F 270 4.90 -20.13 40.83
N THR F 271 6.23 -19.99 40.92
CA THR F 271 6.94 -18.85 40.32
C THR F 271 8.24 -19.36 39.69
N SER F 272 9.03 -18.46 39.11
CA SER F 272 10.33 -18.81 38.54
C SER F 272 11.37 -17.69 38.80
N ASP F 273 12.66 -18.05 38.80
CA ASP F 273 13.72 -17.09 39.14
C ASP F 273 14.15 -16.17 37.99
N ALA F 274 14.06 -16.68 36.75
CA ALA F 274 14.78 -16.11 35.60
C ALA F 274 16.19 -15.64 35.98
N PHE F 275 17.01 -16.58 36.47
CA PHE F 275 18.36 -16.27 36.95
C PHE F 275 19.48 -17.13 36.38
N HIS F 276 19.56 -18.38 36.85
CA HIS F 276 20.50 -19.34 36.27
C HIS F 276 19.81 -20.70 36.12
N MET F 277 20.33 -21.56 35.22
CA MET F 277 19.76 -22.89 35.00
C MET F 277 19.95 -23.83 36.19
N VAL F 278 21.09 -23.71 36.87
CA VAL F 278 21.42 -24.66 37.92
C VAL F 278 21.81 -24.05 39.26
N ALA F 279 21.50 -22.78 39.43
CA ALA F 279 21.74 -22.11 40.70
C ALA F 279 20.49 -21.32 41.06
N PRO F 280 20.03 -21.43 42.33
CA PRO F 280 18.89 -20.59 42.69
C PRO F 280 19.34 -19.14 42.83
N ALA F 281 18.42 -18.21 42.66
CA ALA F 281 18.68 -16.80 42.94
C ALA F 281 19.03 -16.62 44.42
N ALA F 282 20.16 -15.97 44.68
CA ALA F 282 20.66 -15.83 46.05
C ALA F 282 19.72 -14.98 46.93
N ASP F 283 19.07 -13.98 46.36
CA ASP F 283 18.17 -13.11 47.13
C ASP F 283 16.89 -13.80 47.62
N GLY F 284 16.53 -14.94 47.01
CA GLY F 284 15.32 -15.67 47.37
C GLY F 284 13.98 -14.94 47.24
N VAL F 285 13.93 -13.94 46.38
CA VAL F 285 12.71 -13.14 46.23
C VAL F 285 11.56 -13.87 45.51
N ARG F 286 11.85 -14.49 44.37
CA ARG F 286 10.81 -15.18 43.61
C ARG F 286 10.37 -16.46 44.34
N ALA F 287 11.31 -17.10 45.04
CA ALA F 287 11.01 -18.28 45.83
C ALA F 287 10.10 -17.92 47.00
N GLY F 288 10.41 -16.82 47.66
CA GLY F 288 9.60 -16.33 48.76
C GLY F 288 8.23 -15.91 48.26
N ARG F 289 8.18 -15.36 47.04
CA ARG F 289 6.93 -14.99 46.39
C ARG F 289 6.01 -16.18 46.15
N ALA F 290 6.61 -17.32 45.80
CA ALA F 290 5.85 -18.58 45.68
C ALA F 290 5.17 -18.93 47.01
N MET F 291 5.91 -18.83 48.11
CA MET F 291 5.30 -18.99 49.45
C MET F 291 4.20 -17.97 49.70
N THR F 292 4.47 -16.69 49.44
CA THR F 292 3.43 -15.66 49.59
C THR F 292 2.17 -15.95 48.78
N ARG F 293 2.33 -16.39 47.53
CA ARG F 293 1.18 -16.70 46.68
C ARG F 293 0.33 -17.82 47.29
N SER F 294 0.97 -18.88 47.81
CA SER F 294 0.23 -19.96 48.47
C SER F 294 -0.57 -19.47 49.69
N LEU F 295 0.02 -18.57 50.48
CA LEU F 295 -0.72 -17.89 51.56
C LEU F 295 -1.90 -17.01 51.07
N GLU F 296 -1.67 -16.20 50.03
CA GLU F 296 -2.77 -15.42 49.40
C GLU F 296 -3.96 -16.31 48.97
N LEU F 297 -3.68 -17.38 48.24
CA LEU F 297 -4.73 -18.29 47.75
C LEU F 297 -5.39 -19.04 48.90
N ALA F 298 -4.64 -19.24 49.99
CA ALA F 298 -5.10 -19.93 51.19
C ALA F 298 -5.92 -19.02 52.11
N GLY F 299 -5.69 -17.72 52.02
CA GLY F 299 -6.26 -16.78 52.96
C GLY F 299 -5.48 -16.77 54.27
N LEU F 300 -4.17 -17.00 54.20
CA LEU F 300 -3.30 -16.98 55.38
C LEU F 300 -2.40 -15.74 55.41
N SER F 301 -1.94 -15.33 56.59
CA SER F 301 -0.87 -14.34 56.67
C SER F 301 0.39 -15.07 57.11
N PRO F 302 1.58 -14.48 56.86
CA PRO F 302 2.84 -15.12 57.22
C PRO F 302 2.85 -15.55 58.69
N ALA F 303 2.10 -14.82 59.51
CA ALA F 303 2.08 -15.03 60.94
C ALA F 303 1.37 -16.34 61.29
N ASP F 304 0.58 -16.85 60.36
CA ASP F 304 -0.17 -18.09 60.57
C ASP F 304 0.68 -19.36 60.40
N ILE F 305 1.84 -19.21 59.77
CA ILE F 305 2.67 -20.35 59.36
C ILE F 305 3.60 -20.76 60.49
N ASP F 306 3.33 -21.93 61.07
CA ASP F 306 4.01 -22.43 62.25
C ASP F 306 5.16 -23.35 61.89
N HIS F 307 5.16 -23.81 60.64
CA HIS F 307 6.11 -24.81 60.20
C HIS F 307 6.42 -24.59 58.71
N VAL F 308 7.69 -24.71 58.34
CA VAL F 308 8.09 -24.78 56.95
C VAL F 308 8.87 -26.09 56.75
N ASN F 309 8.39 -26.93 55.83
CA ASN F 309 9.13 -28.10 55.43
C ASN F 309 10.01 -27.63 54.29
N ALA F 310 11.32 -27.55 54.55
CA ALA F 310 12.30 -26.89 53.66
C ALA F 310 12.71 -27.83 52.55
N HIS F 311 12.84 -27.31 51.34
CA HIS F 311 13.48 -28.07 50.25
C HIS F 311 14.88 -28.57 50.70
N GLY F 312 15.68 -27.67 51.29
CA GLY F 312 16.90 -28.02 52.01
C GLY F 312 17.73 -29.17 51.48
N THR F 313 18.42 -28.94 50.37
CA THR F 313 19.20 -30.00 49.70
C THR F 313 20.56 -30.31 50.32
N ALA F 314 21.03 -29.37 51.16
CA ALA F 314 22.38 -29.38 51.75
C ALA F 314 23.49 -28.90 50.79
N THR F 315 23.11 -28.36 49.63
CA THR F 315 24.06 -27.57 48.83
C THR F 315 24.38 -26.20 49.49
N PRO F 316 25.64 -25.79 49.44
CA PRO F 316 25.93 -24.52 50.10
C PRO F 316 25.07 -23.34 49.58
N ILE F 317 24.90 -23.23 48.27
CA ILE F 317 24.17 -22.08 47.72
C ILE F 317 22.64 -22.25 47.78
N GLY F 318 22.17 -23.49 47.74
CA GLY F 318 20.75 -23.77 47.80
C GLY F 318 20.12 -23.45 49.15
N ASP F 319 20.76 -23.87 50.24
CA ASP F 319 20.23 -23.62 51.58
C ASP F 319 20.25 -22.15 51.95
N ALA F 320 21.30 -21.44 51.53
CA ALA F 320 21.38 -20.00 51.75
C ALA F 320 20.23 -19.25 51.06
N ALA F 321 19.97 -19.61 49.80
CA ALA F 321 18.91 -18.98 49.03
C ALA F 321 17.54 -19.23 49.68
N GLU F 322 17.29 -20.46 50.10
CA GLU F 322 16.00 -20.78 50.70
C GLU F 322 15.80 -20.01 52.01
N ALA F 323 16.85 -19.94 52.83
CA ALA F 323 16.81 -19.16 54.06
C ALA F 323 16.32 -17.75 53.72
N ASN F 324 16.96 -17.12 52.72
CA ASN F 324 16.49 -15.81 52.23
C ASN F 324 15.02 -15.82 51.79
N ALA F 325 14.66 -16.81 50.98
CA ALA F 325 13.26 -16.93 50.55
C ALA F 325 12.28 -16.97 51.72
N ILE F 326 12.59 -17.81 52.72
CA ILE F 326 11.77 -17.91 53.92
C ILE F 326 11.65 -16.56 54.65
N ARG F 327 12.77 -15.83 54.73
CA ARG F 327 12.78 -14.48 55.29
C ARG F 327 11.88 -13.54 54.48
N VAL F 328 12.04 -13.55 53.14
CA VAL F 328 11.26 -12.70 52.23
C VAL F 328 9.76 -12.85 52.48
N ALA F 329 9.32 -14.10 52.61
CA ALA F 329 7.90 -14.41 52.78
C ALA F 329 7.39 -14.07 54.18
N GLY F 330 8.29 -13.64 55.06
CA GLY F 330 7.93 -13.32 56.44
C GLY F 330 7.68 -14.53 57.30
N CYS F 331 8.34 -15.65 56.96
CA CYS F 331 8.06 -16.93 57.62
C CYS F 331 9.24 -17.41 58.46
N ASP F 332 10.22 -16.54 58.69
CA ASP F 332 11.43 -16.97 59.41
C ASP F 332 11.29 -17.29 60.92
N GLN F 333 10.10 -17.09 61.47
CA GLN F 333 9.78 -17.49 62.85
C GLN F 333 9.18 -18.91 62.93
N ALA F 334 8.91 -19.51 61.77
CA ALA F 334 8.37 -20.87 61.71
C ALA F 334 9.43 -21.88 62.15
N ALA F 335 9.00 -23.01 62.69
CA ALA F 335 9.89 -24.14 62.90
C ALA F 335 10.21 -24.82 61.55
N VAL F 336 11.49 -24.97 61.26
CA VAL F 336 11.94 -25.56 60.01
C VAL F 336 12.42 -27.04 60.12
N TYR F 337 11.93 -27.88 59.22
CA TYR F 337 12.43 -29.25 59.03
C TYR F 337 13.04 -29.41 57.62
N ALA F 338 14.20 -30.04 57.55
CA ALA F 338 14.82 -30.44 56.28
C ALA F 338 14.93 -31.97 56.17
N PRO F 339 13.88 -32.63 55.63
CA PRO F 339 13.77 -34.10 55.59
C PRO F 339 14.85 -34.77 54.77
N LYS F 340 15.46 -34.05 53.83
CA LYS F 340 16.53 -34.63 53.03
C LYS F 340 17.75 -35.00 53.87
N SER F 341 17.84 -34.43 55.08
CA SER F 341 18.87 -34.81 56.05
C SER F 341 18.82 -36.33 56.37
N ALA F 342 17.62 -36.89 56.31
CA ALA F 342 17.38 -38.28 56.71
C ALA F 342 17.00 -39.15 55.52
N LEU F 343 16.33 -38.56 54.55
CA LEU F 343 15.75 -39.35 53.47
C LEU F 343 16.46 -39.15 52.17
N GLY F 344 17.34 -38.16 52.14
CA GLY F 344 18.03 -37.81 50.92
C GLY F 344 17.08 -37.24 49.88
N HIS F 345 17.59 -37.16 48.66
CA HIS F 345 16.98 -36.42 47.55
C HIS F 345 16.48 -37.39 46.48
N SER F 346 15.17 -37.45 46.28
CA SER F 346 14.58 -38.34 45.28
C SER F 346 14.10 -37.61 44.00
N ILE F 347 14.71 -36.44 43.74
CA ILE F 347 14.50 -35.63 42.52
C ILE F 347 13.00 -35.35 42.21
N GLY F 348 12.50 -35.91 41.12
CA GLY F 348 11.10 -35.75 40.75
C GLY F 348 10.05 -36.18 41.79
N ALA F 349 10.39 -37.10 42.68
CA ALA F 349 9.45 -37.57 43.71
C ALA F 349 9.44 -36.76 45.01
N VAL F 350 10.53 -36.04 45.26
CA VAL F 350 10.83 -35.56 46.60
C VAL F 350 9.84 -34.53 47.16
N GLY F 351 9.29 -33.66 46.32
CA GLY F 351 8.31 -32.70 46.81
C GLY F 351 7.01 -33.33 47.27
N ALA F 352 6.65 -34.47 46.65
CA ALA F 352 5.44 -35.21 46.99
C ALA F 352 5.64 -35.89 48.32
N LEU F 353 6.81 -36.48 48.51
CA LEU F 353 7.17 -37.11 49.78
C LEU F 353 7.21 -36.09 50.90
N GLU F 354 7.84 -34.95 50.66
CA GLU F 354 7.87 -33.90 51.66
C GLU F 354 6.50 -33.30 51.91
N SER F 355 5.63 -33.33 50.91
CA SER F 355 4.26 -32.88 51.12
C SER F 355 3.51 -33.86 52.02
N VAL F 356 3.72 -35.16 51.81
CA VAL F 356 3.18 -36.16 52.70
C VAL F 356 3.69 -35.93 54.14
N LEU F 357 5.00 -35.71 54.30
CA LEU F 357 5.57 -35.49 55.63
C LEU F 357 4.98 -34.23 56.29
N THR F 358 4.74 -33.19 55.48
CA THR F 358 4.13 -31.94 55.96
C THR F 358 2.75 -32.23 56.54
N VAL F 359 1.98 -33.07 55.83
CA VAL F 359 0.66 -33.57 56.27
C VAL F 359 0.72 -34.30 57.62
N LEU F 360 1.70 -35.18 57.80
CA LEU F 360 1.79 -35.98 59.01
C LEU F 360 2.20 -35.11 60.18
N THR F 361 3.13 -34.18 59.94
CA THR F 361 3.45 -33.15 60.94
C THR F 361 2.19 -32.44 61.45
N LEU F 362 1.30 -32.05 60.55
CA LEU F 362 0.09 -31.34 60.94
C LEU F 362 -0.84 -32.26 61.73
N ARG F 363 -0.99 -33.49 61.23
CA ARG F 363 -1.85 -34.50 61.84
C ARG F 363 -1.40 -34.85 63.28
N ASP F 364 -0.10 -35.04 63.46
CA ASP F 364 0.45 -35.59 64.69
C ASP F 364 1.01 -34.52 65.64
N GLY F 365 1.06 -33.27 65.18
CA GLY F 365 1.63 -32.18 65.96
C GLY F 365 3.08 -32.38 66.37
N VAL F 366 3.89 -32.88 65.45
CA VAL F 366 5.29 -33.15 65.73
C VAL F 366 6.11 -32.98 64.44
N ILE F 367 7.34 -32.47 64.57
CA ILE F 367 8.27 -32.31 63.45
C ILE F 367 9.47 -33.19 63.81
N PRO F 368 9.91 -34.09 62.91
CA PRO F 368 11.09 -34.90 63.23
C PRO F 368 12.33 -34.01 63.31
N PRO F 369 13.43 -34.55 63.86
CA PRO F 369 14.64 -33.73 63.95
C PRO F 369 15.34 -33.64 62.58
N THR F 370 15.83 -32.46 62.21
CA THR F 370 16.76 -32.35 61.07
C THR F 370 18.07 -33.00 61.53
N LEU F 371 18.49 -34.07 60.85
CA LEU F 371 19.75 -34.75 61.18
C LEU F 371 21.00 -33.98 60.78
N ASN F 372 22.08 -34.17 61.54
CA ASN F 372 23.39 -33.66 61.14
C ASN F 372 23.53 -32.15 61.28
N TYR F 373 22.56 -31.54 61.95
CA TYR F 373 22.57 -30.11 62.22
C TYR F 373 23.40 -29.81 63.49
N GLU F 374 24.72 -29.78 63.32
CA GLU F 374 25.66 -29.75 64.45
C GLU F 374 26.41 -28.42 64.62
N THR F 375 26.64 -27.72 63.51
CA THR F 375 27.20 -26.38 63.56
C THR F 375 26.37 -25.49 62.66
N PRO F 376 25.30 -24.92 63.22
CA PRO F 376 24.42 -24.08 62.40
C PRO F 376 25.22 -23.02 61.67
N ASP F 377 24.98 -22.93 60.36
CA ASP F 377 25.63 -21.95 59.50
C ASP F 377 25.43 -20.54 60.07
N PRO F 378 26.54 -19.86 60.40
CA PRO F 378 26.48 -18.51 60.97
C PRO F 378 25.62 -17.57 60.16
N GLU F 379 25.63 -17.73 58.83
CA GLU F 379 24.92 -16.81 57.95
C GLU F 379 23.45 -17.19 57.74
N ILE F 380 23.04 -18.32 58.30
CA ILE F 380 21.63 -18.72 58.25
C ILE F 380 21.02 -18.69 59.65
N ASP F 381 19.98 -17.91 59.82
CA ASP F 381 19.31 -17.82 61.10
C ASP F 381 17.83 -18.21 60.91
N LEU F 382 17.59 -19.51 61.03
CA LEU F 382 16.25 -20.06 61.00
C LEU F 382 16.12 -20.97 62.21
N ASP F 383 14.89 -21.26 62.60
CA ASP F 383 14.62 -22.17 63.69
C ASP F 383 14.51 -23.63 63.16
N VAL F 384 15.66 -24.23 62.90
CA VAL F 384 15.75 -25.60 62.40
C VAL F 384 15.59 -26.60 63.54
N VAL F 385 14.54 -27.43 63.47
CA VAL F 385 14.30 -28.45 64.47
C VAL F 385 15.38 -29.52 64.35
N ALA F 386 16.01 -29.86 65.47
CA ALA F 386 17.15 -30.77 65.45
C ALA F 386 17.31 -31.37 66.86
N GLY F 387 17.96 -32.53 66.98
CA GLY F 387 18.07 -33.24 68.26
C GLY F 387 16.98 -34.28 68.52
N GLU F 388 15.82 -33.82 69.00
CA GLU F 388 14.65 -34.66 69.24
C GLU F 388 13.55 -34.09 68.38
N PRO F 389 12.54 -34.92 68.05
CA PRO F 389 11.31 -34.35 67.49
C PRO F 389 10.77 -33.25 68.39
N ARG F 390 10.12 -32.28 67.75
CA ARG F 390 9.58 -31.15 68.49
C ARG F 390 8.07 -31.21 68.41
N TYR F 391 7.47 -31.48 69.57
CA TYR F 391 6.02 -31.54 69.71
C TYR F 391 5.48 -30.12 69.82
N GLY F 392 4.56 -29.79 68.91
CA GLY F 392 4.09 -28.42 68.76
C GLY F 392 2.70 -28.25 68.17
N ASP F 393 2.08 -27.14 68.53
CA ASP F 393 0.78 -26.79 68.00
C ASP F 393 0.81 -26.23 66.56
N TYR F 394 1.18 -27.07 65.58
CA TYR F 394 1.25 -26.64 64.18
C TYR F 394 -0.16 -26.58 63.54
N ARG F 395 -0.59 -25.36 63.21
CA ARG F 395 -1.89 -25.15 62.59
C ARG F 395 -1.76 -25.09 61.07
N TYR F 396 -0.74 -24.40 60.58
CA TYR F 396 -0.52 -24.21 59.13
C TYR F 396 0.96 -24.44 58.82
N ALA F 397 1.24 -24.97 57.63
CA ALA F 397 2.61 -25.27 57.24
C ALA F 397 2.73 -24.96 55.75
N VAL F 398 3.93 -24.63 55.32
CA VAL F 398 4.22 -24.46 53.91
C VAL F 398 5.28 -25.49 53.53
N ASN F 399 5.02 -26.27 52.48
CA ASN F 399 6.06 -27.12 51.93
C ASN F 399 6.66 -26.43 50.71
N ASN F 400 7.98 -26.21 50.74
CA ASN F 400 8.73 -25.68 49.60
C ASN F 400 9.40 -26.75 48.76
N SER F 401 9.43 -26.53 47.44
CA SER F 401 10.21 -27.35 46.49
C SER F 401 10.76 -26.43 45.39
N PHE F 402 11.98 -26.74 44.92
CA PHE F 402 12.68 -25.96 43.89
C PHE F 402 13.35 -26.88 42.83
N GLY F 403 13.44 -26.42 41.59
CA GLY F 403 14.04 -27.27 40.57
C GLY F 403 14.99 -26.55 39.63
N PHE F 404 16.00 -27.25 39.13
CA PHE F 404 16.89 -26.73 38.09
C PHE F 404 15.97 -26.14 37.03
N GLY F 405 16.35 -24.98 36.50
CA GLY F 405 15.53 -24.19 35.59
C GLY F 405 14.98 -22.95 36.27
N GLY F 406 15.15 -22.89 37.59
CA GLY F 406 14.62 -21.80 38.37
C GLY F 406 13.15 -21.93 38.80
N HIS F 407 12.66 -23.16 38.99
CA HIS F 407 11.25 -23.39 39.36
C HIS F 407 11.02 -23.36 40.90
N ASN F 408 10.04 -22.58 41.35
CA ASN F 408 9.69 -22.48 42.78
C ASN F 408 8.22 -22.84 43.02
N VAL F 409 7.97 -23.81 43.90
CA VAL F 409 6.63 -24.29 44.22
C VAL F 409 6.47 -24.28 45.73
N ALA F 410 5.41 -23.67 46.22
CA ALA F 410 5.08 -23.72 47.64
C ALA F 410 3.64 -24.21 47.79
N LEU F 411 3.41 -25.13 48.70
CA LEU F 411 2.05 -25.62 49.03
C LEU F 411 1.70 -25.24 50.46
N ALA F 412 0.51 -24.70 50.67
CA ALA F 412 0.05 -24.36 52.00
C ALA F 412 -0.91 -25.43 52.50
N PHE F 413 -0.57 -26.08 53.62
CA PHE F 413 -1.44 -27.11 54.23
C PHE F 413 -1.93 -26.60 55.57
N GLY F 414 -3.13 -27.02 55.96
CA GLY F 414 -3.63 -26.69 57.30
C GLY F 414 -4.00 -27.94 58.09
N ARG F 415 -3.96 -27.83 59.42
CA ARG F 415 -4.38 -28.93 60.27
C ARG F 415 -5.90 -29.09 60.11
N TYR F 416 -6.37 -30.33 60.05
CA TYR F 416 -7.81 -30.60 60.00
C TYR F 416 -8.43 -30.66 61.40
N SER G 2 9.41 14.19 -4.30
CA SER G 2 9.67 14.21 -5.74
C SER G 2 11.17 14.18 -6.03
N GLN G 3 11.55 13.44 -7.08
CA GLN G 3 12.89 13.53 -7.66
C GLN G 3 13.11 14.96 -8.14
N PRO G 4 14.23 15.59 -7.75
CA PRO G 4 14.50 16.92 -8.32
C PRO G 4 14.64 16.86 -9.85
N SER G 5 14.06 17.85 -10.52
CA SER G 5 14.18 18.01 -11.96
C SER G 5 14.42 19.50 -12.23
N THR G 6 14.77 19.84 -13.47
CA THR G 6 14.87 21.23 -13.85
C THR G 6 13.48 21.89 -13.82
N ALA G 7 12.48 21.17 -14.35
CA ALA G 7 11.10 21.67 -14.40
C ALA G 7 10.51 22.02 -13.02
N ASN G 8 10.59 21.09 -12.06
CA ASN G 8 10.10 21.36 -10.70
C ASN G 8 11.00 22.29 -9.87
N GLY G 9 12.07 22.80 -10.49
CA GLY G 9 12.99 23.71 -9.84
C GLY G 9 13.93 23.07 -8.83
N GLY G 10 14.01 21.74 -8.85
CA GLY G 10 14.96 20.99 -8.03
C GLY G 10 16.40 21.23 -8.45
N PHE G 11 16.63 21.41 -9.75
CA PHE G 11 17.92 21.87 -10.26
C PHE G 11 17.85 23.33 -10.69
N PRO G 12 18.91 24.10 -10.44
CA PRO G 12 18.93 25.47 -10.99
C PRO G 12 18.85 25.45 -12.52
N SER G 13 18.22 26.48 -13.06
CA SER G 13 18.09 26.61 -14.50
C SER G 13 19.45 26.94 -15.07
N VAL G 14 19.90 26.18 -16.07
CA VAL G 14 21.22 26.39 -16.69
C VAL G 14 21.07 26.75 -18.17
N VAL G 15 21.80 27.77 -18.63
CA VAL G 15 21.58 28.32 -19.98
C VAL G 15 22.89 28.41 -20.76
N VAL G 16 22.78 28.26 -22.09
CA VAL G 16 23.93 28.37 -23.00
C VAL G 16 24.02 29.81 -23.49
N THR G 17 25.19 30.43 -23.32
CA THR G 17 25.31 31.87 -23.54
C THR G 17 26.34 32.20 -24.61
N ALA G 18 27.08 31.19 -25.05
CA ALA G 18 28.12 31.40 -26.04
C ALA G 18 28.53 30.07 -26.59
N VAL G 19 28.85 30.06 -27.87
CA VAL G 19 29.34 28.87 -28.54
C VAL G 19 30.50 29.21 -29.50
N THR G 20 31.47 28.31 -29.60
CA THR G 20 32.57 28.43 -30.55
C THR G 20 32.91 27.04 -31.10
N ALA G 21 33.41 27.00 -32.33
CA ALA G 21 33.76 25.75 -32.98
C ALA G 21 34.55 26.07 -34.24
N THR G 22 35.52 25.21 -34.52
CA THR G 22 36.24 25.26 -35.78
C THR G 22 35.98 23.91 -36.48
N THR G 23 35.70 23.97 -37.77
CA THR G 23 35.38 22.77 -38.54
C THR G 23 36.00 22.76 -39.94
N SER G 24 35.75 21.67 -40.66
CA SER G 24 36.20 21.53 -42.05
C SER G 24 35.42 22.46 -42.98
N ILE G 25 34.28 22.95 -42.53
CA ILE G 25 33.53 23.96 -43.30
C ILE G 25 33.99 25.43 -43.03
N SER G 26 34.27 25.77 -41.78
CA SER G 26 34.63 27.14 -41.38
C SER G 26 35.21 27.20 -39.96
N PRO G 27 36.08 28.20 -39.70
CA PRO G 27 36.50 28.47 -38.31
C PRO G 27 35.43 29.23 -37.53
N ASP G 28 34.39 29.66 -38.24
CA ASP G 28 33.34 30.49 -37.63
C ASP G 28 32.08 29.67 -37.54
N ILE G 29 31.58 29.49 -36.32
CA ILE G 29 30.43 28.63 -36.09
C ILE G 29 29.19 29.09 -36.86
N GLU G 30 28.94 30.40 -36.88
CA GLU G 30 27.75 30.94 -37.54
C GLU G 30 27.82 30.62 -39.02
N SER G 31 29.01 30.77 -39.59
CA SER G 31 29.27 30.43 -40.99
C SER G 31 29.28 28.92 -41.29
N THR G 32 29.72 28.11 -40.33
CA THR G 32 29.57 26.66 -40.45
C THR G 32 28.07 26.33 -40.47
N TRP G 33 27.33 26.96 -39.56
CA TRP G 33 25.87 26.81 -39.50
C TRP G 33 25.17 27.22 -40.81
N LYS G 34 25.56 28.35 -41.40
CA LYS G 34 25.00 28.76 -42.69
C LYS G 34 25.37 27.77 -43.77
N GLY G 35 26.63 27.32 -43.75
CA GLY G 35 27.12 26.29 -44.66
C GLY G 35 26.32 24.99 -44.58
N LEU G 36 26.06 24.48 -43.36
CA LEU G 36 25.23 23.28 -43.16
C LEU G 36 23.83 23.36 -43.78
N LEU G 37 23.17 24.49 -43.57
CA LEU G 37 21.82 24.72 -44.05
C LEU G 37 21.79 24.80 -45.58
N ALA G 38 22.90 25.25 -46.16
CA ALA G 38 23.09 25.35 -47.62
C ALA G 38 23.46 24.01 -48.25
N GLY G 39 23.43 22.95 -47.43
CA GLY G 39 23.84 21.61 -47.84
C GLY G 39 25.31 21.45 -48.23
N GLU G 40 26.20 22.25 -47.63
CA GLU G 40 27.65 22.08 -47.82
C GLU G 40 28.26 20.92 -47.01
N SER G 41 29.30 20.33 -47.58
CA SER G 41 30.06 19.26 -46.96
C SER G 41 31.50 19.73 -46.74
N GLY G 42 32.05 19.43 -45.56
CA GLY G 42 33.44 19.72 -45.26
C GLY G 42 34.43 18.69 -45.78
N ILE G 43 33.92 17.63 -46.41
CA ILE G 43 34.77 16.50 -46.75
C ILE G 43 35.38 16.64 -48.14
N HIS G 44 36.66 16.27 -48.24
CA HIS G 44 37.39 16.44 -49.48
C HIS G 44 38.31 15.26 -49.67
N ALA G 45 38.98 15.23 -50.81
CA ALA G 45 40.08 14.30 -51.06
C ALA G 45 41.27 14.67 -50.19
N LEU G 46 41.91 13.66 -49.60
CA LEU G 46 43.11 13.87 -48.80
C LEU G 46 44.30 14.18 -49.72
N GLU G 47 45.03 15.24 -49.40
CA GLU G 47 46.02 15.81 -50.29
C GLU G 47 47.34 15.51 -49.66
N ASP G 48 47.25 15.05 -48.42
CA ASP G 48 48.42 14.85 -47.59
C ASP G 48 49.40 13.87 -48.24
N GLU G 49 50.57 14.41 -48.55
CA GLU G 49 51.73 13.65 -49.01
C GLU G 49 51.61 12.17 -48.64
N PHE G 50 51.22 11.92 -47.40
CA PHE G 50 51.19 10.57 -46.83
C PHE G 50 50.14 9.57 -47.37
N VAL G 51 49.18 10.00 -48.20
CA VAL G 51 48.23 9.05 -48.76
C VAL G 51 48.94 8.05 -49.69
N THR G 52 49.82 8.57 -50.54
CA THR G 52 50.69 7.74 -51.36
C THR G 52 51.79 7.09 -50.51
N LYS G 53 52.41 7.87 -49.63
CA LYS G 53 53.51 7.40 -48.80
C LYS G 53 53.12 6.16 -48.02
N TRP G 54 51.88 6.13 -47.55
CA TRP G 54 51.44 5.07 -46.62
C TRP G 54 50.47 4.07 -47.21
N ASP G 55 50.20 4.19 -48.51
CA ASP G 55 49.05 3.52 -49.15
C ASP G 55 47.89 3.25 -48.22
N LEU G 56 47.05 4.25 -48.09
CA LEU G 56 45.93 4.20 -47.19
C LEU G 56 44.74 3.84 -48.05
N ALA G 57 43.84 3.03 -47.51
CA ALA G 57 42.62 2.67 -48.20
C ALA G 57 41.65 3.83 -48.11
N VAL G 58 41.78 4.61 -47.03
CA VAL G 58 41.00 5.82 -46.82
C VAL G 58 41.76 7.02 -47.37
N LYS G 59 41.13 7.71 -48.31
CA LYS G 59 41.78 8.76 -49.09
C LYS G 59 40.92 10.04 -49.05
N ILE G 60 39.99 10.08 -48.10
CA ILE G 60 39.05 11.19 -47.94
C ILE G 60 38.99 11.66 -46.48
N GLY G 61 38.55 12.91 -46.29
CA GLY G 61 38.38 13.49 -44.97
C GLY G 61 38.22 15.01 -44.99
N GLY G 62 37.82 15.61 -43.87
CA GLY G 62 37.77 17.05 -43.78
C GLY G 62 38.81 17.65 -42.84
N HIS G 63 39.81 18.34 -43.38
CA HIS G 63 40.71 19.15 -42.54
C HIS G 63 39.99 20.44 -42.18
N LEU G 64 40.37 21.04 -41.05
CA LEU G 64 39.83 22.35 -40.66
C LEU G 64 39.96 23.31 -41.85
N LYS G 65 38.94 24.14 -42.09
CA LYS G 65 39.05 25.12 -43.16
C LYS G 65 40.24 26.04 -42.86
N ASP G 66 40.37 26.40 -41.59
CA ASP G 66 41.43 27.28 -41.10
C ASP G 66 42.27 26.53 -40.07
N PRO G 67 43.52 26.19 -40.42
CA PRO G 67 44.34 25.36 -39.52
C PRO G 67 44.63 26.07 -38.21
N VAL G 68 44.63 25.34 -37.11
CA VAL G 68 44.85 25.92 -35.80
C VAL G 68 46.19 26.67 -35.72
N ASP G 69 47.21 26.08 -36.30
CA ASP G 69 48.57 26.57 -36.10
C ASP G 69 48.91 27.80 -36.92
N SER G 70 47.97 28.23 -37.76
CA SER G 70 48.16 29.49 -38.47
C SER G 70 47.96 30.63 -37.49
N HIS G 71 47.38 30.32 -36.34
CA HIS G 71 47.17 31.29 -35.26
C HIS G 71 48.12 31.09 -34.07
N MET G 72 49.17 30.31 -34.29
CA MET G 72 50.10 29.95 -33.21
C MET G 72 51.52 30.40 -33.51
N GLY G 73 52.12 31.12 -32.55
CA GLY G 73 53.49 31.59 -32.67
C GLY G 73 54.49 30.48 -32.39
N ARG G 74 55.77 30.78 -32.56
CA ARG G 74 56.85 29.79 -32.36
C ARG G 74 56.85 29.15 -30.96
N LEU G 75 56.60 29.97 -29.95
CA LEU G 75 56.67 29.51 -28.56
C LEU G 75 55.59 28.46 -28.33
N ASP G 76 54.36 28.83 -28.63
CA ASP G 76 53.22 27.94 -28.49
C ASP G 76 53.41 26.60 -29.24
N MET G 77 54.12 26.64 -30.37
CA MET G 77 54.37 25.42 -31.15
C MET G 77 55.32 24.49 -30.40
N ARG G 78 56.16 25.10 -29.56
CA ARG G 78 57.18 24.38 -28.79
C ARG G 78 56.63 23.85 -27.47
N ARG G 79 55.68 24.58 -26.89
CA ARG G 79 55.34 24.45 -25.47
C ARG G 79 53.98 23.78 -25.26
N MET G 80 53.24 23.59 -26.35
CA MET G 80 51.92 22.98 -26.30
C MET G 80 51.75 21.81 -27.29
N SER G 81 50.97 20.81 -26.88
CA SER G 81 50.52 19.81 -27.84
C SER G 81 49.46 20.47 -28.72
N TYR G 82 49.13 19.79 -29.81
CA TYR G 82 48.08 20.25 -30.72
C TYR G 82 46.77 20.53 -29.97
N VAL G 83 46.34 19.60 -29.13
CA VAL G 83 45.01 19.77 -28.53
C VAL G 83 45.01 20.90 -27.52
N GLN G 84 46.18 21.18 -26.95
CA GLN G 84 46.33 22.36 -26.09
C GLN G 84 46.30 23.64 -26.93
N ARG G 85 46.97 23.64 -28.08
CA ARG G 85 46.90 24.77 -29.03
C ARG G 85 45.48 25.06 -29.54
N MET G 86 44.77 24.02 -29.97
CA MET G 86 43.33 24.12 -30.27
C MET G 86 42.47 24.67 -29.11
N GLY G 87 42.66 24.14 -27.90
CA GLY G 87 41.95 24.64 -26.71
C GLY G 87 42.22 26.11 -26.35
N LYS G 88 43.48 26.53 -26.43
CA LYS G 88 43.86 27.94 -26.21
C LYS G 88 43.16 28.84 -27.22
N LEU G 89 43.16 28.43 -28.48
CA LEU G 89 42.48 29.15 -29.55
C LEU G 89 40.98 29.32 -29.33
N LEU G 90 40.29 28.20 -29.11
CA LEU G 90 38.84 28.22 -28.91
C LEU G 90 38.44 28.82 -27.58
N GLY G 91 39.23 28.58 -26.53
CA GLY G 91 38.99 29.17 -25.23
C GLY G 91 38.99 30.70 -25.31
N GLY G 92 39.95 31.27 -26.06
CA GLY G 92 40.01 32.69 -26.26
C GLY G 92 38.90 33.27 -27.12
N GLN G 93 38.54 32.55 -28.18
CA GLN G 93 37.45 32.96 -29.06
C GLN G 93 36.14 32.96 -28.31
N LEU G 94 35.94 31.93 -27.48
CA LEU G 94 34.71 31.78 -26.72
C LEU G 94 34.57 32.92 -25.71
N TRP G 95 35.65 33.24 -25.03
CA TRP G 95 35.60 34.32 -24.05
C TRP G 95 35.25 35.64 -24.73
N GLU G 96 35.92 35.94 -25.82
CA GLU G 96 35.55 37.09 -26.65
C GLU G 96 34.06 37.11 -26.97
N SER G 97 33.54 36.04 -27.57
CA SER G 97 32.12 35.96 -27.94
C SER G 97 31.19 36.19 -26.75
N ALA G 98 31.65 35.88 -25.56
CA ALA G 98 30.82 36.01 -24.37
C ALA G 98 30.84 37.42 -23.75
N GLY G 99 31.64 38.32 -24.33
CA GLY G 99 31.75 39.68 -23.83
C GLY G 99 32.96 39.86 -22.95
N SER G 100 33.84 38.86 -23.00
CA SER G 100 34.99 38.73 -22.10
C SER G 100 34.57 39.09 -20.68
N PRO G 101 33.60 38.34 -20.14
CA PRO G 101 33.03 38.67 -18.83
C PRO G 101 34.02 38.48 -17.69
N GLU G 102 33.71 39.14 -16.59
CA GLU G 102 34.51 38.98 -15.40
C GLU G 102 33.64 38.21 -14.44
N VAL G 103 34.09 37.02 -14.09
CA VAL G 103 33.34 36.11 -13.26
C VAL G 103 34.14 35.82 -11.99
N ASP G 104 33.48 35.23 -10.99
CA ASP G 104 34.13 34.75 -9.79
C ASP G 104 34.96 33.51 -10.15
N PRO G 105 36.31 33.63 -10.12
CA PRO G 105 37.13 32.48 -10.55
C PRO G 105 36.79 31.20 -9.76
N ASP G 106 36.40 31.35 -8.48
CA ASP G 106 36.11 30.24 -7.55
C ASP G 106 34.72 29.64 -7.76
N ARG G 107 33.97 30.19 -8.71
CA ARG G 107 32.67 29.65 -9.09
C ARG G 107 32.67 29.30 -10.58
N PHE G 108 33.87 29.22 -11.16
CA PHE G 108 34.05 29.10 -12.61
C PHE G 108 34.82 27.81 -12.92
N ALA G 109 34.18 26.89 -13.64
CA ALA G 109 34.77 25.58 -13.89
C ALA G 109 35.03 25.35 -15.38
N VAL G 110 35.94 24.43 -15.70
CA VAL G 110 36.19 23.99 -17.08
C VAL G 110 36.06 22.46 -17.17
N VAL G 111 35.37 21.98 -18.19
CA VAL G 111 35.25 20.54 -18.43
C VAL G 111 35.42 20.35 -19.93
N VAL G 112 36.54 19.77 -20.33
CA VAL G 112 36.83 19.56 -21.74
C VAL G 112 37.31 18.12 -21.96
N GLY G 113 36.60 17.37 -22.81
CA GLY G 113 37.04 16.03 -23.16
C GLY G 113 37.98 15.98 -24.35
N THR G 114 38.65 14.85 -24.55
CA THR G 114 39.44 14.61 -25.76
C THR G 114 39.50 13.12 -25.91
N GLY G 115 39.87 12.65 -27.09
CA GLY G 115 39.96 11.22 -27.32
C GLY G 115 41.22 10.61 -26.73
N LEU G 116 42.34 11.32 -26.93
CA LEU G 116 43.65 10.79 -26.63
C LEU G 116 44.51 11.80 -25.86
N GLY G 117 44.64 13.01 -26.38
CA GLY G 117 45.48 13.99 -25.70
C GLY G 117 46.65 14.37 -26.57
N GLY G 118 47.80 14.61 -25.97
CA GLY G 118 48.94 15.09 -26.74
C GLY G 118 49.86 13.99 -27.22
N ALA G 119 49.28 13.00 -27.91
CA ALA G 119 49.98 11.81 -28.34
C ALA G 119 51.16 11.98 -29.32
N GLU G 120 51.15 13.04 -30.16
CA GLU G 120 52.34 13.37 -30.98
C GLU G 120 53.57 13.59 -30.11
N ARG G 121 53.39 14.21 -28.95
CA ARG G 121 54.52 14.47 -28.05
C ARG G 121 55.06 13.17 -27.42
N ILE G 122 54.17 12.19 -27.23
CA ILE G 122 54.57 10.82 -26.87
C ILE G 122 55.53 10.21 -27.91
N VAL G 123 55.11 10.14 -29.18
CA VAL G 123 55.95 9.57 -30.22
C VAL G 123 57.21 10.41 -30.45
N GLU G 124 57.06 11.73 -30.41
CA GLU G 124 58.20 12.64 -30.45
C GLU G 124 59.21 12.38 -29.33
N SER G 125 58.75 12.35 -28.08
CA SER G 125 59.66 12.06 -26.96
C SER G 125 60.34 10.69 -27.10
N TYR G 126 59.58 9.70 -27.54
CA TYR G 126 60.07 8.36 -27.73
C TYR G 126 61.19 8.34 -28.77
N ASP G 127 60.98 9.02 -29.90
CA ASP G 127 61.98 9.16 -30.94
C ASP G 127 63.22 9.86 -30.40
N LEU G 128 63.00 10.97 -29.70
CA LEU G 128 64.08 11.83 -29.17
C LEU G 128 64.95 11.11 -28.15
N MET G 129 64.35 10.28 -27.32
CA MET G 129 65.11 9.53 -26.31
C MET G 129 65.86 8.32 -26.87
N ASN G 130 65.21 7.61 -27.79
CA ASN G 130 65.87 6.55 -28.54
C ASN G 130 67.12 7.01 -29.30
N ALA G 131 67.06 8.21 -29.86
CA ALA G 131 68.16 8.75 -30.66
C ALA G 131 69.29 9.37 -29.83
N GLY G 132 68.95 9.97 -28.69
CA GLY G 132 69.95 10.72 -27.94
C GLY G 132 69.88 10.70 -26.42
N GLY G 133 69.09 9.80 -25.86
CA GLY G 133 69.07 9.62 -24.43
C GLY G 133 67.97 10.40 -23.73
N PRO G 134 67.82 10.14 -22.42
CA PRO G 134 66.75 10.68 -21.56
C PRO G 134 66.84 12.22 -21.44
N ARG G 135 68.00 12.75 -21.82
CA ARG G 135 68.33 14.14 -21.58
C ARG G 135 67.77 15.03 -22.73
N LYS G 136 67.41 14.37 -23.83
CA LYS G 136 66.84 14.95 -25.04
C LYS G 136 65.28 15.02 -24.99
N VAL G 137 64.71 14.60 -23.87
CA VAL G 137 63.27 14.70 -23.64
C VAL G 137 62.97 16.11 -23.10
N SER G 138 61.95 16.77 -23.64
CA SER G 138 61.62 18.14 -23.19
C SER G 138 61.19 18.18 -21.71
N PRO G 139 61.66 19.21 -20.97
CA PRO G 139 61.17 19.43 -19.60
C PRO G 139 59.65 19.67 -19.58
N LEU G 140 59.06 19.93 -20.74
CA LEU G 140 57.62 20.18 -20.84
C LEU G 140 56.84 19.00 -21.43
N ALA G 141 57.52 17.90 -21.75
CA ALA G 141 56.87 16.73 -22.29
C ALA G 141 55.66 16.25 -21.48
N VAL G 142 55.78 16.11 -20.15
CA VAL G 142 54.64 15.58 -19.40
C VAL G 142 53.42 16.50 -19.42
N GLN G 143 53.61 17.81 -19.23
CA GLN G 143 52.48 18.73 -19.23
C GLN G 143 51.83 18.87 -20.61
N MET G 144 52.55 18.52 -21.68
CA MET G 144 51.97 18.49 -23.04
C MET G 144 51.24 17.18 -23.37
N ILE G 145 51.79 16.07 -22.89
CA ILE G 145 51.27 14.72 -23.14
C ILE G 145 50.00 14.40 -22.33
N MET G 146 49.98 14.82 -21.07
CA MET G 146 48.88 14.44 -20.18
C MET G 146 47.50 14.80 -20.76
N PRO G 147 46.56 13.82 -20.83
CA PRO G 147 45.26 14.03 -21.48
C PRO G 147 44.42 15.18 -20.90
N ASN G 148 44.68 15.54 -19.64
CA ASN G 148 44.05 16.69 -19.00
C ASN G 148 44.69 18.02 -19.40
N GLY G 149 45.68 17.95 -20.27
CA GLY G 149 46.43 19.11 -20.72
C GLY G 149 45.58 20.19 -21.35
N ALA G 150 44.71 19.84 -22.30
CA ALA G 150 43.95 20.89 -23.00
C ALA G 150 42.96 21.62 -22.07
N ALA G 151 42.25 20.85 -21.23
CA ALA G 151 41.34 21.41 -20.24
C ALA G 151 42.11 22.30 -19.27
N ALA G 152 43.33 21.88 -18.91
CA ALA G 152 44.16 22.62 -17.97
C ALA G 152 44.67 23.93 -18.57
N VAL G 153 45.13 23.88 -19.82
CA VAL G 153 45.47 25.10 -20.56
C VAL G 153 44.32 26.13 -20.54
N ILE G 154 43.10 25.69 -20.85
CA ILE G 154 41.92 26.56 -20.85
C ILE G 154 41.63 27.09 -19.43
N GLY G 155 41.63 26.21 -18.43
CA GLY G 155 41.39 26.64 -17.07
C GLY G 155 42.38 27.71 -16.62
N LEU G 156 43.62 27.53 -17.01
CA LEU G 156 44.67 28.47 -16.65
C LEU G 156 44.56 29.77 -17.47
N GLN G 157 44.21 29.65 -18.75
CA GLN G 157 44.02 30.80 -19.63
C GLN G 157 42.89 31.71 -19.14
N LEU G 158 41.77 31.11 -18.73
CA LEU G 158 40.57 31.87 -18.37
C LEU G 158 40.39 32.11 -16.86
N GLY G 159 41.19 31.43 -16.04
CA GLY G 159 41.20 31.63 -14.59
C GLY G 159 40.15 30.82 -13.83
N ALA G 160 39.93 29.57 -14.23
CA ALA G 160 38.92 28.71 -13.62
C ALA G 160 39.45 28.01 -12.34
N ARG G 161 38.78 28.29 -11.22
CA ARG G 161 39.23 27.78 -9.92
C ARG G 161 38.20 26.91 -9.21
N ALA G 162 37.11 26.57 -9.91
CA ALA G 162 36.05 25.73 -9.34
C ALA G 162 36.11 24.31 -9.92
N GLY G 163 37.24 24.00 -10.56
CA GLY G 163 37.46 22.67 -11.08
C GLY G 163 37.75 22.67 -12.56
N VAL G 164 38.69 21.81 -12.95
CA VAL G 164 39.04 21.60 -14.34
C VAL G 164 39.04 20.07 -14.52
N MET G 165 38.10 19.59 -15.34
CA MET G 165 37.87 18.17 -15.49
CA MET G 165 37.86 18.16 -15.50
C MET G 165 38.02 17.73 -16.95
N THR G 166 38.46 16.50 -17.14
CA THR G 166 38.60 15.89 -18.47
C THR G 166 38.03 14.47 -18.47
N PRO G 167 36.77 14.30 -18.94
CA PRO G 167 36.23 12.94 -19.06
C PRO G 167 36.66 12.35 -20.39
N VAL G 168 37.11 11.10 -20.38
CA VAL G 168 37.48 10.44 -21.62
C VAL G 168 36.50 9.28 -21.78
N SER G 169 35.80 9.26 -22.91
CA SER G 169 34.98 8.10 -23.27
C SER G 169 34.93 7.98 -24.78
N ALA G 170 36.11 8.12 -25.38
CA ALA G 170 36.25 8.01 -26.81
C ALA G 170 35.30 8.97 -27.53
N GLN G 171 34.47 8.45 -28.42
CA GLN G 171 33.68 9.30 -29.32
C GLN G 171 32.51 10.03 -28.66
N SER G 172 32.25 9.78 -27.38
CA SER G 172 31.28 10.59 -26.63
C SER G 172 31.90 11.61 -25.66
N SER G 173 33.22 11.79 -25.72
CA SER G 173 33.92 12.62 -24.73
C SER G 173 33.47 14.08 -24.71
N GLY G 174 33.12 14.62 -25.88
CA GLY G 174 32.75 16.02 -26.00
C GLY G 174 31.39 16.30 -25.38
N SER G 175 30.48 15.36 -25.55
CA SER G 175 29.17 15.43 -24.93
C SER G 175 29.27 15.12 -23.45
N GLU G 176 30.07 14.12 -23.09
CA GLU G 176 30.25 13.84 -21.67
C GLU G 176 30.81 15.04 -20.89
N ALA G 177 31.76 15.80 -21.48
CA ALA G 177 32.25 17.02 -20.85
C ALA G 177 31.10 17.99 -20.50
N ILE G 178 30.17 18.17 -21.44
CA ILE G 178 29.00 19.03 -21.23
C ILE G 178 28.08 18.50 -20.11
N ALA G 179 27.93 17.18 -20.02
CA ALA G 179 27.13 16.56 -18.96
C ALA G 179 27.69 16.88 -17.57
N HIS G 180 29.00 16.70 -17.41
CA HIS G 180 29.68 16.88 -16.13
C HIS G 180 29.75 18.36 -15.68
N ALA G 181 29.85 19.26 -16.66
CA ALA G 181 29.74 20.71 -16.40
C ALA G 181 28.37 21.07 -15.84
N TRP G 182 27.31 20.56 -16.47
CA TRP G 182 25.93 20.68 -15.97
C TRP G 182 25.81 20.19 -14.52
N ARG G 183 26.22 18.95 -14.27
CA ARG G 183 26.21 18.37 -12.93
C ARG G 183 26.98 19.23 -11.92
N GLN G 184 28.10 19.79 -12.36
CA GLN G 184 28.95 20.59 -11.46
C GLN G 184 28.18 21.87 -11.07
N ILE G 185 27.40 22.41 -12.01
CA ILE G 185 26.60 23.61 -11.79
C ILE G 185 25.37 23.29 -10.93
N VAL G 186 24.59 22.28 -11.33
CA VAL G 186 23.42 21.84 -10.55
C VAL G 186 23.75 21.31 -9.13
N MET G 187 24.90 20.67 -8.95
CA MET G 187 25.32 20.22 -7.61
C MET G 187 25.83 21.37 -6.75
N GLY G 188 26.00 22.54 -7.36
CA GLY G 188 26.36 23.75 -6.64
C GLY G 188 27.84 24.03 -6.49
N ASP G 189 28.65 23.43 -7.37
CA ASP G 189 30.10 23.60 -7.27
C ASP G 189 30.62 24.76 -8.12
N ALA G 190 29.79 25.22 -9.04
CA ALA G 190 30.12 26.34 -9.92
C ALA G 190 28.81 27.02 -10.39
N ASP G 191 28.94 28.22 -10.92
CA ASP G 191 27.84 29.01 -11.46
C ASP G 191 28.02 29.23 -12.97
N VAL G 192 29.24 29.00 -13.46
CA VAL G 192 29.55 29.18 -14.88
C VAL G 192 30.59 28.13 -15.28
N ALA G 193 30.52 27.63 -16.51
CA ALA G 193 31.52 26.69 -17.04
C ALA G 193 31.72 26.81 -18.54
N VAL G 194 32.98 26.70 -18.96
CA VAL G 194 33.35 26.48 -20.35
C VAL G 194 33.48 24.97 -20.50
N CYS G 195 32.85 24.42 -21.53
CA CYS G 195 32.81 22.97 -21.66
C CYS G 195 32.71 22.57 -23.12
N GLY G 196 33.19 21.38 -23.45
CA GLY G 196 33.16 20.92 -24.82
C GLY G 196 34.28 19.93 -25.03
N GLY G 197 34.91 19.96 -26.20
CA GLY G 197 35.90 18.96 -26.52
C GLY G 197 36.75 19.35 -27.69
N VAL G 198 37.96 18.79 -27.71
CA VAL G 198 38.92 19.10 -28.73
C VAL G 198 39.55 17.78 -29.21
N GLU G 199 40.08 17.78 -30.42
CA GLU G 199 40.69 16.58 -30.93
C GLU G 199 41.79 16.93 -31.91
N GLY G 200 42.69 15.99 -32.15
CA GLY G 200 43.80 16.21 -33.04
C GLY G 200 43.40 16.11 -34.51
N PRO G 201 44.33 16.42 -35.43
CA PRO G 201 44.01 16.41 -36.85
C PRO G 201 44.02 15.01 -37.42
N ILE G 202 43.56 14.89 -38.66
CA ILE G 202 43.72 13.68 -39.45
C ILE G 202 45.22 13.40 -39.67
N GLU G 203 45.64 12.17 -39.40
CA GLU G 203 47.02 11.76 -39.60
C GLU G 203 47.03 10.25 -39.96
N ALA G 204 48.14 9.75 -40.49
CA ALA G 204 48.25 8.38 -41.01
C ALA G 204 47.98 7.29 -39.96
N LEU G 205 48.66 7.35 -38.83
CA LEU G 205 48.47 6.35 -37.77
C LEU G 205 46.97 6.22 -37.39
N PRO G 206 46.34 7.34 -36.98
CA PRO G 206 44.90 7.30 -36.65
C PRO G 206 44.05 6.67 -37.75
N ILE G 207 44.29 7.00 -39.01
CA ILE G 207 43.53 6.41 -40.10
C ILE G 207 43.77 4.90 -40.16
N ALA G 208 45.05 4.51 -40.12
CA ALA G 208 45.40 3.09 -40.12
C ALA G 208 44.67 2.32 -39.05
N ALA G 209 44.56 2.89 -37.86
CA ALA G 209 44.02 2.17 -36.70
C ALA G 209 42.50 1.93 -36.77
N PHE G 210 41.74 2.95 -37.16
CA PHE G 210 40.30 2.80 -37.35
C PHE G 210 39.95 2.03 -38.64
N SER G 211 40.70 2.23 -39.71
CA SER G 211 40.42 1.53 -40.94
C SER G 211 40.81 0.04 -40.89
N MET G 212 41.61 -0.37 -39.89
CA MET G 212 41.94 -1.79 -39.71
C MET G 212 40.79 -2.49 -39.01
N MET G 213 39.90 -1.69 -38.45
CA MET G 213 38.69 -2.17 -37.83
C MET G 213 37.60 -2.34 -38.86
N ARG G 214 37.86 -1.91 -40.10
CA ARG G 214 36.85 -1.80 -41.18
C ARG G 214 35.75 -0.78 -40.86
N ALA G 215 36.04 0.19 -40.00
CA ALA G 215 35.00 1.09 -39.51
C ALA G 215 34.75 2.30 -40.40
N MET G 216 35.68 2.53 -41.32
CA MET G 216 35.71 3.75 -42.12
C MET G 216 35.19 3.55 -43.55
N SER G 217 34.55 4.58 -44.08
CA SER G 217 34.17 4.61 -45.48
C SER G 217 35.39 4.61 -46.42
N THR G 218 35.24 3.96 -47.57
CA THR G 218 36.25 3.96 -48.63
C THR G 218 35.65 4.44 -49.98
N ARG G 219 34.64 5.31 -49.92
CA ARG G 219 34.09 5.95 -51.12
C ARG G 219 35.02 7.12 -51.50
N ASN G 220 36.19 6.78 -52.01
CA ASN G 220 37.25 7.78 -52.26
C ASN G 220 37.03 8.65 -53.51
N ASP G 221 36.33 8.09 -54.50
CA ASP G 221 36.06 8.78 -55.79
C ASP G 221 35.07 9.92 -55.64
N GLU G 222 34.24 9.84 -54.60
CA GLU G 222 33.18 10.81 -54.38
C GLU G 222 33.13 11.23 -52.91
N PRO G 223 34.10 12.07 -52.48
CA PRO G 223 34.34 12.37 -51.05
C PRO G 223 33.13 12.95 -50.31
N GLU G 224 32.43 13.90 -50.92
CA GLU G 224 31.27 14.54 -50.30
C GLU G 224 30.09 13.57 -50.15
N ARG G 225 30.09 12.50 -50.95
CA ARG G 225 29.05 11.47 -50.96
C ARG G 225 29.30 10.29 -49.98
N ALA G 226 30.51 10.24 -49.40
CA ALA G 226 31.01 9.10 -48.61
C ALA G 226 30.27 8.80 -47.30
N SER G 227 30.04 9.84 -46.52
CA SER G 227 29.47 9.67 -45.19
C SER G 227 27.96 9.71 -45.30
N ARG G 228 27.31 8.58 -45.04
CA ARG G 228 25.88 8.43 -45.31
C ARG G 228 25.11 7.85 -44.14
N PRO G 229 25.05 8.61 -43.03
CA PRO G 229 24.32 8.12 -41.85
C PRO G 229 22.86 7.77 -42.18
N PHE G 230 22.46 6.55 -41.81
CA PHE G 230 21.09 6.06 -41.93
C PHE G 230 20.68 5.66 -43.37
N ASP G 231 21.60 5.90 -44.30
CA ASP G 231 21.34 5.56 -45.69
C ASP G 231 21.61 4.08 -45.88
N LYS G 232 20.93 3.44 -46.83
CA LYS G 232 21.09 1.99 -46.99
C LYS G 232 22.47 1.65 -47.50
N ASP G 233 23.07 2.57 -48.25
CA ASP G 233 24.39 2.33 -48.83
C ASP G 233 25.59 2.86 -48.02
N ARG G 234 25.40 3.06 -46.71
CA ARG G 234 26.50 3.52 -45.84
C ARG G 234 27.57 2.46 -45.69
N ASP G 235 28.84 2.89 -45.67
CA ASP G 235 29.96 1.98 -45.50
C ASP G 235 30.98 2.41 -44.43
N GLY G 236 30.50 3.14 -43.41
CA GLY G 236 31.37 3.51 -42.31
C GLY G 236 31.62 5.01 -42.23
N PHE G 237 32.39 5.41 -41.23
CA PHE G 237 32.60 6.84 -41.00
C PHE G 237 33.73 7.53 -41.80
N VAL G 238 33.65 8.85 -41.81
CA VAL G 238 34.64 9.69 -42.45
C VAL G 238 35.15 10.63 -41.35
N PHE G 239 36.47 10.80 -41.26
CA PHE G 239 37.10 11.79 -40.38
C PHE G 239 36.78 13.20 -40.86
N GLY G 240 36.28 14.02 -39.95
CA GLY G 240 36.09 15.45 -40.20
C GLY G 240 36.58 16.22 -39.00
N GLU G 241 37.72 16.91 -39.15
CA GLU G 241 38.36 17.70 -38.09
C GLU G 241 37.44 18.74 -37.44
N ALA G 242 37.51 18.82 -36.10
CA ALA G 242 36.77 19.82 -35.34
C ALA G 242 37.24 19.99 -33.88
N GLY G 243 36.79 21.09 -33.30
CA GLY G 243 36.87 21.33 -31.86
C GLY G 243 35.79 22.34 -31.51
N ALA G 244 35.14 22.19 -30.35
CA ALA G 244 34.05 23.06 -29.94
C ALA G 244 33.96 23.26 -28.43
N LEU G 245 33.68 24.50 -28.02
CA LEU G 245 33.36 24.84 -26.63
C LEU G 245 32.06 25.62 -26.57
N MET G 246 31.36 25.53 -25.46
CA MET G 246 30.22 26.38 -25.24
C MET G 246 30.36 26.97 -23.85
N LEU G 247 29.77 28.13 -23.62
CA LEU G 247 29.75 28.69 -22.28
C LEU G 247 28.36 28.35 -21.71
N ILE G 248 28.33 27.80 -20.50
CA ILE G 248 27.06 27.59 -19.80
C ILE G 248 27.13 28.19 -18.39
N GLU G 249 25.98 28.63 -17.89
CA GLU G 249 25.91 29.31 -16.61
C GLU G 249 24.48 29.31 -16.14
N THR G 250 24.27 29.51 -14.85
CA THR G 250 22.92 29.53 -14.34
C THR G 250 22.21 30.71 -15.01
N GLU G 251 20.90 30.59 -15.21
CA GLU G 251 20.09 31.70 -15.70
C GLU G 251 20.28 32.98 -14.84
N GLU G 252 20.16 32.85 -13.52
CA GLU G 252 20.50 33.94 -12.59
C GLU G 252 21.83 34.64 -12.95
N HIS G 253 22.89 33.86 -13.13
CA HIS G 253 24.21 34.38 -13.53
C HIS G 253 24.18 35.15 -14.85
N ALA G 254 23.51 34.60 -15.87
CA ALA G 254 23.48 35.21 -17.20
C ALA G 254 22.66 36.51 -17.20
N LYS G 255 21.59 36.52 -16.43
CA LYS G 255 20.75 37.69 -16.20
C LYS G 255 21.56 38.84 -15.60
N ALA G 256 22.12 38.59 -14.41
CA ALA G 256 22.89 39.56 -13.64
C ALA G 256 24.05 40.20 -14.39
N ARG G 257 24.40 39.65 -15.56
CA ARG G 257 25.45 40.21 -16.39
C ARG G 257 24.96 40.56 -17.81
N GLY G 258 23.66 40.38 -18.03
CA GLY G 258 23.02 40.80 -19.26
C GLY G 258 23.25 39.90 -20.47
N ALA G 259 23.67 38.67 -20.23
CA ALA G 259 23.88 37.70 -21.31
C ALA G 259 22.57 37.18 -21.88
N LYS G 260 22.42 37.33 -23.19
CA LYS G 260 21.32 36.75 -23.94
C LYS G 260 21.62 35.26 -24.20
N PRO G 261 20.80 34.36 -23.63
CA PRO G 261 20.97 32.91 -23.79
C PRO G 261 20.60 32.39 -25.17
N LEU G 262 21.36 31.42 -25.68
CA LEU G 262 21.07 30.79 -26.96
C LEU G 262 20.13 29.59 -26.83
N ALA G 263 20.10 28.98 -25.63
CA ALA G 263 19.30 27.78 -25.37
C ALA G 263 19.37 27.44 -23.90
N ARG G 264 18.60 26.43 -23.50
CA ARG G 264 18.68 25.88 -22.14
C ARG G 264 19.30 24.49 -22.17
N LEU G 265 20.13 24.21 -21.18
CA LEU G 265 20.68 22.87 -20.99
C LEU G 265 19.96 22.29 -19.81
N LEU G 266 19.11 21.29 -20.05
CA LEU G 266 18.07 20.90 -19.10
C LEU G 266 18.38 19.63 -18.33
N GLY G 267 19.25 18.79 -18.88
CA GLY G 267 19.55 17.51 -18.27
C GLY G 267 20.56 16.73 -19.08
N ALA G 268 21.05 15.65 -18.48
CA ALA G 268 22.04 14.77 -19.09
C ALA G 268 21.92 13.36 -18.52
N GLY G 269 21.97 12.34 -19.39
CA GLY G 269 22.05 10.95 -18.97
C GLY G 269 23.30 10.27 -19.47
N ILE G 270 23.92 9.45 -18.62
CA ILE G 270 25.13 8.70 -18.97
C ILE G 270 24.91 7.24 -18.58
N THR G 271 25.04 6.31 -19.53
CA THR G 271 24.93 4.86 -19.26
C THR G 271 26.05 4.10 -19.97
N SER G 272 26.04 2.78 -19.82
CA SER G 272 27.02 1.91 -20.46
C SER G 272 26.35 0.61 -20.93
N ASP G 273 26.90 0.00 -21.97
CA ASP G 273 26.26 -1.15 -22.60
C ASP G 273 26.63 -2.44 -21.90
N ALA G 274 27.85 -2.48 -21.37
CA ALA G 274 28.54 -3.75 -21.04
C ALA G 274 28.26 -4.86 -22.07
N PHE G 275 28.62 -4.61 -23.33
CA PHE G 275 28.35 -5.60 -24.37
C PHE G 275 29.61 -5.96 -25.15
N HIS G 276 30.21 -4.96 -25.80
CA HIS G 276 31.39 -5.18 -26.60
C HIS G 276 32.17 -3.88 -26.54
N MET G 277 33.48 -3.99 -26.69
CA MET G 277 34.41 -2.86 -26.61
C MET G 277 34.27 -1.86 -27.76
N VAL G 278 33.92 -2.37 -28.95
CA VAL G 278 33.90 -1.52 -30.14
C VAL G 278 32.65 -1.69 -30.99
N ALA G 279 31.69 -2.47 -30.52
CA ALA G 279 30.38 -2.55 -31.14
C ALA G 279 29.28 -2.18 -30.13
N PRO G 280 28.29 -1.37 -30.57
CA PRO G 280 27.18 -1.04 -29.66
C PRO G 280 26.22 -2.21 -29.48
N ALA G 281 25.55 -2.27 -28.33
CA ALA G 281 24.49 -3.25 -28.18
C ALA G 281 23.45 -3.03 -29.30
N ALA G 282 23.14 -4.09 -30.04
CA ALA G 282 22.16 -4.06 -31.13
C ALA G 282 20.77 -3.56 -30.73
N ASP G 283 20.38 -3.86 -29.47
CA ASP G 283 19.06 -3.55 -28.95
C ASP G 283 18.85 -2.09 -28.51
N GLY G 284 19.96 -1.36 -28.33
CA GLY G 284 19.93 0.07 -28.08
C GLY G 284 19.19 0.42 -26.80
N VAL G 285 19.12 -0.55 -25.90
CA VAL G 285 18.35 -0.37 -24.65
C VAL G 285 19.04 0.57 -23.63
N ARG G 286 20.31 0.32 -23.31
CA ARG G 286 21.09 1.20 -22.41
C ARG G 286 21.30 2.56 -23.04
N ALA G 287 21.55 2.59 -24.34
CA ALA G 287 21.62 3.84 -25.11
C ALA G 287 20.33 4.63 -25.01
N GLY G 288 19.20 4.00 -25.34
CA GLY G 288 17.90 4.61 -25.12
C GLY G 288 17.70 5.10 -23.70
N ARG G 289 18.21 4.35 -22.72
CA ARG G 289 18.06 4.72 -21.32
C ARG G 289 18.86 5.98 -20.96
N ALA G 290 19.99 6.22 -21.62
CA ALA G 290 20.71 7.49 -21.44
C ALA G 290 19.81 8.66 -21.85
N MET G 291 19.12 8.52 -22.98
CA MET G 291 18.12 9.50 -23.44
C MET G 291 16.98 9.76 -22.42
N THR G 292 16.44 8.68 -21.85
CA THR G 292 15.39 8.76 -20.84
C THR G 292 15.87 9.44 -19.54
N ARG G 293 17.13 9.18 -19.18
CA ARG G 293 17.70 9.79 -17.97
C ARG G 293 17.82 11.31 -18.15
N SER G 294 18.21 11.76 -19.35
CA SER G 294 18.28 13.19 -19.60
C SER G 294 16.91 13.84 -19.51
N LEU G 295 15.89 13.13 -20.01
CA LEU G 295 14.48 13.55 -19.94
C LEU G 295 13.98 13.61 -18.49
N GLU G 296 14.20 12.54 -17.73
CA GLU G 296 13.87 12.52 -16.31
C GLU G 296 14.43 13.77 -15.61
N LEU G 297 15.74 13.95 -15.71
CA LEU G 297 16.41 15.05 -15.05
C LEU G 297 15.93 16.44 -15.56
N ALA G 298 15.50 16.50 -16.82
CA ALA G 298 14.98 17.75 -17.38
C ALA G 298 13.58 18.01 -16.87
N GLY G 299 12.85 16.91 -16.66
CA GLY G 299 11.44 16.95 -16.36
C GLY G 299 10.53 16.83 -17.58
N LEU G 300 11.00 16.15 -18.63
CA LEU G 300 10.24 16.06 -19.87
C LEU G 300 9.70 14.65 -20.14
N SER G 301 8.72 14.55 -21.03
CA SER G 301 8.23 13.25 -21.46
C SER G 301 8.86 13.03 -22.82
N PRO G 302 8.89 11.77 -23.30
CA PRO G 302 9.32 11.50 -24.68
C PRO G 302 8.55 12.31 -25.74
N ALA G 303 7.29 12.61 -25.48
CA ALA G 303 6.43 13.33 -26.45
C ALA G 303 6.86 14.79 -26.63
N ASP G 304 7.51 15.34 -25.61
CA ASP G 304 8.01 16.72 -25.62
C ASP G 304 9.18 16.92 -26.59
N ILE G 305 9.83 15.82 -26.99
CA ILE G 305 11.05 15.89 -27.82
C ILE G 305 10.78 16.04 -29.33
N ASP G 306 11.06 17.23 -29.84
CA ASP G 306 10.84 17.59 -31.24
C ASP G 306 12.02 17.23 -32.13
N HIS G 307 13.22 17.16 -31.55
CA HIS G 307 14.43 16.96 -32.34
C HIS G 307 15.43 16.06 -31.61
N VAL G 308 16.02 15.11 -32.35
CA VAL G 308 17.20 14.33 -31.94
C VAL G 308 18.40 14.59 -32.86
N ASN G 309 19.49 15.10 -32.28
CA ASN G 309 20.76 15.18 -33.01
C ASN G 309 21.48 13.85 -32.85
N ALA G 310 21.43 13.01 -33.88
CA ALA G 310 21.92 11.63 -33.80
C ALA G 310 23.42 11.56 -33.87
N HIS G 311 24.03 10.67 -33.08
CA HIS G 311 25.46 10.43 -33.18
C HIS G 311 25.80 9.95 -34.61
N GLY G 312 24.90 9.13 -35.17
CA GLY G 312 24.91 8.77 -36.59
C GLY G 312 26.23 8.78 -37.34
N THR G 313 27.06 7.77 -37.09
CA THR G 313 28.40 7.61 -37.65
C THR G 313 28.46 7.18 -39.13
N ALA G 314 27.42 6.49 -39.58
CA ALA G 314 27.32 5.90 -40.92
C ALA G 314 27.94 4.50 -40.99
N THR G 315 28.18 3.89 -39.82
CA THR G 315 28.52 2.48 -39.79
C THR G 315 27.20 1.71 -39.89
N PRO G 316 27.20 0.59 -40.62
CA PRO G 316 26.03 -0.29 -40.73
C PRO G 316 25.46 -0.68 -39.34
N ILE G 317 26.25 -1.28 -38.46
CA ILE G 317 25.78 -1.63 -37.11
C ILE G 317 25.49 -0.43 -36.18
N GLY G 318 26.31 0.62 -36.29
CA GLY G 318 26.19 1.77 -35.41
C GLY G 318 24.86 2.50 -35.58
N ASP G 319 24.52 2.81 -36.82
CA ASP G 319 23.26 3.49 -37.15
C ASP G 319 22.01 2.67 -36.75
N ALA G 320 22.07 1.37 -36.98
CA ALA G 320 21.00 0.45 -36.63
C ALA G 320 20.69 0.43 -35.12
N ALA G 321 21.74 0.31 -34.30
CA ALA G 321 21.59 0.36 -32.85
C ALA G 321 20.98 1.68 -32.34
N GLU G 322 21.46 2.82 -32.87
CA GLU G 322 20.94 4.11 -32.43
C GLU G 322 19.48 4.33 -32.80
N ALA G 323 19.04 3.78 -33.94
CA ALA G 323 17.63 3.85 -34.33
C ALA G 323 16.77 3.10 -33.31
N ASN G 324 17.21 1.89 -32.98
CA ASN G 324 16.59 1.12 -31.91
C ASN G 324 16.60 1.86 -30.57
N ALA G 325 17.69 2.57 -30.29
CA ALA G 325 17.81 3.35 -29.05
C ALA G 325 16.81 4.51 -29.01
N ILE G 326 16.63 5.16 -30.15
CA ILE G 326 15.61 6.21 -30.28
C ILE G 326 14.16 5.70 -30.07
N ARG G 327 13.85 4.53 -30.63
CA ARG G 327 12.59 3.82 -30.37
C ARG G 327 12.42 3.46 -28.90
N VAL G 328 13.43 2.82 -28.30
CA VAL G 328 13.44 2.53 -26.85
C VAL G 328 13.10 3.76 -26.00
N ALA G 329 13.68 4.92 -26.32
CA ALA G 329 13.44 6.13 -25.54
C ALA G 329 12.11 6.85 -25.84
N GLY G 330 11.30 6.28 -26.73
CA GLY G 330 10.00 6.84 -27.09
C GLY G 330 10.11 8.07 -27.95
N CYS G 331 11.25 8.22 -28.63
CA CYS G 331 11.53 9.47 -29.34
C CYS G 331 11.51 9.36 -30.86
N ASP G 332 11.01 8.24 -31.38
CA ASP G 332 11.13 7.99 -32.83
C ASP G 332 10.18 8.82 -33.68
N GLN G 333 9.36 9.67 -33.05
CA GLN G 333 8.56 10.67 -33.78
C GLN G 333 9.35 11.99 -34.01
N ALA G 334 10.47 12.14 -33.31
CA ALA G 334 11.35 13.30 -33.52
C ALA G 334 11.97 13.40 -34.94
N ALA G 335 12.24 14.62 -35.39
CA ALA G 335 12.96 14.82 -36.64
C ALA G 335 14.42 14.59 -36.29
N VAL G 336 15.10 13.77 -37.10
CA VAL G 336 16.47 13.37 -36.79
C VAL G 336 17.44 14.03 -37.76
N TYR G 337 18.51 14.61 -37.22
CA TYR G 337 19.62 15.13 -38.01
C TYR G 337 20.87 14.33 -37.67
N ALA G 338 21.67 14.01 -38.69
CA ALA G 338 22.99 13.36 -38.56
C ALA G 338 24.09 14.23 -39.16
N PRO G 339 24.67 15.15 -38.35
CA PRO G 339 25.62 16.17 -38.84
C PRO G 339 26.91 15.59 -39.39
N LYS G 340 27.29 14.38 -38.95
CA LYS G 340 28.46 13.71 -39.50
C LYS G 340 28.38 13.50 -41.03
N SER G 341 27.18 13.61 -41.59
CA SER G 341 26.97 13.48 -43.05
C SER G 341 27.71 14.58 -43.82
N ALA G 342 27.91 15.71 -43.14
CA ALA G 342 28.50 16.93 -43.69
C ALA G 342 29.83 17.28 -43.02
N LEU G 343 29.87 17.08 -41.71
CA LEU G 343 31.03 17.50 -40.93
C LEU G 343 32.05 16.38 -40.71
N GLY G 344 31.64 15.12 -40.90
CA GLY G 344 32.48 14.00 -40.49
C GLY G 344 32.56 13.77 -38.98
N HIS G 345 33.38 12.78 -38.63
CA HIS G 345 33.64 12.36 -37.25
C HIS G 345 34.93 13.01 -36.67
N SER G 346 34.79 13.80 -35.61
CA SER G 346 35.95 14.40 -34.94
C SER G 346 36.22 13.80 -33.55
N ILE G 347 35.76 12.56 -33.35
CA ILE G 347 36.11 11.76 -32.18
C ILE G 347 35.79 12.44 -30.83
N GLY G 348 36.82 12.76 -30.06
CA GLY G 348 36.64 13.41 -28.77
C GLY G 348 35.93 14.77 -28.80
N ALA G 349 36.06 15.49 -29.91
CA ALA G 349 35.36 16.79 -30.07
C ALA G 349 33.91 16.69 -30.54
N VAL G 350 33.56 15.59 -31.20
CA VAL G 350 32.34 15.57 -32.02
C VAL G 350 31.05 15.75 -31.24
N GLY G 351 30.97 15.23 -30.02
CA GLY G 351 29.78 15.44 -29.21
C GLY G 351 29.55 16.88 -28.78
N ALA G 352 30.63 17.65 -28.62
CA ALA G 352 30.53 19.06 -28.27
C ALA G 352 30.13 19.89 -29.50
N LEU G 353 30.74 19.58 -30.63
CA LEU G 353 30.31 20.15 -31.90
C LEU G 353 28.79 19.95 -32.06
N GLU G 354 28.34 18.69 -32.08
CA GLU G 354 26.92 18.40 -32.26
C GLU G 354 26.00 18.98 -31.17
N SER G 355 26.49 19.14 -29.95
CA SER G 355 25.74 19.89 -28.92
C SER G 355 25.56 21.37 -29.31
N VAL G 356 26.62 21.96 -29.87
CA VAL G 356 26.55 23.33 -30.38
C VAL G 356 25.47 23.42 -31.48
N LEU G 357 25.56 22.55 -32.50
CA LEU G 357 24.54 22.49 -33.56
C LEU G 357 23.11 22.27 -33.02
N THR G 358 22.94 21.39 -32.03
CA THR G 358 21.66 21.21 -31.33
C THR G 358 21.14 22.53 -30.75
N VAL G 359 22.06 23.30 -30.16
CA VAL G 359 21.73 24.62 -29.64
C VAL G 359 21.22 25.55 -30.76
N LEU G 360 21.97 25.63 -31.85
CA LEU G 360 21.63 26.48 -32.99
C LEU G 360 20.31 26.11 -33.67
N THR G 361 19.95 24.83 -33.66
CA THR G 361 18.63 24.39 -34.12
C THR G 361 17.53 25.02 -33.26
N LEU G 362 17.72 24.97 -31.94
CA LEU G 362 16.72 25.46 -31.01
C LEU G 362 16.58 26.99 -31.10
N ARG G 363 17.72 27.69 -31.22
CA ARG G 363 17.75 29.15 -31.36
C ARG G 363 17.02 29.59 -32.63
N ASP G 364 17.33 28.93 -33.73
CA ASP G 364 16.93 29.32 -35.09
C ASP G 364 15.75 28.55 -35.70
N GLY G 365 15.18 27.60 -34.95
CA GLY G 365 14.04 26.85 -35.43
C GLY G 365 14.24 26.21 -36.79
N VAL G 366 15.39 25.58 -36.98
CA VAL G 366 15.71 24.92 -38.24
C VAL G 366 16.68 23.74 -38.02
N ILE G 367 16.49 22.68 -38.80
CA ILE G 367 17.39 21.54 -38.81
C ILE G 367 18.04 21.43 -40.21
N PRO G 368 19.38 21.47 -40.29
CA PRO G 368 19.99 21.30 -41.61
C PRO G 368 19.60 19.94 -42.22
N PRO G 369 19.77 19.78 -43.54
CA PRO G 369 19.51 18.46 -44.13
C PRO G 369 20.66 17.48 -43.89
N THR G 370 20.32 16.24 -43.55
CA THR G 370 21.29 15.14 -43.52
C THR G 370 21.73 14.83 -44.96
N LEU G 371 22.99 15.10 -45.28
CA LEU G 371 23.48 14.85 -46.62
C LEU G 371 23.50 13.37 -46.98
N ASN G 372 23.45 13.08 -48.28
CA ASN G 372 23.63 11.72 -48.79
C ASN G 372 22.54 10.72 -48.36
N TYR G 373 21.42 11.22 -47.86
CA TYR G 373 20.30 10.35 -47.49
C TYR G 373 19.37 10.15 -48.69
N GLU G 374 19.58 9.03 -49.38
CA GLU G 374 19.00 8.80 -50.70
C GLU G 374 18.14 7.52 -50.79
N THR G 375 18.50 6.53 -49.97
CA THR G 375 17.81 5.25 -49.93
C THR G 375 17.55 4.88 -48.48
N PRO G 376 16.32 5.14 -48.02
CA PRO G 376 15.97 4.73 -46.66
C PRO G 376 16.26 3.25 -46.38
N ASP G 377 16.56 2.98 -45.13
CA ASP G 377 16.90 1.64 -44.69
C ASP G 377 15.72 1.21 -43.83
N PRO G 378 15.08 0.08 -44.17
CA PRO G 378 13.89 -0.46 -43.49
C PRO G 378 14.09 -0.76 -42.00
N GLU G 379 15.32 -1.05 -41.61
CA GLU G 379 15.57 -1.36 -40.21
C GLU G 379 15.89 -0.11 -39.38
N ILE G 380 16.03 1.04 -40.05
CA ILE G 380 16.18 2.32 -39.36
C ILE G 380 14.81 2.93 -39.04
N ASP G 381 13.99 3.14 -40.07
CA ASP G 381 12.63 3.66 -39.88
C ASP G 381 12.59 4.88 -38.93
N LEU G 382 13.27 5.95 -39.31
CA LEU G 382 13.31 7.22 -38.56
C LEU G 382 13.03 8.39 -39.49
N ASP G 383 12.50 9.48 -38.95
CA ASP G 383 12.25 10.70 -39.71
C ASP G 383 13.52 11.50 -39.87
N VAL G 384 14.35 11.09 -40.84
CA VAL G 384 15.63 11.75 -41.11
C VAL G 384 15.37 12.97 -41.99
N VAL G 385 15.76 14.16 -41.51
CA VAL G 385 15.63 15.40 -42.27
C VAL G 385 16.60 15.35 -43.44
N ALA G 386 16.10 15.62 -44.64
CA ALA G 386 16.94 15.48 -45.83
C ALA G 386 16.43 16.36 -46.99
N GLY G 387 17.28 16.58 -47.99
CA GLY G 387 16.93 17.36 -49.17
C GLY G 387 17.02 18.86 -48.95
N GLU G 388 16.50 19.31 -47.82
CA GLU G 388 16.43 20.74 -47.51
C GLU G 388 16.31 20.93 -46.00
N PRO G 389 16.61 22.14 -45.53
CA PRO G 389 16.41 22.35 -44.09
C PRO G 389 14.93 22.24 -43.73
N ARG G 390 14.65 21.64 -42.58
CA ARG G 390 13.31 21.63 -42.02
C ARG G 390 13.10 22.73 -40.95
N TYR G 391 12.31 23.74 -41.26
CA TYR G 391 12.00 24.76 -40.28
C TYR G 391 10.87 24.24 -39.39
N GLY G 392 10.87 24.66 -38.12
CA GLY G 392 9.87 24.27 -37.15
C GLY G 392 9.95 25.07 -35.85
N ASP G 393 8.91 24.93 -35.02
CA ASP G 393 8.85 25.55 -33.68
C ASP G 393 9.39 24.54 -32.66
N TYR G 394 10.66 24.17 -32.84
CA TYR G 394 11.30 23.14 -32.02
C TYR G 394 11.51 23.66 -30.61
N ARG G 395 11.04 22.90 -29.63
CA ARG G 395 11.03 23.37 -28.25
C ARG G 395 12.06 22.65 -27.43
N TYR G 396 12.22 21.34 -27.64
CA TYR G 396 13.16 20.54 -26.86
C TYR G 396 13.85 19.54 -27.78
N ALA G 397 15.15 19.36 -27.59
CA ALA G 397 15.93 18.46 -28.44
C ALA G 397 16.88 17.60 -27.58
N VAL G 398 17.26 16.44 -28.09
CA VAL G 398 18.24 15.55 -27.44
C VAL G 398 19.43 15.37 -28.38
N ASN G 399 20.64 15.62 -27.87
CA ASN G 399 21.87 15.26 -28.59
C ASN G 399 22.41 13.96 -28.04
N ASN G 400 22.62 12.97 -28.91
CA ASN G 400 23.17 11.67 -28.54
C ASN G 400 24.63 11.63 -28.91
N SER G 401 25.45 11.03 -28.05
CA SER G 401 26.82 10.64 -28.36
C SER G 401 27.14 9.25 -27.76
N PHE G 402 27.89 8.43 -28.50
CA PHE G 402 28.34 7.10 -28.04
C PHE G 402 29.83 6.96 -28.30
N GLY G 403 30.48 6.06 -27.57
CA GLY G 403 31.91 5.89 -27.76
C GLY G 403 32.31 4.46 -27.48
N PHE G 404 33.36 4.01 -28.17
CA PHE G 404 33.99 2.72 -27.96
C PHE G 404 34.20 2.56 -26.47
N GLY G 405 34.02 1.36 -25.94
CA GLY G 405 34.03 1.17 -24.51
C GLY G 405 32.61 0.88 -24.03
N GLY G 406 31.61 1.27 -24.84
CA GLY G 406 30.20 1.06 -24.49
C GLY G 406 29.52 2.27 -23.88
N HIS G 407 30.08 3.47 -24.10
CA HIS G 407 29.60 4.68 -23.42
C HIS G 407 28.46 5.34 -24.16
N ASN G 408 27.42 5.71 -23.41
CA ASN G 408 26.22 6.37 -23.93
C ASN G 408 25.97 7.70 -23.23
N VAL G 409 25.94 8.80 -23.98
CA VAL G 409 25.67 10.12 -23.39
C VAL G 409 24.57 10.85 -24.16
N ALA G 410 23.53 11.27 -23.45
CA ALA G 410 22.43 12.01 -24.05
C ALA G 410 22.28 13.31 -23.30
N LEU G 411 22.16 14.42 -24.04
CA LEU G 411 21.94 15.73 -23.42
C LEU G 411 20.60 16.28 -23.89
N ALA G 412 19.77 16.70 -22.93
CA ALA G 412 18.50 17.33 -23.24
C ALA G 412 18.63 18.87 -23.22
N PHE G 413 18.36 19.50 -24.36
CA PHE G 413 18.38 20.96 -24.49
C PHE G 413 16.97 21.49 -24.76
N GLY G 414 16.74 22.76 -24.46
CA GLY G 414 15.45 23.39 -24.71
C GLY G 414 15.56 24.81 -25.25
N ARG G 415 14.55 25.23 -26.02
CA ARG G 415 14.51 26.60 -26.56
C ARG G 415 14.42 27.59 -25.42
N TYR G 416 15.18 28.69 -25.52
CA TYR G 416 15.07 29.71 -24.50
C TYR G 416 13.99 30.73 -24.87
N SER H 2 18.17 25.68 2.28
CA SER H 2 19.26 24.88 2.83
C SER H 2 20.03 24.11 1.74
N GLN H 3 21.13 23.47 2.14
CA GLN H 3 21.87 22.62 1.20
C GLN H 3 22.02 21.20 1.73
N PRO H 4 21.79 20.21 0.85
CA PRO H 4 21.88 18.80 1.24
C PRO H 4 23.30 18.40 1.65
N SER H 5 23.38 17.55 2.67
CA SER H 5 24.62 16.88 3.03
C SER H 5 24.34 15.47 3.52
N THR H 6 25.36 14.61 3.53
CA THR H 6 25.27 13.25 4.09
C THR H 6 24.78 13.26 5.56
N ALA H 7 25.24 14.25 6.30
CA ALA H 7 24.82 14.45 7.70
C ALA H 7 23.31 14.70 7.85
N ASN H 8 22.75 15.60 7.04
CA ASN H 8 21.33 15.98 7.14
C ASN H 8 20.40 15.11 6.29
N GLY H 9 20.92 14.00 5.77
CA GLY H 9 20.14 13.10 4.94
C GLY H 9 19.80 13.60 3.54
N GLY H 10 20.33 14.77 3.16
CA GLY H 10 20.16 15.31 1.82
C GLY H 10 20.78 14.42 0.75
N PHE H 11 21.81 13.65 1.12
CA PHE H 11 22.39 12.65 0.23
C PHE H 11 22.24 11.25 0.84
N PRO H 12 22.01 10.21 0.01
CA PRO H 12 21.99 8.85 0.56
C PRO H 12 23.31 8.51 1.23
N SER H 13 23.23 7.62 2.21
CA SER H 13 24.41 7.05 2.86
C SER H 13 25.17 6.10 1.90
N VAL H 14 26.49 6.30 1.79
CA VAL H 14 27.36 5.56 0.86
C VAL H 14 28.47 4.94 1.70
N VAL H 15 28.60 3.61 1.61
CA VAL H 15 29.59 2.86 2.38
C VAL H 15 30.58 2.19 1.46
N VAL H 16 31.80 1.97 1.95
CA VAL H 16 32.82 1.23 1.24
C VAL H 16 32.72 -0.25 1.65
N THR H 17 32.44 -1.14 0.71
CA THR H 17 32.16 -2.54 1.09
C THR H 17 33.30 -3.54 0.82
N ALA H 18 34.29 -3.13 0.03
CA ALA H 18 35.38 -4.01 -0.34
C ALA H 18 36.54 -3.22 -0.93
N VAL H 19 37.75 -3.69 -0.70
CA VAL H 19 38.92 -3.00 -1.20
C VAL H 19 39.90 -3.98 -1.85
N THR H 20 40.57 -3.52 -2.90
CA THR H 20 41.64 -4.31 -3.53
C THR H 20 42.78 -3.37 -3.95
N ALA H 21 44.02 -3.83 -3.84
CA ALA H 21 45.18 -3.01 -4.27
C ALA H 21 46.41 -3.90 -4.50
N THR H 22 47.16 -3.64 -5.58
CA THR H 22 48.46 -4.30 -5.77
C THR H 22 49.55 -3.26 -5.63
N THR H 23 50.66 -3.62 -5.01
CA THR H 23 51.54 -2.64 -4.41
C THR H 23 53.02 -3.05 -4.50
N SER H 24 53.93 -2.11 -4.26
CA SER H 24 55.36 -2.45 -4.16
C SER H 24 55.70 -3.34 -2.95
N ILE H 25 54.79 -3.38 -1.98
CA ILE H 25 54.95 -4.21 -0.78
C ILE H 25 54.36 -5.61 -0.98
N SER H 26 53.17 -5.67 -1.56
CA SER H 26 52.39 -6.91 -1.61
C SER H 26 51.26 -6.77 -2.61
N PRO H 27 50.84 -7.89 -3.23
CA PRO H 27 49.62 -7.95 -4.04
C PRO H 27 48.37 -8.07 -3.21
N ASP H 28 48.52 -8.20 -1.90
CA ASP H 28 47.39 -8.26 -0.96
C ASP H 28 47.31 -6.95 -0.14
N ILE H 29 46.21 -6.21 -0.31
CA ILE H 29 46.00 -4.96 0.44
C ILE H 29 46.17 -5.11 1.97
N GLU H 30 45.63 -6.18 2.56
CA GLU H 30 45.78 -6.42 4.01
C GLU H 30 47.23 -6.65 4.41
N SER H 31 48.00 -7.29 3.51
CA SER H 31 49.43 -7.53 3.72
C SER H 31 50.31 -6.30 3.51
N THR H 32 49.99 -5.52 2.49
CA THR H 32 50.54 -4.18 2.34
C THR H 32 50.26 -3.36 3.60
N TRP H 33 49.03 -3.43 4.09
CA TRP H 33 48.63 -2.74 5.31
C TRP H 33 49.44 -3.18 6.54
N LYS H 34 49.55 -4.49 6.78
CA LYS H 34 50.41 -4.97 7.88
C LYS H 34 51.84 -4.49 7.67
N GLY H 35 52.30 -4.54 6.42
CA GLY H 35 53.65 -4.11 6.08
C GLY H 35 53.90 -2.65 6.40
N LEU H 36 52.94 -1.81 6.07
CA LEU H 36 53.06 -0.38 6.38
C LEU H 36 53.18 -0.12 7.87
N LEU H 37 52.33 -0.81 8.63
CA LEU H 37 52.30 -0.66 10.07
C LEU H 37 53.60 -1.17 10.72
N ALA H 38 54.19 -2.20 10.11
CA ALA H 38 55.52 -2.69 10.52
C ALA H 38 56.66 -1.71 10.17
N GLY H 39 56.39 -0.75 9.29
CA GLY H 39 57.41 0.20 8.88
C GLY H 39 58.22 -0.25 7.67
N GLU H 40 57.68 -1.17 6.87
CA GLU H 40 58.36 -1.62 5.66
C GLU H 40 58.26 -0.61 4.52
N SER H 41 59.27 -0.63 3.65
CA SER H 41 59.32 0.15 2.41
C SER H 41 59.12 -0.75 1.17
N GLY H 42 58.45 -0.24 0.14
CA GLY H 42 58.38 -0.92 -1.14
C GLY H 42 59.50 -0.50 -2.09
N ILE H 43 60.25 0.54 -1.72
CA ILE H 43 61.25 1.13 -2.62
C ILE H 43 62.61 0.43 -2.58
N HIS H 44 63.16 0.16 -3.76
CA HIS H 44 64.45 -0.50 -3.91
C HIS H 44 65.27 0.17 -5.00
N ALA H 45 66.47 -0.34 -5.24
CA ALA H 45 67.27 0.08 -6.38
C ALA H 45 66.68 -0.55 -7.66
N LEU H 46 66.62 0.22 -8.75
CA LEU H 46 66.21 -0.33 -10.03
C LEU H 46 67.31 -1.23 -10.61
N GLU H 47 66.91 -2.46 -10.94
CA GLU H 47 67.84 -3.47 -11.44
C GLU H 47 67.73 -3.53 -12.96
N ASP H 48 66.57 -3.17 -13.48
CA ASP H 48 66.33 -3.13 -14.92
C ASP H 48 67.55 -2.57 -15.62
N GLU H 49 68.07 -3.34 -16.57
CA GLU H 49 69.24 -2.91 -17.30
C GLU H 49 68.93 -1.75 -18.24
N PHE H 50 67.81 -1.09 -17.99
CA PHE H 50 67.54 0.17 -18.68
C PHE H 50 68.20 1.35 -17.95
N VAL H 51 68.70 1.10 -16.73
CA VAL H 51 69.36 2.14 -15.96
C VAL H 51 70.74 2.47 -16.52
N THR H 52 71.54 1.44 -16.79
CA THR H 52 72.80 1.62 -17.48
C THR H 52 72.55 1.96 -18.95
N LYS H 53 71.59 1.26 -19.56
CA LYS H 53 71.23 1.52 -20.96
C LYS H 53 70.95 3.00 -21.22
N TRP H 54 70.18 3.64 -20.34
CA TRP H 54 69.85 5.03 -20.56
C TRP H 54 70.59 5.99 -19.63
N ASP H 55 71.54 5.47 -18.88
CA ASP H 55 72.25 6.28 -17.87
C ASP H 55 71.25 7.25 -17.28
N LEU H 56 70.37 6.72 -16.43
CA LEU H 56 69.33 7.50 -15.78
C LEU H 56 69.84 8.11 -14.47
N ALA H 57 69.48 9.37 -14.26
CA ALA H 57 69.77 10.05 -13.00
C ALA H 57 69.09 9.39 -11.81
N VAL H 58 67.90 8.85 -12.05
CA VAL H 58 67.08 8.19 -11.04
C VAL H 58 67.26 6.69 -11.19
N LYS H 59 67.71 6.04 -10.11
CA LYS H 59 68.02 4.61 -10.12
C LYS H 59 67.28 3.88 -8.99
N ILE H 60 66.14 4.45 -8.57
CA ILE H 60 65.38 3.93 -7.43
C ILE H 60 63.89 3.89 -7.76
N GLY H 61 63.11 3.12 -7.00
CA GLY H 61 61.71 2.90 -7.32
C GLY H 61 61.17 1.59 -6.80
N GLY H 62 59.85 1.46 -6.80
CA GLY H 62 59.21 0.23 -6.35
C GLY H 62 58.36 -0.43 -7.41
N HIS H 63 58.87 -1.53 -7.97
CA HIS H 63 58.08 -2.36 -8.85
C HIS H 63 57.08 -3.04 -7.95
N LEU H 64 55.97 -3.51 -8.53
CA LEU H 64 54.98 -4.29 -7.81
C LEU H 64 55.64 -5.54 -7.24
N LYS H 65 55.39 -5.84 -5.96
CA LYS H 65 55.89 -7.09 -5.37
C LYS H 65 55.59 -8.24 -6.32
N ASP H 66 54.33 -8.35 -6.76
CA ASP H 66 53.91 -9.39 -7.72
C ASP H 66 53.44 -8.77 -9.06
N PRO H 67 54.22 -8.94 -10.15
CA PRO H 67 53.90 -8.35 -11.46
C PRO H 67 52.51 -8.74 -12.02
N VAL H 68 51.77 -7.78 -12.56
CA VAL H 68 50.44 -8.06 -13.11
C VAL H 68 50.50 -9.21 -14.09
N ASP H 69 51.55 -9.26 -14.92
CA ASP H 69 51.64 -10.23 -16.01
C ASP H 69 52.17 -11.60 -15.60
N SER H 70 52.51 -11.78 -14.32
CA SER H 70 52.76 -13.13 -13.81
C SER H 70 51.41 -13.80 -13.58
N HIS H 71 50.36 -12.98 -13.62
CA HIS H 71 48.97 -13.41 -13.48
C HIS H 71 48.26 -13.46 -14.83
N MET H 72 48.87 -12.89 -15.85
CA MET H 72 48.21 -12.75 -17.13
C MET H 72 48.56 -13.86 -18.15
N GLY H 73 47.54 -14.50 -18.69
CA GLY H 73 47.75 -15.42 -19.79
C GLY H 73 48.16 -14.61 -21.02
N ARG H 74 48.70 -15.30 -22.02
CA ARG H 74 49.16 -14.66 -23.25
C ARG H 74 48.01 -14.05 -24.06
N LEU H 75 46.79 -14.50 -23.80
CA LEU H 75 45.63 -13.99 -24.52
C LEU H 75 45.51 -12.52 -24.21
N ASP H 76 45.66 -12.20 -22.93
CA ASP H 76 45.50 -10.83 -22.49
C ASP H 76 46.63 -9.96 -22.99
N MET H 77 47.82 -10.54 -23.06
CA MET H 77 49.06 -9.84 -23.42
C MET H 77 49.05 -9.32 -24.85
N ARG H 78 48.15 -9.86 -25.65
CA ARG H 78 48.08 -9.53 -27.07
C ARG H 78 46.85 -8.69 -27.36
N ARG H 79 45.93 -8.61 -26.41
CA ARG H 79 44.62 -8.00 -26.64
C ARG H 79 44.30 -6.84 -25.69
N MET H 80 45.11 -6.67 -24.65
CA MET H 80 44.91 -5.57 -23.72
C MET H 80 46.20 -4.78 -23.52
N SER H 81 46.06 -3.50 -23.17
CA SER H 81 47.20 -2.71 -22.74
C SER H 81 47.49 -3.05 -21.28
N TYR H 82 48.65 -2.66 -20.79
CA TYR H 82 48.97 -2.91 -19.39
C TYR H 82 47.86 -2.47 -18.44
N VAL H 83 47.35 -1.24 -18.58
CA VAL H 83 46.38 -0.78 -17.57
C VAL H 83 45.09 -1.56 -17.62
N GLN H 84 44.69 -1.98 -18.81
CA GLN H 84 43.54 -2.85 -18.93
C GLN H 84 43.81 -4.17 -18.19
N ARG H 85 44.98 -4.76 -18.41
CA ARG H 85 45.33 -6.01 -17.72
C ARG H 85 45.32 -5.85 -16.20
N MET H 86 45.92 -4.77 -15.71
CA MET H 86 45.81 -4.43 -14.30
C MET H 86 44.35 -4.25 -13.87
N GLY H 87 43.56 -3.56 -14.67
CA GLY H 87 42.17 -3.28 -14.35
C GLY H 87 41.37 -4.57 -14.22
N LYS H 88 41.56 -5.47 -15.18
CA LYS H 88 40.92 -6.77 -15.17
C LYS H 88 41.30 -7.58 -13.93
N LEU H 89 42.57 -7.55 -13.56
CA LEU H 89 43.04 -8.30 -12.40
C LEU H 89 42.36 -7.81 -11.14
N LEU H 90 42.44 -6.50 -10.90
CA LEU H 90 41.94 -5.91 -9.66
C LEU H 90 40.43 -6.01 -9.59
N GLY H 91 39.79 -5.90 -10.75
CA GLY H 91 38.35 -5.91 -10.83
C GLY H 91 37.80 -7.25 -10.40
N GLY H 92 38.46 -8.32 -10.83
CA GLY H 92 38.06 -9.67 -10.45
C GLY H 92 38.36 -9.97 -8.99
N GLN H 93 39.53 -9.55 -8.53
CA GLN H 93 39.91 -9.72 -7.14
C GLN H 93 38.94 -9.00 -6.24
N LEU H 94 38.57 -7.77 -6.62
CA LEU H 94 37.62 -6.98 -5.85
C LEU H 94 36.24 -7.64 -5.76
N TRP H 95 35.71 -8.08 -6.89
CA TRP H 95 34.40 -8.71 -6.93
C TRP H 95 34.35 -9.94 -6.03
N GLU H 96 35.42 -10.75 -6.04
CA GLU H 96 35.45 -11.95 -5.20
C GLU H 96 35.46 -11.60 -3.71
N SER H 97 36.18 -10.52 -3.36
CA SER H 97 36.24 -10.02 -1.98
C SER H 97 34.90 -9.46 -1.51
N ALA H 98 34.10 -8.99 -2.48
CA ALA H 98 32.76 -8.47 -2.22
C ALA H 98 31.76 -9.61 -2.11
N GLY H 99 32.21 -10.83 -2.38
CA GLY H 99 31.39 -12.02 -2.27
C GLY H 99 30.67 -12.34 -3.57
N SER H 100 31.26 -11.85 -4.67
CA SER H 100 30.70 -12.02 -6.00
C SER H 100 29.23 -11.64 -6.07
N PRO H 101 28.89 -10.42 -5.62
CA PRO H 101 27.45 -10.09 -5.53
C PRO H 101 26.75 -10.14 -6.88
N GLU H 102 25.47 -10.48 -6.87
CA GLU H 102 24.65 -10.36 -8.06
C GLU H 102 23.92 -9.03 -7.92
N VAL H 103 24.39 -8.01 -8.63
CA VAL H 103 23.80 -6.70 -8.46
C VAL H 103 22.97 -6.46 -9.71
N ASP H 104 22.07 -5.49 -9.63
CA ASP H 104 21.37 -5.00 -10.81
C ASP H 104 22.37 -4.30 -11.73
N PRO H 105 22.53 -4.81 -12.96
CA PRO H 105 23.50 -4.21 -13.87
C PRO H 105 23.18 -2.74 -14.14
N ASP H 106 21.90 -2.40 -14.22
CA ASP H 106 21.49 -1.06 -14.65
C ASP H 106 21.58 0.00 -13.54
N ARG H 107 21.99 -0.44 -12.35
CA ARG H 107 22.27 0.45 -11.25
C ARG H 107 23.73 0.37 -10.85
N PHE H 108 24.54 -0.24 -11.71
CA PHE H 108 25.95 -0.56 -11.43
C PHE H 108 26.89 0.23 -12.36
N ALA H 109 27.68 1.13 -11.74
CA ALA H 109 28.59 2.01 -12.45
C ALA H 109 30.08 1.66 -12.19
N VAL H 110 30.95 2.03 -13.12
CA VAL H 110 32.40 1.95 -12.93
C VAL H 110 32.99 3.34 -13.16
N VAL H 111 33.82 3.82 -12.22
CA VAL H 111 34.61 5.04 -12.41
C VAL H 111 36.09 4.79 -12.07
N VAL H 112 36.95 4.81 -13.07
CA VAL H 112 38.34 4.44 -12.87
C VAL H 112 39.19 5.42 -13.62
N GLY H 113 40.09 6.11 -12.92
CA GLY H 113 40.98 7.09 -13.52
C GLY H 113 42.35 6.51 -13.84
N THR H 114 43.10 7.20 -14.69
CA THR H 114 44.47 6.82 -15.05
C THR H 114 45.23 8.03 -15.58
N GLY H 115 46.55 8.01 -15.50
CA GLY H 115 47.34 9.17 -15.92
C GLY H 115 47.43 9.36 -17.43
N LEU H 116 47.60 8.26 -18.15
CA LEU H 116 47.83 8.35 -19.59
C LEU H 116 46.97 7.39 -20.41
N GLY H 117 47.01 6.11 -20.04
CA GLY H 117 46.23 5.11 -20.75
C GLY H 117 47.17 4.08 -21.33
N GLY H 118 46.75 3.43 -22.41
CA GLY H 118 47.53 2.36 -23.04
C GLY H 118 48.60 2.84 -24.00
N ALA H 119 49.48 3.71 -23.48
CA ALA H 119 50.48 4.43 -24.28
C ALA H 119 51.59 3.57 -24.87
N GLU H 120 51.94 2.46 -24.23
CA GLU H 120 52.88 1.53 -24.85
C GLU H 120 52.35 1.00 -26.18
N ARG H 121 51.03 0.95 -26.34
CA ARG H 121 50.43 0.48 -27.60
C ARG H 121 50.51 1.53 -28.70
N ILE H 122 50.51 2.80 -28.30
CA ILE H 122 50.74 3.89 -29.23
C ILE H 122 52.12 3.75 -29.86
N VAL H 123 53.16 3.64 -29.04
CA VAL H 123 54.51 3.53 -29.59
C VAL H 123 54.72 2.22 -30.35
N GLU H 124 54.06 1.15 -29.91
CA GLU H 124 54.15 -0.12 -30.61
C GLU H 124 53.58 0.03 -32.01
N SER H 125 52.38 0.62 -32.07
CA SER H 125 51.65 0.85 -33.33
C SER H 125 52.42 1.76 -34.26
N TYR H 126 53.02 2.80 -33.67
CA TYR H 126 53.92 3.73 -34.36
C TYR H 126 55.06 3.02 -35.06
N ASP H 127 55.86 2.25 -34.31
CA ASP H 127 56.97 1.48 -34.86
C ASP H 127 56.51 0.47 -35.91
N LEU H 128 55.47 -0.30 -35.61
CA LEU H 128 54.91 -1.29 -36.56
C LEU H 128 54.52 -0.68 -37.90
N MET H 129 53.79 0.44 -37.87
CA MET H 129 53.46 1.16 -39.09
C MET H 129 54.68 1.75 -39.80
N ASN H 130 55.59 2.36 -39.04
CA ASN H 130 56.79 2.91 -39.66
C ASN H 130 57.59 1.86 -40.42
N ALA H 131 57.58 0.63 -39.94
CA ALA H 131 58.35 -0.46 -40.52
C ALA H 131 57.64 -1.24 -41.63
N GLY H 132 56.31 -1.35 -41.56
CA GLY H 132 55.57 -2.25 -42.45
C GLY H 132 54.25 -1.70 -42.96
N GLY H 133 53.99 -0.43 -42.68
CA GLY H 133 52.78 0.24 -43.18
C GLY H 133 51.56 -0.06 -42.35
N PRO H 134 50.40 0.45 -42.78
CA PRO H 134 49.21 0.54 -41.94
C PRO H 134 48.52 -0.78 -41.69
N ARG H 135 48.88 -1.82 -42.46
CA ARG H 135 48.23 -3.12 -42.28
C ARG H 135 48.94 -3.93 -41.20
N LYS H 136 49.98 -3.33 -40.60
CA LYS H 136 50.66 -3.86 -39.40
C LYS H 136 50.02 -3.33 -38.10
N VAL H 137 49.06 -2.44 -38.22
CA VAL H 137 48.39 -1.89 -37.05
C VAL H 137 47.26 -2.86 -36.76
N SER H 138 47.08 -3.25 -35.49
CA SER H 138 46.06 -4.23 -35.11
C SER H 138 44.67 -3.60 -35.10
N PRO H 139 43.65 -4.38 -35.48
CA PRO H 139 42.25 -3.95 -35.32
C PRO H 139 41.88 -3.65 -33.86
N LEU H 140 42.74 -4.01 -32.91
CA LEU H 140 42.47 -3.85 -31.49
C LEU H 140 43.26 -2.68 -30.92
N ALA H 141 44.05 -2.03 -31.76
CA ALA H 141 44.92 -0.96 -31.33
C ALA H 141 44.14 0.13 -30.65
N VAL H 142 43.00 0.50 -31.23
CA VAL H 142 42.26 1.66 -30.70
C VAL H 142 41.65 1.40 -29.31
N GLN H 143 40.99 0.25 -29.15
CA GLN H 143 40.40 -0.10 -27.86
C GLN H 143 41.45 -0.30 -26.76
N MET H 144 42.70 -0.50 -27.16
CA MET H 144 43.79 -0.71 -26.20
C MET H 144 44.43 0.60 -25.84
N ILE H 145 44.50 1.49 -26.83
CA ILE H 145 45.09 2.80 -26.61
C ILE H 145 44.15 3.75 -25.84
N MET H 146 42.88 3.81 -26.25
CA MET H 146 41.95 4.77 -25.66
C MET H 146 42.07 4.81 -24.14
N PRO H 147 42.27 6.02 -23.57
CA PRO H 147 42.43 6.22 -22.12
C PRO H 147 41.28 5.66 -21.26
N ASN H 148 40.08 5.58 -21.83
CA ASN H 148 38.98 4.91 -21.13
C ASN H 148 39.03 3.37 -21.24
N GLY H 149 40.06 2.83 -21.89
CA GLY H 149 40.14 1.39 -22.07
C GLY H 149 40.06 0.54 -20.80
N ALA H 150 40.77 0.92 -19.75
CA ALA H 150 40.75 0.18 -18.48
C ALA H 150 39.39 0.19 -17.78
N ALA H 151 38.78 1.35 -17.63
CA ALA H 151 37.45 1.39 -17.03
C ALA H 151 36.46 0.57 -17.86
N ALA H 152 36.58 0.65 -19.19
CA ALA H 152 35.69 -0.09 -20.08
C ALA H 152 35.88 -1.61 -19.96
N VAL H 153 37.11 -2.08 -19.85
CA VAL H 153 37.38 -3.49 -19.61
C VAL H 153 36.67 -3.93 -18.30
N ILE H 154 36.89 -3.19 -17.21
CA ILE H 154 36.18 -3.48 -15.95
C ILE H 154 34.64 -3.43 -16.02
N GLY H 155 34.06 -2.42 -16.66
CA GLY H 155 32.61 -2.41 -16.81
C GLY H 155 32.03 -3.58 -17.60
N LEU H 156 32.77 -4.03 -18.61
CA LEU H 156 32.38 -5.18 -19.40
C LEU H 156 32.60 -6.52 -18.63
N GLN H 157 33.67 -6.56 -17.83
CA GLN H 157 34.01 -7.74 -17.07
C GLN H 157 32.94 -8.04 -16.04
N LEU H 158 32.50 -6.99 -15.36
CA LEU H 158 31.62 -7.13 -14.19
C LEU H 158 30.16 -6.83 -14.55
N GLY H 159 29.95 -6.25 -15.73
CA GLY H 159 28.60 -6.05 -16.24
C GLY H 159 27.93 -4.75 -15.84
N ALA H 160 28.71 -3.69 -15.75
CA ALA H 160 28.22 -2.37 -15.32
C ALA H 160 27.46 -1.63 -16.43
N ARG H 161 26.19 -1.33 -16.20
CA ARG H 161 25.41 -0.64 -17.21
C ARG H 161 24.88 0.74 -16.83
N ALA H 162 25.30 1.22 -15.65
CA ALA H 162 24.92 2.55 -15.19
C ALA H 162 25.99 3.62 -15.43
N GLY H 163 26.90 3.39 -16.36
CA GLY H 163 27.93 4.39 -16.63
C GLY H 163 29.34 3.86 -16.40
N VAL H 164 30.23 4.14 -17.34
CA VAL H 164 31.64 3.76 -17.20
C VAL H 164 32.39 5.04 -17.51
N MET H 165 33.08 5.54 -16.50
CA MET H 165 33.68 6.86 -16.58
CA MET H 165 33.67 6.87 -16.57
C MET H 165 35.15 6.82 -16.22
N THR H 166 35.95 7.58 -16.96
CA THR H 166 37.38 7.76 -16.76
C THR H 166 37.71 9.26 -16.63
N PRO H 167 37.82 9.76 -15.38
CA PRO H 167 38.31 11.15 -15.22
C PRO H 167 39.85 11.18 -15.31
N VAL H 168 40.42 12.07 -16.11
CA VAL H 168 41.87 12.25 -16.09
C VAL H 168 42.27 13.59 -15.45
N SER H 169 43.03 13.48 -14.36
CA SER H 169 43.57 14.66 -13.70
C SER H 169 45.00 14.44 -13.20
N ALA H 170 45.78 13.74 -14.02
CA ALA H 170 47.17 13.43 -13.70
C ALA H 170 47.20 12.73 -12.37
N GLN H 171 47.95 13.28 -11.42
CA GLN H 171 48.22 12.56 -10.18
C GLN H 171 47.03 12.49 -9.21
N SER H 172 45.98 13.24 -9.49
CA SER H 172 44.73 13.15 -8.69
C SER H 172 43.63 12.23 -9.29
N SER H 173 43.92 11.57 -10.42
CA SER H 173 42.88 10.83 -11.17
C SER H 173 42.18 9.75 -10.33
N GLY H 174 42.94 9.12 -9.43
CA GLY H 174 42.49 7.96 -8.66
C GLY H 174 41.48 8.31 -7.60
N SER H 175 41.69 9.44 -6.93
CA SER H 175 40.71 10.04 -6.01
C SER H 175 39.54 10.68 -6.72
N GLU H 176 39.80 11.31 -7.88
CA GLU H 176 38.73 11.96 -8.61
C GLU H 176 37.73 10.94 -9.09
N ALA H 177 38.23 9.77 -9.50
CA ALA H 177 37.41 8.64 -9.89
C ALA H 177 36.45 8.26 -8.76
N ILE H 178 36.98 8.09 -7.55
CA ILE H 178 36.15 7.85 -6.38
C ILE H 178 35.15 8.99 -6.09
N ALA H 179 35.59 10.24 -6.24
CA ALA H 179 34.69 11.39 -6.07
C ALA H 179 33.50 11.32 -7.01
N HIS H 180 33.76 11.10 -8.29
CA HIS H 180 32.71 11.03 -9.29
C HIS H 180 31.79 9.82 -9.11
N ALA H 181 32.33 8.71 -8.62
CA ALA H 181 31.53 7.53 -8.31
C ALA H 181 30.54 7.85 -7.19
N TRP H 182 31.00 8.55 -6.16
CA TRP H 182 30.12 9.01 -5.09
C TRP H 182 29.02 9.94 -5.65
N ARG H 183 29.38 10.84 -6.56
CA ARG H 183 28.41 11.76 -7.17
C ARG H 183 27.35 10.99 -7.96
N GLN H 184 27.80 9.98 -8.70
CA GLN H 184 26.92 9.15 -9.51
C GLN H 184 25.90 8.44 -8.61
N ILE H 185 26.30 8.01 -7.43
CA ILE H 185 25.38 7.35 -6.51
C ILE H 185 24.41 8.34 -5.82
N VAL H 186 24.93 9.40 -5.23
CA VAL H 186 24.12 10.40 -4.52
C VAL H 186 23.10 11.13 -5.42
N MET H 187 23.43 11.30 -6.70
CA MET H 187 22.53 11.88 -7.66
C MET H 187 21.47 10.89 -8.21
N GLY H 188 21.60 9.61 -7.88
CA GLY H 188 20.59 8.63 -8.24
C GLY H 188 20.81 7.90 -9.55
N ASP H 189 22.02 7.97 -10.06
CA ASP H 189 22.35 7.31 -11.30
C ASP H 189 22.81 5.86 -11.06
N ALA H 190 23.35 5.60 -9.88
CA ALA H 190 23.77 4.26 -9.48
C ALA H 190 23.46 4.01 -8.01
N ASP H 191 23.50 2.74 -7.62
CA ASP H 191 23.41 2.39 -6.19
C ASP H 191 24.69 1.70 -5.76
N VAL H 192 25.47 1.25 -6.74
CA VAL H 192 26.71 0.54 -6.50
C VAL H 192 27.77 0.92 -7.55
N ALA H 193 29.02 1.10 -7.14
CA ALA H 193 30.06 1.46 -8.11
C ALA H 193 31.44 0.89 -7.80
N VAL H 194 32.10 0.36 -8.83
CA VAL H 194 33.53 0.07 -8.77
C VAL H 194 34.35 1.30 -9.19
N CYS H 195 35.29 1.72 -8.36
CA CYS H 195 35.99 2.97 -8.59
C CYS H 195 37.41 2.94 -8.05
N GLY H 196 38.29 3.68 -8.70
CA GLY H 196 39.69 3.74 -8.31
C GLY H 196 40.54 4.20 -9.46
N GLY H 197 41.76 3.70 -9.51
CA GLY H 197 42.73 4.15 -10.49
C GLY H 197 43.76 3.09 -10.74
N VAL H 198 44.26 3.05 -11.98
CA VAL H 198 45.27 2.12 -12.42
C VAL H 198 46.30 2.98 -13.11
N GLU H 199 47.49 2.42 -13.30
CA GLU H 199 48.65 3.12 -13.85
C GLU H 199 49.66 2.13 -14.41
N GLY H 200 50.49 2.55 -15.35
CA GLY H 200 51.54 1.71 -15.93
C GLY H 200 52.75 1.45 -15.04
N PRO H 201 53.63 0.53 -15.47
CA PRO H 201 54.83 0.23 -14.68
C PRO H 201 55.88 1.31 -14.81
N ILE H 202 56.90 1.27 -13.94
CA ILE H 202 58.09 2.09 -14.08
C ILE H 202 58.80 1.73 -15.40
N GLU H 203 59.04 2.74 -16.23
CA GLU H 203 59.76 2.56 -17.48
C GLU H 203 60.69 3.76 -17.70
N ALA H 204 61.65 3.61 -18.62
CA ALA H 204 62.70 4.60 -18.91
C ALA H 204 62.19 5.96 -19.35
N LEU H 205 61.23 5.95 -20.27
CA LEU H 205 60.72 7.21 -20.79
C LEU H 205 59.97 8.06 -19.73
N PRO H 206 59.07 7.45 -18.95
CA PRO H 206 58.46 8.23 -17.87
C PRO H 206 59.46 8.80 -16.86
N ILE H 207 60.50 8.06 -16.52
CA ILE H 207 61.54 8.57 -15.61
C ILE H 207 62.29 9.75 -16.25
N ALA H 208 62.60 9.62 -17.53
CA ALA H 208 63.32 10.66 -18.24
C ALA H 208 62.50 11.94 -18.25
N ALA H 209 61.23 11.82 -18.69
CA ALA H 209 60.28 12.94 -18.76
C ALA H 209 60.08 13.66 -17.42
N PHE H 210 59.81 12.91 -16.35
CA PHE H 210 59.67 13.53 -15.04
C PHE H 210 61.00 14.06 -14.45
N SER H 211 62.13 13.44 -14.74
CA SER H 211 63.36 13.95 -14.14
C SER H 211 63.86 15.21 -14.85
N MET H 212 63.43 15.41 -16.10
CA MET H 212 63.70 16.65 -16.82
C MET H 212 62.96 17.84 -16.21
N MET H 213 61.93 17.54 -15.42
CA MET H 213 61.20 18.55 -14.67
C MET H 213 61.88 18.74 -13.33
N ARG H 214 62.90 17.90 -13.08
CA ARG H 214 63.70 17.92 -11.84
C ARG H 214 62.80 17.78 -10.62
N ALA H 215 61.96 16.75 -10.67
CA ALA H 215 60.89 16.52 -9.69
C ALA H 215 61.13 15.29 -8.84
N MET H 216 62.09 14.47 -9.26
CA MET H 216 62.30 13.16 -8.66
C MET H 216 63.53 13.11 -7.75
N SER H 217 63.44 12.27 -6.71
CA SER H 217 64.57 12.01 -5.79
C SER H 217 65.73 11.25 -6.45
N THR H 218 66.96 11.71 -6.17
CA THR H 218 68.16 11.04 -6.66
C THR H 218 69.01 10.44 -5.53
N ARG H 219 68.37 10.15 -4.40
CA ARG H 219 69.05 9.47 -3.30
C ARG H 219 69.17 7.98 -3.64
N ASN H 220 69.97 7.68 -4.65
CA ASN H 220 70.15 6.32 -5.16
C ASN H 220 70.90 5.36 -4.22
N ASP H 221 71.68 5.90 -3.30
CA ASP H 221 72.48 5.08 -2.40
C ASP H 221 71.68 4.46 -1.23
N GLU H 222 70.60 5.12 -0.82
CA GLU H 222 69.73 4.61 0.23
C GLU H 222 68.25 4.63 -0.22
N PRO H 223 67.85 3.70 -1.09
CA PRO H 223 66.51 3.69 -1.73
C PRO H 223 65.31 3.84 -0.77
N GLU H 224 65.25 3.05 0.30
CA GLU H 224 64.25 3.22 1.35
C GLU H 224 64.27 4.59 2.07
N ARG H 225 65.36 5.34 1.94
CA ARG H 225 65.46 6.65 2.59
C ARG H 225 65.20 7.84 1.64
N ALA H 226 64.94 7.53 0.38
CA ALA H 226 64.74 8.54 -0.66
C ALA H 226 63.43 9.34 -0.55
N SER H 227 62.29 8.64 -0.43
CA SER H 227 61.00 9.33 -0.31
C SER H 227 60.74 9.92 1.08
N ARG H 228 60.91 11.24 1.21
CA ARG H 228 60.88 11.93 2.50
C ARG H 228 59.79 13.04 2.63
N PRO H 229 58.50 12.69 2.46
CA PRO H 229 57.48 13.74 2.54
C PRO H 229 57.53 14.54 3.84
N PHE H 230 57.41 15.87 3.74
CA PHE H 230 57.44 16.81 4.87
C PHE H 230 58.74 16.87 5.66
N ASP H 231 59.70 16.04 5.27
CA ASP H 231 61.05 16.05 5.85
C ASP H 231 61.90 17.21 5.27
N LYS H 232 62.80 17.76 6.09
CA LYS H 232 63.67 18.88 5.68
C LYS H 232 64.56 18.55 4.47
N ASP H 233 64.93 17.28 4.36
CA ASP H 233 65.94 16.80 3.42
C ASP H 233 65.34 16.06 2.22
N ARG H 234 64.07 16.36 1.95
CA ARG H 234 63.37 15.75 0.83
C ARG H 234 63.92 16.33 -0.48
N ASP H 235 63.96 15.50 -1.52
CA ASP H 235 64.47 15.94 -2.83
C ASP H 235 63.63 15.44 -4.01
N GLY H 236 62.32 15.36 -3.82
CA GLY H 236 61.43 14.96 -4.89
C GLY H 236 60.77 13.62 -4.71
N PHE H 237 59.86 13.28 -5.61
CA PHE H 237 59.13 12.01 -5.49
C PHE H 237 59.88 10.80 -6.01
N VAL H 238 59.39 9.64 -5.58
CA VAL H 238 59.91 8.34 -5.97
C VAL H 238 58.77 7.52 -6.54
N PHE H 239 58.94 7.01 -7.76
CA PHE H 239 57.97 6.11 -8.37
C PHE H 239 57.74 4.86 -7.52
N GLY H 240 56.48 4.53 -7.26
CA GLY H 240 56.16 3.25 -6.64
C GLY H 240 54.92 2.71 -7.34
N GLU H 241 55.01 1.52 -7.92
CA GLU H 241 53.89 0.99 -8.67
C GLU H 241 52.69 0.59 -7.79
N ALA H 242 51.48 0.67 -8.35
CA ALA H 242 50.24 0.46 -7.61
C ALA H 242 49.05 0.59 -8.54
N GLY H 243 48.00 -0.13 -8.18
CA GLY H 243 46.69 -0.05 -8.79
C GLY H 243 45.76 -0.36 -7.63
N ALA H 244 44.63 0.32 -7.55
CA ALA H 244 43.71 0.13 -6.43
C ALA H 244 42.26 0.40 -6.83
N LEU H 245 41.35 -0.46 -6.36
CA LEU H 245 39.92 -0.25 -6.53
C LEU H 245 39.18 -0.47 -5.23
N MET H 246 38.02 0.13 -5.15
CA MET H 246 37.14 -0.08 -4.03
C MET H 246 35.70 -0.25 -4.55
N LEU H 247 34.89 -0.90 -3.73
CA LEU H 247 33.49 -1.07 -4.04
C LEU H 247 32.72 -0.16 -3.11
N ILE H 248 31.95 0.75 -3.69
CA ILE H 248 31.07 1.59 -2.89
C ILE H 248 29.62 1.36 -3.28
N GLU H 249 28.73 1.56 -2.30
CA GLU H 249 27.32 1.39 -2.54
C GLU H 249 26.50 2.07 -1.45
N THR H 250 25.23 2.32 -1.72
CA THR H 250 24.37 2.91 -0.69
C THR H 250 24.36 1.96 0.50
N GLU H 251 24.27 2.49 1.71
CA GLU H 251 24.16 1.68 2.93
C GLU H 251 22.96 0.72 2.85
N GLU H 252 21.85 1.20 2.28
CA GLU H 252 20.68 0.38 1.98
C GLU H 252 21.03 -0.86 1.16
N HIS H 253 21.63 -0.64 -0.01
CA HIS H 253 22.09 -1.71 -0.89
C HIS H 253 22.96 -2.73 -0.13
N ALA H 254 23.90 -2.21 0.65
CA ALA H 254 24.85 -3.04 1.40
C ALA H 254 24.13 -3.93 2.43
N LYS H 255 23.25 -3.33 3.23
CA LYS H 255 22.46 -4.05 4.23
C LYS H 255 21.66 -5.16 3.56
N ALA H 256 20.92 -4.82 2.51
CA ALA H 256 20.08 -5.79 1.81
C ALA H 256 20.83 -7.06 1.38
N ARG H 257 22.10 -6.94 0.97
CA ARG H 257 22.89 -8.14 0.64
C ARG H 257 23.76 -8.68 1.79
N GLY H 258 23.63 -8.09 2.98
CA GLY H 258 24.47 -8.47 4.11
C GLY H 258 25.97 -8.13 4.02
N ALA H 259 26.36 -7.14 3.21
CA ALA H 259 27.74 -6.66 3.18
C ALA H 259 28.09 -5.85 4.44
N LYS H 260 29.21 -6.16 5.09
CA LYS H 260 29.70 -5.32 6.19
C LYS H 260 30.68 -4.25 5.68
N PRO H 261 30.30 -2.96 5.83
CA PRO H 261 31.09 -1.81 5.37
C PRO H 261 32.40 -1.68 6.13
N LEU H 262 33.45 -1.23 5.43
CA LEU H 262 34.76 -1.02 6.02
C LEU H 262 34.88 0.43 6.47
N ALA H 263 34.07 1.31 5.88
CA ALA H 263 34.06 2.73 6.20
C ALA H 263 32.93 3.45 5.45
N ARG H 264 32.78 4.74 5.72
CA ARG H 264 31.75 5.56 5.06
C ARG H 264 32.41 6.57 4.13
N LEU H 265 31.90 6.71 2.91
CA LEU H 265 32.34 7.78 2.00
C LEU H 265 31.30 8.90 2.04
N LEU H 266 31.69 10.03 2.64
CA LEU H 266 30.77 11.07 3.10
C LEU H 266 30.71 12.31 2.21
N GLY H 267 31.72 12.57 1.40
CA GLY H 267 31.69 13.74 0.55
C GLY H 267 32.96 13.89 -0.23
N ALA H 268 32.94 14.80 -1.19
CA ALA H 268 34.01 14.95 -2.15
C ALA H 268 34.06 16.41 -2.63
N GLY H 269 35.26 16.98 -2.70
CA GLY H 269 35.41 18.31 -3.23
C GLY H 269 36.45 18.32 -4.33
N ILE H 270 36.13 18.99 -5.43
CA ILE H 270 37.07 19.18 -6.55
C ILE H 270 37.16 20.68 -6.89
N THR H 271 38.37 21.25 -6.81
CA THR H 271 38.62 22.64 -7.22
C THR H 271 39.84 22.61 -8.14
N SER H 272 40.26 23.78 -8.60
CA SER H 272 41.47 23.96 -9.41
C SER H 272 42.18 25.22 -8.95
N ASP H 273 43.49 25.32 -9.24
CA ASP H 273 44.32 26.44 -8.81
C ASP H 273 44.28 27.68 -9.74
N ALA H 274 44.04 27.46 -11.04
CA ALA H 274 44.38 28.45 -12.08
C ALA H 274 45.64 29.23 -11.70
N PHE H 275 46.75 28.52 -11.48
CA PHE H 275 48.00 29.15 -11.07
C PHE H 275 49.19 28.81 -11.99
N HIS H 276 49.52 27.52 -12.09
CA HIS H 276 50.62 27.05 -12.94
C HIS H 276 50.29 25.63 -13.41
N MET H 277 50.79 25.22 -14.59
CA MET H 277 50.50 23.88 -15.11
C MET H 277 51.05 22.76 -14.23
N VAL H 278 52.22 22.99 -13.62
CA VAL H 278 52.92 21.90 -12.95
C VAL H 278 53.48 22.27 -11.58
N ALA H 279 52.97 23.35 -11.01
CA ALA H 279 53.31 23.73 -9.64
C ALA H 279 52.04 24.22 -8.94
N PRO H 280 51.82 23.76 -7.70
CA PRO H 280 50.68 24.12 -6.86
C PRO H 280 50.80 25.56 -6.41
N ALA H 281 49.69 26.28 -6.28
CA ALA H 281 49.70 27.60 -5.66
C ALA H 281 50.35 27.46 -4.29
N ALA H 282 51.33 28.31 -3.97
CA ALA H 282 52.02 28.19 -2.69
C ALA H 282 51.10 28.46 -1.50
N ASP H 283 50.05 29.26 -1.73
CA ASP H 283 49.13 29.67 -0.66
C ASP H 283 48.13 28.59 -0.18
N GLY H 284 48.10 27.47 -0.87
CA GLY H 284 47.21 26.35 -0.52
C GLY H 284 45.71 26.63 -0.49
N VAL H 285 45.30 27.80 -0.99
CA VAL H 285 43.89 28.25 -0.87
C VAL H 285 42.84 27.43 -1.66
N ARG H 286 43.05 27.23 -2.95
CA ARG H 286 42.11 26.44 -3.72
C ARG H 286 42.15 24.97 -3.30
N ALA H 287 43.35 24.44 -3.13
CA ALA H 287 43.56 23.09 -2.56
C ALA H 287 42.79 22.94 -1.26
N GLY H 288 42.89 23.95 -0.40
CA GLY H 288 42.21 23.99 0.89
C GLY H 288 40.70 24.01 0.74
N ARG H 289 40.22 24.73 -0.26
CA ARG H 289 38.80 24.79 -0.55
C ARG H 289 38.23 23.45 -1.04
N ALA H 290 39.05 22.62 -1.69
CA ALA H 290 38.63 21.25 -2.02
C ALA H 290 38.31 20.48 -0.73
N MET H 291 39.15 20.64 0.32
CA MET H 291 38.95 19.95 1.60
C MET H 291 37.70 20.43 2.28
N THR H 292 37.54 21.75 2.31
CA THR H 292 36.36 22.40 2.86
C THR H 292 35.08 21.94 2.18
N ARG H 293 35.10 21.88 0.85
CA ARG H 293 33.94 21.42 0.09
C ARG H 293 33.55 20.00 0.51
N SER H 294 34.52 19.10 0.60
CA SER H 294 34.22 17.74 1.06
C SER H 294 33.56 17.69 2.45
N LEU H 295 33.96 18.61 3.34
CA LEU H 295 33.35 18.73 4.67
C LEU H 295 31.93 19.30 4.59
N GLU H 296 31.75 20.30 3.73
CA GLU H 296 30.43 20.84 3.46
C GLU H 296 29.45 19.74 3.04
N LEU H 297 29.81 19.01 1.98
CA LEU H 297 28.99 17.90 1.48
C LEU H 297 28.86 16.74 2.46
N ALA H 298 29.86 16.52 3.31
CA ALA H 298 29.78 15.51 4.37
C ALA H 298 28.90 15.95 5.54
N GLY H 299 28.80 17.25 5.78
CA GLY H 299 28.16 17.78 6.98
C GLY H 299 29.06 17.85 8.20
N LEU H 300 30.37 18.05 7.97
CA LEU H 300 31.38 18.05 9.05
C LEU H 300 31.99 19.42 9.25
N SER H 301 32.57 19.66 10.44
CA SER H 301 33.42 20.83 10.67
C SER H 301 34.87 20.39 10.72
N PRO H 302 35.82 21.32 10.51
CA PRO H 302 37.23 20.91 10.48
C PRO H 302 37.67 20.25 11.79
N ALA H 303 37.05 20.66 12.90
CA ALA H 303 37.38 20.07 14.20
C ALA H 303 37.06 18.58 14.28
N ASP H 304 36.17 18.11 13.40
CA ASP H 304 35.78 16.70 13.33
C ASP H 304 36.82 15.78 12.67
N ILE H 305 37.69 16.37 11.85
CA ILE H 305 38.74 15.61 11.15
C ILE H 305 39.92 15.25 12.05
N ASP H 306 40.05 13.95 12.29
CA ASP H 306 41.06 13.43 13.17
C ASP H 306 42.31 13.12 12.39
N HIS H 307 42.13 12.90 11.10
CA HIS H 307 43.20 12.35 10.27
C HIS H 307 43.18 12.94 8.86
N VAL H 308 44.36 13.35 8.40
CA VAL H 308 44.56 13.75 7.02
C VAL H 308 45.53 12.77 6.34
N ASN H 309 45.09 12.14 5.25
CA ASN H 309 45.99 11.36 4.39
C ASN H 309 46.47 12.28 3.27
N ALA H 310 47.68 12.78 3.45
CA ALA H 310 48.27 13.81 2.64
C ALA H 310 48.78 13.25 1.30
N HIS H 311 48.63 14.05 0.25
CA HIS H 311 49.20 13.71 -1.04
C HIS H 311 50.72 13.60 -0.93
N GLY H 312 51.34 14.48 -0.12
CA GLY H 312 52.73 14.35 0.29
C GLY H 312 53.67 13.61 -0.64
N THR H 313 54.02 14.25 -1.76
CA THR H 313 54.90 13.67 -2.78
C THR H 313 56.41 13.67 -2.45
N ALA H 314 56.82 14.47 -1.45
CA ALA H 314 58.22 14.70 -1.05
C ALA H 314 58.98 15.69 -1.96
N THR H 315 58.25 16.40 -2.82
CA THR H 315 58.83 17.53 -3.55
C THR H 315 58.85 18.71 -2.58
N PRO H 316 59.91 19.54 -2.64
CA PRO H 316 59.98 20.70 -1.76
C PRO H 316 58.75 21.63 -1.88
N ILE H 317 58.39 21.95 -3.12
CA ILE H 317 57.28 22.83 -3.44
C ILE H 317 55.93 22.26 -2.99
N GLY H 318 55.64 21.04 -3.43
CA GLY H 318 54.37 20.38 -3.18
C GLY H 318 53.99 20.22 -1.72
N ASP H 319 54.86 19.62 -0.92
CA ASP H 319 54.62 19.43 0.52
C ASP H 319 54.35 20.75 1.24
N ALA H 320 55.08 21.81 0.87
CA ALA H 320 54.85 23.13 1.44
C ALA H 320 53.48 23.73 1.09
N ALA H 321 53.12 23.69 -0.20
CA ALA H 321 51.79 24.10 -0.65
C ALA H 321 50.69 23.30 0.08
N GLU H 322 50.88 21.99 0.23
CA GLU H 322 49.88 21.14 0.91
C GLU H 322 49.75 21.44 2.41
N ALA H 323 50.88 21.69 3.08
CA ALA H 323 50.83 22.13 4.47
C ALA H 323 49.97 23.40 4.59
N ASN H 324 50.20 24.36 3.69
CA ASN H 324 49.35 25.55 3.65
C ASN H 324 47.87 25.25 3.41
N ALA H 325 47.60 24.34 2.48
CA ALA H 325 46.23 23.90 2.20
C ALA H 325 45.51 23.34 3.45
N ILE H 326 46.17 22.44 4.18
CA ILE H 326 45.62 21.89 5.42
C ILE H 326 45.34 22.95 6.50
N ARG H 327 46.24 23.93 6.69
CA ARG H 327 46.01 25.11 7.55
C ARG H 327 44.80 25.91 7.12
N VAL H 328 44.69 26.17 5.82
CA VAL H 328 43.60 26.92 5.24
C VAL H 328 42.26 26.26 5.56
N ALA H 329 42.22 24.94 5.38
CA ALA H 329 41.01 24.14 5.61
C ALA H 329 40.62 24.02 7.09
N GLY H 330 41.55 24.34 7.99
CA GLY H 330 41.31 24.31 9.43
C GLY H 330 41.64 22.96 10.02
N CYS H 331 42.43 22.18 9.28
CA CYS H 331 42.65 20.77 9.60
C CYS H 331 44.06 20.46 10.10
N ASP H 332 44.81 21.50 10.50
CA ASP H 332 46.22 21.33 10.84
C ASP H 332 46.45 20.68 12.22
N GLN H 333 45.36 20.48 12.96
CA GLN H 333 45.37 19.73 14.22
C GLN H 333 45.26 18.20 14.03
N ALA H 334 44.97 17.77 12.80
CA ALA H 334 44.78 16.35 12.52
C ALA H 334 46.11 15.63 12.46
N ALA H 335 46.11 14.34 12.82
CA ALA H 335 47.26 13.47 12.60
C ALA H 335 47.40 13.24 11.10
N VAL H 336 48.61 13.50 10.58
CA VAL H 336 48.90 13.40 9.14
C VAL H 336 49.77 12.19 8.77
N TYR H 337 49.37 11.48 7.72
CA TYR H 337 50.14 10.35 7.23
C TYR H 337 50.46 10.68 5.79
N ALA H 338 51.69 10.43 5.37
CA ALA H 338 52.07 10.60 3.98
C ALA H 338 52.58 9.28 3.46
N PRO H 339 51.67 8.45 2.89
CA PRO H 339 51.96 7.08 2.44
C PRO H 339 53.04 6.96 1.34
N LYS H 340 53.33 8.05 0.65
CA LYS H 340 54.35 8.03 -0.42
C LYS H 340 55.76 7.76 0.14
N SER H 341 55.93 8.07 1.42
CA SER H 341 57.11 7.70 2.21
C SER H 341 57.50 6.22 2.12
N ALA H 342 56.50 5.35 2.03
CA ALA H 342 56.76 3.91 1.98
C ALA H 342 56.40 3.25 0.64
N LEU H 343 55.42 3.83 -0.04
CA LEU H 343 54.86 3.18 -1.21
C LEU H 343 55.20 3.87 -2.54
N GLY H 344 55.80 5.06 -2.47
CA GLY H 344 56.09 5.83 -3.66
C GLY H 344 54.85 6.35 -4.37
N HIS H 345 55.06 6.91 -5.56
CA HIS H 345 54.05 7.66 -6.30
C HIS H 345 53.61 6.86 -7.49
N SER H 346 52.32 6.53 -7.55
CA SER H 346 51.79 5.73 -8.67
C SER H 346 50.93 6.57 -9.61
N ILE H 347 51.14 7.89 -9.58
CA ILE H 347 50.47 8.82 -10.49
C ILE H 347 48.94 8.68 -10.49
N GLY H 348 48.39 8.13 -11.57
CA GLY H 348 46.95 8.00 -11.74
C GLY H 348 46.27 7.03 -10.80
N ALA H 349 47.04 6.11 -10.23
CA ALA H 349 46.51 5.14 -9.29
C ALA H 349 46.57 5.63 -7.83
N VAL H 350 47.41 6.61 -7.55
CA VAL H 350 47.81 6.86 -6.16
C VAL H 350 46.71 7.41 -5.23
N GLY H 351 45.90 8.34 -5.71
CA GLY H 351 44.73 8.75 -4.95
C GLY H 351 43.80 7.60 -4.53
N ALA H 352 43.70 6.58 -5.39
CA ALA H 352 42.83 5.44 -5.15
C ALA H 352 43.43 4.54 -4.08
N LEU H 353 44.72 4.27 -4.22
CA LEU H 353 45.48 3.53 -3.21
C LEU H 353 45.36 4.20 -1.82
N GLU H 354 45.60 5.51 -1.78
CA GLU H 354 45.57 6.31 -0.54
C GLU H 354 44.17 6.45 0.05
N SER H 355 43.16 6.41 -0.81
CA SER H 355 41.77 6.31 -0.35
C SER H 355 41.58 4.97 0.39
N VAL H 356 42.13 3.90 -0.17
CA VAL H 356 41.98 2.58 0.44
C VAL H 356 42.69 2.55 1.78
N LEU H 357 43.83 3.23 1.86
CA LEU H 357 44.60 3.27 3.09
C LEU H 357 43.89 4.06 4.16
N THR H 358 43.19 5.12 3.72
CA THR H 358 42.39 5.97 4.60
C THR H 358 41.22 5.19 5.22
N VAL H 359 40.57 4.38 4.40
CA VAL H 359 39.53 3.45 4.84
C VAL H 359 40.08 2.52 5.93
N LEU H 360 41.21 1.88 5.66
CA LEU H 360 41.87 0.96 6.60
C LEU H 360 42.27 1.63 7.92
N THR H 361 42.76 2.87 7.84
CA THR H 361 43.05 3.69 9.02
C THR H 361 41.80 3.86 9.88
N LEU H 362 40.68 4.21 9.26
CA LEU H 362 39.44 4.39 10.00
C LEU H 362 38.89 3.07 10.59
N ARG H 363 38.93 1.99 9.80
CA ARG H 363 38.52 0.68 10.27
C ARG H 363 39.30 0.25 11.50
N ASP H 364 40.62 0.31 11.39
CA ASP H 364 41.54 -0.28 12.35
C ASP H 364 42.02 0.65 13.50
N GLY H 365 41.66 1.93 13.42
CA GLY H 365 41.97 2.88 14.47
C GLY H 365 43.46 3.15 14.65
N VAL H 366 44.21 3.14 13.54
CA VAL H 366 45.67 3.28 13.59
C VAL H 366 46.24 3.85 12.27
N ILE H 367 47.24 4.72 12.39
CA ILE H 367 47.90 5.36 11.24
C ILE H 367 49.32 4.81 11.15
N PRO H 368 49.73 4.31 9.98
CA PRO H 368 51.11 3.83 9.89
C PRO H 368 52.10 5.00 10.10
N PRO H 369 53.38 4.71 10.40
CA PRO H 369 54.35 5.80 10.51
C PRO H 369 54.72 6.33 9.12
N THR H 370 54.90 7.64 8.98
CA THR H 370 55.45 8.25 7.77
C THR H 370 56.96 7.98 7.77
N LEU H 371 57.43 7.09 6.91
CA LEU H 371 58.85 6.72 6.87
C LEU H 371 59.74 7.92 6.54
N ASN H 372 60.98 7.93 7.04
CA ASN H 372 61.97 8.97 6.70
C ASN H 372 61.75 10.39 7.25
N TYR H 373 60.72 10.56 8.06
CA TYR H 373 60.46 11.85 8.68
C TYR H 373 61.39 11.92 9.89
N GLU H 374 62.54 12.57 9.71
CA GLU H 374 63.63 12.54 10.69
C GLU H 374 63.97 13.94 11.14
N THR H 375 63.92 14.88 10.20
CA THR H 375 64.06 16.28 10.55
C THR H 375 62.91 17.06 9.96
N PRO H 376 62.00 17.52 10.82
CA PRO H 376 60.88 18.35 10.41
C PRO H 376 61.31 19.68 9.80
N ASP H 377 60.55 20.10 8.79
CA ASP H 377 60.78 21.33 8.07
C ASP H 377 60.18 22.51 8.85
N PRO H 378 61.00 23.51 9.20
CA PRO H 378 60.55 24.65 10.00
C PRO H 378 59.32 25.37 9.43
N GLU H 379 59.20 25.37 8.10
CA GLU H 379 58.08 26.00 7.40
C GLU H 379 56.80 25.15 7.40
N ILE H 380 56.94 23.83 7.53
CA ILE H 380 55.80 22.93 7.65
C ILE H 380 55.51 22.72 9.13
N ASP H 381 54.30 23.07 9.56
CA ASP H 381 53.94 22.95 10.96
C ASP H 381 52.75 22.00 11.09
N LEU H 382 53.01 20.70 10.92
CA LEU H 382 51.98 19.67 10.86
C LEU H 382 52.29 18.51 11.78
N ASP H 383 51.23 17.84 12.24
CA ASP H 383 51.35 16.69 13.13
C ASP H 383 51.56 15.41 12.33
N VAL H 384 52.75 15.22 11.81
CA VAL H 384 53.07 14.05 10.98
C VAL H 384 53.38 12.81 11.81
N VAL H 385 52.60 11.74 11.61
CA VAL H 385 52.78 10.49 12.37
C VAL H 385 54.08 9.83 11.91
N ALA H 386 54.95 9.49 12.86
CA ALA H 386 56.25 8.93 12.54
C ALA H 386 56.87 8.07 13.66
N GLY H 387 57.82 7.20 13.29
CA GLY H 387 58.49 6.32 14.23
C GLY H 387 57.76 5.00 14.45
N GLU H 388 56.56 5.13 15.01
CA GLU H 388 55.67 4.05 15.41
C GLU H 388 54.28 4.33 14.85
N PRO H 389 53.53 3.28 14.49
CA PRO H 389 52.09 3.40 14.20
C PRO H 389 51.41 4.10 15.34
N ARG H 390 50.45 4.98 15.03
CA ARG H 390 49.71 5.67 16.09
C ARG H 390 48.26 5.24 16.19
N TYR H 391 47.97 4.57 17.30
CA TYR H 391 46.63 4.15 17.63
C TYR H 391 45.80 5.35 18.10
N GLY H 392 44.61 5.51 17.56
CA GLY H 392 43.77 6.63 17.93
C GLY H 392 42.30 6.50 17.56
N ASP H 393 41.49 7.37 18.14
CA ASP H 393 40.06 7.35 17.96
C ASP H 393 39.69 8.18 16.75
N TYR H 394 40.03 7.67 15.57
CA TYR H 394 39.75 8.37 14.32
C TYR H 394 38.32 8.12 13.86
N ARG H 395 37.52 9.18 13.90
CA ARG H 395 36.13 9.10 13.47
C ARG H 395 35.96 9.56 12.03
N TYR H 396 36.64 10.65 11.67
CA TYR H 396 36.59 11.21 10.32
C TYR H 396 38.01 11.58 9.78
N ALA H 397 38.19 11.44 8.47
CA ALA H 397 39.50 11.61 7.82
C ALA H 397 39.39 12.17 6.40
N VAL H 398 40.31 13.06 6.03
CA VAL H 398 40.36 13.58 4.65
C VAL H 398 41.54 13.00 3.90
N ASN H 399 41.25 12.48 2.71
CA ASN H 399 42.27 12.06 1.75
C ASN H 399 42.42 13.13 0.66
N ASN H 400 43.62 13.68 0.55
CA ASN H 400 44.02 14.65 -0.47
C ASN H 400 44.76 14.02 -1.65
N SER H 401 44.47 14.51 -2.84
CA SER H 401 45.28 14.23 -4.02
C SER H 401 45.32 15.51 -4.87
N PHE H 402 46.44 15.75 -5.50
CA PHE H 402 46.63 16.92 -6.35
C PHE H 402 47.31 16.46 -7.64
N GLY H 403 47.16 17.21 -8.73
CA GLY H 403 47.74 16.77 -9.98
C GLY H 403 48.14 17.93 -10.86
N PHE H 404 49.19 17.74 -11.65
CA PHE H 404 49.57 18.69 -12.73
C PHE H 404 48.31 19.11 -13.47
N GLY H 405 48.25 20.39 -13.82
CA GLY H 405 47.06 21.01 -14.37
C GLY H 405 46.41 21.90 -13.35
N GLY H 406 46.72 21.66 -12.08
CA GLY H 406 46.20 22.46 -10.98
C GLY H 406 44.99 21.83 -10.36
N HIS H 407 44.93 20.50 -10.38
CA HIS H 407 43.75 19.78 -9.89
C HIS H 407 43.82 19.45 -8.39
N ASN H 408 42.76 19.80 -7.65
CA ASN H 408 42.62 19.49 -6.21
C ASN H 408 41.40 18.62 -5.91
N VAL H 409 41.62 17.49 -5.24
CA VAL H 409 40.56 16.55 -4.90
C VAL H 409 40.69 16.18 -3.42
N ALA H 410 39.60 16.33 -2.69
CA ALA H 410 39.51 15.89 -1.31
C ALA H 410 38.32 14.98 -1.14
N LEU H 411 38.55 13.86 -0.44
CA LEU H 411 37.51 12.90 -0.12
C LEU H 411 37.39 12.84 1.40
N ALA H 412 36.16 12.95 1.88
CA ALA H 412 35.88 12.86 3.31
C ALA H 412 35.35 11.47 3.62
N PHE H 413 36.07 10.76 4.49
CA PHE H 413 35.70 9.40 4.91
C PHE H 413 35.29 9.35 6.38
N GLY H 414 34.39 8.43 6.71
CA GLY H 414 33.97 8.28 8.08
C GLY H 414 34.10 6.84 8.48
N ARG H 415 34.40 6.61 9.76
CA ARG H 415 34.43 5.26 10.28
C ARG H 415 33.01 4.72 10.36
N TYR H 416 32.83 3.47 9.92
CA TYR H 416 31.57 2.75 10.10
C TYR H 416 31.65 1.98 11.41
#